data_7T0V
#
_entry.id   7T0V
#
_cell.length_a   1.00
_cell.length_b   1.00
_cell.length_c   1.00
_cell.angle_alpha   90.00
_cell.angle_beta   90.00
_cell.angle_gamma   90.00
#
_symmetry.space_group_name_H-M   'P 1'
#
loop_
_entity.id
_entity.type
_entity.pdbx_description
1 polymer Rix7
2 polymer polyvaline
3 non-polymer "ADENOSINE-5'-TRIPHOSPHATE"
4 non-polymer 'MAGNESIUM ION'
5 non-polymer "ADENOSINE-5'-DIPHOSPHATE"
#
loop_
_entity_poly.entity_id
_entity_poly.type
_entity_poly.pdbx_seq_one_letter_code
_entity_poly.pdbx_strand_id
1 'polypeptide(L)'
;MSRRPTLRLGLDRDVYNIVLNLEQQGTDENGKRPRLTVDYVYDTIKRSNSSLARQKKRMLEDSIERVLAVRKEQAKAEEE
TDSDDLIEAQERERERQKAAQAQRDANLLNRQIAKSWGFASSPGAKAADGEKGTDTGSIATPAPATPAVAENMAADTPTT
STGPVLPASSTDRQPNGEPRPKKRKAAPKEIDRTPPTKVSILDIAGVDDTLQRLLKEVWFPLRGGEACEKMGYRYDNGVL
LHGPSGCGKTTLAHAIAGSIGVAFIPVSAPSVIGGTSGESEKNIRDVFDEAIRLAPCLIFLDQIDAIAGRRESANKGMES
RIVAEIMNGMDRIRQNTPLGKNVVVLAATNRPEFLDPAIRRRFSVEIDMGMPSERAREQILRSLTRDLSLADDINFKELA
KMTPGYVGSDLQYVVKAAVSESFQANIDSLLAQARAKHPADHLANVSQPQRDWLLLEAHRDEEVSWPSTKITMEQFRKAV
SLVQPASKREGFSTIPDTTWSHVGALEDVRKKLEMSIIGPIKNPELFTRVGIKPAAGILLWGPPGCGKTLVAKAVANESK
ANFISIKGPELLNKYVGESERAVRQLFSRAKSSAPCILFFDQMDALVPRRDDSLSDASARVVNTLLTELDGVGDRSGIYV
IGATNRPDMIDEAIRRPGRLGTSIYVGLPSAEDRVKILKTLYRNTVKAPKKREGTNGEDVDMTDAAAEQQHQGTTDADLE
KVALDLRCTGFSGADLGNLMQAAAQACLERVYTQRQQKRKEGGSVAEEEEIEPVITMEDWEKALNEVKPSVKDPEKYMHS
GFAAALEHHHHHH
;
A,B,C,D,E,F
2 'polypeptide(L)' VVVVVVVVVVVVVVVVVVVVVVV G
#
loop_
_chem_comp.id
_chem_comp.type
_chem_comp.name
_chem_comp.formula
ADP non-polymer ADENOSINE-5'-DIPHOSPHATE 'C10 H15 N5 O10 P2'
ATP non-polymer ADENOSINE-5'-TRIPHOSPHATE 'C10 H16 N5 O13 P3'
MG non-polymer 'MAGNESIUM ION' 'Mg 2'
#
# COMPACT_ATOMS: atom_id res chain seq x y z
N ARG A 193 -32.59 41.38 9.05
CA ARG A 193 -33.98 41.81 9.00
C ARG A 193 -34.16 42.96 8.02
N THR A 194 -33.07 43.66 7.73
CA THR A 194 -33.09 44.78 6.81
C THR A 194 -31.98 44.63 5.78
N PRO A 195 -32.19 45.14 4.56
CA PRO A 195 -31.15 45.03 3.55
C PRO A 195 -29.95 45.90 3.90
N PRO A 196 -28.75 45.51 3.45
CA PRO A 196 -27.54 46.32 3.70
C PRO A 196 -27.35 47.41 2.66
N THR A 197 -28.07 48.53 2.85
CA THR A 197 -28.11 49.61 1.88
C THR A 197 -26.83 50.47 1.95
N LYS A 198 -25.71 49.80 1.69
CA LYS A 198 -24.43 50.51 1.60
C LYS A 198 -23.57 50.08 0.43
N VAL A 199 -23.86 48.97 -0.23
CA VAL A 199 -23.16 48.53 -1.42
C VAL A 199 -24.16 48.41 -2.56
N SER A 200 -23.83 48.98 -3.70
CA SER A 200 -24.75 49.04 -4.83
C SER A 200 -24.26 48.16 -5.97
N ILE A 201 -25.12 48.04 -6.99
CA ILE A 201 -24.80 47.24 -8.17
C ILE A 201 -23.63 47.85 -8.92
N LEU A 202 -23.53 49.18 -8.91
CA LEU A 202 -22.43 49.85 -9.59
C LEU A 202 -21.08 49.45 -9.02
N ASP A 203 -21.04 49.09 -7.73
CA ASP A 203 -19.76 48.76 -7.11
C ASP A 203 -19.29 47.35 -7.44
N ILE A 204 -20.10 46.56 -8.12
CA ILE A 204 -19.75 45.20 -8.53
C ILE A 204 -19.92 45.12 -10.04
N ALA A 205 -18.83 44.80 -10.74
CA ALA A 205 -18.83 44.82 -12.20
C ALA A 205 -18.19 43.53 -12.72
N GLY A 206 -18.33 43.32 -14.02
CA GLY A 206 -17.82 42.11 -14.63
C GLY A 206 -18.65 40.87 -14.40
N VAL A 207 -19.86 41.02 -13.84
CA VAL A 207 -20.70 39.87 -13.51
C VAL A 207 -21.98 39.95 -14.33
N ASP A 208 -21.86 40.46 -15.56
CA ASP A 208 -23.04 40.69 -16.38
C ASP A 208 -23.79 39.39 -16.65
N ASP A 209 -23.07 38.32 -16.98
CA ASP A 209 -23.72 37.03 -17.16
C ASP A 209 -24.33 36.53 -15.86
N THR A 210 -23.62 36.71 -14.75
CA THR A 210 -24.13 36.28 -13.45
C THR A 210 -25.34 37.11 -13.02
N LEU A 211 -25.27 38.43 -13.24
CA LEU A 211 -26.39 39.29 -12.88
C LEU A 211 -27.62 39.04 -13.75
N GLN A 212 -27.45 38.45 -14.93
CA GLN A 212 -28.59 38.14 -15.78
C GLN A 212 -29.38 36.95 -15.23
N ARG A 213 -28.67 35.94 -14.73
CA ARG A 213 -29.35 34.78 -14.17
C ARG A 213 -29.98 35.11 -12.82
N LEU A 214 -29.30 35.92 -12.00
CA LEU A 214 -29.81 36.31 -10.70
C LEU A 214 -31.05 37.17 -10.80
N LEU A 215 -31.34 37.75 -11.97
CA LEU A 215 -32.54 38.57 -12.12
C LEU A 215 -33.80 37.72 -12.17
N LYS A 216 -33.75 36.59 -12.88
CA LYS A 216 -34.91 35.72 -13.04
C LYS A 216 -34.92 34.58 -12.04
N GLU A 217 -33.95 34.49 -11.15
CA GLU A 217 -33.88 33.40 -10.19
C GLU A 217 -33.84 33.82 -8.74
N VAL A 218 -33.51 35.06 -8.41
CA VAL A 218 -33.52 35.53 -7.03
C VAL A 218 -34.42 36.76 -6.85
N TRP A 219 -34.26 37.76 -7.72
CA TRP A 219 -35.05 38.98 -7.56
C TRP A 219 -36.53 38.72 -7.83
N PHE A 220 -36.83 37.98 -8.90
CA PHE A 220 -38.23 37.81 -9.27
C PHE A 220 -39.04 37.05 -8.23
N PRO A 221 -38.60 35.88 -7.72
CA PRO A 221 -39.40 35.23 -6.67
C PRO A 221 -39.09 35.78 -5.29
N LEU A 222 -38.94 37.09 -5.21
CA LEU A 222 -38.90 37.82 -3.94
C LEU A 222 -39.66 39.13 -3.98
N ARG A 223 -39.86 39.72 -5.16
CA ARG A 223 -40.58 40.98 -5.32
C ARG A 223 -41.78 40.85 -6.23
N GLY A 224 -41.72 39.98 -7.24
CA GLY A 224 -42.87 39.79 -8.11
C GLY A 224 -43.53 38.44 -7.88
N GLY A 225 -43.66 38.06 -6.62
CA GLY A 225 -44.27 36.78 -6.30
C GLY A 225 -45.75 36.71 -6.62
N GLU A 226 -46.39 37.87 -6.81
CA GLU A 226 -47.81 37.88 -7.16
C GLU A 226 -48.03 37.22 -8.52
N ALA A 227 -47.11 37.46 -9.47
CA ALA A 227 -47.22 36.82 -10.76
C ALA A 227 -47.15 35.31 -10.63
N CYS A 228 -46.25 34.82 -9.78
CA CYS A 228 -46.20 33.39 -9.49
C CYS A 228 -47.49 32.93 -8.81
N GLU A 229 -48.04 33.78 -7.93
CA GLU A 229 -49.31 33.45 -7.29
C GLU A 229 -50.42 33.33 -8.32
N LYS A 230 -50.47 34.27 -9.27
CA LYS A 230 -51.43 34.15 -10.36
C LYS A 230 -51.11 32.91 -11.20
N MET A 231 -49.83 32.68 -11.45
CA MET A 231 -49.41 31.50 -12.19
C MET A 231 -49.65 30.23 -11.38
N GLY A 232 -49.57 30.33 -10.05
CA GLY A 232 -49.72 29.18 -9.18
C GLY A 232 -48.52 28.25 -9.28
N TYR A 233 -47.37 28.72 -8.81
CA TYR A 233 -46.14 27.95 -8.91
C TYR A 233 -45.25 28.24 -7.70
N ARG A 234 -45.04 27.22 -6.88
CA ARG A 234 -44.14 27.35 -5.74
C ARG A 234 -42.71 27.46 -6.23
N TYR A 235 -41.90 28.24 -5.53
CA TYR A 235 -40.50 28.46 -5.88
C TYR A 235 -39.65 27.73 -4.83
N ASP A 236 -39.20 26.53 -5.19
CA ASP A 236 -38.32 25.74 -4.35
C ASP A 236 -36.86 25.85 -4.77
N ASN A 237 -36.53 26.84 -5.59
CA ASN A 237 -35.16 26.98 -6.10
C ASN A 237 -34.24 27.40 -4.96
N GLY A 238 -33.29 26.54 -4.63
CA GLY A 238 -32.24 26.94 -3.71
C GLY A 238 -31.06 27.46 -4.51
N VAL A 239 -30.85 28.77 -4.49
CA VAL A 239 -29.83 29.38 -5.31
C VAL A 239 -28.48 29.22 -4.62
N LEU A 240 -27.52 28.65 -5.34
CA LEU A 240 -26.17 28.43 -4.84
C LEU A 240 -25.20 29.21 -5.70
N LEU A 241 -24.36 30.01 -5.05
CA LEU A 241 -23.32 30.76 -5.74
C LEU A 241 -21.99 30.06 -5.51
N HIS A 242 -21.30 29.75 -6.60
CA HIS A 242 -19.99 29.10 -6.50
C HIS A 242 -19.09 29.61 -7.62
N GLY A 243 -17.80 29.50 -7.39
CA GLY A 243 -16.79 29.94 -8.32
C GLY A 243 -15.45 30.08 -7.63
N PRO A 244 -14.44 30.57 -8.34
CA PRO A 244 -13.14 30.79 -7.71
C PRO A 244 -13.25 31.79 -6.57
N SER A 245 -12.44 31.58 -5.55
CA SER A 245 -12.41 32.48 -4.41
C SER A 245 -11.93 33.86 -4.84
N GLY A 246 -12.64 34.89 -4.43
CA GLY A 246 -12.28 36.25 -4.80
C GLY A 246 -12.99 36.78 -6.03
N CYS A 247 -14.00 36.07 -6.53
CA CYS A 247 -14.74 36.53 -7.70
C CYS A 247 -15.83 37.53 -7.36
N GLY A 248 -16.04 37.82 -6.08
CA GLY A 248 -17.03 38.77 -5.66
C GLY A 248 -18.35 38.09 -5.39
N LYS A 249 -18.31 37.01 -4.63
CA LYS A 249 -19.52 36.31 -4.23
C LYS A 249 -20.17 36.95 -3.01
N THR A 250 -19.39 37.18 -1.94
CA THR A 250 -19.94 37.77 -0.73
C THR A 250 -20.44 39.19 -0.98
N THR A 251 -19.67 39.99 -1.73
CA THR A 251 -20.08 41.37 -1.99
C THR A 251 -21.34 41.40 -2.85
N LEU A 252 -21.42 40.52 -3.85
CA LEU A 252 -22.59 40.50 -4.72
C LEU A 252 -23.84 40.10 -3.94
N ALA A 253 -23.73 39.10 -3.08
CA ALA A 253 -24.90 38.67 -2.32
C ALA A 253 -25.37 39.74 -1.34
N HIS A 254 -24.49 40.68 -0.97
CA HIS A 254 -24.90 41.79 -0.12
C HIS A 254 -25.36 42.99 -0.93
N ALA A 255 -24.84 43.16 -2.15
CA ALA A 255 -25.33 44.22 -3.02
C ALA A 255 -26.71 43.87 -3.56
N ILE A 256 -26.95 42.60 -3.89
CA ILE A 256 -28.28 42.19 -4.32
C ILE A 256 -29.28 42.34 -3.18
N ALA A 257 -28.87 41.97 -1.97
CA ALA A 257 -29.76 42.06 -0.83
C ALA A 257 -30.18 43.50 -0.57
N GLY A 258 -29.24 44.44 -0.69
CA GLY A 258 -29.58 45.84 -0.50
C GLY A 258 -30.40 46.44 -1.63
N SER A 259 -30.38 45.82 -2.81
CA SER A 259 -31.14 46.36 -3.93
C SER A 259 -32.56 45.81 -3.99
N ILE A 260 -32.76 44.55 -3.62
CA ILE A 260 -34.10 43.97 -3.65
C ILE A 260 -35.02 44.68 -2.65
N GLY A 261 -34.53 44.94 -1.44
CA GLY A 261 -35.27 45.69 -0.46
C GLY A 261 -36.08 44.86 0.51
N VAL A 262 -36.29 43.58 0.22
CA VAL A 262 -37.03 42.70 1.12
C VAL A 262 -36.20 42.43 2.35
N ALA A 263 -36.82 41.84 3.38
CA ALA A 263 -36.09 41.52 4.60
C ALA A 263 -34.93 40.58 4.27
N PHE A 264 -33.78 40.85 4.87
CA PHE A 264 -32.56 40.11 4.61
C PHE A 264 -32.01 39.56 5.92
N ILE A 265 -31.69 38.27 5.94
CA ILE A 265 -31.16 37.65 7.15
C ILE A 265 -29.76 37.13 6.81
N PRO A 266 -28.71 37.90 7.08
CA PRO A 266 -27.36 37.41 6.85
C PRO A 266 -27.02 36.33 7.86
N VAL A 267 -26.45 35.22 7.37
CA VAL A 267 -26.06 34.11 8.22
C VAL A 267 -24.61 33.77 7.92
N SER A 268 -23.79 33.75 8.97
CA SER A 268 -22.41 33.32 8.88
C SER A 268 -22.29 31.97 9.57
N ALA A 269 -21.70 31.00 8.88
CA ALA A 269 -21.63 29.66 9.43
C ALA A 269 -20.90 29.59 10.76
N PRO A 270 -19.72 30.19 10.95
CA PRO A 270 -19.10 30.13 12.28
C PRO A 270 -19.94 30.77 13.36
N SER A 271 -20.68 31.84 13.05
CA SER A 271 -21.47 32.50 14.07
C SER A 271 -22.69 31.69 14.48
N VAL A 272 -23.02 30.64 13.72
CA VAL A 272 -24.14 29.78 14.09
C VAL A 272 -23.85 29.06 15.41
N ILE A 273 -22.63 28.56 15.57
CA ILE A 273 -22.26 27.86 16.79
C ILE A 273 -22.23 28.82 17.96
N GLY A 274 -22.88 28.46 19.05
CA GLY A 274 -22.98 29.34 20.20
C GLY A 274 -22.26 28.86 21.44
N GLY A 275 -22.10 27.54 21.58
CA GLY A 275 -21.44 27.00 22.76
C GLY A 275 -22.12 25.79 23.34
N THR A 276 -23.18 25.31 22.68
CA THR A 276 -23.88 24.11 23.11
C THR A 276 -24.29 23.33 21.87
N SER A 277 -24.34 22.00 22.02
CA SER A 277 -24.72 21.13 20.91
C SER A 277 -26.15 21.41 20.44
N GLY A 278 -27.08 21.57 21.39
CA GLY A 278 -28.45 21.88 21.02
C GLY A 278 -28.68 23.31 20.61
N GLU A 279 -27.79 24.23 21.00
CA GLU A 279 -27.96 25.63 20.64
C GLU A 279 -27.68 25.89 19.17
N SER A 280 -26.84 25.05 18.55
CA SER A 280 -26.55 25.22 17.13
C SER A 280 -27.80 25.03 16.28
N GLU A 281 -28.61 24.01 16.60
CA GLU A 281 -29.87 23.82 15.89
C GLU A 281 -30.87 24.92 16.23
N LYS A 282 -30.77 25.49 17.44
CA LYS A 282 -31.65 26.59 17.83
C LYS A 282 -31.42 27.80 16.92
N ASN A 283 -30.17 28.10 16.61
CA ASN A 283 -29.86 29.21 15.72
C ASN A 283 -30.40 28.96 14.31
N ILE A 284 -30.28 27.73 13.81
CA ILE A 284 -30.80 27.45 12.48
C ILE A 284 -32.33 27.47 12.50
N ARG A 285 -32.93 26.87 13.53
CA ARG A 285 -34.39 26.87 13.62
C ARG A 285 -34.95 28.27 13.85
N ASP A 286 -34.11 29.22 14.24
CA ASP A 286 -34.52 30.61 14.40
C ASP A 286 -34.33 31.41 13.12
N VAL A 287 -33.81 30.79 12.06
CA VAL A 287 -33.60 31.50 10.80
C VAL A 287 -34.70 31.13 9.83
N PHE A 288 -34.85 29.84 9.56
CA PHE A 288 -35.88 29.39 8.64
C PHE A 288 -37.29 29.68 9.16
N ASP A 289 -37.45 29.74 10.47
CA ASP A 289 -38.75 30.14 11.02
C ASP A 289 -38.97 31.63 10.87
N GLU A 290 -37.93 32.43 11.12
CA GLU A 290 -38.07 33.87 11.01
C GLU A 290 -38.33 34.28 9.56
N ALA A 291 -37.63 33.66 8.61
CA ALA A 291 -37.84 33.99 7.21
C ALA A 291 -39.25 33.64 6.78
N ILE A 292 -39.75 32.48 7.23
CA ILE A 292 -41.13 32.10 6.93
C ILE A 292 -42.08 33.08 7.60
N ARG A 293 -41.79 33.44 8.85
CA ARG A 293 -42.64 34.39 9.57
C ARG A 293 -42.59 35.77 8.94
N LEU A 294 -41.47 36.11 8.29
CA LEU A 294 -41.28 37.42 7.68
C LEU A 294 -41.16 37.27 6.17
N ALA A 295 -41.90 36.33 5.60
CA ALA A 295 -41.88 36.10 4.16
C ALA A 295 -42.53 37.28 3.44
N PRO A 296 -42.04 37.65 2.25
CA PRO A 296 -40.87 37.06 1.55
C PRO A 296 -39.56 37.51 2.18
N CYS A 297 -38.53 36.67 2.13
CA CYS A 297 -37.27 36.98 2.77
C CYS A 297 -36.14 36.30 2.04
N LEU A 298 -34.94 36.83 2.24
CA LEU A 298 -33.72 36.30 1.62
C LEU A 298 -32.76 35.84 2.71
N ILE A 299 -32.31 34.60 2.61
CA ILE A 299 -31.36 34.02 3.54
C ILE A 299 -30.02 33.85 2.82
N PHE A 300 -28.97 34.41 3.40
CA PHE A 300 -27.62 34.27 2.86
C PHE A 300 -26.77 33.44 3.81
N LEU A 301 -26.47 32.21 3.39
CA LEU A 301 -25.63 31.29 4.15
C LEU A 301 -24.19 31.42 3.66
N ASP A 302 -23.52 32.48 4.11
CA ASP A 302 -22.14 32.70 3.71
C ASP A 302 -21.24 31.62 4.29
N GLN A 303 -20.32 31.12 3.47
CA GLN A 303 -19.44 30.02 3.83
C GLN A 303 -20.25 28.82 4.35
N ILE A 304 -21.17 28.37 3.49
CA ILE A 304 -22.10 27.31 3.87
C ILE A 304 -21.34 26.03 4.19
N ASP A 305 -20.25 25.76 3.46
CA ASP A 305 -19.50 24.54 3.65
C ASP A 305 -18.83 24.45 5.01
N ALA A 306 -18.77 25.56 5.76
CA ALA A 306 -18.22 25.51 7.11
C ALA A 306 -19.12 24.76 8.07
N ILE A 307 -20.41 24.63 7.74
CA ILE A 307 -21.34 23.90 8.59
C ILE A 307 -22.14 22.92 7.74
N ALA A 308 -21.71 22.72 6.49
CA ALA A 308 -22.41 21.83 5.58
C ALA A 308 -21.43 20.93 4.83
N GLY A 309 -20.45 20.38 5.54
CA GLY A 309 -19.47 19.51 4.91
C GLY A 309 -20.04 18.13 4.66
N ARG A 310 -19.17 17.24 4.19
CA ARG A 310 -19.58 15.86 3.94
C ARG A 310 -19.93 15.16 5.23
N ARG A 311 -21.07 14.46 5.24
CA ARG A 311 -21.51 13.76 6.45
C ARG A 311 -20.85 12.40 6.61
N GLU A 312 -20.25 11.85 5.55
CA GLU A 312 -19.59 10.56 5.66
C GLU A 312 -18.41 10.64 6.63
N SER A 313 -17.62 11.71 6.55
CA SER A 313 -16.50 11.91 7.44
C SER A 313 -16.87 12.71 8.69
N ALA A 314 -18.13 13.12 8.83
CA ALA A 314 -18.58 13.91 9.98
C ALA A 314 -18.84 12.95 11.14
N ASN A 315 -17.76 12.63 11.86
CA ASN A 315 -17.86 11.71 12.99
C ASN A 315 -18.62 12.34 14.15
N LYS A 316 -18.42 13.64 14.39
CA LYS A 316 -19.04 14.30 15.53
C LYS A 316 -20.55 14.36 15.36
N GLY A 317 -21.26 14.10 16.46
CA GLY A 317 -22.71 14.10 16.40
C GLY A 317 -23.31 15.46 16.12
N MET A 318 -22.72 16.52 16.71
CA MET A 318 -23.24 17.86 16.49
C MET A 318 -23.08 18.29 15.04
N GLU A 319 -21.95 17.93 14.41
CA GLU A 319 -21.70 18.36 13.04
C GLU A 319 -22.72 17.75 12.08
N SER A 320 -23.06 16.47 12.29
CA SER A 320 -23.99 15.78 11.41
C SER A 320 -25.43 16.20 11.62
N ARG A 321 -25.74 16.93 12.69
CA ARG A 321 -27.12 17.34 12.93
C ARG A 321 -27.41 18.74 12.41
N ILE A 322 -26.38 19.58 12.26
CA ILE A 322 -26.59 20.90 11.68
C ILE A 322 -27.02 20.76 10.23
N VAL A 323 -26.38 19.84 9.50
CA VAL A 323 -26.73 19.61 8.10
C VAL A 323 -28.17 19.12 7.99
N ALA A 324 -28.57 18.21 8.88
CA ALA A 324 -29.95 17.73 8.86
C ALA A 324 -30.94 18.85 9.17
N GLU A 325 -30.62 19.71 10.13
CA GLU A 325 -31.52 20.82 10.44
C GLU A 325 -31.60 21.80 9.28
N ILE A 326 -30.46 22.07 8.62
CA ILE A 326 -30.47 23.00 7.49
C ILE A 326 -31.31 22.43 6.35
N MET A 327 -31.12 21.16 6.03
CA MET A 327 -31.83 20.58 4.89
C MET A 327 -33.33 20.46 5.18
N ASN A 328 -33.69 20.17 6.43
CA ASN A 328 -35.11 20.11 6.77
C ASN A 328 -35.74 21.48 6.70
N GLY A 329 -34.97 22.53 7.01
CA GLY A 329 -35.51 23.87 6.99
C GLY A 329 -35.89 24.34 5.60
N MET A 330 -35.29 23.75 4.56
CA MET A 330 -35.65 24.12 3.20
C MET A 330 -36.98 23.50 2.81
N ASP A 331 -37.29 22.30 3.32
CA ASP A 331 -38.59 21.70 3.05
C ASP A 331 -39.71 22.49 3.71
N ARG A 332 -39.46 23.00 4.93
CA ARG A 332 -40.47 23.81 5.61
C ARG A 332 -40.79 25.07 4.81
N ILE A 333 -39.82 25.57 4.05
CA ILE A 333 -40.08 26.72 3.18
C ILE A 333 -41.12 26.35 2.12
N ARG A 334 -40.98 25.17 1.53
CA ARG A 334 -41.94 24.73 0.52
C ARG A 334 -43.31 24.46 1.12
N GLN A 335 -43.38 24.12 2.40
CA GLN A 335 -44.65 23.78 3.03
C GLN A 335 -45.33 24.98 3.65
N ASN A 336 -44.67 25.65 4.59
CA ASN A 336 -45.27 26.74 5.33
C ASN A 336 -45.19 28.07 4.60
N THR A 337 -45.63 28.11 3.34
CA THR A 337 -45.65 29.35 2.59
C THR A 337 -46.94 29.44 1.80
N PRO A 338 -47.42 30.66 1.54
CA PRO A 338 -48.64 30.83 0.73
C PRO A 338 -48.43 30.54 -0.76
N LEU A 339 -47.26 30.05 -1.15
CA LEU A 339 -46.84 29.87 -2.54
C LEU A 339 -46.76 31.19 -3.30
N GLY A 340 -46.89 32.32 -2.60
CA GLY A 340 -46.78 33.65 -3.20
C GLY A 340 -45.61 34.43 -2.63
N LYS A 341 -45.54 34.58 -1.31
CA LYS A 341 -44.43 35.28 -0.65
C LYS A 341 -43.32 34.26 -0.41
N ASN A 342 -42.63 33.92 -1.50
CA ASN A 342 -41.59 32.90 -1.45
C ASN A 342 -40.41 33.39 -0.60
N VAL A 343 -39.67 32.42 -0.07
CA VAL A 343 -38.42 32.69 0.64
C VAL A 343 -37.30 31.94 -0.05
N VAL A 344 -36.31 32.68 -0.51
CA VAL A 344 -35.18 32.13 -1.26
C VAL A 344 -33.97 32.12 -0.33
N VAL A 345 -33.31 30.98 -0.25
CA VAL A 345 -32.08 30.84 0.54
C VAL A 345 -30.92 30.82 -0.43
N LEU A 346 -30.03 31.79 -0.30
CA LEU A 346 -28.88 31.93 -1.18
C LEU A 346 -27.61 31.57 -0.41
N ALA A 347 -26.84 30.64 -0.97
CA ALA A 347 -25.62 30.15 -0.36
C ALA A 347 -24.45 30.40 -1.29
N ALA A 348 -23.35 30.88 -0.74
CA ALA A 348 -22.13 31.17 -1.48
C ALA A 348 -21.00 30.38 -0.87
N THR A 349 -20.17 29.78 -1.74
CA THR A 349 -19.04 28.99 -1.29
C THR A 349 -18.05 28.84 -2.42
N ASN A 350 -16.77 28.89 -2.08
CA ASN A 350 -15.68 28.70 -3.03
C ASN A 350 -15.31 27.25 -3.22
N ARG A 351 -15.90 26.33 -2.45
CA ARG A 351 -15.66 24.91 -2.56
C ARG A 351 -17.00 24.19 -2.71
N PRO A 352 -17.58 24.21 -3.91
CA PRO A 352 -18.87 23.54 -4.10
C PRO A 352 -18.79 22.04 -3.90
N GLU A 353 -17.60 21.46 -4.03
CA GLU A 353 -17.43 20.01 -3.89
C GLU A 353 -17.44 19.56 -2.43
N PHE A 354 -17.27 20.48 -1.49
CA PHE A 354 -17.29 20.11 -0.08
C PHE A 354 -18.69 20.02 0.49
N LEU A 355 -19.70 20.47 -0.25
CA LEU A 355 -21.06 20.45 0.26
C LEU A 355 -21.57 19.02 0.38
N ASP A 356 -22.37 18.78 1.41
CA ASP A 356 -23.00 17.48 1.59
C ASP A 356 -23.95 17.21 0.41
N PRO A 357 -23.84 16.06 -0.26
CA PRO A 357 -24.76 15.77 -1.36
C PRO A 357 -26.23 15.77 -0.94
N ALA A 358 -26.50 15.58 0.36
CA ALA A 358 -27.86 15.72 0.88
C ALA A 358 -28.33 17.17 0.82
N ILE A 359 -27.41 18.11 0.75
CA ILE A 359 -27.73 19.54 0.69
C ILE A 359 -27.64 20.06 -0.74
N ARG A 360 -26.58 19.67 -1.46
CA ARG A 360 -26.41 20.16 -2.83
C ARG A 360 -27.52 19.69 -3.74
N ARG A 361 -28.17 18.56 -3.42
CA ARG A 361 -29.34 18.16 -4.19
C ARG A 361 -30.49 19.14 -4.01
N ARG A 362 -30.57 19.78 -2.85
CA ARG A 362 -31.64 20.73 -2.57
C ARG A 362 -31.39 22.10 -3.20
N PHE A 363 -30.23 22.33 -3.77
CA PHE A 363 -29.91 23.59 -4.43
C PHE A 363 -29.92 23.32 -5.93
N SER A 364 -31.11 23.45 -6.53
CA SER A 364 -31.27 23.19 -7.96
C SER A 364 -30.52 24.23 -8.78
N VAL A 365 -30.67 25.50 -8.43
CA VAL A 365 -30.06 26.60 -9.16
C VAL A 365 -28.62 26.77 -8.66
N GLU A 366 -27.66 26.59 -9.56
CA GLU A 366 -26.26 26.78 -9.26
C GLU A 366 -25.70 27.78 -10.26
N ILE A 367 -25.14 28.87 -9.76
CA ILE A 367 -24.61 29.94 -10.60
C ILE A 367 -23.09 29.93 -10.51
N ASP A 368 -22.44 29.64 -11.62
CA ASP A 368 -20.98 29.62 -11.67
C ASP A 368 -20.50 30.96 -12.18
N MET A 369 -20.05 31.82 -11.27
CA MET A 369 -19.57 33.14 -11.67
C MET A 369 -18.30 33.02 -12.51
N GLY A 370 -17.40 32.13 -12.12
CA GLY A 370 -16.18 31.88 -12.86
C GLY A 370 -15.24 33.07 -12.80
N MET A 371 -14.27 33.02 -13.67
CA MET A 371 -13.40 34.19 -13.65
C MET A 371 -13.76 35.15 -14.78
N PRO A 372 -13.64 36.45 -14.55
CA PRO A 372 -13.99 37.42 -15.59
C PRO A 372 -13.07 37.33 -16.80
N SER A 373 -13.63 37.68 -17.96
CA SER A 373 -12.90 37.71 -19.21
C SER A 373 -12.25 39.06 -19.42
N GLU A 374 -11.58 39.23 -20.57
CA GLU A 374 -10.91 40.48 -20.88
C GLU A 374 -11.88 41.64 -20.93
N ARG A 375 -13.05 41.43 -21.53
CA ARG A 375 -14.08 42.47 -21.56
C ARG A 375 -14.59 42.77 -20.16
N ALA A 376 -14.75 41.73 -19.34
CA ALA A 376 -15.27 41.92 -17.99
C ALA A 376 -14.25 42.61 -17.08
N ARG A 377 -12.97 42.26 -17.21
CA ARG A 377 -11.95 42.86 -16.37
C ARG A 377 -11.79 44.35 -16.65
N GLU A 378 -12.02 44.78 -17.90
CA GLU A 378 -12.00 46.21 -18.18
C GLU A 378 -13.10 46.93 -17.42
N GLN A 379 -14.29 46.31 -17.34
CA GLN A 379 -15.38 46.92 -16.59
C GLN A 379 -15.04 47.01 -15.11
N ILE A 380 -14.41 45.98 -14.57
CA ILE A 380 -14.03 46.00 -13.15
C ILE A 380 -13.01 47.09 -12.88
N LEU A 381 -12.01 47.22 -13.75
CA LEU A 381 -10.98 48.22 -13.53
C LEU A 381 -11.55 49.63 -13.58
N ARG A 382 -12.47 49.88 -14.51
CA ARG A 382 -13.12 51.19 -14.54
C ARG A 382 -13.96 51.41 -13.28
N SER A 383 -14.66 50.36 -12.82
CA SER A 383 -15.46 50.49 -11.62
C SER A 383 -14.58 50.74 -10.40
N LEU A 384 -13.46 50.01 -10.30
CA LEU A 384 -12.56 50.15 -9.17
C LEU A 384 -11.94 51.54 -9.12
N THR A 385 -11.51 52.06 -10.26
CA THR A 385 -10.88 53.37 -10.34
C THR A 385 -11.90 54.47 -10.59
N ARG A 386 -12.93 54.53 -9.73
CA ARG A 386 -13.99 55.52 -9.90
C ARG A 386 -13.90 56.67 -8.92
N ASP A 387 -13.41 56.44 -7.70
CA ASP A 387 -13.22 57.50 -6.72
C ASP A 387 -11.77 57.99 -6.66
N LEU A 388 -10.93 57.54 -7.58
CA LEU A 388 -9.52 57.91 -7.60
C LEU A 388 -9.25 58.92 -8.70
N SER A 389 -8.14 59.64 -8.55
CA SER A 389 -7.67 60.57 -9.56
C SER A 389 -6.76 59.86 -10.53
N LEU A 390 -7.08 59.93 -11.82
CA LEU A 390 -6.40 59.17 -12.85
C LEU A 390 -5.88 60.11 -13.92
N ALA A 391 -4.91 59.61 -14.69
CA ALA A 391 -4.37 60.38 -15.79
C ALA A 391 -5.22 60.13 -17.03
N ASP A 392 -4.74 60.56 -18.19
CA ASP A 392 -5.47 60.39 -19.44
C ASP A 392 -4.92 59.27 -20.30
N ASP A 393 -3.71 58.79 -20.02
CA ASP A 393 -3.09 57.73 -20.79
C ASP A 393 -3.54 56.34 -20.38
N ILE A 394 -4.36 56.24 -19.33
CA ILE A 394 -4.75 54.93 -18.79
C ILE A 394 -5.68 54.25 -19.78
N ASN A 395 -5.20 53.17 -20.40
CA ASN A 395 -6.01 52.36 -21.30
C ASN A 395 -6.45 51.13 -20.51
N PHE A 396 -7.67 51.17 -19.98
CA PHE A 396 -8.18 50.05 -19.21
C PHE A 396 -8.33 48.79 -20.05
N LYS A 397 -8.56 48.96 -21.36
CA LYS A 397 -8.62 47.79 -22.22
C LYS A 397 -7.26 47.14 -22.36
N GLU A 398 -6.21 47.96 -22.40
CA GLU A 398 -4.85 47.42 -22.44
C GLU A 398 -4.49 46.76 -21.10
N LEU A 399 -4.93 47.35 -19.99
CA LEU A 399 -4.67 46.75 -18.68
C LEU A 399 -5.35 45.39 -18.56
N ALA A 400 -6.56 45.26 -19.10
CA ALA A 400 -7.27 43.99 -19.03
C ALA A 400 -6.60 42.92 -19.88
N LYS A 401 -5.95 43.30 -20.98
CA LYS A 401 -5.30 42.30 -21.83
C LYS A 401 -4.15 41.62 -21.11
N MET A 402 -3.35 42.38 -20.36
CA MET A 402 -2.14 41.85 -19.75
C MET A 402 -2.35 41.43 -18.29
N THR A 403 -3.59 41.14 -17.91
CA THR A 403 -3.91 40.63 -16.58
C THR A 403 -4.79 39.39 -16.73
N PRO A 404 -4.26 38.31 -17.28
CA PRO A 404 -5.05 37.07 -17.42
C PRO A 404 -5.01 36.23 -16.17
N GLY A 405 -6.14 35.59 -15.87
CA GLY A 405 -6.28 34.82 -14.65
C GLY A 405 -6.53 35.63 -13.41
N TYR A 406 -6.74 36.94 -13.54
CA TYR A 406 -7.05 37.78 -12.39
C TYR A 406 -8.54 37.71 -12.09
N VAL A 407 -8.87 37.85 -10.81
CA VAL A 407 -10.26 37.89 -10.39
C VAL A 407 -10.53 39.29 -9.84
N GLY A 408 -11.76 39.54 -9.41
CA GLY A 408 -12.10 40.86 -8.91
C GLY A 408 -11.24 41.28 -7.73
N SER A 409 -10.95 40.33 -6.84
CA SER A 409 -10.08 40.64 -5.70
C SER A 409 -8.66 40.97 -6.18
N ASP A 410 -8.15 40.20 -7.14
CA ASP A 410 -6.80 40.44 -7.65
C ASP A 410 -6.71 41.79 -8.35
N LEU A 411 -7.73 42.16 -9.12
CA LEU A 411 -7.72 43.47 -9.76
C LEU A 411 -7.81 44.58 -8.73
N GLN A 412 -8.38 44.32 -7.56
CA GLN A 412 -8.37 45.33 -6.52
C GLN A 412 -6.95 45.55 -5.99
N TYR A 413 -6.15 44.48 -5.91
CA TYR A 413 -4.76 44.66 -5.48
C TYR A 413 -3.96 45.45 -6.50
N VAL A 414 -4.23 45.25 -7.80
CA VAL A 414 -3.50 46.00 -8.81
C VAL A 414 -3.78 47.49 -8.68
N VAL A 415 -5.04 47.86 -8.47
CA VAL A 415 -5.36 49.25 -8.22
C VAL A 415 -4.71 49.71 -6.92
N LYS A 416 -4.77 48.88 -5.88
CA LYS A 416 -4.16 49.25 -4.61
C LYS A 416 -2.65 49.36 -4.73
N ALA A 417 -2.03 48.49 -5.54
CA ALA A 417 -0.59 48.58 -5.75
C ALA A 417 -0.24 49.85 -6.50
N ALA A 418 -1.06 50.23 -7.48
CA ALA A 418 -0.78 51.44 -8.25
C ALA A 418 -0.92 52.68 -7.39
N VAL A 419 -1.81 52.64 -6.40
CA VAL A 419 -1.96 53.78 -5.50
C VAL A 419 -0.67 53.99 -4.71
N SER A 420 -0.06 52.89 -4.25
CA SER A 420 1.19 53.02 -3.52
C SER A 420 2.28 53.62 -4.40
N GLU A 421 2.33 53.22 -5.68
CA GLU A 421 3.31 53.81 -6.58
C GLU A 421 3.06 55.30 -6.75
N SER A 422 1.79 55.71 -6.76
CA SER A 422 1.48 57.14 -6.82
C SER A 422 1.96 57.89 -5.59
N PHE A 423 2.10 57.21 -4.45
CA PHE A 423 2.58 57.82 -3.23
C PHE A 423 4.08 57.63 -3.01
N GLN A 424 4.77 56.98 -3.95
CA GLN A 424 6.21 56.79 -3.80
C GLN A 424 6.94 58.12 -3.80
N ALA A 425 6.52 59.04 -4.68
CA ALA A 425 7.13 60.37 -4.71
C ALA A 425 6.86 61.15 -3.43
N ASN A 426 5.73 60.88 -2.76
CA ASN A 426 5.40 61.58 -1.53
C ASN A 426 6.12 60.99 -0.32
N ILE A 427 6.77 59.84 -0.46
CA ILE A 427 7.56 59.27 0.62
C ILE A 427 9.01 59.71 0.54
N ASP A 428 9.55 59.78 -0.67
CA ASP A 428 10.92 60.25 -0.84
C ASP A 428 11.07 61.68 -0.35
N SER A 429 10.08 62.54 -0.62
CA SER A 429 10.11 63.88 -0.08
C SER A 429 10.06 63.86 1.44
N LEU A 430 9.26 62.96 2.01
CA LEU A 430 9.23 62.81 3.46
C LEU A 430 10.56 62.32 4.00
N LEU A 431 11.19 61.41 3.27
CA LEU A 431 12.52 60.93 3.65
C LEU A 431 13.55 62.05 3.56
N ALA A 432 13.48 62.87 2.52
CA ALA A 432 14.46 63.93 2.34
C ALA A 432 14.44 64.93 3.48
N GLN A 433 13.25 65.24 4.00
CA GLN A 433 13.17 66.13 5.15
C GLN A 433 13.88 65.55 6.36
N ALA A 434 13.71 64.24 6.58
CA ALA A 434 14.38 63.58 7.70
C ALA A 434 15.89 63.58 7.51
N ARG A 435 16.36 63.36 6.29
CA ARG A 435 17.80 63.38 6.02
C ARG A 435 18.38 64.76 6.29
N ALA A 436 17.70 65.82 5.87
CA ALA A 436 18.19 67.16 6.10
C ALA A 436 18.21 67.53 7.57
N LYS A 437 17.42 66.84 8.40
CA LYS A 437 17.41 67.11 9.83
C LYS A 437 18.53 66.39 10.57
N HIS A 438 18.95 65.23 10.08
CA HIS A 438 20.01 64.47 10.73
C HIS A 438 21.25 64.42 9.86
N PRO A 439 22.40 64.97 10.30
CA PRO A 439 23.64 64.97 9.52
C PRO A 439 24.09 63.57 9.13
N VAL A 446 25.04 50.73 8.96
CA VAL A 446 23.60 50.68 8.76
C VAL A 446 23.29 50.91 7.28
N SER A 447 22.55 50.00 6.68
CA SER A 447 22.18 50.14 5.28
C SER A 447 21.16 51.26 5.09
N GLN A 448 21.03 51.69 3.83
CA GLN A 448 20.12 52.78 3.50
C GLN A 448 18.66 52.48 3.83
N PRO A 449 18.09 51.32 3.47
CA PRO A 449 16.70 51.05 3.86
C PRO A 449 16.49 51.05 5.36
N GLN A 450 17.46 50.59 6.14
CA GLN A 450 17.31 50.61 7.58
C GLN A 450 17.27 52.04 8.11
N ARG A 451 18.07 52.93 7.51
CA ARG A 451 18.05 54.33 7.93
C ARG A 451 16.69 54.95 7.65
N ASP A 452 16.08 54.58 6.53
CA ASP A 452 14.77 55.14 6.19
C ASP A 452 13.75 54.82 7.27
N TRP A 453 13.75 53.58 7.76
CA TRP A 453 12.87 53.23 8.87
C TRP A 453 13.26 54.01 10.12
N LEU A 454 14.55 54.18 10.35
CA LEU A 454 14.99 54.91 11.54
C LEU A 454 14.66 56.39 11.43
N LEU A 455 14.80 56.96 10.24
CA LEU A 455 14.47 58.37 10.05
C LEU A 455 12.98 58.61 10.29
N LEU A 456 12.13 57.77 9.71
CA LEU A 456 10.69 57.93 9.88
C LEU A 456 10.24 57.53 11.27
N GLU A 457 11.04 56.70 11.97
CA GLU A 457 10.71 56.35 13.34
C GLU A 457 11.01 57.51 14.28
N ALA A 458 11.95 58.37 13.90
CA ALA A 458 12.37 59.47 14.76
C ALA A 458 11.22 60.43 15.02
N HIS A 459 10.74 61.09 13.97
CA HIS A 459 9.68 62.09 14.14
C HIS A 459 8.39 61.48 14.66
N ARG A 460 7.73 60.66 13.82
CA ARG A 460 6.49 59.99 14.17
C ARG A 460 5.36 60.94 14.55
N ASP A 461 5.62 62.25 14.55
CA ASP A 461 4.60 63.22 14.93
C ASP A 461 4.57 64.39 13.95
N GLU A 462 5.70 64.65 13.30
CA GLU A 462 5.82 65.78 12.37
C GLU A 462 5.27 65.37 11.01
N GLU A 463 3.97 65.08 11.00
CA GLU A 463 3.31 64.64 9.78
C GLU A 463 3.21 65.79 8.79
N VAL A 464 3.62 65.54 7.56
CA VAL A 464 3.66 66.56 6.52
C VAL A 464 2.60 66.22 5.48
N SER A 465 2.14 67.26 4.78
CA SER A 465 1.09 67.10 3.79
C SER A 465 1.59 66.29 2.59
N TRP A 466 0.80 65.29 2.21
CA TRP A 466 1.05 64.58 0.97
C TRP A 466 0.31 65.27 -0.17
N PRO A 467 1.01 65.83 -1.16
CA PRO A 467 0.32 66.39 -2.32
C PRO A 467 -0.52 65.34 -3.04
N SER A 468 -1.68 65.78 -3.53
CA SER A 468 -2.66 64.90 -4.16
C SER A 468 -2.29 64.71 -5.63
N THR A 469 -1.46 63.72 -5.90
CA THR A 469 -1.12 63.38 -7.27
C THR A 469 -2.04 62.28 -7.78
N LYS A 470 -1.96 62.03 -9.08
CA LYS A 470 -2.81 61.05 -9.73
C LYS A 470 -1.94 59.95 -10.33
N ILE A 471 -2.57 58.79 -10.52
CA ILE A 471 -1.87 57.61 -11.00
C ILE A 471 -1.68 57.72 -12.51
N THR A 472 -0.47 57.43 -12.97
CA THR A 472 -0.15 57.44 -14.39
C THR A 472 -0.31 56.03 -14.94
N MET A 473 -0.03 55.87 -16.23
CA MET A 473 -0.10 54.56 -16.84
C MET A 473 1.15 53.74 -16.56
N GLU A 474 2.30 54.41 -16.42
CA GLU A 474 3.52 53.68 -16.10
C GLU A 474 3.45 53.03 -14.73
N GLN A 475 2.72 53.65 -13.79
CA GLN A 475 2.59 53.05 -12.47
C GLN A 475 1.67 51.84 -12.49
N PHE A 476 0.66 51.84 -13.37
CA PHE A 476 -0.20 50.68 -13.48
C PHE A 476 0.55 49.47 -14.02
N ARG A 477 1.44 49.68 -14.99
CA ARG A 477 2.25 48.58 -15.49
C ARG A 477 3.17 48.05 -14.40
N LYS A 478 3.73 48.96 -13.59
CA LYS A 478 4.53 48.51 -12.45
C LYS A 478 3.67 47.76 -11.44
N ALA A 479 2.43 48.22 -11.24
CA ALA A 479 1.56 47.59 -10.26
C ALA A 479 1.22 46.16 -10.65
N VAL A 480 0.99 45.92 -11.95
CA VAL A 480 0.61 44.57 -12.39
C VAL A 480 1.73 43.59 -12.10
N SER A 481 2.97 43.97 -12.35
CA SER A 481 4.09 43.06 -12.09
C SER A 481 4.19 42.75 -10.60
N LEU A 482 4.01 43.75 -9.74
CA LEU A 482 4.15 43.54 -8.30
C LEU A 482 3.03 42.70 -7.72
N VAL A 483 1.88 42.61 -8.38
CA VAL A 483 0.72 41.91 -7.86
C VAL A 483 0.71 40.51 -8.43
N GLN A 484 0.77 39.50 -7.56
CA GLN A 484 0.63 38.12 -7.98
C GLN A 484 -0.82 37.70 -7.81
N PRO A 485 -1.50 37.31 -8.88
CA PRO A 485 -2.91 36.92 -8.76
C PRO A 485 -3.07 35.69 -7.88
N ALA A 486 -4.25 35.58 -7.25
CA ALA A 486 -4.49 34.47 -6.34
C ALA A 486 -4.39 33.14 -7.05
N SER A 487 -4.67 33.11 -8.36
CA SER A 487 -4.56 31.86 -9.10
C SER A 487 -3.11 31.42 -9.26
N LYS A 488 -2.18 32.36 -9.37
CA LYS A 488 -0.77 32.05 -9.60
C LYS A 488 0.02 31.90 -8.31
N ARG A 489 -0.64 31.97 -7.15
CA ARG A 489 0.09 31.92 -5.89
C ARG A 489 0.83 30.61 -5.70
N GLU A 490 0.20 29.49 -6.03
CA GLU A 490 0.75 28.19 -5.71
C GLU A 490 0.79 27.31 -6.95
N GLY A 491 1.89 26.59 -7.12
CA GLY A 491 2.02 25.62 -8.18
C GLY A 491 2.55 26.15 -9.50
N PHE A 492 2.78 27.45 -9.62
CA PHE A 492 3.26 28.05 -10.85
C PHE A 492 4.76 28.27 -10.78
N SER A 493 5.48 27.74 -11.76
CA SER A 493 6.91 27.85 -11.82
C SER A 493 7.33 29.27 -12.20
N THR A 494 8.53 29.65 -11.77
CA THR A 494 9.07 30.95 -12.14
C THR A 494 9.39 30.99 -13.63
N ILE A 495 9.20 32.16 -14.22
CA ILE A 495 9.44 32.29 -15.66
C ILE A 495 10.91 32.05 -15.95
N PRO A 496 11.26 31.19 -16.90
CA PRO A 496 12.66 30.93 -17.20
C PRO A 496 13.35 32.17 -17.77
N ASP A 497 14.67 32.23 -17.58
CA ASP A 497 15.46 33.33 -18.09
C ASP A 497 15.88 33.15 -19.54
N THR A 498 15.46 32.08 -20.19
CA THR A 498 15.86 31.81 -21.56
C THR A 498 14.99 32.58 -22.55
N THR A 499 15.63 33.32 -23.44
CA THR A 499 14.96 34.04 -24.52
C THR A 499 15.26 33.35 -25.84
N TRP A 500 14.77 33.92 -26.94
CA TRP A 500 15.13 33.38 -28.25
C TRP A 500 16.57 33.72 -28.61
N SER A 501 17.19 34.66 -27.90
CA SER A 501 18.61 34.91 -28.11
C SER A 501 19.46 33.79 -27.53
N HIS A 502 18.93 33.04 -26.55
CA HIS A 502 19.64 31.88 -26.03
C HIS A 502 19.46 30.63 -26.89
N VAL A 503 18.52 30.63 -27.82
CA VAL A 503 18.27 29.47 -28.66
C VAL A 503 18.94 29.70 -30.02
N GLY A 504 19.91 28.87 -30.34
CA GLY A 504 20.61 28.96 -31.61
C GLY A 504 20.03 27.98 -32.63
N ALA A 505 19.82 28.47 -33.84
CA ALA A 505 19.27 27.68 -34.96
C ALA A 505 17.92 27.13 -34.53
N LEU A 506 17.58 25.88 -34.87
CA LEU A 506 16.27 25.31 -34.58
C LEU A 506 15.16 26.18 -35.15
N GLU A 507 15.38 26.68 -36.37
CA GLU A 507 14.40 27.55 -37.00
C GLU A 507 13.10 26.81 -37.28
N ASP A 508 13.18 25.55 -37.70
CA ASP A 508 11.97 24.78 -37.95
C ASP A 508 11.17 24.61 -36.67
N VAL A 509 11.84 24.30 -35.57
CA VAL A 509 11.15 24.16 -34.29
C VAL A 509 10.66 25.53 -33.82
N ARG A 510 11.45 26.57 -34.05
CA ARG A 510 11.05 27.91 -33.64
C ARG A 510 9.79 28.36 -34.39
N LYS A 511 9.72 28.09 -35.69
CA LYS A 511 8.56 28.50 -36.46
C LYS A 511 7.30 27.80 -35.98
N LYS A 512 7.39 26.49 -35.69
CA LYS A 512 6.24 25.77 -35.18
C LYS A 512 5.82 26.28 -33.82
N LEU A 513 6.79 26.61 -32.96
CA LEU A 513 6.45 27.10 -31.63
C LEU A 513 5.97 28.55 -31.67
N GLU A 514 6.51 29.37 -32.58
CA GLU A 514 6.04 30.74 -32.67
C GLU A 514 4.73 30.87 -33.44
N MET A 515 4.26 29.79 -34.06
CA MET A 515 3.00 29.81 -34.77
C MET A 515 1.90 29.01 -34.09
N SER A 516 2.23 28.16 -33.12
CA SER A 516 1.23 27.37 -32.42
C SER A 516 1.04 27.76 -30.97
N ILE A 517 2.03 28.39 -30.34
CA ILE A 517 1.93 28.76 -28.93
C ILE A 517 2.16 30.25 -28.77
N ILE A 518 3.35 30.72 -29.17
CA ILE A 518 3.68 32.13 -28.98
C ILE A 518 2.76 33.01 -29.80
N GLY A 519 2.43 32.59 -31.01
CA GLY A 519 1.57 33.35 -31.87
C GLY A 519 0.18 33.51 -31.29
N PRO A 520 -0.53 32.41 -31.06
CA PRO A 520 -1.91 32.52 -30.56
C PRO A 520 -2.01 33.26 -29.23
N ILE A 521 -0.97 33.25 -28.40
CA ILE A 521 -1.01 34.00 -27.16
C ILE A 521 -0.98 35.49 -27.41
N LYS A 522 -0.11 35.94 -28.33
CA LYS A 522 0.03 37.37 -28.59
C LYS A 522 -1.16 37.92 -29.37
N ASN A 523 -1.62 37.19 -30.38
CA ASN A 523 -2.73 37.64 -31.23
C ASN A 523 -3.78 36.55 -31.26
N PRO A 524 -4.59 36.45 -30.20
CA PRO A 524 -5.65 35.43 -30.18
C PRO A 524 -6.72 35.67 -31.24
N GLU A 525 -6.87 36.90 -31.73
CA GLU A 525 -7.88 37.19 -32.74
C GLU A 525 -7.34 37.00 -34.15
N LEU A 526 -6.08 37.35 -34.38
CA LEU A 526 -5.49 37.17 -35.70
C LEU A 526 -5.44 35.69 -36.07
N PHE A 527 -5.10 34.83 -35.12
CA PHE A 527 -4.99 33.41 -35.39
C PHE A 527 -6.35 32.74 -35.48
N THR A 528 -7.33 33.19 -34.67
CA THR A 528 -8.63 32.55 -34.72
C THR A 528 -9.38 32.88 -36.00
N ARG A 529 -8.96 33.90 -36.74
CA ARG A 529 -9.58 34.20 -38.02
C ARG A 529 -9.23 33.15 -39.06
N VAL A 530 -8.06 32.54 -38.95
CA VAL A 530 -7.62 31.52 -39.88
C VAL A 530 -7.80 30.11 -39.30
N GLY A 531 -8.69 29.96 -38.34
CA GLY A 531 -8.95 28.65 -37.76
C GLY A 531 -7.79 28.09 -36.97
N ILE A 532 -7.13 28.91 -36.17
CA ILE A 532 -6.06 28.47 -35.27
C ILE A 532 -6.57 28.71 -33.86
N LYS A 533 -7.02 27.65 -33.20
CA LYS A 533 -7.60 27.78 -31.88
C LYS A 533 -6.52 28.13 -30.86
N PRO A 534 -6.85 28.93 -29.86
CA PRO A 534 -5.87 29.36 -28.84
C PRO A 534 -5.59 28.30 -27.78
N ALA A 535 -5.29 27.08 -28.24
CA ALA A 535 -4.92 25.99 -27.35
C ALA A 535 -4.25 24.91 -28.18
N ALA A 536 -3.17 24.35 -27.66
CA ALA A 536 -2.40 23.37 -28.41
C ALA A 536 -1.81 22.34 -27.44
N GLY A 537 -1.52 21.17 -27.98
CA GLY A 537 -0.80 20.15 -27.24
C GLY A 537 0.35 19.63 -28.07
N ILE A 538 1.58 19.84 -27.60
CA ILE A 538 2.78 19.55 -28.37
C ILE A 538 3.64 18.57 -27.60
N LEU A 539 4.14 17.55 -28.30
CA LEU A 539 5.02 16.55 -27.73
C LEU A 539 6.38 16.68 -28.40
N LEU A 540 7.28 17.42 -27.76
CA LEU A 540 8.66 17.52 -28.24
C LEU A 540 9.37 16.21 -27.98
N TRP A 541 10.09 15.72 -28.99
CA TRP A 541 10.82 14.47 -28.83
C TRP A 541 12.07 14.50 -29.69
N GLY A 542 13.08 13.75 -29.27
CA GLY A 542 14.33 13.69 -29.97
C GLY A 542 15.46 13.15 -29.12
N PRO A 543 16.67 13.12 -29.67
CA PRO A 543 17.80 12.64 -28.90
C PRO A 543 18.12 13.58 -27.75
N PRO A 544 18.72 13.08 -26.67
CA PRO A 544 19.02 13.94 -25.52
C PRO A 544 20.09 14.97 -25.86
N GLY A 545 19.99 16.11 -25.20
CA GLY A 545 20.97 17.17 -25.37
C GLY A 545 20.76 18.07 -26.57
N CYS A 546 19.60 18.03 -27.22
CA CYS A 546 19.40 18.76 -28.45
C CYS A 546 18.55 20.02 -28.29
N GLY A 547 17.96 20.24 -27.12
CA GLY A 547 17.32 21.52 -26.90
C GLY A 547 15.82 21.46 -26.73
N LYS A 548 15.30 20.27 -26.38
CA LYS A 548 13.87 20.14 -26.15
C LYS A 548 13.40 20.96 -24.96
N THR A 549 14.15 20.92 -23.85
CA THR A 549 13.80 21.74 -22.70
C THR A 549 14.17 23.20 -22.92
N LEU A 550 15.19 23.46 -23.72
CA LEU A 550 15.60 24.84 -23.95
C LEU A 550 14.53 25.64 -24.67
N VAL A 551 13.94 25.09 -25.74
CA VAL A 551 12.93 25.86 -26.45
C VAL A 551 11.66 25.96 -25.63
N ALA A 552 11.33 24.95 -24.83
CA ALA A 552 10.16 25.04 -23.97
C ALA A 552 10.34 26.09 -22.89
N LYS A 553 11.58 26.29 -22.42
CA LYS A 553 11.82 27.38 -21.48
C LYS A 553 11.82 28.71 -22.21
N ALA A 554 12.21 28.73 -23.48
CA ALA A 554 12.15 29.95 -24.26
C ALA A 554 10.70 30.31 -24.60
N VAL A 555 9.88 29.31 -24.91
CA VAL A 555 8.47 29.56 -25.20
C VAL A 555 7.77 30.12 -23.98
N ALA A 556 8.06 29.54 -22.80
CA ALA A 556 7.42 30.01 -21.58
C ALA A 556 7.82 31.45 -21.27
N ASN A 557 9.02 31.85 -21.68
CA ASN A 557 9.52 33.17 -21.41
C ASN A 557 9.17 34.17 -22.52
N GLU A 558 9.06 33.71 -23.76
CA GLU A 558 8.76 34.59 -24.87
C GLU A 558 7.26 34.73 -25.14
N SER A 559 6.42 33.99 -24.43
CA SER A 559 4.98 34.12 -24.60
C SER A 559 4.36 35.05 -23.56
N LYS A 560 5.10 35.39 -22.51
CA LYS A 560 4.63 36.29 -21.46
C LYS A 560 3.36 35.75 -20.80
N ALA A 561 3.16 34.43 -20.85
CA ALA A 561 2.01 33.79 -20.26
C ALA A 561 2.41 33.04 -19.01
N ASN A 562 1.40 32.56 -18.27
CA ASN A 562 1.66 31.81 -17.06
C ASN A 562 2.30 30.46 -17.40
N PHE A 563 3.13 29.98 -16.49
CA PHE A 563 3.96 28.81 -16.74
C PHE A 563 3.85 27.87 -15.56
N ILE A 564 3.53 26.60 -15.83
CA ILE A 564 3.56 25.54 -14.84
C ILE A 564 4.44 24.42 -15.37
N SER A 565 5.41 24.02 -14.56
CA SER A 565 6.35 22.97 -14.94
C SER A 565 6.21 21.79 -13.99
N ILE A 566 6.13 20.60 -14.57
CA ILE A 566 6.04 19.35 -13.82
C ILE A 566 7.30 18.58 -14.12
N LYS A 567 8.06 18.24 -13.07
CA LYS A 567 9.34 17.55 -13.23
C LYS A 567 9.09 16.05 -13.13
N GLY A 568 8.81 15.44 -14.28
CA GLY A 568 8.58 14.02 -14.37
C GLY A 568 7.43 13.57 -13.49
N PRO A 569 7.61 12.47 -12.79
CA PRO A 569 6.57 11.92 -11.92
C PRO A 569 6.45 12.66 -10.58
N GLU A 570 6.28 13.98 -10.67
CA GLU A 570 6.19 14.81 -9.47
C GLU A 570 4.80 14.73 -8.82
N LEU A 571 3.79 14.29 -9.55
CA LEU A 571 2.42 14.28 -9.04
C LEU A 571 2.05 13.00 -8.30
N LEU A 572 2.90 11.98 -8.34
CA LEU A 572 2.53 10.72 -7.70
C LEU A 572 2.61 10.85 -6.19
N ASN A 573 1.59 10.33 -5.50
CA ASN A 573 1.52 10.38 -4.05
C ASN A 573 1.17 8.99 -3.52
N LYS A 574 1.64 8.71 -2.31
CA LYS A 574 1.50 7.38 -1.73
C LYS A 574 0.12 7.12 -1.17
N TYR A 575 -0.73 8.15 -1.08
CA TYR A 575 -2.06 7.95 -0.52
C TYR A 575 -3.07 7.67 -1.62
N VAL A 576 -4.20 7.10 -1.23
CA VAL A 576 -5.24 6.73 -2.18
C VAL A 576 -5.95 7.99 -2.67
N GLY A 577 -6.01 8.16 -3.99
CA GLY A 577 -6.77 9.24 -4.58
C GLY A 577 -6.03 10.56 -4.67
N GLU A 578 -5.10 10.79 -3.74
CA GLU A 578 -4.37 12.05 -3.75
C GLU A 578 -3.43 12.14 -4.94
N SER A 579 -2.97 11.01 -5.46
CA SER A 579 -2.16 11.04 -6.67
C SER A 579 -2.98 11.47 -7.87
N GLU A 580 -4.23 11.00 -7.97
CA GLU A 580 -5.09 11.40 -9.08
C GLU A 580 -5.67 12.80 -8.88
N ARG A 581 -5.90 13.21 -7.63
CA ARG A 581 -6.40 14.55 -7.38
C ARG A 581 -5.38 15.63 -7.74
N ALA A 582 -4.09 15.33 -7.62
CA ALA A 582 -3.07 16.29 -8.02
C ALA A 582 -3.11 16.57 -9.52
N VAL A 583 -3.34 15.54 -10.34
CA VAL A 583 -3.45 15.77 -11.77
C VAL A 583 -4.68 16.59 -12.11
N ARG A 584 -5.82 16.26 -11.48
CA ARG A 584 -7.03 17.04 -11.73
C ARG A 584 -6.90 18.46 -11.22
N GLN A 585 -6.28 18.63 -10.05
CA GLN A 585 -6.03 19.97 -9.55
C GLN A 585 -5.01 20.71 -10.41
N LEU A 586 -4.13 19.97 -11.10
CA LEU A 586 -3.16 20.62 -11.97
C LEU A 586 -3.86 21.36 -13.10
N PHE A 587 -4.87 20.73 -13.69
CA PHE A 587 -5.63 21.38 -14.75
C PHE A 587 -6.71 22.28 -14.20
N SER A 588 -7.03 22.14 -12.91
CA SER A 588 -8.01 23.02 -12.29
C SER A 588 -7.46 24.43 -12.14
N ARG A 589 -6.14 24.58 -12.10
CA ARG A 589 -5.51 25.89 -12.09
C ARG A 589 -5.02 26.32 -13.46
N ALA A 590 -4.72 25.38 -14.36
CA ALA A 590 -4.31 25.76 -15.71
C ALA A 590 -5.46 26.42 -16.44
N LYS A 591 -6.70 25.94 -16.24
CA LYS A 591 -7.84 26.60 -16.88
C LYS A 591 -8.09 27.95 -16.24
N SER A 592 -7.99 28.03 -14.91
CA SER A 592 -8.28 29.26 -14.19
C SER A 592 -7.29 30.37 -14.49
N SER A 593 -6.10 30.03 -14.98
CA SER A 593 -5.07 31.02 -15.28
C SER A 593 -4.76 31.07 -16.78
N ALA A 594 -5.74 30.76 -17.61
CA ALA A 594 -5.50 30.78 -19.03
C ALA A 594 -5.22 32.22 -19.50
N PRO A 595 -4.29 32.41 -20.44
CA PRO A 595 -3.50 31.34 -21.05
C PRO A 595 -2.41 30.83 -20.12
N CYS A 596 -2.20 29.51 -20.11
CA CYS A 596 -1.19 28.90 -19.26
C CYS A 596 -0.45 27.84 -20.08
N ILE A 597 0.84 27.70 -19.81
CA ILE A 597 1.66 26.71 -20.48
C ILE A 597 2.00 25.62 -19.48
N LEU A 598 1.56 24.40 -19.75
CA LEU A 598 1.92 23.24 -18.97
C LEU A 598 3.07 22.53 -19.66
N PHE A 599 4.19 22.41 -18.97
CA PHE A 599 5.36 21.75 -19.54
C PHE A 599 5.61 20.47 -18.76
N PHE A 600 5.36 19.33 -19.42
CA PHE A 600 5.66 18.03 -18.84
C PHE A 600 7.03 17.60 -19.35
N ASP A 601 8.05 17.76 -18.51
CA ASP A 601 9.40 17.38 -18.90
C ASP A 601 9.62 15.92 -18.55
N GLN A 602 10.23 15.19 -19.48
CA GLN A 602 10.43 13.75 -19.36
C GLN A 602 9.09 13.04 -19.11
N MET A 603 8.17 13.24 -20.04
CA MET A 603 6.81 12.76 -19.88
C MET A 603 6.69 11.26 -19.98
N ASP A 604 7.73 10.57 -20.46
CA ASP A 604 7.68 9.11 -20.55
C ASP A 604 7.58 8.45 -19.18
N ALA A 605 7.89 9.18 -18.10
CA ALA A 605 7.72 8.62 -16.77
C ALA A 605 6.34 8.86 -16.19
N LEU A 606 5.56 9.75 -16.77
CA LEU A 606 4.22 10.04 -16.28
C LEU A 606 3.13 9.30 -17.03
N VAL A 607 3.36 8.97 -18.30
CA VAL A 607 2.40 8.20 -19.08
C VAL A 607 3.12 7.04 -19.74
N PRO A 608 3.52 6.02 -18.98
CA PRO A 608 4.19 4.87 -19.57
C PRO A 608 3.21 3.96 -20.31
N ARG A 609 3.76 3.10 -21.14
CA ARG A 609 2.93 2.16 -21.89
C ARG A 609 2.20 1.26 -20.91
N ARG A 610 0.90 1.05 -21.15
CA ARG A 610 0.05 0.31 -20.23
C ARG A 610 0.20 -1.20 -20.48
N ASP A 611 1.37 -1.70 -20.10
CA ASP A 611 1.69 -3.12 -20.20
C ASP A 611 1.16 -3.85 -18.96
N ASP A 612 1.50 -5.14 -18.84
CA ASP A 612 1.08 -5.90 -17.66
C ASP A 612 1.81 -5.45 -16.40
N SER A 613 3.03 -4.95 -16.55
CA SER A 613 3.81 -4.49 -15.40
C SER A 613 3.65 -2.97 -15.31
N LEU A 614 2.49 -2.56 -14.79
CA LEU A 614 2.18 -1.15 -14.64
C LEU A 614 1.62 -0.79 -13.28
N SER A 615 1.04 -1.74 -12.55
CA SER A 615 0.47 -1.54 -11.21
C SER A 615 -0.77 -0.64 -11.28
N ASP A 616 -1.70 -0.84 -10.34
CA ASP A 616 -2.92 -0.04 -10.31
C ASP A 616 -2.72 1.24 -9.52
N ALA A 617 -1.67 1.98 -9.84
CA ALA A 617 -1.47 3.30 -9.27
C ALA A 617 -1.07 4.33 -10.31
N SER A 618 -0.21 3.98 -11.26
CA SER A 618 0.11 4.88 -12.35
C SER A 618 -0.88 4.78 -13.50
N ALA A 619 -1.53 3.63 -13.67
CA ALA A 619 -2.61 3.52 -14.65
C ALA A 619 -3.77 4.42 -14.28
N ARG A 620 -4.09 4.50 -12.99
CA ARG A 620 -5.13 5.40 -12.53
C ARG A 620 -4.76 6.86 -12.75
N VAL A 621 -3.48 7.16 -12.88
CA VAL A 621 -3.04 8.52 -13.17
C VAL A 621 -3.00 8.78 -14.67
N VAL A 622 -2.60 7.79 -15.46
CA VAL A 622 -2.60 7.96 -16.91
C VAL A 622 -4.03 8.17 -17.40
N ASN A 623 -4.98 7.39 -16.88
CA ASN A 623 -6.37 7.55 -17.28
C ASN A 623 -6.90 8.92 -16.87
N THR A 624 -6.54 9.38 -15.68
CA THR A 624 -6.96 10.70 -15.23
C THR A 624 -6.36 11.77 -16.12
N LEU A 625 -5.08 11.62 -16.48
CA LEU A 625 -4.43 12.60 -17.34
C LEU A 625 -5.03 12.60 -18.74
N LEU A 626 -5.45 11.44 -19.23
CA LEU A 626 -6.10 11.37 -20.54
C LEU A 626 -7.42 12.12 -20.55
N THR A 627 -8.23 11.97 -19.49
CA THR A 627 -9.52 12.66 -19.47
C THR A 627 -9.34 14.17 -19.35
N GLU A 628 -8.37 14.63 -18.55
CA GLU A 628 -8.15 16.06 -18.41
C GLU A 628 -7.70 16.71 -19.70
N LEU A 629 -6.85 16.02 -20.47
CA LEU A 629 -6.47 16.55 -21.78
C LEU A 629 -7.66 16.61 -22.73
N ASP A 630 -8.63 15.72 -22.56
CA ASP A 630 -9.85 15.82 -23.37
C ASP A 630 -10.67 17.03 -22.96
N GLY A 631 -10.68 17.36 -21.66
CA GLY A 631 -11.44 18.51 -21.20
C GLY A 631 -10.82 19.84 -21.56
N VAL A 632 -9.58 19.85 -22.04
CA VAL A 632 -8.96 21.09 -22.51
C VAL A 632 -9.67 21.50 -23.79
N GLY A 633 -10.49 22.55 -23.72
CA GLY A 633 -11.22 22.99 -24.88
C GLY A 633 -10.33 23.63 -25.91
N ASP A 634 -10.85 23.72 -27.14
CA ASP A 634 -10.14 24.39 -28.22
C ASP A 634 -9.93 25.87 -27.90
N ARG A 635 -10.95 26.52 -27.33
CA ARG A 635 -10.87 27.91 -26.90
C ARG A 635 -10.66 28.00 -25.39
N SER A 636 -9.91 27.06 -24.81
CA SER A 636 -9.68 27.08 -23.37
C SER A 636 -8.49 27.95 -23.00
N GLY A 637 -7.41 27.90 -23.78
CA GLY A 637 -6.24 28.69 -23.51
C GLY A 637 -5.08 27.95 -22.87
N ILE A 638 -5.17 26.64 -22.72
CA ILE A 638 -4.11 25.84 -22.12
C ILE A 638 -3.25 25.28 -23.23
N TYR A 639 -1.95 25.51 -23.14
CA TYR A 639 -0.99 25.03 -24.13
C TYR A 639 -0.08 24.03 -23.43
N VAL A 640 -0.33 22.75 -23.68
CA VAL A 640 0.41 21.69 -23.04
C VAL A 640 1.62 21.34 -23.91
N ILE A 641 2.79 21.35 -23.30
CA ILE A 641 4.03 20.98 -23.96
C ILE A 641 4.60 19.77 -23.24
N GLY A 642 4.95 18.74 -23.99
CA GLY A 642 5.59 17.57 -23.44
C GLY A 642 6.95 17.38 -24.06
N ALA A 643 7.90 16.92 -23.25
CA ALA A 643 9.25 16.65 -23.70
C ALA A 643 9.66 15.28 -23.20
N THR A 644 10.28 14.50 -24.08
CA THR A 644 10.79 13.18 -23.73
C THR A 644 11.85 12.79 -24.75
N ASN A 645 12.89 12.11 -24.28
CA ASN A 645 13.94 11.67 -25.18
C ASN A 645 13.83 10.20 -25.57
N ARG A 646 12.82 9.49 -25.06
CA ARG A 646 12.55 8.11 -25.46
C ARG A 646 11.08 8.01 -25.83
N PRO A 647 10.70 8.44 -27.04
CA PRO A 647 9.28 8.38 -27.43
C PRO A 647 8.76 6.98 -27.60
N ASP A 648 9.61 5.96 -27.58
CA ASP A 648 9.15 4.59 -27.71
C ASP A 648 8.63 4.04 -26.38
N MET A 649 8.81 4.77 -25.27
CA MET A 649 8.30 4.36 -23.98
C MET A 649 7.10 5.17 -23.52
N ILE A 650 6.63 6.10 -24.33
CA ILE A 650 5.48 6.91 -23.95
C ILE A 650 4.25 6.29 -24.58
N ASP A 651 3.12 6.39 -23.88
CA ASP A 651 1.89 5.77 -24.36
C ASP A 651 1.46 6.38 -25.69
N GLU A 652 1.02 5.53 -26.61
CA GLU A 652 0.53 6.03 -27.89
C GLU A 652 -0.85 6.68 -27.77
N ALA A 653 -1.56 6.48 -26.66
CA ALA A 653 -2.86 7.12 -26.51
C ALA A 653 -2.74 8.60 -26.21
N ILE A 654 -1.57 9.06 -25.77
CA ILE A 654 -1.40 10.48 -25.47
C ILE A 654 -1.21 11.29 -26.74
N ARG A 655 -0.86 10.65 -27.85
CA ARG A 655 -0.49 11.33 -29.08
C ARG A 655 -1.64 11.45 -30.07
N ARG A 656 -2.87 11.16 -29.63
CA ARG A 656 -4.03 11.35 -30.48
C ARG A 656 -4.45 12.82 -30.52
N PRO A 657 -5.18 13.22 -31.56
CA PRO A 657 -5.72 14.58 -31.61
C PRO A 657 -6.65 14.88 -30.45
N GLY A 658 -6.61 16.13 -29.99
CA GLY A 658 -7.27 16.58 -28.77
C GLY A 658 -6.33 16.41 -27.60
N ARG A 659 -5.57 15.33 -27.61
CA ARG A 659 -4.44 15.11 -26.72
C ARG A 659 -3.19 15.65 -27.39
N LEU A 660 -2.01 15.25 -26.93
CA LEU A 660 -0.77 15.79 -27.49
C LEU A 660 -0.57 15.26 -28.90
N GLY A 661 -1.42 15.68 -29.81
CA GLY A 661 -1.41 15.23 -31.19
C GLY A 661 -0.41 15.95 -32.08
N THR A 662 0.25 16.99 -31.59
CA THR A 662 1.24 17.70 -32.37
C THR A 662 2.62 17.22 -31.92
N SER A 663 3.40 16.70 -32.86
CA SER A 663 4.74 16.19 -32.57
C SER A 663 5.76 17.05 -33.28
N ILE A 664 6.73 17.56 -32.53
CA ILE A 664 7.83 18.34 -33.07
C ILE A 664 9.11 17.57 -32.80
N TYR A 665 9.87 17.27 -33.84
CA TYR A 665 11.10 16.51 -33.69
C TYR A 665 12.27 17.47 -33.56
N VAL A 666 12.97 17.40 -32.43
CA VAL A 666 14.18 18.16 -32.19
C VAL A 666 15.34 17.18 -32.27
N GLY A 667 16.17 17.32 -33.29
CA GLY A 667 17.23 16.35 -33.51
C GLY A 667 18.62 16.95 -33.50
N LEU A 668 19.61 16.17 -33.92
CA LEU A 668 20.97 16.66 -33.92
C LEU A 668 21.12 17.78 -34.94
N PRO A 669 21.91 18.81 -34.65
CA PRO A 669 22.14 19.87 -35.63
C PRO A 669 23.02 19.38 -36.77
N SER A 670 22.88 20.04 -37.91
CA SER A 670 23.77 19.82 -39.03
C SER A 670 25.04 20.67 -38.84
N ALA A 671 25.98 20.51 -39.78
CA ALA A 671 27.24 21.24 -39.68
C ALA A 671 27.01 22.74 -39.73
N GLU A 672 26.12 23.20 -40.62
CA GLU A 672 25.77 24.63 -40.64
C GLU A 672 24.96 25.01 -39.43
N ASP A 673 24.17 24.09 -38.89
CA ASP A 673 23.35 24.38 -37.71
C ASP A 673 24.22 24.59 -36.47
N ARG A 674 25.29 23.80 -36.33
CA ARG A 674 26.15 23.93 -35.16
C ARG A 674 26.86 25.27 -35.11
N VAL A 675 27.06 25.92 -36.26
CA VAL A 675 27.67 27.24 -36.26
C VAL A 675 26.79 28.25 -35.55
N LYS A 676 25.48 28.21 -35.80
CA LYS A 676 24.58 29.11 -35.09
C LYS A 676 24.56 28.80 -33.60
N ILE A 677 24.61 27.51 -33.25
CA ILE A 677 24.55 27.13 -31.85
C ILE A 677 25.84 27.50 -31.14
N LEU A 678 26.99 27.25 -31.77
CA LEU A 678 28.26 27.59 -31.12
C LEU A 678 28.40 29.09 -30.97
N LYS A 679 27.97 29.86 -31.97
CA LYS A 679 27.99 31.31 -31.83
C LYS A 679 27.05 31.75 -30.72
N THR A 680 25.88 31.11 -30.62
CA THR A 680 24.94 31.46 -29.58
C THR A 680 25.52 31.20 -28.20
N LEU A 681 26.18 30.05 -28.02
CA LEU A 681 26.71 29.72 -26.71
C LEU A 681 27.85 30.65 -26.33
N TYR A 682 28.77 30.92 -27.26
CA TYR A 682 29.90 31.79 -26.94
C TYR A 682 29.43 33.21 -26.68
N ARG A 683 28.41 33.67 -27.42
CA ARG A 683 27.92 35.03 -27.25
C ARG A 683 27.29 35.24 -25.88
N ASN A 684 26.57 34.24 -25.37
CA ASN A 684 25.85 34.39 -24.11
C ASN A 684 26.74 34.25 -22.89
N THR A 685 28.01 33.86 -23.05
CA THR A 685 28.91 33.73 -21.92
C THR A 685 29.87 34.91 -21.76
N VAL A 686 30.18 35.62 -22.83
CA VAL A 686 31.09 36.75 -22.75
C VAL A 686 30.36 37.98 -22.23
N THR A 714 38.06 36.15 -29.64
CA THR A 714 37.70 34.96 -30.40
C THR A 714 36.82 35.34 -31.58
N THR A 715 36.01 36.38 -31.40
CA THR A 715 35.08 36.86 -32.43
C THR A 715 34.13 35.76 -32.89
N ASP A 716 33.58 35.92 -34.09
CA ASP A 716 32.64 34.97 -34.65
C ASP A 716 33.18 34.20 -35.84
N ALA A 717 34.25 34.67 -36.47
CA ALA A 717 34.84 33.93 -37.58
C ALA A 717 35.55 32.67 -37.10
N ASP A 718 36.13 32.70 -35.91
CA ASP A 718 36.80 31.52 -35.37
C ASP A 718 35.80 30.47 -34.90
N LEU A 719 34.61 30.90 -34.48
CA LEU A 719 33.58 29.97 -34.04
C LEU A 719 33.10 29.08 -35.18
N GLU A 720 33.06 29.62 -36.40
CA GLU A 720 32.67 28.80 -37.55
C GLU A 720 33.68 27.68 -37.78
N LYS A 721 34.97 27.97 -37.64
CA LYS A 721 35.98 26.93 -37.85
C LYS A 721 35.85 25.83 -36.81
N VAL A 722 35.60 26.21 -35.55
CA VAL A 722 35.46 25.22 -34.48
C VAL A 722 34.24 24.34 -34.70
N ALA A 723 33.11 24.95 -35.04
CA ALA A 723 31.86 24.20 -35.19
C ALA A 723 31.84 23.36 -36.47
N LEU A 724 32.53 23.80 -37.51
CA LEU A 724 32.57 23.03 -38.75
C LEU A 724 33.63 21.93 -38.73
N ASP A 725 34.43 21.84 -37.67
CA ASP A 725 35.44 20.79 -37.61
C ASP A 725 34.77 19.42 -37.61
N LEU A 726 35.41 18.46 -38.29
CA LEU A 726 34.84 17.13 -38.42
C LEU A 726 34.78 16.38 -37.09
N ARG A 727 35.51 16.83 -36.07
CA ARG A 727 35.44 16.18 -34.78
C ARG A 727 34.13 16.43 -34.04
N CYS A 728 33.31 17.38 -34.50
CA CYS A 728 32.01 17.66 -33.89
C CYS A 728 30.86 17.08 -34.68
N THR A 729 31.08 15.94 -35.34
CA THR A 729 30.10 15.42 -36.30
C THR A 729 28.78 15.08 -35.62
N GLY A 730 28.84 14.44 -34.46
CA GLY A 730 27.65 14.03 -33.73
C GLY A 730 27.30 14.91 -32.54
N PHE A 731 27.88 16.10 -32.43
CA PHE A 731 27.65 16.94 -31.26
C PHE A 731 26.21 17.41 -31.22
N SER A 732 25.60 17.33 -30.04
CA SER A 732 24.28 17.89 -29.83
C SER A 732 24.43 19.31 -29.28
N GLY A 733 23.32 19.90 -28.83
CA GLY A 733 23.42 21.21 -28.20
C GLY A 733 24.19 21.18 -26.90
N ALA A 734 23.97 20.15 -26.09
CA ALA A 734 24.70 20.02 -24.83
C ALA A 734 26.18 19.77 -25.08
N ASP A 735 26.50 18.99 -26.10
CA ASP A 735 27.89 18.70 -26.42
C ASP A 735 28.65 19.97 -26.82
N LEU A 736 27.99 20.85 -27.57
CA LEU A 736 28.61 22.13 -27.90
C LEU A 736 28.83 22.98 -26.66
N GLY A 737 27.91 22.93 -25.70
CA GLY A 737 28.15 23.58 -24.43
C GLY A 737 29.31 22.98 -23.67
N ASN A 738 29.44 21.65 -23.72
CA ASN A 738 30.60 20.99 -23.12
C ASN A 738 31.88 21.36 -23.84
N LEU A 739 31.82 21.53 -25.16
CA LEU A 739 33.02 21.95 -25.89
C LEU A 739 33.49 23.32 -25.43
N MET A 740 32.56 24.24 -25.21
CA MET A 740 32.95 25.57 -24.74
C MET A 740 33.52 25.50 -23.33
N GLN A 741 32.94 24.66 -22.47
CA GLN A 741 33.46 24.52 -21.11
C GLN A 741 34.85 23.89 -21.13
N ALA A 742 35.08 22.91 -22.00
CA ALA A 742 36.41 22.32 -22.10
C ALA A 742 37.44 23.34 -22.56
N ALA A 743 37.08 24.19 -23.51
CA ALA A 743 37.98 25.25 -23.94
C ALA A 743 38.23 26.25 -22.82
N ALA A 744 37.19 26.57 -22.05
CA ALA A 744 37.38 27.49 -20.93
C ALA A 744 38.31 26.91 -19.87
N GLN A 745 38.16 25.62 -19.56
CA GLN A 745 39.07 25.00 -18.60
C GLN A 745 40.48 24.96 -19.15
N ALA A 746 40.64 24.68 -20.43
CA ALA A 746 41.97 24.69 -21.02
C ALA A 746 42.58 26.08 -20.97
N CYS A 747 41.77 27.13 -21.03
CA CYS A 747 42.31 28.47 -20.89
C CYS A 747 42.86 28.70 -19.49
N LEU A 748 42.14 28.25 -18.46
CA LEU A 748 42.59 28.48 -17.09
C LEU A 748 43.85 27.70 -16.77
N GLU A 749 43.98 26.48 -17.31
CA GLU A 749 45.22 25.73 -17.14
C GLU A 749 46.39 26.45 -17.77
N ARG A 750 46.17 27.02 -18.95
CA ARG A 750 47.18 27.83 -19.60
C ARG A 750 47.47 29.09 -18.78
N VAL A 751 46.42 29.70 -18.22
CA VAL A 751 46.61 30.90 -17.41
C VAL A 751 47.41 30.59 -16.15
N TYR A 752 47.13 29.45 -15.50
CA TYR A 752 47.86 29.12 -14.28
C TYR A 752 49.36 28.99 -14.56
N THR A 753 49.72 28.33 -15.65
CA THR A 753 51.13 28.25 -16.02
C THR A 753 51.63 29.57 -16.57
N GLN A 754 50.74 30.36 -17.18
CA GLN A 754 51.13 31.66 -17.71
C GLN A 754 51.54 32.61 -16.60
N ARG A 755 50.83 32.58 -15.47
CA ARG A 755 51.12 33.48 -14.37
C ARG A 755 52.23 32.98 -13.46
N GLN A 756 52.76 31.78 -13.71
CA GLN A 756 53.90 31.29 -12.95
C GLN A 756 55.22 31.59 -13.64
N GLN A 757 55.21 31.75 -14.96
CA GLN A 757 56.42 32.10 -15.70
C GLN A 757 56.61 33.61 -15.82
N LYS A 758 55.52 34.37 -15.83
CA LYS A 758 55.60 35.82 -15.90
C LYS A 758 55.71 36.49 -14.53
N ARG A 759 55.57 35.73 -13.45
CA ARG A 759 55.67 36.28 -12.11
C ARG A 759 56.84 35.71 -11.31
N LYS A 760 57.14 34.42 -11.48
CA LYS A 760 58.21 33.79 -10.74
C LYS A 760 58.74 32.56 -11.46
N GLU A 768 51.02 40.34 -7.27
CA GLU A 768 50.23 41.12 -8.21
C GLU A 768 49.19 40.25 -8.89
N GLU A 769 47.93 40.68 -8.83
CA GLU A 769 46.81 39.97 -9.43
C GLU A 769 46.30 40.80 -10.60
N GLU A 770 46.91 40.60 -11.77
CA GLU A 770 46.49 41.32 -12.97
C GLU A 770 46.45 40.40 -14.19
N ILE A 771 46.32 39.09 -13.99
CA ILE A 771 46.31 38.15 -15.11
C ILE A 771 44.95 38.20 -15.80
N GLU A 772 44.97 38.15 -17.13
CA GLU A 772 43.76 38.28 -17.93
C GLU A 772 43.47 36.97 -18.63
N PRO A 773 42.51 36.16 -18.16
CA PRO A 773 42.17 34.93 -18.88
C PRO A 773 41.22 35.24 -20.04
N VAL A 774 41.62 34.85 -21.24
CA VAL A 774 40.82 35.04 -22.44
C VAL A 774 40.81 33.74 -23.23
N ILE A 775 39.63 33.33 -23.69
CA ILE A 775 39.53 32.08 -24.44
C ILE A 775 40.13 32.30 -25.81
N THR A 776 41.22 31.61 -26.10
CA THR A 776 41.91 31.76 -27.37
C THR A 776 41.58 30.61 -28.31
N MET A 777 42.01 30.75 -29.57
CA MET A 777 41.72 29.75 -30.57
C MET A 777 42.45 28.44 -30.28
N GLU A 778 43.63 28.52 -29.67
CA GLU A 778 44.38 27.31 -29.31
C GLU A 778 43.68 26.53 -28.20
N ASP A 779 42.89 27.21 -27.37
CA ASP A 779 42.12 26.48 -26.36
C ASP A 779 41.03 25.65 -27.01
N TRP A 780 40.43 26.16 -28.08
CA TRP A 780 39.44 25.37 -28.80
C TRP A 780 40.10 24.18 -29.48
N GLU A 781 41.37 24.31 -29.87
CA GLU A 781 42.05 23.23 -30.57
C GLU A 781 42.19 21.99 -29.70
N LYS A 782 42.56 22.16 -28.43
CA LYS A 782 42.67 21.02 -27.54
C LYS A 782 41.35 20.64 -26.89
N ALA A 783 40.35 21.52 -26.96
CA ALA A 783 39.01 21.16 -26.50
C ALA A 783 38.31 20.24 -27.48
N LEU A 784 38.60 20.40 -28.77
CA LEU A 784 38.01 19.52 -29.77
C LEU A 784 38.50 18.10 -29.62
N ASN A 785 39.73 17.92 -29.14
CA ASN A 785 40.30 16.59 -29.04
C ASN A 785 39.70 15.80 -27.88
N GLU A 786 39.38 16.47 -26.77
CA GLU A 786 38.99 15.78 -25.55
C GLU A 786 37.49 15.78 -25.31
N VAL A 787 36.69 16.15 -26.30
CA VAL A 787 35.24 16.14 -26.17
C VAL A 787 34.64 15.25 -27.25
N LYS A 788 33.84 14.28 -26.84
CA LYS A 788 33.16 13.35 -27.72
C LYS A 788 31.66 13.51 -27.60
N PRO A 789 30.91 13.22 -28.66
CA PRO A 789 29.45 13.38 -28.61
C PRO A 789 28.81 12.50 -27.55
N SER A 790 27.81 13.05 -26.86
CA SER A 790 27.09 12.29 -25.84
C SER A 790 26.07 11.32 -26.42
N VAL A 791 25.66 11.51 -27.67
CA VAL A 791 24.70 10.63 -28.31
C VAL A 791 25.44 9.53 -29.04
N LYS A 792 25.11 8.29 -28.73
CA LYS A 792 25.81 7.16 -29.34
C LYS A 792 25.23 6.84 -30.73
N ASP A 793 23.94 6.52 -30.79
CA ASP A 793 23.28 6.21 -32.05
C ASP A 793 22.27 7.31 -32.36
N PRO A 794 22.57 8.22 -33.28
CA PRO A 794 21.58 9.25 -33.63
C PRO A 794 20.27 8.68 -34.16
N GLU A 795 20.33 7.58 -34.90
CA GLU A 795 19.13 6.97 -35.48
C GLU A 795 18.36 6.14 -34.47
N LYS A 796 18.88 5.93 -33.27
CA LYS A 796 18.13 5.21 -32.25
C LYS A 796 16.92 6.01 -31.79
N TYR A 797 16.99 7.33 -31.88
CA TYR A 797 15.92 8.21 -31.40
C TYR A 797 14.97 8.65 -32.51
N MET A 798 15.15 8.17 -33.74
CA MET A 798 14.23 8.49 -34.83
C MET A 798 13.16 7.42 -35.02
N HIS A 799 13.10 6.43 -34.14
CA HIS A 799 12.11 5.36 -34.23
C HIS A 799 11.05 5.56 -33.16
N SER A 800 9.79 5.39 -33.53
CA SER A 800 8.69 5.51 -32.58
C SER A 800 7.57 4.53 -32.92
N ARG B 193 -2.22 45.94 25.58
CA ARG B 193 -2.50 46.14 24.15
C ARG B 193 -1.63 47.24 23.57
N THR B 194 -0.33 47.16 23.84
CA THR B 194 0.64 48.15 23.40
C THR B 194 1.78 47.47 22.67
N PRO B 195 2.40 48.16 21.72
CA PRO B 195 3.51 47.56 20.97
C PRO B 195 4.71 47.33 21.87
N PRO B 196 5.43 46.23 21.67
CA PRO B 196 6.66 45.93 22.45
C PRO B 196 7.92 46.52 21.81
N THR B 197 8.11 47.82 22.01
CA THR B 197 9.21 48.53 21.37
C THR B 197 10.54 48.22 22.04
N LYS B 198 10.97 46.96 21.96
CA LYS B 198 12.28 46.56 22.47
C LYS B 198 13.20 45.98 21.42
N VAL B 199 12.68 45.51 20.29
CA VAL B 199 13.49 45.08 19.16
C VAL B 199 13.45 46.16 18.11
N SER B 200 14.62 46.71 17.79
CA SER B 200 14.76 47.85 16.90
C SER B 200 15.18 47.40 15.50
N ILE B 201 15.11 48.35 14.57
CA ILE B 201 15.48 48.08 13.19
C ILE B 201 16.94 47.65 13.11
N LEU B 202 17.78 48.20 13.99
CA LEU B 202 19.18 47.80 14.00
C LEU B 202 19.35 46.32 14.32
N ASP B 203 18.35 45.71 14.96
CA ASP B 203 18.40 44.29 15.28
C ASP B 203 18.14 43.39 14.08
N ILE B 204 17.63 43.94 12.98
CA ILE B 204 17.34 43.17 11.77
C ILE B 204 18.12 43.77 10.60
N ALA B 205 18.88 42.93 9.91
CA ALA B 205 19.74 43.37 8.82
C ALA B 205 19.70 42.34 7.71
N GLY B 206 20.15 42.76 6.53
CA GLY B 206 20.16 41.88 5.38
C GLY B 206 18.84 41.75 4.65
N VAL B 207 17.83 42.52 5.04
CA VAL B 207 16.49 42.43 4.45
C VAL B 207 16.20 43.76 3.77
N ASP B 208 17.25 44.36 3.20
CA ASP B 208 17.14 45.71 2.62
C ASP B 208 16.04 45.80 1.59
N ASP B 209 15.92 44.80 0.71
CA ASP B 209 14.84 44.81 -0.26
C ASP B 209 13.47 44.74 0.42
N THR B 210 13.34 43.86 1.43
CA THR B 210 12.07 43.76 2.15
C THR B 210 11.73 45.03 2.90
N LEU B 211 12.73 45.66 3.53
CA LEU B 211 12.47 46.90 4.25
C LEU B 211 12.01 48.00 3.32
N GLN B 212 12.60 48.08 2.11
CA GLN B 212 12.14 49.05 1.12
C GLN B 212 10.71 48.75 0.70
N ARG B 213 10.38 47.47 0.52
CA ARG B 213 9.03 47.11 0.12
C ARG B 213 8.02 47.41 1.22
N LEU B 214 8.33 47.02 2.46
CA LEU B 214 7.40 47.19 3.56
C LEU B 214 7.25 48.63 4.02
N LEU B 215 8.09 49.55 3.52
CA LEU B 215 7.91 50.95 3.89
C LEU B 215 6.64 51.52 3.29
N LYS B 216 6.19 50.99 2.16
CA LYS B 216 4.96 51.43 1.53
C LYS B 216 3.82 50.43 1.66
N GLU B 217 4.11 49.16 1.92
CA GLU B 217 3.04 48.17 2.11
C GLU B 217 2.53 48.13 3.54
N VAL B 218 3.32 48.57 4.52
CA VAL B 218 2.93 48.49 5.92
C VAL B 218 2.97 49.86 6.58
N TRP B 219 4.13 50.53 6.49
CA TRP B 219 4.29 51.80 7.19
C TRP B 219 3.36 52.85 6.61
N PHE B 220 3.27 52.94 5.28
CA PHE B 220 2.45 53.99 4.69
C PHE B 220 0.98 53.87 5.03
N PRO B 221 0.33 52.70 4.90
CA PRO B 221 -1.10 52.65 5.26
C PRO B 221 -1.36 52.92 6.74
N LEU B 222 -0.35 52.76 7.59
CA LEU B 222 -0.54 52.98 9.02
C LEU B 222 -0.14 54.39 9.45
N ARG B 223 1.04 54.85 9.04
CA ARG B 223 1.52 56.17 9.40
C ARG B 223 1.14 57.24 8.38
N GLY B 224 0.53 56.85 7.27
CA GLY B 224 0.12 57.81 6.25
C GLY B 224 -1.36 57.69 5.94
N GLY B 225 -2.16 57.49 6.99
CA GLY B 225 -3.59 57.36 6.79
C GLY B 225 -4.22 58.64 6.26
N GLU B 226 -3.68 59.79 6.67
CA GLU B 226 -4.24 61.07 6.25
C GLU B 226 -4.15 61.23 4.73
N ALA B 227 -3.06 60.76 4.12
CA ALA B 227 -2.94 60.83 2.67
C ALA B 227 -4.03 60.01 1.99
N CYS B 228 -4.30 58.82 2.52
CA CYS B 228 -5.37 57.99 1.94
C CYS B 228 -6.74 58.60 2.20
N GLU B 229 -6.88 59.39 3.27
CA GLU B 229 -8.14 60.04 3.57
C GLU B 229 -8.45 61.16 2.58
N LYS B 230 -7.41 61.82 2.06
CA LYS B 230 -7.62 62.89 1.11
C LYS B 230 -8.34 62.40 -0.14
N MET B 231 -7.94 61.23 -0.63
CA MET B 231 -8.56 60.64 -1.82
C MET B 231 -9.69 59.69 -1.48
N GLY B 232 -10.06 59.55 -0.22
CA GLY B 232 -11.18 58.69 0.15
C GLY B 232 -10.97 57.23 -0.17
N TYR B 233 -9.78 56.71 0.10
CA TYR B 233 -9.41 55.34 -0.23
C TYR B 233 -9.12 54.56 1.04
N ARG B 234 -9.73 53.39 1.16
CA ARG B 234 -9.47 52.51 2.30
C ARG B 234 -8.27 51.65 1.93
N TYR B 235 -7.12 51.97 2.51
CA TYR B 235 -5.89 51.23 2.27
C TYR B 235 -5.68 50.23 3.39
N ASP B 236 -6.59 49.27 3.49
CA ASP B 236 -6.45 48.15 4.39
C ASP B 236 -5.67 47.05 3.67
N ASN B 237 -4.46 46.80 4.12
CA ASN B 237 -3.54 45.92 3.42
C ASN B 237 -3.26 44.68 4.26
N GLY B 238 -2.99 43.58 3.58
CA GLY B 238 -2.64 42.35 4.24
C GLY B 238 -1.33 41.80 3.70
N VAL B 239 -0.34 41.63 4.56
CA VAL B 239 1.01 41.25 4.15
C VAL B 239 1.33 39.90 4.76
N LEU B 240 1.81 38.99 3.93
CA LEU B 240 2.21 37.64 4.34
C LEU B 240 3.71 37.50 4.15
N LEU B 241 4.42 37.13 5.21
CA LEU B 241 5.84 36.88 5.15
C LEU B 241 6.07 35.37 5.13
N HIS B 242 6.86 34.92 4.16
CA HIS B 242 7.21 33.50 4.08
C HIS B 242 8.66 33.37 3.67
N GLY B 243 9.23 32.22 4.00
CA GLY B 243 10.61 31.94 3.70
C GLY B 243 11.12 30.80 4.55
N PRO B 244 12.38 30.42 4.38
CA PRO B 244 12.94 29.35 5.20
C PRO B 244 12.92 29.73 6.67
N SER B 245 12.79 28.71 7.51
CA SER B 245 12.79 28.93 8.95
C SER B 245 14.13 29.52 9.39
N GLY B 246 14.06 30.56 10.22
CA GLY B 246 15.26 31.23 10.68
C GLY B 246 15.67 32.44 9.88
N CYS B 247 14.89 32.85 8.89
CA CYS B 247 15.23 34.02 8.08
C CYS B 247 14.82 35.34 8.72
N GLY B 248 14.48 35.34 10.00
CA GLY B 248 14.18 36.58 10.69
C GLY B 248 12.78 37.12 10.48
N LYS B 249 11.83 36.26 10.14
CA LYS B 249 10.46 36.71 9.91
C LYS B 249 9.83 37.25 11.18
N THR B 250 10.01 36.56 12.31
CA THR B 250 9.40 37.02 13.55
C THR B 250 10.07 38.27 14.07
N THR B 251 11.39 38.36 13.95
CA THR B 251 12.07 39.58 14.42
C THR B 251 11.74 40.76 13.53
N LEU B 252 11.55 40.53 12.23
CA LEU B 252 11.17 41.63 11.33
C LEU B 252 9.81 42.18 11.71
N ALA B 253 8.84 41.31 12.02
CA ALA B 253 7.52 41.79 12.36
C ALA B 253 7.54 42.60 13.66
N HIS B 254 8.29 42.12 14.66
CA HIS B 254 8.34 42.84 15.92
C HIS B 254 9.20 44.09 15.81
N ALA B 255 10.25 44.06 14.99
CA ALA B 255 11.02 45.27 14.75
C ALA B 255 10.18 46.32 14.05
N ILE B 256 9.39 45.90 13.06
CA ILE B 256 8.53 46.84 12.36
C ILE B 256 7.45 47.35 13.30
N ALA B 257 6.87 46.46 14.11
CA ALA B 257 5.80 46.87 15.01
C ALA B 257 6.30 47.90 16.02
N GLY B 258 7.50 47.69 16.56
CA GLY B 258 8.05 48.65 17.49
C GLY B 258 8.51 49.94 16.83
N SER B 259 8.83 49.89 15.54
CA SER B 259 9.26 51.09 14.83
C SER B 259 8.08 52.02 14.54
N ILE B 260 6.97 51.45 14.10
CA ILE B 260 5.84 52.28 13.70
C ILE B 260 5.21 52.95 14.92
N GLY B 261 5.07 52.22 16.01
CA GLY B 261 4.54 52.80 17.22
C GLY B 261 3.03 52.82 17.31
N VAL B 262 2.33 52.40 16.25
CA VAL B 262 0.88 52.31 16.29
C VAL B 262 0.48 51.14 17.17
N ALA B 263 -0.81 51.04 17.48
CA ALA B 263 -1.29 49.93 18.29
C ALA B 263 -0.92 48.61 17.62
N PHE B 264 -0.40 47.69 18.42
CA PHE B 264 0.08 46.40 17.92
C PHE B 264 -0.61 45.32 18.74
N ILE B 265 -1.22 44.36 18.05
CA ILE B 265 -1.90 43.26 18.69
C ILE B 265 -1.22 41.97 18.26
N PRO B 266 -0.28 41.47 19.05
CA PRO B 266 0.34 40.18 18.75
C PRO B 266 -0.61 39.05 19.07
N VAL B 267 -0.78 38.16 18.10
CA VAL B 267 -1.67 37.02 18.24
C VAL B 267 -0.85 35.79 17.90
N SER B 268 -0.67 34.91 18.88
CA SER B 268 -0.12 33.60 18.67
C SER B 268 -1.25 32.63 18.38
N ALA B 269 -1.09 31.84 17.32
CA ALA B 269 -2.21 31.05 16.81
C ALA B 269 -2.79 30.11 17.87
N PRO B 270 -2.00 29.34 18.62
CA PRO B 270 -2.62 28.46 19.62
C PRO B 270 -3.35 29.21 20.71
N SER B 271 -3.05 30.49 20.93
CA SER B 271 -3.65 31.20 22.06
C SER B 271 -5.12 31.52 21.85
N VAL B 272 -5.62 31.40 20.61
CA VAL B 272 -7.02 31.71 20.33
C VAL B 272 -7.93 30.51 20.51
N ILE B 273 -7.36 29.34 20.81
CA ILE B 273 -8.15 28.12 20.97
C ILE B 273 -8.76 28.09 22.36
N GLY B 274 -10.08 27.86 22.41
CA GLY B 274 -10.80 27.77 23.66
C GLY B 274 -11.40 26.39 23.85
N GLY B 275 -11.75 26.04 25.08
CA GLY B 275 -12.33 24.73 25.33
C GLY B 275 -13.79 24.62 24.97
N THR B 276 -14.52 25.72 25.00
CA THR B 276 -15.94 25.67 24.70
C THR B 276 -16.16 25.45 23.21
N SER B 277 -17.38 25.08 22.85
CA SER B 277 -17.70 24.71 21.48
C SER B 277 -17.74 25.91 20.53
N GLY B 278 -17.71 27.12 21.06
CA GLY B 278 -17.73 28.30 20.23
C GLY B 278 -16.72 29.34 20.68
N GLU B 279 -16.04 29.06 21.80
CA GLU B 279 -15.10 30.02 22.34
C GLU B 279 -13.92 30.24 21.39
N SER B 280 -13.48 29.17 20.73
CA SER B 280 -12.32 29.28 19.86
C SER B 280 -12.57 30.23 18.70
N GLU B 281 -13.76 30.15 18.09
CA GLU B 281 -14.08 31.07 17.00
C GLU B 281 -14.34 32.48 17.52
N LYS B 282 -14.93 32.59 18.71
CA LYS B 282 -15.22 33.90 19.27
C LYS B 282 -13.94 34.68 19.56
N ASN B 283 -12.89 33.98 20.00
CA ASN B 283 -11.63 34.64 20.30
C ASN B 283 -11.05 35.29 19.05
N ILE B 284 -11.14 34.60 17.91
CA ILE B 284 -10.67 35.17 16.65
C ILE B 284 -11.57 36.33 16.23
N ARG B 285 -12.87 36.21 16.44
CA ARG B 285 -13.76 37.34 16.15
C ARG B 285 -13.41 38.53 17.03
N ASP B 286 -13.05 38.27 18.29
CA ASP B 286 -12.66 39.35 19.19
C ASP B 286 -11.38 40.03 18.73
N VAL B 287 -10.44 39.27 18.15
CA VAL B 287 -9.16 39.84 17.74
C VAL B 287 -9.36 40.89 16.65
N PHE B 288 -10.15 40.56 15.64
CA PHE B 288 -10.34 41.48 14.53
C PHE B 288 -11.26 42.64 14.92
N ASP B 289 -12.27 42.38 15.74
CA ASP B 289 -13.14 43.47 16.17
C ASP B 289 -12.37 44.47 17.04
N GLU B 290 -11.47 43.96 17.88
CA GLU B 290 -10.65 44.86 18.69
C GLU B 290 -9.74 45.70 17.81
N ALA B 291 -9.15 45.09 16.77
CA ALA B 291 -8.23 45.83 15.91
C ALA B 291 -8.96 46.96 15.17
N ILE B 292 -10.16 46.69 14.69
CA ILE B 292 -10.94 47.73 14.03
C ILE B 292 -11.25 48.84 15.02
N ARG B 293 -11.61 48.45 16.25
CA ARG B 293 -11.87 49.42 17.30
C ARG B 293 -10.61 50.20 17.66
N LEU B 294 -9.44 49.60 17.46
CA LEU B 294 -8.17 50.22 17.82
C LEU B 294 -7.40 50.68 16.59
N ALA B 295 -8.08 50.94 15.48
CA ALA B 295 -7.41 51.38 14.28
C ALA B 295 -6.80 52.76 14.50
N PRO B 296 -5.64 53.05 13.86
CA PRO B 296 -4.88 52.14 12.99
C PRO B 296 -4.12 51.08 13.77
N CYS B 297 -4.29 49.82 13.38
CA CYS B 297 -3.73 48.70 14.12
C CYS B 297 -2.98 47.77 13.20
N LEU B 298 -1.97 47.10 13.74
CA LEU B 298 -1.21 46.07 13.05
C LEU B 298 -1.46 44.74 13.74
N ILE B 299 -1.90 43.75 12.99
CA ILE B 299 -2.15 42.42 13.52
C ILE B 299 -1.04 41.50 13.02
N PHE B 300 -0.42 40.78 13.94
CA PHE B 300 0.61 39.81 13.59
C PHE B 300 0.13 38.42 13.99
N LEU B 301 -0.19 37.60 12.99
CA LEU B 301 -0.61 36.22 13.20
C LEU B 301 0.63 35.35 13.00
N ASP B 302 1.39 35.15 14.06
CA ASP B 302 2.60 34.36 13.95
C ASP B 302 2.24 32.88 13.86
N GLN B 303 2.91 32.18 12.93
CA GLN B 303 2.61 30.79 12.63
C GLN B 303 1.14 30.63 12.23
N ILE B 304 0.79 31.30 11.14
CA ILE B 304 -0.61 31.29 10.71
C ILE B 304 -1.02 29.92 10.21
N ASP B 305 -0.06 29.14 9.69
CA ASP B 305 -0.37 27.80 9.20
C ASP B 305 -0.82 26.86 10.32
N ALA B 306 -0.60 27.23 11.59
CA ALA B 306 -1.04 26.40 12.69
C ALA B 306 -2.56 26.37 12.80
N ILE B 307 -3.21 27.50 12.51
CA ILE B 307 -4.67 27.58 12.63
C ILE B 307 -5.36 27.76 11.29
N ALA B 308 -4.64 28.12 10.24
CA ALA B 308 -5.25 28.37 8.93
C ALA B 308 -4.78 27.36 7.91
N GLY B 309 -4.72 26.10 8.31
CA GLY B 309 -4.37 25.05 7.38
C GLY B 309 -5.52 24.73 6.43
N ARG B 310 -5.20 23.94 5.41
CA ARG B 310 -6.20 23.56 4.42
C ARG B 310 -7.32 22.76 5.08
N ARG B 311 -8.50 23.35 5.19
CA ARG B 311 -9.63 22.64 5.77
C ARG B 311 -10.08 21.47 4.90
N GLU B 312 -9.64 21.43 3.64
CA GLU B 312 -9.92 20.28 2.79
C GLU B 312 -9.29 19.02 3.37
N SER B 313 -8.02 19.11 3.80
CA SER B 313 -7.37 17.99 4.47
C SER B 313 -7.58 18.01 5.97
N ALA B 314 -7.79 19.19 6.55
CA ALA B 314 -8.06 19.32 7.98
C ALA B 314 -9.54 19.00 8.21
N ASN B 315 -9.83 17.70 8.22
CA ASN B 315 -11.21 17.21 8.34
C ASN B 315 -11.61 17.27 9.81
N LYS B 316 -11.95 18.47 10.26
CA LYS B 316 -12.53 18.67 11.58
C LYS B 316 -13.37 19.94 11.53
N GLY B 317 -14.55 19.88 12.15
CA GLY B 317 -15.48 21.00 12.02
C GLY B 317 -14.99 22.27 12.70
N MET B 318 -14.40 22.15 13.89
CA MET B 318 -13.88 23.33 14.56
C MET B 318 -12.76 23.96 13.76
N GLU B 319 -11.86 23.13 13.21
CA GLU B 319 -10.75 23.66 12.42
C GLU B 319 -11.26 24.38 11.18
N SER B 320 -12.27 23.81 10.52
CA SER B 320 -12.86 24.44 9.35
C SER B 320 -13.55 25.75 9.72
N ARG B 321 -14.24 25.78 10.86
CA ARG B 321 -14.91 27.01 11.28
C ARG B 321 -13.95 28.05 11.83
N ILE B 322 -12.76 27.64 12.27
CA ILE B 322 -11.74 28.63 12.63
C ILE B 322 -11.24 29.34 11.39
N VAL B 323 -10.98 28.59 10.32
CA VAL B 323 -10.50 29.18 9.07
C VAL B 323 -11.54 30.12 8.48
N ALA B 324 -12.81 29.71 8.49
CA ALA B 324 -13.86 30.55 7.94
C ALA B 324 -14.05 31.82 8.77
N GLU B 325 -13.81 31.76 10.08
CA GLU B 325 -13.92 32.96 10.90
C GLU B 325 -12.82 33.96 10.59
N ILE B 326 -11.64 33.47 10.19
CA ILE B 326 -10.55 34.38 9.81
C ILE B 326 -10.88 35.08 8.51
N MET B 327 -11.50 34.38 7.55
CA MET B 327 -11.88 35.01 6.30
C MET B 327 -12.87 36.15 6.55
N ASN B 328 -13.87 35.91 7.38
CA ASN B 328 -14.82 36.98 7.70
C ASN B 328 -14.12 38.11 8.46
N GLY B 329 -13.21 37.76 9.36
CA GLY B 329 -12.49 38.79 10.10
C GLY B 329 -11.64 39.67 9.22
N MET B 330 -10.95 39.07 8.25
CA MET B 330 -10.13 39.85 7.34
C MET B 330 -10.95 40.66 6.34
N ASP B 331 -12.24 40.39 6.21
CA ASP B 331 -13.11 41.18 5.36
C ASP B 331 -13.81 42.28 6.13
N ARG B 332 -14.05 42.07 7.43
CA ARG B 332 -14.62 43.12 8.26
C ARG B 332 -13.66 44.28 8.40
N ILE B 333 -12.36 44.00 8.42
CA ILE B 333 -11.36 45.07 8.48
C ILE B 333 -11.44 45.95 7.25
N ARG B 334 -11.57 45.34 6.06
CA ARG B 334 -11.59 46.08 4.82
C ARG B 334 -12.81 46.98 4.69
N GLN B 335 -13.86 46.75 5.47
CA GLN B 335 -15.11 47.48 5.33
C GLN B 335 -15.46 48.37 6.51
N ASN B 336 -15.23 47.91 7.74
CA ASN B 336 -15.66 48.65 8.92
C ASN B 336 -14.65 49.68 9.40
N THR B 337 -13.45 49.71 8.85
CA THR B 337 -12.46 50.71 9.25
C THR B 337 -12.76 52.05 8.60
N PRO B 338 -12.81 53.14 9.38
CA PRO B 338 -13.05 54.45 8.79
C PRO B 338 -11.87 54.91 7.95
N LEU B 339 -12.16 55.86 7.05
CA LEU B 339 -11.13 56.40 6.18
C LEU B 339 -10.03 57.07 7.00
N GLY B 340 -8.80 56.86 6.60
CA GLY B 340 -7.65 57.44 7.27
C GLY B 340 -7.14 56.68 8.48
N LYS B 341 -7.80 55.59 8.86
CA LYS B 341 -7.38 54.76 9.99
C LYS B 341 -7.44 53.32 9.51
N ASN B 342 -6.32 52.82 9.00
CA ASN B 342 -6.28 51.52 8.33
C ASN B 342 -5.72 50.46 9.25
N VAL B 343 -6.09 49.21 9.00
CA VAL B 343 -5.60 48.07 9.75
C VAL B 343 -4.85 47.14 8.81
N VAL B 344 -3.61 46.84 9.14
CA VAL B 344 -2.76 45.96 8.34
C VAL B 344 -2.61 44.65 9.09
N VAL B 345 -2.84 43.54 8.39
CA VAL B 345 -2.76 42.21 8.99
C VAL B 345 -1.46 41.58 8.51
N LEU B 346 -0.49 41.47 9.41
CA LEU B 346 0.75 40.77 9.14
C LEU B 346 0.60 39.30 9.56
N ALA B 347 1.23 38.42 8.78
CA ALA B 347 1.21 37.00 9.07
C ALA B 347 2.53 36.40 8.63
N ALA B 348 3.05 35.47 9.41
CA ALA B 348 4.32 34.83 9.11
C ALA B 348 4.15 33.33 9.16
N THR B 349 4.73 32.65 8.18
CA THR B 349 4.70 31.19 8.16
C THR B 349 5.83 30.68 7.27
N ASN B 350 6.48 29.62 7.73
CA ASN B 350 7.53 28.95 6.98
C ASN B 350 7.01 27.81 6.13
N ARG B 351 5.72 27.55 6.15
CA ARG B 351 5.06 26.54 5.32
C ARG B 351 3.85 27.17 4.62
N PRO B 352 4.09 28.04 3.63
CA PRO B 352 2.97 28.70 2.95
C PRO B 352 2.09 27.73 2.19
N GLU B 353 2.56 26.52 1.90
CA GLU B 353 1.73 25.56 1.17
C GLU B 353 0.65 24.94 2.07
N PHE B 354 0.76 25.09 3.39
CA PHE B 354 -0.30 24.60 4.27
C PHE B 354 -1.46 25.56 4.37
N LEU B 355 -1.32 26.79 3.89
CA LEU B 355 -2.38 27.77 4.05
C LEU B 355 -3.58 27.43 3.17
N ASP B 356 -4.75 27.81 3.66
CA ASP B 356 -5.96 27.67 2.86
C ASP B 356 -5.89 28.67 1.70
N PRO B 357 -6.06 28.23 0.46
CA PRO B 357 -5.97 29.17 -0.66
C PRO B 357 -6.98 30.31 -0.55
N ALA B 358 -8.12 30.08 0.08
CA ALA B 358 -9.05 31.18 0.30
C ALA B 358 -8.51 32.18 1.31
N ILE B 359 -7.61 31.74 2.20
CA ILE B 359 -6.95 32.65 3.12
C ILE B 359 -5.67 33.21 2.54
N ARG B 360 -4.90 32.39 1.81
CA ARG B 360 -3.67 32.89 1.21
C ARG B 360 -3.96 33.99 0.20
N ARG B 361 -5.12 33.95 -0.44
CA ARG B 361 -5.47 34.99 -1.39
C ARG B 361 -5.81 36.29 -0.70
N ARG B 362 -6.16 36.23 0.59
CA ARG B 362 -6.58 37.41 1.34
C ARG B 362 -5.41 38.28 1.74
N PHE B 363 -4.17 37.81 1.55
CA PHE B 363 -2.97 38.61 1.74
C PHE B 363 -2.53 39.19 0.40
N SER B 364 -2.70 40.50 0.24
CA SER B 364 -2.37 41.14 -1.02
C SER B 364 -0.87 41.10 -1.30
N VAL B 365 -0.04 41.08 -0.26
CA VAL B 365 1.40 41.10 -0.42
C VAL B 365 1.99 39.83 0.17
N GLU B 366 2.81 39.14 -0.61
CA GLU B 366 3.59 38.02 -0.13
C GLU B 366 5.05 38.35 -0.37
N ILE B 367 5.84 38.31 0.69
CA ILE B 367 7.25 38.68 0.63
C ILE B 367 8.06 37.44 0.93
N ASP B 368 8.93 37.05 0.00
CA ASP B 368 9.76 35.88 0.17
C ASP B 368 11.09 36.32 0.74
N MET B 369 11.36 35.94 1.99
CA MET B 369 12.60 36.26 2.66
C MET B 369 13.45 35.00 2.59
N GLY B 370 14.20 34.86 1.50
CA GLY B 370 15.01 33.68 1.29
C GLY B 370 16.24 33.69 2.15
N MET B 371 17.10 32.71 1.91
CA MET B 371 18.35 32.65 2.64
C MET B 371 19.22 33.84 2.25
N PRO B 372 19.93 34.43 3.20
CA PRO B 372 20.76 35.61 2.88
C PRO B 372 21.90 35.24 1.96
N SER B 373 22.33 36.23 1.19
CA SER B 373 23.48 36.09 0.31
C SER B 373 24.75 36.53 1.02
N GLU B 374 25.87 36.50 0.29
CA GLU B 374 27.15 36.88 0.88
C GLU B 374 27.13 38.32 1.37
N ARG B 375 26.55 39.23 0.59
CA ARG B 375 26.43 40.61 1.05
C ARG B 375 25.51 40.70 2.25
N ALA B 376 24.42 39.95 2.26
CA ALA B 376 23.49 40.03 3.38
C ALA B 376 24.09 39.42 4.65
N ARG B 377 24.82 38.31 4.53
CA ARG B 377 25.41 37.69 5.69
C ARG B 377 26.45 38.58 6.35
N GLU B 378 27.21 39.34 5.56
CA GLU B 378 28.15 40.27 6.16
C GLU B 378 27.41 41.34 6.96
N GLN B 379 26.30 41.83 6.43
CA GLN B 379 25.49 42.82 7.14
C GLN B 379 24.88 42.22 8.41
N ILE B 380 24.43 40.97 8.34
CA ILE B 380 23.84 40.33 9.51
C ILE B 380 24.87 40.18 10.61
N LEU B 381 26.09 39.77 10.26
CA LEU B 381 27.13 39.61 11.27
C LEU B 381 27.46 40.94 11.95
N ARG B 382 27.47 42.03 11.18
CA ARG B 382 27.70 43.33 11.78
C ARG B 382 26.58 43.71 12.74
N SER B 383 25.33 43.41 12.37
CA SER B 383 24.22 43.72 13.26
C SER B 383 24.23 42.84 14.50
N LEU B 384 24.62 41.57 14.36
CA LEU B 384 24.70 40.68 15.50
C LEU B 384 25.86 41.07 16.41
N THR B 385 27.03 41.29 15.81
CA THR B 385 28.22 41.71 16.55
C THR B 385 28.26 43.22 16.70
N ARG B 386 27.20 43.78 17.26
CA ARG B 386 27.03 45.22 17.39
C ARG B 386 27.29 45.71 18.81
N ASP B 387 26.83 44.98 19.82
CA ASP B 387 27.06 45.35 21.21
C ASP B 387 28.19 44.56 21.85
N LEU B 388 28.99 43.86 21.06
CA LEU B 388 30.08 43.04 21.58
C LEU B 388 31.41 43.77 21.45
N SER B 389 32.32 43.46 22.36
CA SER B 389 33.67 44.03 22.34
C SER B 389 34.49 43.22 21.34
N LEU B 390 34.40 43.62 20.08
CA LEU B 390 35.12 42.93 19.01
C LEU B 390 36.57 43.40 18.95
N ALA B 391 37.38 42.63 18.23
CA ALA B 391 38.74 43.02 17.92
C ALA B 391 38.78 43.73 16.57
N ASP B 392 39.93 44.31 16.25
CA ASP B 392 40.09 45.04 15.00
C ASP B 392 40.59 44.16 13.86
N ASP B 393 40.88 42.89 14.12
CA ASP B 393 41.31 41.96 13.08
C ASP B 393 40.15 41.22 12.43
N ILE B 394 38.91 41.52 12.80
CA ILE B 394 37.76 40.79 12.32
C ILE B 394 37.44 41.23 10.90
N ASN B 395 37.40 40.27 9.97
CA ASN B 395 37.09 40.52 8.57
C ASN B 395 35.72 39.90 8.31
N PHE B 396 34.67 40.71 8.49
CA PHE B 396 33.32 40.20 8.33
C PHE B 396 33.05 39.71 6.92
N LYS B 397 33.66 40.35 5.92
CA LYS B 397 33.47 39.92 4.56
C LYS B 397 34.11 38.56 4.31
N GLU B 398 35.06 38.16 5.16
CA GLU B 398 35.60 36.81 5.08
C GLU B 398 34.67 35.81 5.75
N LEU B 399 34.07 36.18 6.89
CA LEU B 399 33.15 35.28 7.57
C LEU B 399 31.92 35.02 6.71
N ALA B 400 31.43 36.03 5.99
CA ALA B 400 30.27 35.84 5.14
C ALA B 400 30.55 34.82 4.04
N LYS B 401 31.75 34.84 3.47
CA LYS B 401 32.08 33.91 2.40
C LYS B 401 32.32 32.50 2.93
N MET B 402 32.67 32.35 4.19
CA MET B 402 32.98 31.03 4.74
C MET B 402 31.78 30.36 5.39
N THR B 403 30.59 30.95 5.31
CA THR B 403 29.37 30.39 5.91
C THR B 403 28.26 30.36 4.86
N PRO B 404 28.41 29.54 3.81
CA PRO B 404 27.31 29.38 2.86
C PRO B 404 26.18 28.56 3.44
N GLY B 405 24.97 28.86 2.98
CA GLY B 405 23.80 28.13 3.44
C GLY B 405 23.34 28.46 4.84
N TYR B 406 23.88 29.52 5.44
CA TYR B 406 23.46 29.94 6.76
C TYR B 406 22.30 30.91 6.64
N VAL B 407 21.37 30.85 7.58
CA VAL B 407 20.28 31.81 7.68
C VAL B 407 20.55 32.73 8.85
N GLY B 408 19.70 33.75 8.98
CA GLY B 408 19.89 34.72 10.05
C GLY B 408 19.88 34.09 11.44
N SER B 409 19.18 32.99 11.61
CA SER B 409 19.19 32.31 12.91
C SER B 409 20.49 31.56 13.12
N ASP B 410 21.04 30.96 12.07
CA ASP B 410 22.31 30.23 12.18
C ASP B 410 23.46 31.17 12.48
N LEU B 411 23.48 32.35 11.87
CA LEU B 411 24.54 33.30 12.15
C LEU B 411 24.50 33.79 13.59
N GLN B 412 23.32 33.81 14.22
CA GLN B 412 23.26 34.14 15.63
C GLN B 412 23.99 33.10 16.47
N TYR B 413 23.86 31.82 16.11
CA TYR B 413 24.56 30.78 16.85
C TYR B 413 26.07 30.87 16.67
N VAL B 414 26.54 31.30 15.50
CA VAL B 414 27.97 31.51 15.31
C VAL B 414 28.47 32.57 16.28
N VAL B 415 27.72 33.65 16.44
CA VAL B 415 28.10 34.69 17.38
C VAL B 415 28.02 34.17 18.81
N LYS B 416 26.97 33.40 19.12
CA LYS B 416 26.87 32.80 20.45
C LYS B 416 28.01 31.83 20.72
N ALA B 417 28.37 31.03 19.72
CA ALA B 417 29.50 30.12 19.89
C ALA B 417 30.80 30.88 20.09
N ALA B 418 30.99 31.96 19.33
CA ALA B 418 32.20 32.76 19.48
C ALA B 418 32.28 33.41 20.85
N VAL B 419 31.14 33.88 21.37
CA VAL B 419 31.15 34.49 22.70
C VAL B 419 31.56 33.47 23.76
N SER B 420 31.03 32.25 23.67
CA SER B 420 31.39 31.23 24.66
C SER B 420 32.86 30.88 24.55
N GLU B 421 33.43 30.94 23.35
CA GLU B 421 34.86 30.68 23.18
C GLU B 421 35.70 31.75 23.85
N SER B 422 35.22 32.99 23.88
CA SER B 422 35.96 34.06 24.54
C SER B 422 36.07 33.80 26.03
N PHE B 423 35.06 33.18 26.62
CA PHE B 423 35.06 32.86 28.04
C PHE B 423 35.73 31.53 28.35
N GLN B 424 36.29 30.86 27.35
CA GLN B 424 37.01 29.62 27.62
C GLN B 424 38.23 29.88 28.50
N ALA B 425 38.95 30.97 28.24
CA ALA B 425 40.06 31.33 29.11
C ALA B 425 39.58 31.82 30.47
N ASN B 426 38.34 32.31 30.54
CA ASN B 426 37.77 32.76 31.80
C ASN B 426 37.18 31.63 32.62
N ILE B 427 36.98 30.46 32.03
CA ILE B 427 36.53 29.30 32.79
C ILE B 427 37.69 28.48 33.32
N ASP B 428 38.75 28.32 32.54
CA ASP B 428 39.91 27.58 33.05
C ASP B 428 40.50 28.29 34.26
N SER B 429 40.56 29.62 34.22
CA SER B 429 41.02 30.36 35.39
C SER B 429 40.08 30.15 36.57
N LEU B 430 38.78 30.18 36.30
CA LEU B 430 37.80 29.93 37.36
C LEU B 430 37.90 28.50 37.88
N LEU B 431 38.11 27.53 36.98
CA LEU B 431 38.29 26.15 37.44
C LEU B 431 39.56 26.00 38.26
N ALA B 432 40.65 26.60 37.79
CA ALA B 432 41.91 26.52 38.53
C ALA B 432 41.80 27.21 39.89
N GLN B 433 40.95 28.23 40.00
CA GLN B 433 40.70 28.83 41.30
C GLN B 433 40.04 27.84 42.26
N ALA B 434 39.06 27.09 41.76
CA ALA B 434 38.41 26.10 42.62
C ALA B 434 39.27 24.85 42.79
N ARG B 435 39.97 24.43 41.73
CA ARG B 435 40.80 23.24 41.83
C ARG B 435 41.96 23.44 42.78
N ALA B 436 42.49 24.65 42.88
CA ALA B 436 43.59 24.93 43.79
C ALA B 436 43.12 25.35 45.18
N LYS B 437 41.81 25.49 45.40
CA LYS B 437 41.32 25.85 46.72
C LYS B 437 41.15 24.64 47.63
N HIS B 438 41.18 23.43 47.08
CA HIS B 438 41.01 22.22 47.88
C HIS B 438 41.39 21.00 47.05
N PRO B 439 42.24 20.10 47.57
CA PRO B 439 42.62 18.88 46.86
C PRO B 439 41.50 17.84 46.88
N VAL B 446 37.36 8.97 39.10
CA VAL B 446 36.69 10.21 38.72
C VAL B 446 37.53 10.95 37.70
N SER B 447 36.98 11.14 36.50
CA SER B 447 37.73 11.83 35.46
C SER B 447 37.79 13.33 35.77
N GLN B 448 38.60 14.03 34.98
CA GLN B 448 38.73 15.48 35.15
C GLN B 448 37.43 16.24 34.89
N PRO B 449 36.68 16.01 33.80
CA PRO B 449 35.43 16.74 33.62
C PRO B 449 34.40 16.51 34.72
N GLN B 450 34.36 15.32 35.33
CA GLN B 450 33.45 15.14 36.45
C GLN B 450 33.93 15.90 37.69
N ARG B 451 35.24 16.05 37.85
CA ARG B 451 35.76 16.84 38.96
C ARG B 451 35.35 18.30 38.82
N ASP B 452 35.37 18.83 37.59
CA ASP B 452 35.02 20.23 37.37
C ASP B 452 33.59 20.51 37.82
N TRP B 453 32.65 19.63 37.47
CA TRP B 453 31.28 19.82 37.90
C TRP B 453 31.18 19.71 39.42
N LEU B 454 31.93 18.79 40.03
CA LEU B 454 31.88 18.63 41.48
C LEU B 454 32.45 19.87 42.17
N LEU B 455 33.54 20.42 41.64
CA LEU B 455 34.13 21.61 42.24
C LEU B 455 33.16 22.78 42.15
N LEU B 456 32.50 22.93 41.00
CA LEU B 456 31.54 24.00 40.83
C LEU B 456 30.24 23.72 41.57
N GLU B 457 29.99 22.46 41.92
CA GLU B 457 28.79 22.13 42.68
C GLU B 457 28.89 22.70 44.08
N ALA B 458 30.09 22.70 44.65
CA ALA B 458 30.36 23.25 45.96
C ALA B 458 30.78 24.71 45.90
N HIS B 459 30.79 25.30 44.72
CA HIS B 459 31.17 26.70 44.53
C HIS B 459 29.97 27.60 44.29
N ARG B 460 28.78 27.15 44.67
CA ARG B 460 27.57 27.95 44.47
C ARG B 460 27.64 29.22 45.31
N ASP B 461 27.16 30.32 44.74
CA ASP B 461 27.13 31.62 45.39
C ASP B 461 28.55 32.15 45.65
N GLU B 462 29.56 31.40 45.22
CA GLU B 462 30.95 31.85 45.33
C GLU B 462 31.36 32.55 44.04
N GLU B 463 30.72 33.69 43.79
CA GLU B 463 30.90 34.39 42.53
C GLU B 463 32.32 34.91 42.39
N VAL B 464 32.91 34.69 41.21
CA VAL B 464 34.25 35.15 40.88
C VAL B 464 34.16 35.99 39.62
N SER B 465 34.79 37.16 39.63
CA SER B 465 34.66 38.09 38.52
C SER B 465 35.21 37.49 37.24
N TRP B 466 34.52 37.77 36.14
CA TRP B 466 34.95 37.34 34.81
C TRP B 466 35.51 38.53 34.06
N PRO B 467 36.81 38.62 33.85
CA PRO B 467 37.36 39.73 33.06
C PRO B 467 36.99 39.62 31.59
N SER B 468 36.11 40.51 31.13
CA SER B 468 35.66 40.47 29.75
C SER B 468 36.79 40.82 28.81
N THR B 469 36.91 40.06 27.72
CA THR B 469 37.98 40.24 26.75
C THR B 469 37.38 40.32 25.35
N LYS B 470 38.13 40.95 24.46
CA LYS B 470 37.71 41.07 23.07
C LYS B 470 37.73 39.72 22.37
N ILE B 471 36.74 39.50 21.52
CA ILE B 471 36.64 38.26 20.76
C ILE B 471 37.59 38.33 19.57
N THR B 472 38.58 37.44 19.57
CA THR B 472 39.57 37.43 18.51
C THR B 472 38.96 36.91 17.21
N MET B 473 39.61 37.28 16.10
CA MET B 473 39.17 36.79 14.80
C MET B 473 39.33 35.28 14.67
N GLU B 474 40.36 34.72 15.31
CA GLU B 474 40.54 33.27 15.27
C GLU B 474 39.43 32.54 15.99
N GLN B 475 38.85 33.15 17.02
CA GLN B 475 37.71 32.53 17.69
C GLN B 475 36.50 32.42 16.76
N PHE B 476 36.31 33.41 15.89
CA PHE B 476 35.20 33.33 14.95
C PHE B 476 35.39 32.17 13.96
N ARG B 477 36.59 31.97 13.46
CA ARG B 477 36.81 30.83 12.57
C ARG B 477 36.57 29.51 13.30
N LYS B 478 36.99 29.43 14.56
CA LYS B 478 36.67 28.25 15.35
C LYS B 478 35.18 28.13 15.59
N ALA B 479 34.50 29.26 15.82
CA ALA B 479 33.07 29.23 16.08
C ALA B 479 32.27 28.79 14.87
N VAL B 480 32.73 29.12 13.65
CA VAL B 480 32.01 28.69 12.47
C VAL B 480 32.04 27.17 12.33
N SER B 481 33.20 26.56 12.63
CA SER B 481 33.30 25.11 12.56
C SER B 481 32.41 24.43 13.59
N LEU B 482 32.31 25.00 14.80
CA LEU B 482 31.50 24.38 15.84
C LEU B 482 30.01 24.45 15.51
N VAL B 483 29.57 25.46 14.77
CA VAL B 483 28.16 25.64 14.48
C VAL B 483 27.83 24.98 13.15
N GLN B 484 26.91 24.02 13.18
CA GLN B 484 26.41 23.41 11.97
C GLN B 484 25.08 24.03 11.60
N PRO B 485 24.95 24.63 10.41
CA PRO B 485 23.68 25.25 10.03
C PRO B 485 22.56 24.24 9.96
N ALA B 486 21.34 24.73 10.21
CA ALA B 486 20.17 23.85 10.26
C ALA B 486 19.96 23.11 8.95
N SER B 487 20.39 23.67 7.82
CA SER B 487 20.23 22.96 6.57
C SER B 487 21.15 21.75 6.47
N LYS B 488 22.18 21.68 7.31
CA LYS B 488 23.10 20.54 7.34
C LYS B 488 22.83 19.59 8.50
N ARG B 489 21.70 19.76 9.19
CA ARG B 489 21.38 18.91 10.34
C ARG B 489 20.57 17.68 9.96
N GLU B 490 20.37 17.42 8.67
CA GLU B 490 19.62 16.24 8.26
C GLU B 490 20.07 15.83 6.87
N GLY B 491 20.53 14.59 6.76
CA GLY B 491 20.86 14.00 5.48
C GLY B 491 22.23 14.33 4.94
N PHE B 492 23.01 15.15 5.63
CA PHE B 492 24.36 15.49 5.19
C PHE B 492 25.37 14.57 5.85
N SER B 493 26.19 13.95 5.01
CA SER B 493 27.19 13.00 5.47
C SER B 493 28.41 13.72 6.00
N THR B 494 29.11 13.06 6.92
CA THR B 494 30.33 13.62 7.48
C THR B 494 31.43 13.66 6.43
N ILE B 495 32.26 14.70 6.49
CA ILE B 495 33.32 14.86 5.50
C ILE B 495 34.32 13.72 5.67
N PRO B 496 34.71 13.04 4.59
CA PRO B 496 35.68 11.94 4.72
C PRO B 496 37.03 12.47 5.21
N ASP B 497 37.74 11.62 5.95
CA ASP B 497 39.07 11.97 6.42
C ASP B 497 40.15 11.81 5.36
N THR B 498 39.81 11.28 4.19
CA THR B 498 40.80 11.08 3.15
C THR B 498 41.27 12.42 2.59
N THR B 499 42.58 12.53 2.37
CA THR B 499 43.20 13.69 1.74
C THR B 499 43.92 13.25 0.47
N TRP B 500 44.64 14.19 -0.14
CA TRP B 500 45.47 13.81 -1.28
C TRP B 500 46.74 13.10 -0.86
N SER B 501 47.11 13.16 0.41
CA SER B 501 48.23 12.36 0.88
C SER B 501 47.85 10.90 1.01
N HIS B 502 46.56 10.58 1.04
CA HIS B 502 46.10 9.20 1.03
C HIS B 502 45.92 8.65 -0.38
N VAL B 503 46.02 9.49 -1.40
CA VAL B 503 45.83 9.07 -2.79
C VAL B 503 47.19 9.04 -3.48
N GLY B 504 47.50 7.90 -4.08
CA GLY B 504 48.73 7.73 -4.84
C GLY B 504 48.42 7.63 -6.32
N ALA B 505 49.37 8.11 -7.13
CA ALA B 505 49.20 8.15 -8.59
C ALA B 505 47.94 8.97 -8.91
N LEU B 506 47.24 8.59 -9.98
CA LEU B 506 46.02 9.28 -10.41
C LEU B 506 46.29 10.76 -10.62
N GLU B 507 47.43 11.07 -11.22
CA GLU B 507 47.76 12.47 -11.47
C GLU B 507 46.79 13.08 -12.47
N ASP B 508 46.43 12.34 -13.51
CA ASP B 508 45.51 12.88 -14.50
C ASP B 508 44.10 13.02 -13.92
N VAL B 509 43.67 12.03 -13.13
CA VAL B 509 42.35 12.11 -12.52
C VAL B 509 42.30 13.25 -11.52
N ARG B 510 43.39 13.48 -10.79
CA ARG B 510 43.42 14.58 -9.85
C ARG B 510 43.32 15.92 -10.56
N LYS B 511 43.96 16.05 -11.72
CA LYS B 511 43.89 17.31 -12.46
C LYS B 511 42.47 17.61 -12.93
N LYS B 512 41.79 16.60 -13.48
CA LYS B 512 40.43 16.84 -13.97
C LYS B 512 39.49 17.15 -12.83
N LEU B 513 39.66 16.48 -11.69
CA LEU B 513 38.83 16.78 -10.53
C LEU B 513 39.16 18.13 -9.93
N GLU B 514 40.44 18.53 -9.99
CA GLU B 514 40.81 19.83 -9.45
C GLU B 514 40.31 20.95 -10.34
N MET B 515 40.32 20.74 -11.66
CA MET B 515 39.85 21.77 -12.57
C MET B 515 38.32 21.85 -12.62
N SER B 516 37.62 20.73 -12.47
CA SER B 516 36.17 20.71 -12.64
C SER B 516 35.42 20.96 -11.36
N ILE B 517 35.96 20.53 -10.22
CA ILE B 517 35.23 20.61 -8.96
C ILE B 517 36.02 21.42 -7.95
N ILE B 518 37.25 21.00 -7.65
CA ILE B 518 38.01 21.67 -6.60
C ILE B 518 38.30 23.11 -6.98
N GLY B 519 38.52 23.37 -8.26
CA GLY B 519 38.79 24.71 -8.73
C GLY B 519 37.64 25.67 -8.48
N PRO B 520 36.51 25.45 -9.17
CA PRO B 520 35.38 26.38 -9.04
C PRO B 520 34.80 26.48 -7.63
N ILE B 521 35.00 25.47 -6.79
CA ILE B 521 34.49 25.59 -5.42
C ILE B 521 35.29 26.62 -4.64
N LYS B 522 36.62 26.61 -4.80
CA LYS B 522 37.46 27.53 -4.02
C LYS B 522 37.55 28.91 -4.65
N ASN B 523 37.52 29.01 -5.97
CA ASN B 523 37.62 30.29 -6.68
C ASN B 523 36.48 30.40 -7.67
N PRO B 524 35.24 30.60 -7.19
CA PRO B 524 34.12 30.72 -8.13
C PRO B 524 34.24 31.92 -9.06
N GLU B 525 34.84 33.01 -8.59
CA GLU B 525 34.94 34.22 -9.40
C GLU B 525 35.84 34.01 -10.61
N LEU B 526 36.96 33.31 -10.41
CA LEU B 526 37.89 33.09 -11.50
C LEU B 526 37.27 32.26 -12.62
N PHE B 527 36.52 31.22 -12.27
CA PHE B 527 35.90 30.37 -13.27
C PHE B 527 34.69 31.02 -13.92
N THR B 528 34.01 31.91 -13.21
CA THR B 528 32.90 32.65 -13.82
C THR B 528 33.40 33.60 -14.89
N ARG B 529 34.61 34.12 -14.74
CA ARG B 529 35.15 35.10 -15.69
C ARG B 529 35.29 34.50 -17.08
N VAL B 530 35.79 33.26 -17.17
CA VAL B 530 35.97 32.63 -18.47
C VAL B 530 34.69 32.01 -19.02
N GLY B 531 33.63 31.97 -18.23
CA GLY B 531 32.37 31.45 -18.72
C GLY B 531 32.14 29.98 -18.42
N ILE B 532 32.33 29.60 -17.15
CA ILE B 532 32.14 28.24 -16.70
C ILE B 532 31.01 28.26 -15.68
N LYS B 533 29.97 27.46 -15.94
CA LYS B 533 28.83 27.44 -15.04
C LYS B 533 29.25 26.85 -13.69
N PRO B 534 28.80 27.44 -12.56
CA PRO B 534 29.18 26.95 -11.23
C PRO B 534 28.48 25.66 -10.84
N ALA B 535 28.57 24.66 -11.70
CA ALA B 535 28.01 23.34 -11.45
C ALA B 535 28.77 22.36 -12.34
N ALA B 536 29.05 21.18 -11.82
CA ALA B 536 29.80 20.20 -12.56
C ALA B 536 29.15 18.83 -12.40
N GLY B 537 29.31 18.00 -13.41
CA GLY B 537 28.85 16.64 -13.31
C GLY B 537 29.91 15.68 -13.78
N ILE B 538 30.37 14.80 -12.91
CA ILE B 538 31.51 13.92 -13.18
C ILE B 538 31.08 12.50 -12.91
N LEU B 539 31.38 11.61 -13.84
CA LEU B 539 31.11 10.19 -13.71
C LEU B 539 32.45 9.47 -13.66
N LEU B 540 32.81 8.95 -12.50
CA LEU B 540 34.01 8.14 -12.36
C LEU B 540 33.67 6.69 -12.65
N TRP B 541 34.35 6.11 -13.63
CA TRP B 541 34.13 4.73 -14.02
C TRP B 541 35.46 4.04 -14.24
N GLY B 542 35.46 2.73 -14.09
CA GLY B 542 36.66 1.94 -14.24
C GLY B 542 36.56 0.59 -13.57
N PRO B 543 37.62 -0.19 -13.65
CA PRO B 543 37.61 -1.51 -13.01
C PRO B 543 37.54 -1.38 -11.50
N PRO B 544 36.99 -2.38 -10.82
CA PRO B 544 36.84 -2.28 -9.36
C PRO B 544 38.18 -2.25 -8.65
N GLY B 545 38.20 -1.55 -7.53
CA GLY B 545 39.38 -1.51 -6.70
C GLY B 545 40.43 -0.51 -7.11
N CYS B 546 40.14 0.40 -8.03
CA CYS B 546 41.16 1.30 -8.54
C CYS B 546 41.12 2.69 -7.91
N GLY B 547 40.19 2.95 -6.99
CA GLY B 547 40.25 4.21 -6.27
C GLY B 547 39.19 5.21 -6.66
N LYS B 548 38.05 4.73 -7.16
CA LYS B 548 36.98 5.65 -7.54
C LYS B 548 36.33 6.28 -6.32
N THR B 549 36.06 5.49 -5.29
CA THR B 549 35.51 6.09 -4.07
C THR B 549 36.58 6.85 -3.31
N LEU B 550 37.83 6.39 -3.40
CA LEU B 550 38.91 7.06 -2.69
C LEU B 550 39.11 8.48 -3.19
N VAL B 551 39.12 8.68 -4.51
CA VAL B 551 39.33 10.03 -5.03
C VAL B 551 38.08 10.88 -4.85
N ALA B 552 36.90 10.26 -4.80
CA ALA B 552 35.69 11.02 -4.51
C ALA B 552 35.65 11.46 -3.06
N LYS B 553 36.22 10.66 -2.15
CA LYS B 553 36.34 11.09 -0.77
C LYS B 553 37.43 12.14 -0.60
N ALA B 554 38.43 12.14 -1.48
CA ALA B 554 39.44 13.19 -1.42
C ALA B 554 38.88 14.51 -1.93
N VAL B 555 38.11 14.47 -3.03
CA VAL B 555 37.51 15.69 -3.54
C VAL B 555 36.54 16.28 -2.52
N ALA B 556 35.72 15.42 -1.89
CA ALA B 556 34.78 15.91 -0.89
C ALA B 556 35.48 16.50 0.32
N ASN B 557 36.72 16.09 0.58
CA ASN B 557 37.48 16.59 1.72
C ASN B 557 38.40 17.75 1.36
N GLU B 558 39.01 17.70 0.17
CA GLU B 558 39.95 18.75 -0.23
C GLU B 558 39.26 19.98 -0.80
N SER B 559 37.98 19.88 -1.15
CA SER B 559 37.25 21.02 -1.67
C SER B 559 36.66 21.87 -0.56
N LYS B 560 36.63 21.35 0.67
CA LYS B 560 36.10 22.09 1.82
C LYS B 560 34.68 22.57 1.55
N ALA B 561 33.88 21.70 0.94
CA ALA B 561 32.48 21.99 0.68
C ALA B 561 31.60 20.98 1.39
N ASN B 562 30.29 21.23 1.35
CA ASN B 562 29.35 20.30 1.94
C ASN B 562 29.33 19.01 1.14
N PHE B 563 28.96 17.92 1.82
CA PHE B 563 29.05 16.60 1.23
C PHE B 563 27.82 15.80 1.58
N ILE B 564 27.14 15.28 0.55
CA ILE B 564 26.08 14.30 0.72
C ILE B 564 26.49 13.07 -0.06
N SER B 565 26.57 11.94 0.64
CA SER B 565 26.96 10.66 0.06
C SER B 565 25.74 9.77 -0.10
N ILE B 566 25.55 9.23 -1.28
CA ILE B 566 24.47 8.29 -1.56
C ILE B 566 25.09 6.94 -1.81
N LYS B 567 24.71 5.96 -0.99
CA LYS B 567 25.26 4.61 -1.06
C LYS B 567 24.31 3.76 -1.87
N GLY B 568 24.57 3.68 -3.17
CA GLY B 568 23.79 2.87 -4.07
C GLY B 568 22.33 3.29 -4.09
N PRO B 569 21.43 2.31 -4.16
CA PRO B 569 19.99 2.57 -4.23
C PRO B 569 19.35 2.77 -2.86
N GLU B 570 19.94 3.63 -2.05
CA GLU B 570 19.41 3.88 -0.72
C GLU B 570 18.31 4.92 -0.70
N LEU B 571 18.04 5.58 -1.83
CA LEU B 571 16.93 6.53 -1.90
C LEU B 571 15.59 5.87 -2.18
N LEU B 572 15.58 4.61 -2.59
CA LEU B 572 14.34 3.93 -2.97
C LEU B 572 13.47 3.65 -1.75
N ASN B 573 12.17 3.89 -1.91
CA ASN B 573 11.20 3.66 -0.86
C ASN B 573 10.09 2.79 -1.41
N LYS B 574 9.45 2.01 -0.53
CA LYS B 574 8.42 1.08 -0.95
C LYS B 574 7.09 1.75 -1.27
N TYR B 575 6.88 2.98 -0.83
CA TYR B 575 5.63 3.66 -1.10
C TYR B 575 5.68 4.36 -2.45
N VAL B 576 4.51 4.63 -3.01
CA VAL B 576 4.41 5.21 -4.34
C VAL B 576 4.72 6.69 -4.25
N GLY B 577 5.69 7.14 -5.05
CA GLY B 577 6.04 8.54 -5.09
C GLY B 577 7.04 8.97 -4.04
N GLU B 578 7.31 8.15 -3.03
CA GLU B 578 8.26 8.51 -1.99
C GLU B 578 9.69 8.37 -2.48
N SER B 579 9.94 7.42 -3.37
CA SER B 579 11.28 7.27 -3.92
C SER B 579 11.69 8.49 -4.73
N GLU B 580 10.77 9.01 -5.54
CA GLU B 580 11.10 10.21 -6.30
C GLU B 580 11.04 11.46 -5.42
N ARG B 581 10.24 11.46 -4.37
CA ARG B 581 10.22 12.59 -3.44
C ARG B 581 11.55 12.73 -2.73
N ALA B 582 12.17 11.61 -2.34
CA ALA B 582 13.47 11.68 -1.70
C ALA B 582 14.53 12.26 -2.63
N VAL B 583 14.49 11.89 -3.90
CA VAL B 583 15.44 12.44 -4.86
C VAL B 583 15.24 13.94 -5.03
N ARG B 584 13.98 14.37 -5.19
CA ARG B 584 13.71 15.80 -5.31
C ARG B 584 14.07 16.54 -4.03
N GLN B 585 13.80 15.93 -2.87
CA GLN B 585 14.18 16.56 -1.60
C GLN B 585 15.69 16.55 -1.43
N LEU B 586 16.39 15.58 -2.02
CA LEU B 586 17.84 15.53 -1.92
C LEU B 586 18.46 16.75 -2.59
N PHE B 587 17.98 17.13 -3.76
CA PHE B 587 18.52 18.30 -4.42
C PHE B 587 18.03 19.59 -3.79
N SER B 588 16.87 19.56 -3.15
CA SER B 588 16.42 20.73 -2.39
C SER B 588 17.35 21.05 -1.24
N ARG B 589 18.15 20.09 -0.78
CA ARG B 589 19.15 20.36 0.24
C ARG B 589 20.49 20.74 -0.35
N ALA B 590 20.90 20.08 -1.42
CA ALA B 590 22.17 20.44 -2.07
C ALA B 590 22.12 21.86 -2.62
N LYS B 591 20.98 22.26 -3.17
CA LYS B 591 20.87 23.60 -3.73
C LYS B 591 20.91 24.67 -2.66
N SER B 592 20.20 24.45 -1.55
CA SER B 592 20.14 25.44 -0.49
C SER B 592 21.45 25.56 0.28
N SER B 593 22.36 24.61 0.15
CA SER B 593 23.66 24.64 0.83
C SER B 593 24.80 24.61 -0.16
N ALA B 594 24.64 25.25 -1.30
CA ALA B 594 25.69 25.30 -2.28
C ALA B 594 26.86 26.14 -1.78
N PRO B 595 28.10 25.78 -2.15
CA PRO B 595 28.41 24.62 -2.99
C PRO B 595 28.35 23.30 -2.24
N CYS B 596 27.77 22.29 -2.88
CA CYS B 596 27.60 20.98 -2.28
C CYS B 596 28.03 19.92 -3.28
N ILE B 597 28.58 18.82 -2.76
CA ILE B 597 29.05 17.72 -3.59
C ILE B 597 28.17 16.53 -3.31
N LEU B 598 27.48 16.04 -4.34
CA LEU B 598 26.68 14.83 -4.26
C LEU B 598 27.50 13.70 -4.85
N PHE B 599 27.74 12.68 -4.05
CA PHE B 599 28.49 11.51 -4.48
C PHE B 599 27.53 10.33 -4.56
N PHE B 600 27.32 9.81 -5.76
CA PHE B 600 26.49 8.63 -5.97
C PHE B 600 27.43 7.44 -6.14
N ASP B 601 27.64 6.71 -5.06
CA ASP B 601 28.50 5.54 -5.13
C ASP B 601 27.69 4.38 -5.69
N GLN B 602 28.29 3.63 -6.61
CA GLN B 602 27.61 2.57 -7.34
C GLN B 602 26.34 3.11 -7.99
N MET B 603 26.54 4.09 -8.88
CA MET B 603 25.42 4.85 -9.41
C MET B 603 24.54 4.03 -10.34
N ASP B 604 25.04 2.94 -10.90
CA ASP B 604 24.23 2.16 -11.84
C ASP B 604 23.00 1.55 -11.18
N ALA B 605 22.97 1.48 -9.86
CA ALA B 605 21.79 0.97 -9.17
C ALA B 605 20.70 2.01 -9.01
N LEU B 606 21.00 3.29 -9.26
CA LEU B 606 20.02 4.36 -9.12
C LEU B 606 19.55 4.93 -10.45
N VAL B 607 20.38 4.83 -11.49
CA VAL B 607 20.00 5.33 -12.81
C VAL B 607 20.28 4.23 -13.83
N PRO B 608 19.53 3.14 -13.83
CA PRO B 608 19.71 2.12 -14.87
C PRO B 608 19.11 2.60 -16.18
N ARG B 609 19.52 1.95 -17.26
CA ARG B 609 19.01 2.30 -18.58
C ARG B 609 17.51 2.06 -18.63
N ARG B 610 16.77 3.03 -19.17
CA ARG B 610 15.32 2.94 -19.25
C ARG B 610 14.93 1.97 -20.36
N ASP B 611 14.64 0.73 -20.00
CA ASP B 611 14.16 -0.27 -20.93
C ASP B 611 12.71 -0.60 -20.63
N ASP B 612 12.10 -1.38 -21.53
CA ASP B 612 10.71 -1.80 -21.33
C ASP B 612 10.55 -2.81 -20.20
N SER B 613 11.65 -3.41 -19.75
CA SER B 613 11.64 -4.37 -18.66
C SER B 613 12.14 -3.78 -17.34
N LEU B 614 12.30 -2.47 -17.27
CA LEU B 614 12.83 -1.82 -16.09
C LEU B 614 11.77 -1.55 -15.02
N SER B 615 10.51 -1.88 -15.29
CA SER B 615 9.40 -1.59 -14.39
C SER B 615 9.22 -0.08 -14.24
N ASP B 616 8.24 0.34 -13.45
CA ASP B 616 7.92 1.75 -13.29
C ASP B 616 8.54 2.37 -12.04
N ALA B 617 8.73 1.58 -10.98
CA ALA B 617 9.27 2.14 -9.74
C ALA B 617 10.69 2.67 -9.96
N SER B 618 11.50 1.95 -10.73
CA SER B 618 12.86 2.39 -11.01
C SER B 618 12.94 3.32 -12.21
N ALA B 619 11.98 3.27 -13.13
CA ALA B 619 11.99 4.20 -14.25
C ALA B 619 11.54 5.60 -13.84
N ARG B 620 10.69 5.70 -12.82
CA ARG B 620 10.27 7.01 -12.35
C ARG B 620 11.36 7.70 -11.55
N VAL B 621 12.34 6.96 -11.05
CA VAL B 621 13.47 7.58 -10.37
C VAL B 621 14.51 8.09 -11.35
N VAL B 622 14.71 7.38 -12.46
CA VAL B 622 15.67 7.85 -13.46
C VAL B 622 15.21 9.18 -14.04
N ASN B 623 13.93 9.30 -14.37
CA ASN B 623 13.43 10.54 -14.94
C ASN B 623 13.46 11.67 -13.92
N THR B 624 13.20 11.38 -12.65
CA THR B 624 13.31 12.43 -11.65
C THR B 624 14.73 12.96 -11.56
N LEU B 625 15.72 12.07 -11.58
CA LEU B 625 17.10 12.54 -11.62
C LEU B 625 17.44 13.23 -12.94
N LEU B 626 16.72 12.93 -14.01
CA LEU B 626 16.97 13.66 -15.26
C LEU B 626 16.53 15.11 -15.17
N THR B 627 15.36 15.37 -14.57
CA THR B 627 14.87 16.74 -14.48
C THR B 627 15.64 17.55 -13.44
N GLU B 628 16.07 16.91 -12.35
CA GLU B 628 16.80 17.64 -11.33
C GLU B 628 18.18 18.09 -11.82
N LEU B 629 18.88 17.23 -12.56
CA LEU B 629 20.22 17.58 -12.99
C LEU B 629 20.20 18.63 -14.08
N ASP B 630 19.25 18.55 -15.02
CA ASP B 630 19.17 19.56 -16.07
C ASP B 630 17.72 19.59 -16.57
N GLY B 631 16.98 20.59 -16.14
CA GLY B 631 15.59 20.75 -16.53
C GLY B 631 15.22 22.21 -16.50
N VAL B 632 13.96 22.49 -16.19
CA VAL B 632 13.51 23.86 -16.03
C VAL B 632 14.20 24.51 -14.84
N GLY B 633 14.27 23.81 -13.73
CA GLY B 633 14.92 24.34 -12.55
C GLY B 633 16.42 24.48 -12.74
N ASP B 634 17.01 25.40 -11.98
CA ASP B 634 18.44 25.66 -12.03
C ASP B 634 19.09 25.11 -10.77
N ARG B 635 20.14 24.32 -10.95
CA ARG B 635 20.82 23.67 -9.85
C ARG B 635 22.27 24.14 -9.72
N SER B 636 22.54 25.39 -10.09
CA SER B 636 23.90 25.90 -9.99
C SER B 636 24.39 25.83 -8.56
N GLY B 637 25.60 25.32 -8.38
CA GLY B 637 26.18 25.14 -7.07
C GLY B 637 26.13 23.72 -6.54
N ILE B 638 25.62 22.77 -7.32
CA ILE B 638 25.57 21.37 -6.94
C ILE B 638 26.51 20.62 -7.85
N TYR B 639 27.49 19.94 -7.28
CA TYR B 639 28.47 19.20 -8.04
C TYR B 639 28.24 17.72 -7.80
N VAL B 640 28.05 16.96 -8.88
CA VAL B 640 27.64 15.58 -8.79
C VAL B 640 28.79 14.69 -9.23
N ILE B 641 29.12 13.71 -8.41
CA ILE B 641 30.14 12.71 -8.71
C ILE B 641 29.46 11.36 -8.69
N GLY B 642 29.73 10.55 -9.69
CA GLY B 642 29.23 9.18 -9.72
C GLY B 642 30.37 8.20 -9.89
N ALA B 643 30.27 7.09 -9.18
CA ALA B 643 31.24 6.01 -9.27
C ALA B 643 30.49 4.73 -9.62
N THR B 644 30.99 4.01 -10.61
CA THR B 644 30.36 2.77 -11.05
C THR B 644 31.37 1.91 -11.77
N ASN B 645 31.20 0.60 -11.68
CA ASN B 645 32.00 -0.33 -12.44
C ASN B 645 31.41 -0.61 -13.82
N ARG B 646 30.17 -0.18 -14.06
CA ARG B 646 29.44 -0.46 -15.29
C ARG B 646 28.92 0.84 -15.87
N PRO B 647 29.80 1.67 -16.43
CA PRO B 647 29.32 2.93 -17.02
C PRO B 647 28.34 2.73 -18.14
N ASP B 648 28.43 1.62 -18.89
CA ASP B 648 27.54 1.37 -20.00
C ASP B 648 26.12 1.00 -19.57
N MET B 649 25.91 0.74 -18.29
CA MET B 649 24.58 0.43 -17.77
C MET B 649 23.87 1.64 -17.21
N ILE B 650 24.44 2.81 -17.33
CA ILE B 650 23.78 4.03 -16.89
C ILE B 650 22.98 4.58 -18.06
N ASP B 651 21.86 5.22 -17.76
CA ASP B 651 21.00 5.78 -18.80
C ASP B 651 21.75 6.78 -19.66
N GLU B 652 21.50 6.73 -20.96
CA GLU B 652 22.19 7.62 -21.90
C GLU B 652 21.79 9.07 -21.73
N ALA B 653 20.62 9.34 -21.15
CA ALA B 653 20.26 10.73 -20.90
C ALA B 653 21.09 11.32 -19.77
N ILE B 654 21.42 10.51 -18.76
CA ILE B 654 22.26 11.01 -17.67
C ILE B 654 23.64 11.35 -18.18
N ARG B 655 24.24 10.47 -18.99
CA ARG B 655 25.61 10.66 -19.47
C ARG B 655 25.65 11.65 -20.63
N ARG B 656 25.13 12.84 -20.38
CA ARG B 656 25.24 13.93 -21.32
C ARG B 656 25.71 15.19 -20.59
N PRO B 657 26.40 16.08 -21.28
CA PRO B 657 26.86 17.33 -20.65
C PRO B 657 25.70 18.13 -20.08
N GLY B 658 25.76 18.38 -18.77
CA GLY B 658 24.67 19.00 -18.03
C GLY B 658 24.20 18.16 -16.85
N ARG B 659 24.30 16.84 -16.95
CA ARG B 659 23.96 15.96 -15.85
C ARG B 659 25.19 15.24 -15.31
N LEU B 660 25.86 14.44 -16.13
CA LEU B 660 27.19 13.91 -15.82
C LEU B 660 27.99 14.17 -17.08
N GLY B 661 28.52 15.38 -17.18
CA GLY B 661 29.15 15.82 -18.41
C GLY B 661 30.44 15.10 -18.72
N THR B 662 31.26 14.87 -17.72
CA THR B 662 32.61 14.38 -17.91
C THR B 662 32.71 12.98 -17.34
N SER B 663 33.36 12.10 -18.10
CA SER B 663 33.65 10.76 -17.65
C SER B 663 35.15 10.66 -17.48
N ILE B 664 35.57 10.22 -16.30
CA ILE B 664 36.97 10.05 -15.96
C ILE B 664 37.22 8.56 -15.79
N TYR B 665 38.21 8.06 -16.51
CA TYR B 665 38.51 6.64 -16.47
C TYR B 665 39.58 6.41 -15.40
N VAL B 666 39.21 5.63 -14.38
CA VAL B 666 40.14 5.31 -13.31
C VAL B 666 40.51 3.85 -13.53
N GLY B 667 41.60 3.62 -14.26
CA GLY B 667 41.99 2.28 -14.66
C GLY B 667 43.06 1.70 -13.75
N LEU B 668 43.61 0.58 -14.19
CA LEU B 668 44.62 -0.08 -13.41
C LEU B 668 45.88 0.78 -13.37
N PRO B 669 46.60 0.78 -12.26
CA PRO B 669 47.84 1.56 -12.19
C PRO B 669 48.89 0.97 -13.11
N SER B 670 49.80 1.82 -13.55
CA SER B 670 50.92 1.36 -14.36
C SER B 670 52.03 0.82 -13.46
N ALA B 671 53.16 0.46 -14.07
CA ALA B 671 54.28 -0.04 -13.31
C ALA B 671 54.82 1.02 -12.36
N GLU B 672 54.92 2.26 -12.83
CA GLU B 672 55.42 3.35 -12.00
C GLU B 672 54.34 3.93 -11.10
N ASP B 673 53.07 3.66 -11.40
CA ASP B 673 52.01 4.11 -10.51
C ASP B 673 51.88 3.24 -9.27
N ARG B 674 52.17 1.94 -9.39
CA ARG B 674 52.13 1.07 -8.22
C ARG B 674 53.19 1.46 -7.20
N VAL B 675 54.31 2.01 -7.64
CA VAL B 675 55.32 2.46 -6.70
C VAL B 675 54.78 3.59 -5.85
N LYS B 676 54.10 4.55 -6.47
CA LYS B 676 53.52 5.65 -5.70
C LYS B 676 52.40 5.17 -4.80
N ILE B 677 51.60 4.21 -5.29
CA ILE B 677 50.50 3.70 -4.48
C ILE B 677 51.03 2.87 -3.32
N LEU B 678 52.02 2.02 -3.56
CA LEU B 678 52.55 1.20 -2.49
C LEU B 678 53.23 2.04 -1.43
N LYS B 679 53.99 3.06 -1.86
CA LYS B 679 54.60 3.97 -0.89
C LYS B 679 53.52 4.73 -0.13
N THR B 680 52.47 5.16 -0.82
CA THR B 680 51.38 5.86 -0.15
C THR B 680 50.71 4.96 0.88
N LEU B 681 50.43 3.72 0.52
CA LEU B 681 49.79 2.82 1.47
C LEU B 681 50.70 2.53 2.65
N TYR B 682 52.01 2.33 2.39
CA TYR B 682 52.92 2.02 3.48
C TYR B 682 53.19 3.24 4.35
N ARG B 683 53.32 4.41 3.73
CA ARG B 683 53.60 5.63 4.49
C ARG B 683 52.45 5.96 5.43
N ASN B 684 51.23 5.71 5.01
CA ASN B 684 50.05 6.02 5.81
C ASN B 684 49.74 4.94 6.83
N THR B 685 50.51 3.87 6.87
CA THR B 685 50.27 2.76 7.78
C THR B 685 51.51 2.43 8.59
N VAL B 686 52.22 3.46 9.03
CA VAL B 686 53.36 3.28 9.92
C VAL B 686 53.31 4.31 11.05
N THR B 714 61.59 -0.88 6.32
CA THR B 714 61.28 -1.32 4.97
C THR B 714 61.77 -0.28 3.96
N THR B 715 61.90 0.96 4.42
CA THR B 715 62.38 2.08 3.62
C THR B 715 61.52 2.25 2.37
N ASP B 716 62.07 2.91 1.36
CA ASP B 716 61.36 3.16 0.11
C ASP B 716 61.99 2.49 -1.09
N ALA B 717 63.28 2.15 -1.04
CA ALA B 717 63.90 1.42 -2.14
C ALA B 717 63.36 0.00 -2.23
N ASP B 718 63.00 -0.60 -1.10
CA ASP B 718 62.44 -1.95 -1.11
C ASP B 718 60.99 -1.94 -1.58
N LEU B 719 60.23 -0.89 -1.24
CA LEU B 719 58.86 -0.80 -1.71
C LEU B 719 58.79 -0.66 -3.22
N GLU B 720 59.82 -0.09 -3.83
CA GLU B 720 59.90 -0.06 -5.29
C GLU B 720 60.08 -1.47 -5.86
N LYS B 721 60.94 -2.28 -5.21
CA LYS B 721 61.17 -3.63 -5.69
C LYS B 721 59.91 -4.49 -5.61
N VAL B 722 59.15 -4.32 -4.53
CA VAL B 722 57.91 -5.09 -4.38
C VAL B 722 56.89 -4.71 -5.43
N ALA B 723 56.71 -3.41 -5.68
CA ALA B 723 55.69 -2.97 -6.62
C ALA B 723 56.10 -3.24 -8.06
N LEU B 724 57.39 -3.14 -8.37
CA LEU B 724 57.85 -3.43 -9.73
C LEU B 724 58.04 -4.91 -9.99
N ASP B 725 57.88 -5.77 -8.98
CA ASP B 725 58.03 -7.20 -9.18
C ASP B 725 56.97 -7.72 -10.14
N LEU B 726 57.38 -8.64 -11.03
CA LEU B 726 56.46 -9.16 -12.02
C LEU B 726 55.31 -9.94 -11.39
N ARG B 727 55.47 -10.40 -10.15
CA ARG B 727 54.37 -11.06 -9.46
C ARG B 727 53.29 -10.08 -9.03
N CYS B 728 53.56 -8.78 -9.12
CA CYS B 728 52.57 -7.75 -8.83
C CYS B 728 51.85 -7.26 -10.08
N THR B 729 52.13 -7.88 -11.23
CA THR B 729 51.50 -7.48 -12.48
C THR B 729 50.00 -7.69 -12.43
N GLY B 730 49.25 -6.66 -12.79
CA GLY B 730 47.81 -6.70 -12.75
C GLY B 730 47.18 -6.31 -11.43
N PHE B 731 47.98 -6.01 -10.42
CA PHE B 731 47.40 -5.60 -9.14
C PHE B 731 46.69 -4.27 -9.30
N SER B 732 45.52 -4.15 -8.68
CA SER B 732 44.81 -2.89 -8.65
C SER B 732 45.16 -2.14 -7.37
N GLY B 733 44.48 -1.03 -7.12
CA GLY B 733 44.69 -0.31 -5.88
C GLY B 733 44.24 -1.10 -4.66
N ALA B 734 43.16 -1.87 -4.80
CA ALA B 734 42.70 -2.69 -3.69
C ALA B 734 43.61 -3.89 -3.46
N ASP B 735 44.23 -4.40 -4.52
CA ASP B 735 45.17 -5.51 -4.41
C ASP B 735 46.44 -5.09 -3.68
N LEU B 736 46.92 -3.87 -3.92
CA LEU B 736 48.08 -3.36 -3.22
C LEU B 736 47.80 -3.17 -1.73
N GLY B 737 46.57 -2.77 -1.38
CA GLY B 737 46.21 -2.73 0.02
C GLY B 737 46.17 -4.12 0.62
N ASN B 738 45.72 -5.12 -0.16
CA ASN B 738 45.77 -6.51 0.30
C ASN B 738 47.20 -7.03 0.37
N LEU B 739 48.08 -6.59 -0.53
CA LEU B 739 49.46 -7.01 -0.47
C LEU B 739 50.14 -6.53 0.80
N MET B 740 49.86 -5.29 1.21
CA MET B 740 50.43 -4.80 2.46
C MET B 740 49.86 -5.54 3.65
N GLN B 741 48.57 -5.90 3.60
CA GLN B 741 47.98 -6.67 4.70
C GLN B 741 48.51 -8.09 4.73
N ALA B 742 48.73 -8.71 3.57
CA ALA B 742 49.32 -10.05 3.55
C ALA B 742 50.74 -10.03 4.09
N ALA B 743 51.52 -9.00 3.77
CA ALA B 743 52.85 -8.88 4.33
C ALA B 743 52.80 -8.68 5.83
N ALA B 744 51.83 -7.88 6.31
CA ALA B 744 51.69 -7.68 7.75
C ALA B 744 51.32 -8.97 8.46
N GLN B 745 50.41 -9.76 7.87
CA GLN B 745 50.04 -11.02 8.49
C GLN B 745 51.22 -11.99 8.49
N ALA B 746 52.04 -11.98 7.43
CA ALA B 746 53.22 -12.81 7.42
C ALA B 746 54.20 -12.38 8.51
N CYS B 747 54.19 -11.11 8.89
CA CYS B 747 55.03 -10.65 9.98
C CYS B 747 54.60 -11.25 11.31
N LEU B 748 53.29 -11.33 11.54
CA LEU B 748 52.79 -11.88 12.79
C LEU B 748 53.06 -13.37 12.90
N GLU B 749 52.99 -14.09 11.78
CA GLU B 749 53.36 -15.50 11.80
C GLU B 749 54.83 -15.66 12.17
N ARG B 750 55.69 -14.80 11.64
CA ARG B 750 57.09 -14.81 12.01
C ARG B 750 57.28 -14.45 13.48
N VAL B 751 56.50 -13.48 13.98
CA VAL B 751 56.63 -13.10 15.38
C VAL B 751 56.23 -14.24 16.31
N TYR B 752 55.12 -14.93 16.02
CA TYR B 752 54.71 -16.02 16.89
C TYR B 752 55.75 -17.13 16.94
N THR B 753 56.32 -17.49 15.80
CA THR B 753 57.33 -18.55 15.80
C THR B 753 58.56 -18.12 16.59
N GLN B 754 58.99 -16.87 16.42
CA GLN B 754 60.16 -16.41 17.16
C GLN B 754 59.82 -16.21 18.63
N ARG B 755 58.66 -15.63 18.93
CA ARG B 755 58.31 -15.37 20.32
C ARG B 755 58.14 -16.66 21.10
N GLN B 756 57.49 -17.67 20.50
CA GLN B 756 57.34 -18.95 21.18
C GLN B 756 58.69 -19.62 21.40
N GLN B 757 59.57 -19.53 20.40
CA GLN B 757 60.89 -20.16 20.52
C GLN B 757 61.69 -19.53 21.66
N LYS B 758 61.65 -18.20 21.78
CA LYS B 758 62.36 -17.53 22.87
C LYS B 758 61.63 -17.67 24.19
N ARG B 759 60.29 -17.67 24.19
CA ARG B 759 59.55 -17.82 25.45
C ARG B 759 59.81 -19.18 26.07
N LYS B 760 59.76 -20.24 25.26
CA LYS B 760 60.07 -21.57 25.77
C LYS B 760 61.53 -21.68 26.20
N GLU B 761 62.44 -21.13 25.38
CA GLU B 761 63.87 -21.16 25.69
C GLU B 761 64.27 -19.88 26.42
N GLY B 762 63.63 -19.64 27.55
CA GLY B 762 63.90 -18.46 28.36
C GLY B 762 62.79 -17.43 28.32
N GLU B 768 58.06 -11.96 29.24
CA GLU B 768 59.12 -11.18 28.62
C GLU B 768 58.90 -11.07 27.11
N GLU B 769 57.63 -11.02 26.71
CA GLU B 769 57.27 -10.91 25.31
C GLU B 769 57.33 -9.44 24.90
N GLU B 770 58.46 -9.03 24.35
CA GLU B 770 58.67 -7.66 23.90
C GLU B 770 59.32 -7.63 22.54
N ILE B 771 58.87 -8.47 21.62
CA ILE B 771 59.36 -8.49 20.26
C ILE B 771 58.49 -7.55 19.43
N GLU B 772 59.04 -6.40 19.07
CA GLU B 772 58.29 -5.42 18.31
C GLU B 772 58.22 -5.85 16.86
N PRO B 773 57.03 -6.08 16.29
CA PRO B 773 56.94 -6.56 14.92
C PRO B 773 57.26 -5.45 13.92
N VAL B 774 57.98 -5.82 12.87
CA VAL B 774 58.34 -4.91 11.79
C VAL B 774 58.21 -5.67 10.47
N ILE B 775 57.59 -5.03 9.48
CA ILE B 775 57.36 -5.70 8.20
C ILE B 775 58.69 -5.74 7.47
N THR B 776 59.37 -6.89 7.54
CA THR B 776 60.66 -7.05 6.91
C THR B 776 60.50 -7.40 5.43
N MET B 777 61.64 -7.46 4.73
CA MET B 777 61.62 -7.75 3.30
C MET B 777 61.27 -9.20 3.01
N GLU B 778 61.55 -10.12 3.94
CA GLU B 778 61.15 -11.50 3.75
C GLU B 778 59.64 -11.70 3.82
N ASP B 779 58.92 -10.79 4.47
CA ASP B 779 57.46 -10.88 4.47
C ASP B 779 56.88 -10.50 3.12
N TRP B 780 57.47 -9.51 2.45
CA TRP B 780 56.99 -9.13 1.13
C TRP B 780 57.22 -10.23 0.11
N GLU B 781 58.28 -11.02 0.28
CA GLU B 781 58.57 -12.09 -0.68
C GLU B 781 57.48 -13.15 -0.71
N LYS B 782 56.98 -13.56 0.46
CA LYS B 782 55.92 -14.55 0.48
C LYS B 782 54.53 -13.97 0.33
N ALA B 783 54.35 -12.66 0.46
CA ALA B 783 53.07 -12.05 0.10
C ALA B 783 52.92 -11.91 -1.41
N LEU B 784 54.03 -11.69 -2.12
CA LEU B 784 54.04 -11.61 -3.58
C LEU B 784 53.77 -12.95 -4.25
N ASN B 785 53.86 -14.07 -3.53
CA ASN B 785 53.66 -15.37 -4.13
C ASN B 785 52.24 -15.88 -4.01
N GLU B 786 51.48 -15.40 -3.02
CA GLU B 786 50.13 -15.92 -2.79
C GLU B 786 49.02 -14.96 -3.18
N VAL B 787 49.28 -13.65 -3.17
CA VAL B 787 48.25 -12.68 -3.51
C VAL B 787 48.18 -12.52 -5.02
N LYS B 788 46.96 -12.60 -5.55
CA LYS B 788 46.68 -12.51 -6.97
C LYS B 788 45.73 -11.34 -7.23
N PRO B 789 45.76 -10.76 -8.43
CA PRO B 789 44.86 -9.65 -8.74
C PRO B 789 43.40 -10.08 -8.68
N SER B 790 42.57 -9.17 -8.18
CA SER B 790 41.14 -9.42 -8.02
C SER B 790 40.31 -8.95 -9.22
N VAL B 791 40.95 -8.47 -10.27
CA VAL B 791 40.28 -8.12 -11.52
C VAL B 791 40.85 -9.04 -12.59
N LYS B 792 40.18 -10.17 -12.81
CA LYS B 792 40.74 -11.20 -13.70
C LYS B 792 40.84 -10.69 -15.14
N ASP B 793 39.81 -10.01 -15.62
CA ASP B 793 39.78 -9.50 -16.99
C ASP B 793 39.45 -8.01 -16.93
N PRO B 794 40.46 -7.16 -16.77
CA PRO B 794 40.20 -5.71 -16.71
C PRO B 794 39.57 -5.16 -17.97
N GLU B 795 39.89 -5.73 -19.13
CA GLU B 795 39.37 -5.21 -20.40
C GLU B 795 37.86 -5.32 -20.49
N LYS B 796 37.24 -6.13 -19.64
CA LYS B 796 35.79 -6.16 -19.56
C LYS B 796 35.25 -4.79 -19.15
N TYR B 797 35.91 -4.13 -18.20
CA TYR B 797 35.51 -2.80 -17.78
C TYR B 797 36.08 -1.72 -18.69
N MET B 798 37.20 -1.99 -19.35
CA MET B 798 37.80 -0.98 -20.23
C MET B 798 36.97 -0.80 -21.49
N HIS B 799 36.44 -1.88 -22.05
CA HIS B 799 35.66 -1.81 -23.27
C HIS B 799 34.26 -1.29 -23.00
N ARG C 193 9.92 23.23 43.01
CA ARG C 193 10.28 22.69 41.70
C ARG C 193 11.79 22.55 41.57
N THR C 194 12.49 22.65 42.70
CA THR C 194 13.94 22.53 42.69
C THR C 194 14.35 21.11 42.33
N PRO C 195 15.48 20.94 41.65
CA PRO C 195 15.90 19.61 41.20
C PRO C 195 16.29 18.74 42.38
N PRO C 196 15.69 17.55 42.51
CA PRO C 196 16.09 16.64 43.60
C PRO C 196 17.55 16.24 43.48
N THR C 197 18.21 16.12 44.63
CA THR C 197 19.61 15.73 44.67
C THR C 197 19.74 14.22 44.90
N LYS C 198 19.14 13.46 43.98
CA LYS C 198 19.18 12.01 44.05
C LYS C 198 20.09 11.37 43.01
N VAL C 199 20.33 12.04 41.89
CA VAL C 199 21.29 11.59 40.89
C VAL C 199 22.48 12.54 40.93
N SER C 200 23.68 11.98 40.98
CA SER C 200 24.91 12.74 41.14
C SER C 200 25.74 12.72 39.88
N ILE C 201 26.62 13.71 39.76
CA ILE C 201 27.48 13.83 38.60
C ILE C 201 28.41 12.62 38.51
N LEU C 202 28.69 11.97 39.64
CA LEU C 202 29.46 10.74 39.60
C LEU C 202 28.65 9.58 39.06
N ASP C 203 27.32 9.68 39.07
CA ASP C 203 26.49 8.62 38.55
C ASP C 203 26.54 8.54 37.03
N ILE C 204 27.07 9.57 36.36
CA ILE C 204 27.23 9.59 34.92
C ILE C 204 28.72 9.52 34.63
N ALA C 205 29.11 8.55 33.80
CA ALA C 205 30.51 8.32 33.49
C ALA C 205 30.62 7.90 32.03
N GLY C 206 31.86 7.89 31.54
CA GLY C 206 32.13 7.53 30.17
C GLY C 206 31.96 8.64 29.17
N VAL C 207 31.34 9.75 29.55
CA VAL C 207 31.19 10.91 28.68
C VAL C 207 31.99 12.05 29.28
N ASP C 208 32.99 12.52 28.55
CA ASP C 208 33.83 13.62 28.99
C ASP C 208 33.82 14.79 28.02
N ASP C 209 33.81 14.52 26.71
CA ASP C 209 33.61 15.60 25.76
C ASP C 209 32.25 16.24 25.94
N THR C 210 31.22 15.42 26.19
CA THR C 210 29.89 15.98 26.43
C THR C 210 29.88 16.84 27.68
N LEU C 211 30.47 16.36 28.77
CA LEU C 211 30.51 17.16 29.99
C LEU C 211 31.43 18.36 29.84
N GLN C 212 32.37 18.32 28.90
CA GLN C 212 33.21 19.48 28.68
C GLN C 212 32.44 20.58 27.94
N ARG C 213 31.61 20.18 26.97
CA ARG C 213 30.80 21.16 26.25
C ARG C 213 29.73 21.76 27.15
N LEU C 214 29.05 20.92 27.92
CA LEU C 214 27.97 21.41 28.77
C LEU C 214 28.46 22.35 29.84
N LEU C 215 29.77 22.38 30.11
CA LEU C 215 30.30 23.32 31.09
C LEU C 215 30.30 24.74 30.58
N LYS C 216 30.27 24.95 29.27
CA LYS C 216 30.20 26.29 28.71
C LYS C 216 28.92 26.56 27.95
N GLU C 217 28.09 25.55 27.71
CA GLU C 217 26.84 25.73 26.99
C GLU C 217 25.61 25.54 27.86
N VAL C 218 25.74 24.93 29.03
CA VAL C 218 24.65 24.80 29.99
C VAL C 218 25.01 25.41 31.34
N TRP C 219 26.20 25.10 31.85
CA TRP C 219 26.58 25.63 33.15
C TRP C 219 26.82 27.13 33.07
N PHE C 220 27.59 27.57 32.09
CA PHE C 220 27.94 28.99 32.00
C PHE C 220 26.73 29.88 31.77
N PRO C 221 25.81 29.60 30.85
CA PRO C 221 24.64 30.47 30.72
C PRO C 221 23.80 30.55 31.97
N LEU C 222 23.71 29.47 32.74
CA LEU C 222 22.86 29.47 33.92
C LEU C 222 23.58 29.94 35.17
N ARG C 223 24.85 29.57 35.34
CA ARG C 223 25.60 29.93 36.53
C ARG C 223 26.48 31.15 36.34
N GLY C 224 27.01 31.35 35.14
CA GLY C 224 27.77 32.54 34.84
C GLY C 224 26.93 33.65 34.26
N GLY C 225 25.84 34.00 34.95
CA GLY C 225 24.94 35.02 34.43
C GLY C 225 25.58 36.39 34.40
N GLU C 226 26.37 36.71 35.42
CA GLU C 226 27.00 38.03 35.49
C GLU C 226 27.99 38.24 34.35
N ALA C 227 28.72 37.19 33.96
CA ALA C 227 29.68 37.33 32.87
C ALA C 227 28.99 37.73 31.57
N CYS C 228 27.83 37.13 31.29
CA CYS C 228 27.10 37.49 30.08
C CYS C 228 26.55 38.90 30.15
N GLU C 229 26.19 39.37 31.34
CA GLU C 229 25.62 40.70 31.49
C GLU C 229 26.67 41.80 31.32
N LYS C 230 27.95 41.47 31.50
CA LYS C 230 28.99 42.47 31.29
C LYS C 230 29.01 42.97 29.86
N MET C 231 28.86 42.07 28.89
CA MET C 231 28.83 42.44 27.49
C MET C 231 27.44 42.82 27.01
N GLY C 232 26.43 42.72 27.86
CA GLY C 232 25.05 42.98 27.43
C GLY C 232 24.57 42.00 26.39
N TYR C 233 24.87 40.72 26.57
CA TYR C 233 24.58 39.68 25.61
C TYR C 233 23.58 38.71 26.23
N ARG C 234 22.53 38.39 25.48
CA ARG C 234 21.53 37.43 25.96
C ARG C 234 22.01 36.05 25.52
N TYR C 235 22.58 35.30 26.46
CA TYR C 235 23.12 33.97 26.14
C TYR C 235 22.09 32.91 26.53
N ASP C 236 20.95 32.95 25.86
CA ASP C 236 19.92 31.93 26.04
C ASP C 236 20.22 30.82 25.06
N ASN C 237 20.59 29.65 25.58
CA ASN C 237 21.06 28.56 24.76
C ASN C 237 20.05 27.42 24.76
N GLY C 238 20.12 26.60 23.73
CA GLY C 238 19.29 25.42 23.63
C GLY C 238 20.10 24.23 23.19
N VAL C 239 20.11 23.18 24.01
CA VAL C 239 20.96 22.02 23.78
C VAL C 239 20.08 20.79 23.58
N LEU C 240 20.30 20.08 22.49
CA LEU C 240 19.56 18.88 22.13
C LEU C 240 20.49 17.69 22.25
N LEU C 241 20.11 16.72 23.07
CA LEU C 241 20.87 15.49 23.23
C LEU C 241 20.18 14.41 22.44
N HIS C 242 20.93 13.74 21.56
CA HIS C 242 20.38 12.64 20.79
C HIS C 242 21.43 11.55 20.69
N GLY C 243 20.96 10.33 20.48
CA GLY C 243 21.82 9.17 20.37
C GLY C 243 21.00 7.90 20.51
N PRO C 244 21.68 6.76 20.53
CA PRO C 244 20.95 5.51 20.75
C PRO C 244 20.29 5.50 22.11
N SER C 245 19.18 4.78 22.21
CA SER C 245 18.48 4.67 23.48
C SER C 245 19.34 3.90 24.46
N GLY C 246 19.47 4.43 25.67
CA GLY C 246 20.29 3.82 26.69
C GLY C 246 21.66 4.42 26.87
N CYS C 247 21.98 5.50 26.16
CA CYS C 247 23.29 6.12 26.23
C CYS C 247 23.35 7.18 27.32
N GLY C 248 22.50 7.07 28.33
CA GLY C 248 22.54 7.98 29.47
C GLY C 248 22.17 9.40 29.13
N LYS C 249 21.21 9.58 28.22
CA LYS C 249 20.74 10.93 27.91
C LYS C 249 19.89 11.49 29.04
N THR C 250 18.95 10.71 29.56
CA THR C 250 18.12 11.21 30.65
C THR C 250 18.92 11.38 31.93
N THR C 251 19.84 10.45 32.21
CA THR C 251 20.67 10.57 33.41
C THR C 251 21.64 11.73 33.30
N LEU C 252 22.17 11.99 32.10
CA LEU C 252 23.05 13.14 31.93
C LEU C 252 22.29 14.43 32.23
N ALA C 253 21.05 14.53 31.74
CA ALA C 253 20.28 15.74 31.99
C ALA C 253 20.02 15.90 33.48
N HIS C 254 19.66 14.81 34.16
CA HIS C 254 19.40 14.91 35.59
C HIS C 254 20.68 15.03 36.40
N ALA C 255 21.79 14.50 35.88
CA ALA C 255 23.06 14.66 36.58
C ALA C 255 23.50 16.13 36.56
N ILE C 256 23.42 16.77 35.40
CA ILE C 256 23.82 18.18 35.33
C ILE C 256 22.74 19.10 35.84
N ALA C 257 21.54 18.60 36.07
CA ALA C 257 20.48 19.43 36.66
C ALA C 257 20.60 19.49 38.17
N GLY C 258 21.37 18.59 38.78
CA GLY C 258 21.61 18.64 40.20
C GLY C 258 22.98 19.21 40.51
N SER C 259 23.85 19.25 39.50
CA SER C 259 25.18 19.81 39.67
C SER C 259 25.20 21.32 39.57
N ILE C 260 24.12 21.93 39.09
CA ILE C 260 24.05 23.38 38.94
C ILE C 260 23.27 24.03 40.08
N GLY C 261 22.16 23.43 40.49
CA GLY C 261 21.40 23.96 41.61
C GLY C 261 20.37 25.01 41.25
N VAL C 262 20.23 25.35 39.97
CA VAL C 262 19.22 26.30 39.54
C VAL C 262 17.88 25.59 39.44
N ALA C 263 16.81 26.36 39.26
CA ALA C 263 15.49 25.76 39.11
C ALA C 263 15.49 24.84 37.90
N PHE C 264 14.91 23.66 38.06
CA PHE C 264 14.87 22.65 37.02
C PHE C 264 13.42 22.28 36.76
N ILE C 265 13.02 22.26 35.50
CA ILE C 265 11.64 21.93 35.17
C ILE C 265 11.67 20.70 34.27
N PRO C 266 11.57 19.51 34.85
CA PRO C 266 11.50 18.29 34.04
C PRO C 266 10.15 18.20 33.36
N VAL C 267 10.15 18.09 32.05
CA VAL C 267 8.92 18.03 31.28
C VAL C 267 8.94 16.75 30.47
N SER C 268 7.88 15.96 30.62
CA SER C 268 7.65 14.78 29.81
C SER C 268 6.58 15.10 28.78
N ALA C 269 6.81 14.69 27.54
CA ALA C 269 5.94 15.11 26.45
C ALA C 269 4.49 14.70 26.69
N PRO C 270 4.17 13.47 27.09
CA PRO C 270 2.75 13.14 27.33
C PRO C 270 2.12 13.95 28.46
N SER C 271 2.90 14.52 29.38
CA SER C 271 2.30 15.18 30.53
C SER C 271 1.66 16.52 30.18
N VAL C 272 1.99 17.09 29.03
CA VAL C 272 1.48 18.40 28.63
C VAL C 272 0.27 18.25 27.69
N ILE C 273 -0.36 17.08 27.67
CA ILE C 273 -1.52 16.82 26.84
C ILE C 273 -2.76 16.85 27.71
N GLY C 274 -3.78 17.58 27.26
CA GLY C 274 -5.01 17.69 28.02
C GLY C 274 -6.22 17.29 27.19
N GLY C 275 -7.34 17.04 27.87
CA GLY C 275 -8.55 16.65 27.15
C GLY C 275 -9.31 17.81 26.56
N THR C 276 -9.16 19.00 27.12
CA THR C 276 -9.87 20.15 26.58
C THR C 276 -9.23 20.61 25.27
N SER C 277 -9.98 21.42 24.52
CA SER C 277 -9.53 21.84 23.20
C SER C 277 -8.30 22.72 23.27
N GLY C 278 -8.25 23.64 24.24
CA GLY C 278 -7.14 24.56 24.33
C GLY C 278 -6.21 24.30 25.50
N GLU C 279 -6.52 23.28 26.30
CA GLU C 279 -5.71 23.00 27.47
C GLU C 279 -4.34 22.48 27.07
N SER C 280 -4.27 21.71 25.99
CA SER C 280 -3.00 21.11 25.57
C SER C 280 -1.98 22.19 25.21
N GLU C 281 -2.38 23.19 24.45
CA GLU C 281 -1.46 24.25 24.08
C GLU C 281 -1.20 25.21 25.23
N LYS C 282 -2.16 25.34 26.14
CA LYS C 282 -1.98 26.22 27.29
C LYS C 282 -0.95 25.66 28.26
N ASN C 283 -0.90 24.33 28.39
CA ASN C 283 0.08 23.71 29.29
C ASN C 283 1.50 23.99 28.83
N ILE C 284 1.77 23.91 27.53
CA ILE C 284 3.12 24.23 27.04
C ILE C 284 3.43 25.70 27.23
N ARG C 285 2.44 26.57 27.01
CA ARG C 285 2.68 27.99 27.20
C ARG C 285 3.02 28.31 28.64
N ASP C 286 2.36 27.66 29.59
CA ASP C 286 2.65 27.88 31.00
C ASP C 286 4.02 27.35 31.40
N VAL C 287 4.55 26.36 30.69
CA VAL C 287 5.87 25.84 31.03
C VAL C 287 6.94 26.88 30.75
N PHE C 288 6.92 27.48 29.56
CA PHE C 288 7.93 28.49 29.23
C PHE C 288 7.67 29.81 29.95
N ASP C 289 6.42 30.12 30.25
CA ASP C 289 6.16 31.34 31.02
C ASP C 289 6.72 31.21 32.43
N GLU C 290 6.57 30.03 33.03
CA GLU C 290 7.09 29.82 34.38
C GLU C 290 8.61 29.81 34.37
N ALA C 291 9.23 29.27 33.32
CA ALA C 291 10.69 29.25 33.26
C ALA C 291 11.26 30.66 33.18
N ILE C 292 10.64 31.51 32.36
CA ILE C 292 11.07 32.90 32.28
C ILE C 292 10.86 33.59 33.62
N ARG C 293 9.74 33.30 34.27
CA ARG C 293 9.44 33.88 35.57
C ARG C 293 10.41 33.40 36.63
N LEU C 294 11.05 32.25 36.43
CA LEU C 294 11.98 31.67 37.39
C LEU C 294 13.42 31.71 36.87
N ALA C 295 13.71 32.61 35.93
CA ALA C 295 15.03 32.67 35.34
C ALA C 295 16.07 33.07 36.40
N PRO C 296 17.26 32.45 36.39
CA PRO C 296 17.68 31.41 35.44
C PRO C 296 17.05 30.06 35.72
N CYS C 297 16.70 29.35 34.65
CA CYS C 297 15.99 28.09 34.77
C CYS C 297 16.46 27.15 33.68
N LEU C 298 16.24 25.85 33.91
CA LEU C 298 16.61 24.81 32.97
C LEU C 298 15.38 23.96 32.66
N ILE C 299 14.96 23.96 31.41
CA ILE C 299 13.84 23.14 30.97
C ILE C 299 14.40 21.86 30.35
N PHE C 300 13.85 20.72 30.73
CA PHE C 300 14.22 19.44 30.15
C PHE C 300 12.99 18.85 29.46
N LEU C 301 12.97 18.90 28.12
CA LEU C 301 11.90 18.32 27.33
C LEU C 301 12.33 16.92 26.94
N ASP C 302 12.11 15.97 27.85
CA ASP C 302 12.50 14.60 27.58
C ASP C 302 11.53 13.96 26.60
N GLN C 303 12.08 13.18 25.66
CA GLN C 303 11.30 12.58 24.60
C GLN C 303 10.50 13.64 23.85
N ILE C 304 11.21 14.68 23.42
CA ILE C 304 10.56 15.80 22.74
C ILE C 304 9.92 15.37 21.44
N ASP C 305 10.42 14.30 20.82
CA ASP C 305 9.85 13.82 19.57
C ASP C 305 8.45 13.27 19.73
N ALA C 306 7.99 13.03 20.96
CA ALA C 306 6.61 12.58 21.13
C ALA C 306 5.62 13.68 20.79
N ILE C 307 5.91 14.91 21.18
CA ILE C 307 4.99 16.02 20.95
C ILE C 307 5.48 16.97 19.87
N ALA C 308 6.78 16.98 19.56
CA ALA C 308 7.34 17.90 18.57
C ALA C 308 7.65 17.19 17.27
N GLY C 309 6.81 16.24 16.89
CA GLY C 309 7.00 15.56 15.62
C GLY C 309 6.65 16.46 14.46
N ARG C 310 7.05 16.01 13.27
CA ARG C 310 6.85 16.81 12.07
C ARG C 310 5.38 17.17 11.89
N ARG C 311 5.10 18.46 11.75
CA ARG C 311 3.76 18.91 11.45
C ARG C 311 3.45 18.87 9.96
N GLU C 312 4.46 18.65 9.13
CA GLU C 312 4.28 18.52 7.69
C GLU C 312 3.87 17.11 7.27
N SER C 313 3.90 16.15 8.19
CA SER C 313 3.43 14.79 7.94
C SER C 313 2.22 14.45 8.78
N ALA C 314 2.25 14.74 10.08
CA ALA C 314 1.13 14.47 10.98
C ALA C 314 0.13 15.61 10.85
N ASN C 315 -0.72 15.51 9.82
CA ASN C 315 -1.66 16.58 9.48
C ASN C 315 -2.89 16.46 10.39
N LYS C 316 -2.72 16.94 11.61
CA LYS C 316 -3.81 17.14 12.56
C LYS C 316 -3.84 18.60 12.98
N GLY C 317 -4.73 18.94 13.90
CA GLY C 317 -4.76 20.31 14.36
C GLY C 317 -4.17 20.51 15.74
N MET C 318 -4.45 19.60 16.68
CA MET C 318 -3.81 19.71 17.98
C MET C 318 -2.31 19.48 17.87
N GLU C 319 -1.91 18.48 17.07
CA GLU C 319 -0.49 18.15 16.94
C GLU C 319 0.30 19.27 16.29
N SER C 320 -0.28 19.91 15.27
CA SER C 320 0.38 21.04 14.63
C SER C 320 0.41 22.27 15.50
N ARG C 321 -0.62 22.50 16.31
CA ARG C 321 -0.61 23.66 17.19
C ARG C 321 0.28 23.46 18.41
N ILE C 322 0.59 22.22 18.78
CA ILE C 322 1.56 21.99 19.83
C ILE C 322 2.96 22.34 19.36
N VAL C 323 3.30 21.93 18.12
CA VAL C 323 4.61 22.26 17.56
C VAL C 323 4.78 23.76 17.43
N ALA C 324 3.75 24.45 16.93
CA ALA C 324 3.85 25.90 16.79
C ALA C 324 3.93 26.59 18.13
N GLU C 325 3.33 26.01 19.18
CA GLU C 325 3.41 26.61 20.50
C GLU C 325 4.80 26.48 21.11
N ILE C 326 5.51 25.40 20.81
CA ILE C 326 6.86 25.24 21.34
C ILE C 326 7.81 26.24 20.69
N MET C 327 7.66 26.48 19.39
CA MET C 327 8.50 27.49 18.74
C MET C 327 8.27 28.85 19.36
N ASN C 328 7.01 29.22 19.58
CA ASN C 328 6.71 30.50 20.22
C ASN C 328 7.23 30.53 21.65
N GLY C 329 7.10 29.41 22.37
CA GLY C 329 7.60 29.36 23.73
C GLY C 329 9.11 29.50 23.81
N MET C 330 9.83 28.80 22.92
CA MET C 330 11.29 28.88 22.90
C MET C 330 11.81 30.22 22.41
N ASP C 331 10.98 31.04 21.78
CA ASP C 331 11.40 32.36 21.37
C ASP C 331 11.08 33.42 22.41
N ARG C 332 10.05 33.21 23.22
CA ARG C 332 9.78 34.14 24.31
C ARG C 332 10.91 34.15 25.31
N ILE C 333 11.58 33.00 25.47
CA ILE C 333 12.69 32.90 26.40
C ILE C 333 13.82 33.85 26.01
N ARG C 334 14.13 33.91 24.72
CA ARG C 334 15.20 34.77 24.23
C ARG C 334 14.94 36.25 24.41
N GLN C 335 13.71 36.65 24.69
CA GLN C 335 13.34 38.06 24.70
C GLN C 335 12.75 38.53 26.01
N ASN C 336 11.97 37.71 26.68
CA ASN C 336 11.28 38.11 27.90
C ASN C 336 12.13 37.96 29.16
N THR C 337 13.39 37.47 29.04
CA THR C 337 14.13 37.34 30.28
C THR C 337 14.93 38.61 30.56
N PRO C 338 15.11 38.96 31.84
CA PRO C 338 15.95 40.12 32.20
C PRO C 338 17.42 39.99 31.84
N LEU C 339 17.74 39.68 30.58
CA LEU C 339 19.10 39.78 30.06
C LEU C 339 20.09 38.87 30.80
N GLY C 340 20.35 39.18 32.08
CA GLY C 340 21.38 38.52 32.84
C GLY C 340 21.00 37.19 33.46
N LYS C 341 19.76 36.76 33.31
CA LYS C 341 19.28 35.49 33.85
C LYS C 341 18.81 34.65 32.68
N ASN C 342 19.74 33.92 32.07
CA ASN C 342 19.43 33.14 30.90
C ASN C 342 18.65 31.88 31.27
N VAL C 343 17.95 31.34 30.27
CA VAL C 343 17.20 30.10 30.41
C VAL C 343 17.68 29.15 29.33
N VAL C 344 18.08 27.95 29.75
CA VAL C 344 18.58 26.92 28.85
C VAL C 344 17.53 25.84 28.74
N VAL C 345 17.22 25.42 27.51
CA VAL C 345 16.26 24.37 27.26
C VAL C 345 17.03 23.13 26.87
N LEU C 346 16.87 22.06 27.64
CA LEU C 346 17.46 20.76 27.33
C LEU C 346 16.38 19.85 26.76
N ALA C 347 16.70 19.18 25.67
CA ALA C 347 15.80 18.22 25.05
C ALA C 347 16.56 16.94 24.74
N ALA C 348 15.95 15.80 25.05
CA ALA C 348 16.56 14.51 24.79
C ALA C 348 15.60 13.68 23.96
N THR C 349 16.11 13.09 22.88
CA THR C 349 15.31 12.23 22.03
C THR C 349 16.21 11.28 21.27
N ASN C 350 15.80 10.02 21.18
CA ASN C 350 16.52 9.02 20.42
C ASN C 350 16.04 8.93 18.97
N ARG C 351 15.11 9.77 18.57
CA ARG C 351 14.64 9.87 17.20
C ARG C 351 14.68 11.33 16.76
N PRO C 352 15.88 11.89 16.60
CA PRO C 352 15.98 13.31 16.22
C PRO C 352 15.45 13.60 14.83
N GLU C 353 15.31 12.58 13.98
CA GLU C 353 14.78 12.80 12.63
C GLU C 353 13.29 13.04 12.63
N PHE C 354 12.58 12.66 13.70
CA PHE C 354 11.16 12.92 13.77
C PHE C 354 10.85 14.37 14.14
N LEU C 355 11.85 15.12 14.60
CA LEU C 355 11.60 16.50 15.01
C LEU C 355 11.27 17.36 13.79
N ASP C 356 10.44 18.36 14.02
CA ASP C 356 10.15 19.33 12.98
C ASP C 356 11.40 20.14 12.67
N PRO C 357 11.78 20.31 11.41
CA PRO C 357 12.98 21.10 11.11
C PRO C 357 12.90 22.53 11.62
N ALA C 358 11.70 23.10 11.73
CA ALA C 358 11.59 24.44 12.29
C ALA C 358 11.79 24.46 13.80
N ILE C 359 11.66 23.33 14.47
CA ILE C 359 11.94 23.24 15.90
C ILE C 359 13.36 22.74 16.16
N ARG C 360 13.85 21.81 15.34
CA ARG C 360 15.20 21.30 15.54
C ARG C 360 16.24 22.38 15.33
N ARG C 361 15.96 23.38 14.49
CA ARG C 361 16.90 24.47 14.29
C ARG C 361 16.96 25.39 15.48
N ARG C 362 15.96 25.35 16.36
CA ARG C 362 15.94 26.24 17.51
C ARG C 362 16.85 25.77 18.63
N PHE C 363 17.45 24.60 18.51
CA PHE C 363 18.45 24.10 19.45
C PHE C 363 19.81 24.39 18.85
N SER C 364 20.54 25.34 19.43
CA SER C 364 21.82 25.74 18.88
C SER C 364 22.87 24.62 18.97
N VAL C 365 22.81 23.79 19.99
CA VAL C 365 23.81 22.74 20.19
C VAL C 365 23.12 21.40 20.14
N GLU C 366 23.65 20.50 19.31
CA GLU C 366 23.24 19.10 19.31
C GLU C 366 24.45 18.26 19.72
N ILE C 367 24.25 17.39 20.69
CA ILE C 367 25.29 16.54 21.22
C ILE C 367 24.91 15.10 20.93
N ASP C 368 25.78 14.39 20.23
CA ASP C 368 25.54 13.01 19.84
C ASP C 368 26.23 12.11 20.85
N MET C 369 25.45 11.60 21.80
CA MET C 369 25.97 10.68 22.81
C MET C 369 25.86 9.28 22.22
N GLY C 370 26.96 8.82 21.61
CA GLY C 370 27.00 7.53 20.98
C GLY C 370 27.24 6.42 21.97
N MET C 371 27.47 5.23 21.43
CA MET C 371 27.76 4.09 22.28
C MET C 371 29.14 4.27 22.91
N PRO C 372 29.30 3.91 24.19
CA PRO C 372 30.58 4.12 24.85
C PRO C 372 31.69 3.30 24.20
N SER C 373 32.89 3.85 24.22
CA SER C 373 34.07 3.16 23.73
C SER C 373 34.62 2.24 24.82
N GLU C 374 35.71 1.55 24.49
CA GLU C 374 36.32 0.63 25.44
C GLU C 374 36.80 1.36 26.68
N ARG C 375 37.39 2.54 26.49
CA ARG C 375 37.80 3.35 27.65
C ARG C 375 36.59 3.84 28.43
N ALA C 376 35.51 4.19 27.72
CA ALA C 376 34.33 4.71 28.41
C ALA C 376 33.61 3.63 29.20
N ARG C 377 33.57 2.40 28.68
CA ARG C 377 32.89 1.33 29.40
C ARG C 377 33.58 1.00 30.70
N GLU C 378 34.90 1.17 30.77
CA GLU C 378 35.59 0.95 32.03
C GLU C 378 35.15 1.96 33.08
N GLN C 379 35.00 3.23 32.68
CA GLN C 379 34.56 4.26 33.62
C GLN C 379 33.13 4.05 34.07
N ILE C 380 32.26 3.60 33.17
CA ILE C 380 30.87 3.37 33.55
C ILE C 380 30.76 2.25 34.58
N LEU C 381 31.52 1.17 34.39
CA LEU C 381 31.48 0.08 35.34
C LEU C 381 31.95 0.52 36.72
N ARG C 382 32.98 1.37 36.77
CA ARG C 382 33.44 1.86 38.06
C ARG C 382 32.38 2.73 38.73
N SER C 383 31.68 3.56 37.95
CA SER C 383 30.65 4.41 38.52
C SER C 383 29.41 3.64 38.91
N LEU C 384 29.18 2.47 38.32
CA LEU C 384 28.02 1.65 38.67
C LEU C 384 28.30 0.78 39.89
N THR C 385 29.57 0.44 40.10
CA THR C 385 29.99 -0.43 41.19
C THR C 385 30.68 0.31 42.32
N ARG C 386 30.63 1.65 42.32
CA ARG C 386 31.35 2.39 43.34
C ARG C 386 30.70 2.24 44.71
N ASP C 387 29.40 1.95 44.77
CA ASP C 387 28.72 1.73 46.04
C ASP C 387 28.57 0.27 46.40
N LEU C 388 29.10 -0.65 45.59
CA LEU C 388 29.05 -2.07 45.88
C LEU C 388 30.36 -2.54 46.48
N SER C 389 30.32 -3.75 47.05
CA SER C 389 31.50 -4.37 47.64
C SER C 389 32.08 -5.36 46.64
N LEU C 390 33.23 -5.01 46.06
CA LEU C 390 33.89 -5.85 45.07
C LEU C 390 35.05 -6.61 45.71
N ALA C 391 35.41 -7.73 45.07
CA ALA C 391 36.37 -8.65 45.66
C ALA C 391 37.82 -8.26 45.39
N ASP C 392 38.08 -7.02 45.00
CA ASP C 392 39.41 -6.44 44.82
C ASP C 392 40.19 -7.07 43.67
N ASP C 393 39.63 -8.07 42.98
CA ASP C 393 40.29 -8.66 41.83
C ASP C 393 39.54 -8.38 40.52
N ILE C 394 38.63 -7.41 40.53
CA ILE C 394 37.84 -7.11 39.35
C ILE C 394 38.74 -6.38 38.35
N ASN C 395 38.91 -6.97 37.17
CA ASN C 395 39.73 -6.40 36.11
C ASN C 395 38.78 -5.75 35.11
N PHE C 396 38.52 -4.46 35.30
CA PHE C 396 37.60 -3.74 34.43
C PHE C 396 38.14 -3.60 33.02
N LYS C 397 39.45 -3.72 32.83
CA LYS C 397 40.00 -3.76 31.48
C LYS C 397 39.47 -4.96 30.72
N GLU C 398 39.43 -6.13 31.39
CA GLU C 398 38.91 -7.32 30.75
C GLU C 398 37.41 -7.21 30.54
N LEU C 399 36.71 -6.62 31.52
CA LEU C 399 35.27 -6.44 31.39
C LEU C 399 34.92 -5.52 30.21
N ALA C 400 35.70 -4.47 30.01
CA ALA C 400 35.44 -3.58 28.89
C ALA C 400 35.73 -4.29 27.56
N LYS C 401 36.69 -5.20 27.55
CA LYS C 401 37.01 -5.91 26.31
C LYS C 401 35.94 -6.94 25.96
N MET C 402 35.25 -7.48 26.96
CA MET C 402 34.24 -8.51 26.73
C MET C 402 32.83 -7.95 26.60
N THR C 403 32.69 -6.65 26.39
CA THR C 403 31.38 -6.01 26.20
C THR C 403 31.42 -5.15 24.94
N PRO C 404 31.60 -5.77 23.78
CA PRO C 404 31.83 -4.99 22.55
C PRO C 404 30.67 -4.09 22.15
N GLY C 405 29.43 -4.51 22.36
CA GLY C 405 28.30 -3.76 21.86
C GLY C 405 27.36 -3.26 22.93
N TYR C 406 27.90 -2.86 24.06
CA TYR C 406 27.09 -2.43 25.19
C TYR C 406 27.02 -0.92 25.26
N VAL C 407 25.90 -0.42 25.78
CA VAL C 407 25.72 0.99 26.04
C VAL C 407 25.64 1.16 27.53
N GLY C 408 25.49 2.40 28.01
CA GLY C 408 25.47 2.63 29.44
C GLY C 408 24.36 1.88 30.15
N SER C 409 23.18 1.80 29.52
CA SER C 409 22.08 1.06 30.12
C SER C 409 22.34 -0.44 30.16
N ASP C 410 22.95 -0.99 29.10
CA ASP C 410 23.27 -2.41 29.08
C ASP C 410 24.28 -2.78 30.18
N LEU C 411 25.28 -1.94 30.40
CA LEU C 411 26.25 -2.20 31.45
C LEU C 411 25.63 -2.19 32.83
N GLN C 412 24.55 -1.43 33.04
CA GLN C 412 23.88 -1.49 34.34
C GLN C 412 23.28 -2.87 34.58
N TYR C 413 22.76 -3.52 33.54
CA TYR C 413 22.21 -4.86 33.71
C TYR C 413 23.30 -5.88 34.02
N VAL C 414 24.49 -5.71 33.45
CA VAL C 414 25.59 -6.61 33.77
C VAL C 414 25.96 -6.48 35.24
N VAL C 415 26.02 -5.27 35.75
CA VAL C 415 26.23 -5.10 37.19
C VAL C 415 25.05 -5.66 37.96
N LYS C 416 23.84 -5.41 37.45
CA LYS C 416 22.65 -5.95 38.10
C LYS C 416 22.65 -7.47 38.07
N ALA C 417 23.03 -8.06 36.94
CA ALA C 417 23.09 -9.52 36.85
C ALA C 417 24.18 -10.08 37.76
N ALA C 418 25.33 -9.42 37.80
CA ALA C 418 26.42 -9.89 38.65
C ALA C 418 26.05 -9.84 40.13
N VAL C 419 25.26 -8.84 40.52
CA VAL C 419 24.81 -8.77 41.91
C VAL C 419 23.96 -9.99 42.27
N SER C 420 23.06 -10.40 41.37
CA SER C 420 22.21 -11.55 41.66
C SER C 420 23.01 -12.83 41.78
N GLU C 421 24.16 -12.94 41.11
CA GLU C 421 25.00 -14.11 41.28
C GLU C 421 25.51 -14.22 42.70
N SER C 422 25.92 -13.10 43.29
CA SER C 422 26.44 -13.13 44.65
C SER C 422 25.37 -13.56 45.64
N PHE C 423 24.13 -13.15 45.41
CA PHE C 423 23.01 -13.50 46.27
C PHE C 423 22.31 -14.79 45.85
N GLN C 424 22.78 -15.46 44.80
CA GLN C 424 22.21 -16.76 44.46
C GLN C 424 22.48 -17.77 45.55
N ALA C 425 23.71 -17.78 46.09
CA ALA C 425 24.07 -18.71 47.14
C ALA C 425 23.35 -18.40 48.45
N ASN C 426 22.85 -17.19 48.62
CA ASN C 426 22.11 -16.82 49.83
C ASN C 426 20.64 -17.19 49.76
N ILE C 427 20.16 -17.63 48.60
CA ILE C 427 18.81 -18.16 48.48
C ILE C 427 18.79 -19.67 48.67
N ASP C 428 19.84 -20.37 48.22
CA ASP C 428 19.96 -21.79 48.49
C ASP C 428 20.03 -22.07 49.98
N SER C 429 20.77 -21.24 50.71
CA SER C 429 20.77 -21.36 52.17
C SER C 429 19.40 -21.04 52.75
N LEU C 430 18.61 -20.22 52.06
CA LEU C 430 17.23 -19.98 52.49
C LEU C 430 16.33 -21.15 52.14
N LEU C 431 16.53 -21.76 50.97
CA LEU C 431 15.76 -22.94 50.62
C LEU C 431 16.10 -24.13 51.51
N ALA C 432 17.36 -24.24 51.94
CA ALA C 432 17.73 -25.31 52.85
C ALA C 432 16.99 -25.19 54.18
N GLN C 433 16.81 -23.96 54.67
CA GLN C 433 16.02 -23.78 55.88
C GLN C 433 14.56 -24.12 55.67
N ALA C 434 14.08 -24.07 54.43
CA ALA C 434 12.70 -24.40 54.13
C ALA C 434 12.53 -25.86 53.73
N ARG C 435 13.48 -26.40 52.96
CA ARG C 435 13.41 -27.80 52.58
C ARG C 435 13.52 -28.71 53.79
N ALA C 436 14.40 -28.37 54.74
CA ALA C 436 14.52 -29.17 55.94
C ALA C 436 13.46 -28.86 56.98
N LYS C 437 12.67 -27.80 56.80
CA LYS C 437 11.61 -27.51 57.76
C LYS C 437 10.44 -28.47 57.61
N HIS C 438 10.13 -28.85 56.37
CA HIS C 438 9.04 -29.74 56.02
C HIS C 438 9.56 -31.12 55.63
N PRO C 439 8.74 -32.17 55.77
CA PRO C 439 9.11 -33.53 55.36
C PRO C 439 9.52 -33.62 53.88
N VAL C 446 5.72 -32.48 40.82
CA VAL C 446 6.25 -31.31 41.49
C VAL C 446 7.77 -31.35 41.47
N SER C 447 8.35 -30.73 40.43
CA SER C 447 9.80 -30.73 40.28
C SER C 447 10.44 -29.80 41.30
N GLN C 448 11.77 -29.75 41.28
CA GLN C 448 12.51 -28.92 42.23
C GLN C 448 12.16 -27.44 42.13
N PRO C 449 12.13 -26.82 40.95
CA PRO C 449 11.74 -25.40 40.90
C PRO C 449 10.36 -25.10 41.45
N GLN C 450 9.40 -26.01 41.27
CA GLN C 450 8.07 -25.78 41.81
C GLN C 450 8.05 -25.84 43.33
N ARG C 451 8.87 -26.70 43.94
CA ARG C 451 8.95 -26.75 45.39
C ARG C 451 9.52 -25.45 45.95
N ASP C 452 10.51 -24.87 45.27
CA ASP C 452 11.11 -23.64 45.75
C ASP C 452 10.10 -22.51 45.80
N TRP C 453 9.29 -22.37 44.75
CA TRP C 453 8.26 -21.34 44.74
C TRP C 453 7.17 -21.60 45.77
N LEU C 454 7.01 -22.84 46.23
CA LEU C 454 6.00 -23.15 47.23
C LEU C 454 6.54 -23.04 48.64
N LEU C 455 7.78 -23.48 48.87
CA LEU C 455 8.40 -23.36 50.17
C LEU C 455 8.61 -21.90 50.56
N LEU C 456 9.05 -21.07 49.62
CA LEU C 456 9.21 -19.65 49.87
C LEU C 456 7.87 -18.96 50.09
N GLU C 457 6.81 -19.45 49.45
CA GLU C 457 5.48 -18.91 49.69
C GLU C 457 5.04 -19.17 51.13
N ALA C 458 5.37 -20.35 51.67
CA ALA C 458 4.98 -20.66 53.04
C ALA C 458 5.63 -19.70 54.03
N HIS C 459 6.90 -19.40 53.85
CA HIS C 459 7.62 -18.47 54.73
C HIS C 459 7.52 -17.04 54.20
N ARG C 460 6.28 -16.61 53.96
CA ARG C 460 6.03 -15.28 53.43
C ARG C 460 6.02 -14.20 54.50
N ASP C 461 5.56 -14.52 55.70
CA ASP C 461 5.57 -13.57 56.81
C ASP C 461 6.84 -13.64 57.63
N GLU C 462 7.78 -14.51 57.26
CA GLU C 462 9.05 -14.66 57.95
C GLU C 462 10.20 -14.43 56.98
N GLU C 463 11.20 -13.69 57.43
CA GLU C 463 12.35 -13.35 56.59
C GLU C 463 13.64 -13.74 57.29
N VAL C 464 14.65 -14.04 56.48
CA VAL C 464 15.96 -14.44 56.97
C VAL C 464 16.99 -13.45 56.42
N SER C 465 17.79 -12.87 57.33
CA SER C 465 18.77 -11.87 56.93
C SER C 465 19.80 -12.48 55.98
N TRP C 466 20.11 -11.75 54.91
CA TRP C 466 21.07 -12.24 53.93
C TRP C 466 22.46 -11.72 54.28
N PRO C 467 23.44 -12.59 54.52
CA PRO C 467 24.80 -12.11 54.78
C PRO C 467 25.37 -11.36 53.58
N SER C 468 26.13 -10.30 53.88
CA SER C 468 26.77 -9.51 52.83
C SER C 468 27.90 -10.28 52.18
N THR C 469 27.95 -10.25 50.85
CA THR C 469 28.98 -10.96 50.10
C THR C 469 29.54 -10.06 49.00
N LYS C 470 30.78 -10.33 48.63
CA LYS C 470 31.44 -9.61 47.56
C LYS C 470 31.20 -10.30 46.22
N ILE C 471 31.27 -9.51 45.15
CA ILE C 471 31.10 -10.01 43.79
C ILE C 471 32.47 -10.30 43.20
N THR C 472 32.72 -11.58 42.91
CA THR C 472 34.00 -11.99 42.38
C THR C 472 34.08 -11.74 40.88
N MET C 473 35.26 -11.99 40.30
CA MET C 473 35.43 -11.78 38.87
C MET C 473 34.73 -12.86 38.05
N GLU C 474 34.60 -14.07 38.60
CA GLU C 474 33.89 -15.11 37.87
C GLU C 474 32.41 -14.76 37.70
N GLN C 475 31.81 -14.16 38.73
CA GLN C 475 30.42 -13.74 38.61
C GLN C 475 30.25 -12.68 37.53
N PHE C 476 31.15 -11.71 37.48
CA PHE C 476 31.07 -10.69 36.43
C PHE C 476 31.23 -11.32 35.06
N ARG C 477 32.19 -12.24 34.91
CA ARG C 477 32.36 -12.90 33.61
C ARG C 477 31.17 -13.77 33.27
N LYS C 478 30.50 -14.33 34.29
CA LYS C 478 29.25 -15.05 34.05
C LYS C 478 28.09 -14.12 33.78
N ALA C 479 28.07 -12.94 34.40
CA ALA C 479 26.98 -12.00 34.19
C ALA C 479 26.93 -11.47 32.76
N VAL C 480 28.10 -11.31 32.12
CA VAL C 480 28.14 -10.80 30.75
C VAL C 480 27.45 -11.76 29.78
N SER C 481 27.62 -13.07 29.99
CA SER C 481 26.97 -14.01 29.10
C SER C 481 25.46 -14.02 29.30
N LEU C 482 25.00 -13.82 30.53
CA LEU C 482 23.56 -13.82 30.80
C LEU C 482 22.85 -12.58 30.27
N VAL C 483 23.58 -11.48 30.06
CA VAL C 483 22.98 -10.22 29.65
C VAL C 483 23.16 -10.04 28.15
N GLN C 484 22.06 -9.88 27.44
CA GLN C 484 22.16 -9.57 26.03
C GLN C 484 22.05 -8.06 25.83
N PRO C 485 22.96 -7.48 25.04
CA PRO C 485 22.94 -6.05 24.81
C PRO C 485 21.63 -5.61 24.16
N ALA C 486 21.24 -4.37 24.43
CA ALA C 486 20.04 -3.83 23.80
C ALA C 486 20.13 -3.88 22.28
N SER C 487 21.32 -3.69 21.72
CA SER C 487 21.51 -3.78 20.28
C SER C 487 21.46 -5.22 19.78
N LYS C 488 21.66 -6.20 20.66
CA LYS C 488 21.70 -7.60 20.28
C LYS C 488 20.38 -8.31 20.49
N ARG C 489 19.33 -7.58 20.88
CA ARG C 489 18.07 -8.23 21.20
C ARG C 489 17.48 -8.96 20.00
N GLU C 490 17.53 -8.34 18.82
CA GLU C 490 16.98 -8.95 17.64
C GLU C 490 17.93 -8.77 16.46
N GLY C 491 17.84 -9.69 15.51
CA GLY C 491 18.66 -9.66 14.32
C GLY C 491 19.96 -10.43 14.42
N PHE C 492 20.32 -10.92 15.61
CA PHE C 492 21.57 -11.63 15.82
C PHE C 492 21.31 -13.12 15.97
N SER C 493 22.11 -13.92 15.27
CA SER C 493 21.98 -15.36 15.34
C SER C 493 22.66 -15.89 16.60
N THR C 494 22.18 -17.06 17.06
CA THR C 494 22.79 -17.71 18.20
C THR C 494 24.14 -18.29 17.83
N ILE C 495 25.07 -18.27 18.78
CA ILE C 495 26.43 -18.73 18.51
C ILE C 495 26.39 -20.23 18.27
N PRO C 496 26.99 -20.73 17.19
CA PRO C 496 26.98 -22.18 16.94
C PRO C 496 27.76 -22.91 18.01
N ASP C 497 27.35 -24.15 18.26
CA ASP C 497 28.02 -25.00 19.24
C ASP C 497 29.30 -25.61 18.71
N THR C 498 29.58 -25.48 17.42
CA THR C 498 30.76 -26.10 16.82
C THR C 498 32.03 -25.44 17.34
N THR C 499 32.99 -26.26 17.77
CA THR C 499 34.30 -25.82 18.20
C THR C 499 35.34 -26.45 17.29
N TRP C 500 36.62 -26.15 17.56
CA TRP C 500 37.67 -26.78 16.78
C TRP C 500 37.77 -28.28 17.02
N SER C 501 37.20 -28.77 18.13
CA SER C 501 37.20 -30.21 18.35
C SER C 501 36.25 -30.92 17.39
N HIS C 502 35.29 -30.20 16.82
CA HIS C 502 34.39 -30.77 15.81
C HIS C 502 34.97 -30.72 14.40
N VAL C 503 36.05 -29.97 14.18
CA VAL C 503 36.61 -29.80 12.85
C VAL C 503 37.90 -30.61 12.78
N GLY C 504 37.90 -31.63 11.92
CA GLY C 504 39.07 -32.43 11.67
C GLY C 504 39.75 -32.01 10.38
N ALA C 505 41.07 -32.19 10.35
CA ALA C 505 41.90 -31.74 9.22
C ALA C 505 41.71 -30.23 9.07
N LEU C 506 41.80 -29.73 7.83
CA LEU C 506 41.61 -28.31 7.55
C LEU C 506 42.58 -27.45 8.35
N GLU C 507 43.80 -27.95 8.53
CA GLU C 507 44.79 -27.17 9.27
C GLU C 507 45.15 -25.89 8.52
N ASP C 508 45.27 -25.97 7.19
CA ASP C 508 45.57 -24.77 6.41
C ASP C 508 44.43 -23.76 6.52
N VAL C 509 43.20 -24.23 6.44
CA VAL C 509 42.04 -23.34 6.57
C VAL C 509 41.96 -22.78 7.99
N ARG C 510 42.25 -23.62 8.98
CA ARG C 510 42.17 -23.16 10.36
C ARG C 510 43.19 -22.05 10.63
N LYS C 511 44.39 -22.18 10.05
CA LYS C 511 45.40 -21.15 10.25
C LYS C 511 45.00 -19.83 9.59
N LYS C 512 44.39 -19.88 8.41
CA LYS C 512 43.95 -18.64 7.76
C LYS C 512 42.82 -17.98 8.54
N LEU C 513 41.87 -18.76 9.05
CA LEU C 513 40.76 -18.15 9.77
C LEU C 513 41.19 -17.63 11.14
N GLU C 514 42.24 -18.21 11.72
CA GLU C 514 42.74 -17.67 12.98
C GLU C 514 43.53 -16.39 12.76
N MET C 515 44.31 -16.32 11.68
CA MET C 515 45.07 -15.12 11.38
C MET C 515 44.20 -13.99 10.85
N SER C 516 43.09 -14.32 10.20
CA SER C 516 42.27 -13.30 9.55
C SER C 516 41.10 -12.83 10.40
N ILE C 517 40.56 -13.69 11.25
CA ILE C 517 39.36 -13.35 12.02
C ILE C 517 39.60 -13.52 13.51
N ILE C 518 39.95 -14.73 13.93
CA ILE C 518 40.05 -14.99 15.37
C ILE C 518 41.16 -14.18 15.99
N GLY C 519 42.26 -14.02 15.26
CA GLY C 519 43.38 -13.24 15.74
C GLY C 519 43.01 -11.80 16.06
N PRO C 520 42.63 -11.04 15.04
CA PRO C 520 42.30 -9.62 15.27
C PRO C 520 41.14 -9.40 16.22
N ILE C 521 40.22 -10.35 16.35
CA ILE C 521 39.12 -10.16 17.28
C ILE C 521 39.60 -10.21 18.72
N LYS C 522 40.42 -11.22 19.05
CA LYS C 522 40.81 -11.42 20.43
C LYS C 522 41.81 -10.37 20.91
N ASN C 523 42.83 -10.09 20.11
CA ASN C 523 43.86 -9.10 20.45
C ASN C 523 44.05 -8.12 19.32
N PRO C 524 43.14 -7.17 19.15
CA PRO C 524 43.29 -6.18 18.07
C PRO C 524 44.50 -5.27 18.23
N GLU C 525 45.05 -5.16 19.45
CA GLU C 525 46.21 -4.29 19.65
C GLU C 525 47.41 -4.79 18.87
N LEU C 526 47.64 -6.10 18.86
CA LEU C 526 48.78 -6.65 18.14
C LEU C 526 48.65 -6.44 16.65
N PHE C 527 47.45 -6.66 16.10
CA PHE C 527 47.27 -6.52 14.67
C PHE C 527 47.24 -5.07 14.22
N THR C 528 46.96 -4.13 15.11
CA THR C 528 46.97 -2.73 14.75
C THR C 528 48.39 -2.20 14.55
N ARG C 529 49.34 -2.70 15.35
CA ARG C 529 50.71 -2.22 15.27
C ARG C 529 51.33 -2.51 13.91
N VAL C 530 51.12 -3.72 13.38
CA VAL C 530 51.67 -4.08 12.08
C VAL C 530 50.91 -3.44 10.93
N GLY C 531 49.75 -2.84 11.19
CA GLY C 531 49.04 -2.16 10.13
C GLY C 531 48.03 -3.04 9.44
N ILE C 532 47.17 -3.67 10.21
CA ILE C 532 46.11 -4.54 9.70
C ILE C 532 44.79 -3.91 10.12
N LYS C 533 43.94 -3.64 9.14
CA LYS C 533 42.67 -3.01 9.44
C LYS C 533 41.78 -3.97 10.23
N PRO C 534 40.98 -3.46 11.16
CA PRO C 534 40.09 -4.34 11.92
C PRO C 534 38.84 -4.73 11.12
N ALA C 535 39.08 -5.39 9.99
CA ALA C 535 38.00 -5.84 9.12
C ALA C 535 38.59 -6.86 8.17
N ALA C 536 37.91 -8.00 8.01
CA ALA C 536 38.38 -9.05 7.14
C ALA C 536 37.23 -9.53 6.27
N GLY C 537 37.57 -9.92 5.05
CA GLY C 537 36.59 -10.53 4.19
C GLY C 537 37.06 -11.87 3.67
N ILE C 538 36.37 -12.93 4.05
CA ILE C 538 36.77 -14.29 3.74
C ILE C 538 35.68 -14.88 2.87
N LEU C 539 36.09 -15.55 1.80
CA LEU C 539 35.17 -16.27 0.93
C LEU C 539 35.57 -17.73 0.96
N LEU C 540 34.78 -18.55 1.65
CA LEU C 540 34.98 -19.98 1.66
C LEU C 540 34.22 -20.59 0.49
N TRP C 541 34.92 -21.38 -0.31
CA TRP C 541 34.29 -21.96 -1.48
C TRP C 541 34.89 -23.33 -1.74
N GLY C 542 34.12 -24.17 -2.44
CA GLY C 542 34.54 -25.51 -2.75
C GLY C 542 33.37 -26.43 -2.96
N PRO C 543 33.66 -27.73 -3.15
CA PRO C 543 32.58 -28.68 -3.38
C PRO C 543 31.72 -28.82 -2.15
N PRO C 544 30.44 -29.19 -2.30
CA PRO C 544 29.55 -29.31 -1.16
C PRO C 544 29.96 -30.44 -0.23
N GLY C 545 29.69 -30.24 1.05
CA GLY C 545 29.93 -31.26 2.04
C GLY C 545 31.34 -31.33 2.59
N CYS C 546 32.21 -30.38 2.23
CA CYS C 546 33.61 -30.47 2.63
C CYS C 546 33.95 -29.63 3.84
N GLY C 547 32.98 -28.96 4.46
CA GLY C 547 33.18 -28.30 5.72
C GLY C 547 33.19 -26.78 5.70
N LYS C 548 32.63 -26.15 4.67
CA LYS C 548 32.63 -24.69 4.60
C LYS C 548 31.78 -24.08 5.70
N THR C 549 30.55 -24.55 5.85
CA THR C 549 29.70 -24.01 6.90
C THR C 549 30.16 -24.45 8.27
N LEU C 550 30.68 -25.68 8.39
CA LEU C 550 31.15 -26.15 9.68
C LEU C 550 32.31 -25.32 10.21
N VAL C 551 33.28 -25.00 9.35
CA VAL C 551 34.44 -24.25 9.83
C VAL C 551 34.10 -22.79 10.06
N ALA C 552 33.06 -22.28 9.41
CA ALA C 552 32.62 -20.92 9.65
C ALA C 552 31.71 -20.81 10.86
N LYS C 553 31.19 -21.94 11.35
CA LYS C 553 30.46 -21.95 12.60
C LYS C 553 31.38 -22.13 13.81
N ALA C 554 32.56 -22.71 13.61
CA ALA C 554 33.55 -22.76 14.67
C ALA C 554 34.20 -21.41 14.90
N VAL C 555 34.48 -20.68 13.81
CA VAL C 555 35.05 -19.34 13.94
C VAL C 555 34.08 -18.42 14.67
N ALA C 556 32.79 -18.52 14.36
CA ALA C 556 31.81 -17.71 15.07
C ALA C 556 31.77 -18.06 16.54
N ASN C 557 32.17 -19.28 16.90
CA ASN C 557 32.14 -19.74 18.28
C ASN C 557 33.48 -19.57 18.99
N GLU C 558 34.59 -19.80 18.28
CA GLU C 558 35.90 -19.67 18.92
C GLU C 558 36.30 -18.21 19.12
N SER C 559 35.90 -17.34 18.21
CA SER C 559 36.22 -15.92 18.35
C SER C 559 35.48 -15.27 19.50
N LYS C 560 34.37 -15.86 19.94
CA LYS C 560 33.59 -15.35 21.06
C LYS C 560 33.09 -13.93 20.80
N ALA C 561 32.84 -13.62 19.54
CA ALA C 561 32.29 -12.34 19.13
C ALA C 561 30.82 -12.50 18.76
N ASN C 562 30.17 -11.39 18.45
CA ASN C 562 28.79 -11.43 18.02
C ASN C 562 28.70 -12.07 16.64
N PHE C 563 27.57 -12.70 16.37
CA PHE C 563 27.40 -13.51 15.18
C PHE C 563 26.05 -13.18 14.53
N ILE C 564 26.09 -12.91 13.23
CA ILE C 564 24.88 -12.81 12.42
C ILE C 564 25.02 -13.76 11.25
N SER C 565 24.03 -14.62 11.07
CA SER C 565 24.03 -15.60 9.99
C SER C 565 22.91 -15.28 9.01
N ILE C 566 23.23 -15.33 7.73
CA ILE C 566 22.30 -15.06 6.65
C ILE C 566 22.12 -16.35 5.87
N LYS C 567 20.87 -16.78 5.71
CA LYS C 567 20.55 -18.04 5.05
C LYS C 567 20.26 -17.74 3.58
N GLY C 568 21.32 -17.67 2.79
CA GLY C 568 21.19 -17.41 1.37
C GLY C 568 20.51 -16.10 1.09
N PRO C 569 19.50 -16.11 0.22
CA PRO C 569 18.74 -14.90 -0.11
C PRO C 569 17.68 -14.56 0.92
N GLU C 570 18.07 -14.55 2.19
CA GLU C 570 17.13 -14.31 3.27
C GLU C 570 16.69 -12.86 3.35
N LEU C 571 17.47 -11.93 2.83
CA LEU C 571 17.16 -10.51 2.97
C LEU C 571 16.21 -9.97 1.90
N LEU C 572 15.91 -10.75 0.86
CA LEU C 572 15.08 -10.26 -0.23
C LEU C 572 13.63 -10.06 0.22
N ASN C 573 13.03 -8.96 -0.23
CA ASN C 573 11.65 -8.64 0.09
C ASN C 573 10.93 -8.23 -1.20
N LYS C 574 9.61 -8.41 -1.20
CA LYS C 574 8.83 -8.16 -2.41
C LYS C 574 8.66 -6.68 -2.72
N TYR C 575 8.81 -5.82 -1.73
CA TYR C 575 8.63 -4.39 -1.95
C TYR C 575 9.90 -3.76 -2.50
N VAL C 576 9.74 -2.56 -3.05
CA VAL C 576 10.78 -1.96 -3.88
C VAL C 576 12.03 -1.67 -3.06
N GLY C 577 11.87 -1.01 -1.92
CA GLY C 577 13.02 -0.60 -1.14
C GLY C 577 13.35 -1.46 0.05
N GLU C 578 12.56 -2.49 0.34
CA GLU C 578 12.73 -3.23 1.58
C GLU C 578 13.85 -4.25 1.49
N SER C 579 14.31 -4.58 0.30
CA SER C 579 15.44 -5.51 0.19
C SER C 579 16.77 -4.79 0.34
N GLU C 580 16.89 -3.58 -0.20
CA GLU C 580 18.11 -2.82 0.04
C GLU C 580 18.15 -2.27 1.46
N ARG C 581 16.99 -1.97 2.04
CA ARG C 581 16.94 -1.49 3.42
C ARG C 581 17.37 -2.56 4.40
N ALA C 582 17.05 -3.83 4.12
CA ALA C 582 17.48 -4.91 5.00
C ALA C 582 18.99 -5.07 5.01
N VAL C 583 19.63 -4.93 3.84
CA VAL C 583 21.09 -5.00 3.80
C VAL C 583 21.72 -3.84 4.53
N ARG C 584 21.20 -2.63 4.35
CA ARG C 584 21.75 -1.49 5.07
C ARG C 584 21.53 -1.62 6.56
N GLN C 585 20.37 -2.14 6.97
CA GLN C 585 20.16 -2.35 8.40
C GLN C 585 21.02 -3.49 8.92
N LEU C 586 21.37 -4.46 8.05
CA LEU C 586 22.22 -5.56 8.48
C LEU C 586 23.61 -5.06 8.87
N PHE C 587 24.17 -4.15 8.07
CA PHE C 587 25.49 -3.62 8.39
C PHE C 587 25.43 -2.52 9.44
N SER C 588 24.25 -1.97 9.70
CA SER C 588 24.14 -1.00 10.79
C SER C 588 24.22 -1.70 12.14
N ARG C 589 23.56 -2.86 12.27
CA ARG C 589 23.68 -3.63 13.50
C ARG C 589 25.09 -4.14 13.70
N ALA C 590 25.71 -4.67 12.64
CA ALA C 590 27.06 -5.21 12.77
C ALA C 590 28.06 -4.13 13.18
N LYS C 591 27.93 -2.94 12.61
CA LYS C 591 28.83 -1.86 12.98
C LYS C 591 28.60 -1.42 14.42
N SER C 592 27.35 -1.37 14.84
CA SER C 592 27.03 -0.95 16.19
C SER C 592 27.48 -1.95 17.24
N SER C 593 27.66 -3.20 16.87
CA SER C 593 28.06 -4.25 17.80
C SER C 593 29.38 -4.90 17.38
N ALA C 594 30.33 -4.07 16.95
CA ALA C 594 31.63 -4.59 16.57
C ALA C 594 32.41 -5.01 17.79
N PRO C 595 33.24 -6.07 17.69
CA PRO C 595 33.41 -6.88 16.49
C PRO C 595 32.25 -7.82 16.26
N CYS C 596 31.86 -7.98 15.00
CA CYS C 596 30.77 -8.85 14.62
C CYS C 596 31.18 -9.64 13.39
N ILE C 597 30.68 -10.87 13.31
CA ILE C 597 30.96 -11.74 12.18
C ILE C 597 29.69 -11.89 11.38
N LEU C 598 29.73 -11.46 10.12
CA LEU C 598 28.62 -11.65 9.20
C LEU C 598 28.93 -12.87 8.34
N PHE C 599 28.08 -13.87 8.43
CA PHE C 599 28.25 -15.10 7.68
C PHE C 599 27.14 -15.18 6.64
N PHE C 600 27.53 -15.26 5.38
CA PHE C 600 26.59 -15.41 4.27
C PHE C 600 26.69 -16.85 3.79
N ASP C 601 25.74 -17.67 4.19
CA ASP C 601 25.74 -19.06 3.75
C ASP C 601 25.07 -19.13 2.39
N GLN C 602 25.72 -19.83 1.45
CA GLN C 602 25.25 -19.91 0.07
C GLN C 602 25.06 -18.51 -0.51
N MET C 603 26.17 -17.78 -0.55
CA MET C 603 26.11 -16.36 -0.87
C MET C 603 25.88 -16.09 -2.35
N ASP C 604 26.05 -17.09 -3.22
CA ASP C 604 25.85 -16.83 -4.64
C ASP C 604 24.42 -16.45 -4.97
N ALA C 605 23.48 -16.71 -4.08
CA ALA C 605 22.10 -16.31 -4.30
C ALA C 605 21.83 -14.87 -3.87
N LEU C 606 22.76 -14.24 -3.16
CA LEU C 606 22.60 -12.85 -2.73
C LEU C 606 23.42 -11.86 -3.52
N VAL C 607 24.54 -12.28 -4.10
CA VAL C 607 25.37 -11.38 -4.90
C VAL C 607 25.63 -12.00 -6.27
N PRO C 608 24.62 -12.17 -7.11
CA PRO C 608 24.87 -12.71 -8.45
C PRO C 608 25.65 -11.71 -9.28
N ARG C 609 26.42 -12.24 -10.22
CA ARG C 609 27.24 -11.39 -11.07
C ARG C 609 26.36 -10.45 -11.88
N ARG C 610 26.73 -9.17 -11.90
CA ARG C 610 25.90 -8.13 -12.49
C ARG C 610 26.07 -8.16 -14.00
N ASP C 611 25.02 -8.55 -14.72
CA ASP C 611 25.00 -8.55 -16.16
C ASP C 611 23.74 -7.83 -16.65
N ASP C 612 23.64 -7.67 -17.96
CA ASP C 612 22.44 -7.06 -18.54
C ASP C 612 21.21 -7.93 -18.30
N SER C 613 21.38 -9.25 -18.41
CA SER C 613 20.28 -10.18 -18.19
C SER C 613 19.87 -10.30 -16.72
N LEU C 614 20.65 -9.74 -15.81
CA LEU C 614 20.29 -9.83 -14.39
C LEU C 614 19.06 -8.99 -14.08
N SER C 615 18.24 -9.50 -13.17
CA SER C 615 17.06 -8.77 -12.72
C SER C 615 17.47 -7.48 -12.02
N ASP C 616 16.67 -6.44 -12.23
CA ASP C 616 16.98 -5.15 -11.59
C ASP C 616 16.83 -5.22 -10.08
N ALA C 617 15.82 -5.96 -9.59
CA ALA C 617 15.64 -6.05 -8.15
C ALA C 617 16.80 -6.76 -7.46
N SER C 618 17.38 -7.77 -8.12
CA SER C 618 18.52 -8.44 -7.52
C SER C 618 19.84 -7.73 -7.80
N ALA C 619 19.87 -6.78 -8.73
CA ALA C 619 21.05 -5.97 -8.95
C ALA C 619 21.18 -4.80 -7.98
N ARG C 620 20.08 -4.36 -7.38
CA ARG C 620 20.18 -3.32 -6.37
C ARG C 620 20.74 -3.84 -5.06
N VAL C 621 20.44 -5.09 -4.70
CA VAL C 621 21.00 -5.66 -3.49
C VAL C 621 22.51 -5.83 -3.63
N VAL C 622 22.99 -6.22 -4.81
CA VAL C 622 24.41 -6.35 -5.02
C VAL C 622 25.10 -5.00 -4.86
N ASN C 623 24.52 -3.96 -5.45
CA ASN C 623 25.14 -2.64 -5.35
C ASN C 623 25.02 -2.07 -3.94
N THR C 624 23.97 -2.45 -3.21
CA THR C 624 23.87 -2.06 -1.81
C THR C 624 24.99 -2.69 -0.99
N LEU C 625 25.28 -3.97 -1.24
CA LEU C 625 26.37 -4.64 -0.53
C LEU C 625 27.72 -4.08 -0.90
N LEU C 626 27.88 -3.58 -2.12
CA LEU C 626 29.15 -2.98 -2.50
C LEU C 626 29.48 -1.77 -1.65
N THR C 627 28.49 -0.92 -1.38
CA THR C 627 28.72 0.27 -0.57
C THR C 627 28.86 -0.05 0.91
N GLU C 628 28.14 -1.04 1.41
CA GLU C 628 28.24 -1.39 2.82
C GLU C 628 29.57 -2.04 3.15
N LEU C 629 30.07 -2.91 2.26
CA LEU C 629 31.33 -3.57 2.53
C LEU C 629 32.50 -2.62 2.41
N ASP C 630 32.52 -1.79 1.38
CA ASP C 630 33.62 -0.83 1.19
C ASP C 630 33.06 0.38 0.45
N GLY C 631 32.69 1.41 1.21
CA GLY C 631 32.17 2.63 0.64
C GLY C 631 32.67 3.85 1.37
N VAL C 632 31.90 4.93 1.34
CA VAL C 632 32.26 6.13 2.09
C VAL C 632 32.26 5.85 3.59
N GLY C 633 31.24 5.13 4.06
CA GLY C 633 31.20 4.73 5.46
C GLY C 633 31.95 3.43 5.70
N ASP C 634 33.16 3.52 6.24
CA ASP C 634 33.94 2.32 6.52
C ASP C 634 33.32 1.53 7.66
N ARG C 635 33.36 0.20 7.53
CA ARG C 635 32.69 -0.70 8.46
C ARG C 635 33.66 -1.39 9.41
N SER C 636 34.70 -0.69 9.86
CA SER C 636 35.73 -1.33 10.67
C SER C 636 35.12 -2.01 11.89
N GLY C 637 35.52 -3.25 12.13
CA GLY C 637 34.98 -4.07 13.19
C GLY C 637 33.95 -5.08 12.73
N ILE C 638 33.69 -5.16 11.43
CA ILE C 638 32.75 -6.10 10.85
C ILE C 638 33.55 -7.10 10.03
N TYR C 639 33.45 -8.38 10.36
CA TYR C 639 34.16 -9.43 9.67
C TYR C 639 33.16 -10.28 8.91
N VAL C 640 33.37 -10.42 7.61
CA VAL C 640 32.41 -11.04 6.71
C VAL C 640 32.98 -12.38 6.24
N ILE C 641 32.17 -13.42 6.36
CA ILE C 641 32.50 -14.76 5.88
C ILE C 641 31.44 -15.15 4.88
N GLY C 642 31.88 -15.61 3.72
CA GLY C 642 30.98 -16.09 2.68
C GLY C 642 31.28 -17.55 2.36
N ALA C 643 30.22 -18.32 2.19
CA ALA C 643 30.32 -19.73 1.83
C ALA C 643 29.49 -19.98 0.59
N THR C 644 30.08 -20.62 -0.41
CA THR C 644 29.38 -20.88 -1.65
C THR C 644 30.02 -22.05 -2.36
N ASN C 645 29.26 -22.69 -3.24
CA ASN C 645 29.78 -23.74 -4.09
C ASN C 645 30.20 -23.23 -5.46
N ARG C 646 29.75 -22.04 -5.84
CA ARG C 646 29.97 -21.47 -7.17
C ARG C 646 30.61 -20.10 -6.99
N PRO C 647 31.91 -20.06 -6.73
CA PRO C 647 32.58 -18.76 -6.58
C PRO C 647 32.57 -17.92 -7.84
N ASP C 648 32.40 -18.53 -9.01
CA ASP C 648 32.39 -17.76 -10.24
C ASP C 648 31.07 -17.04 -10.48
N MET C 649 30.02 -17.39 -9.74
CA MET C 649 28.73 -16.73 -9.85
C MET C 649 28.59 -15.55 -8.90
N ILE C 650 29.65 -15.20 -8.19
CA ILE C 650 29.64 -14.05 -7.30
C ILE C 650 30.20 -12.85 -8.05
N ASP C 651 29.60 -11.69 -7.84
CA ASP C 651 30.00 -10.48 -8.53
C ASP C 651 31.48 -10.16 -8.33
N GLU C 652 32.16 -9.80 -9.42
CA GLU C 652 33.59 -9.56 -9.36
C GLU C 652 33.96 -8.36 -8.50
N ALA C 653 33.03 -7.42 -8.30
CA ALA C 653 33.34 -6.31 -7.43
C ALA C 653 33.32 -6.72 -5.96
N ILE C 654 32.50 -7.70 -5.60
CA ILE C 654 32.50 -8.21 -4.23
C ILE C 654 33.82 -8.92 -3.93
N ARG C 655 34.27 -9.78 -4.83
CA ARG C 655 35.47 -10.58 -4.60
C ARG C 655 36.73 -9.74 -4.86
N ARG C 656 36.82 -8.61 -4.16
CA ARG C 656 38.02 -7.81 -4.18
C ARG C 656 38.43 -7.47 -2.76
N PRO C 657 39.72 -7.24 -2.52
CA PRO C 657 40.17 -6.91 -1.17
C PRO C 657 39.46 -5.69 -0.60
N GLY C 658 39.10 -5.79 0.67
CA GLY C 658 38.27 -4.81 1.32
C GLY C 658 36.81 -5.19 1.41
N ARG C 659 36.35 -6.12 0.58
CA ARG C 659 35.01 -6.67 0.69
C ARG C 659 35.06 -8.15 1.04
N LEU C 660 35.67 -8.97 0.20
CA LEU C 660 36.00 -10.36 0.52
C LEU C 660 37.40 -10.57 -0.05
N GLY C 661 38.40 -10.23 0.75
CA GLY C 661 39.76 -10.18 0.22
C GLY C 661 40.32 -11.55 -0.15
N THR C 662 40.12 -12.54 0.70
CA THR C 662 40.79 -13.82 0.57
C THR C 662 39.78 -14.90 0.27
N SER C 663 40.12 -15.75 -0.68
CA SER C 663 39.32 -16.92 -1.02
C SER C 663 40.06 -18.14 -0.52
N ILE C 664 39.40 -18.91 0.34
CA ILE C 664 39.96 -20.11 0.92
C ILE C 664 39.26 -21.29 0.28
N TYR C 665 40.03 -22.16 -0.36
CA TYR C 665 39.46 -23.31 -1.04
C TYR C 665 39.36 -24.45 -0.05
N VAL C 666 38.15 -24.95 0.15
CA VAL C 666 37.92 -26.08 1.04
C VAL C 666 37.54 -27.27 0.18
N GLY C 667 38.53 -28.07 -0.19
CA GLY C 667 38.35 -29.14 -1.14
C GLY C 667 38.20 -30.49 -0.47
N LEU C 668 38.25 -31.53 -1.29
CA LEU C 668 38.10 -32.87 -0.79
C LEU C 668 39.28 -33.24 0.10
N PRO C 669 39.04 -33.96 1.20
CA PRO C 669 40.14 -34.36 2.06
C PRO C 669 41.01 -35.40 1.38
N SER C 670 42.28 -35.44 1.78
CA SER C 670 43.18 -36.47 1.28
C SER C 670 42.99 -37.75 2.09
N ALA C 671 43.78 -38.77 1.75
CA ALA C 671 43.71 -40.03 2.49
C ALA C 671 44.11 -39.83 3.94
N GLU C 672 45.14 -39.03 4.18
CA GLU C 672 45.55 -38.75 5.55
C GLU C 672 44.53 -37.89 6.28
N ASP C 673 43.90 -36.95 5.56
CA ASP C 673 42.91 -36.09 6.18
C ASP C 673 41.65 -36.86 6.54
N ARG C 674 41.27 -37.86 5.74
CA ARG C 674 40.08 -38.63 6.04
C ARG C 674 40.21 -39.44 7.32
N VAL C 675 41.45 -39.73 7.74
CA VAL C 675 41.62 -40.41 9.02
C VAL C 675 41.29 -39.45 10.17
N LYS C 676 41.77 -38.21 10.07
CA LYS C 676 41.48 -37.24 11.11
C LYS C 676 40.00 -36.89 11.17
N ILE C 677 39.36 -36.80 10.00
CA ILE C 677 37.95 -36.46 9.96
C ILE C 677 37.09 -37.58 10.52
N LEU C 678 37.41 -38.83 10.14
CA LEU C 678 36.60 -39.94 10.62
C LEU C 678 36.75 -40.10 12.13
N LYS C 679 37.97 -39.94 12.64
CA LYS C 679 38.16 -39.97 14.09
C LYS C 679 37.41 -38.82 14.74
N THR C 680 37.46 -37.64 14.11
CA THR C 680 36.76 -36.49 14.65
C THR C 680 35.26 -36.74 14.70
N LEU C 681 34.70 -37.29 13.61
CA LEU C 681 33.27 -37.58 13.60
C LEU C 681 32.91 -38.65 14.61
N TYR C 682 33.73 -39.69 14.74
CA TYR C 682 33.40 -40.78 15.65
C TYR C 682 33.49 -40.35 17.11
N ARG C 683 34.59 -39.71 17.49
CA ARG C 683 34.77 -39.38 18.90
C ARG C 683 33.83 -38.29 19.36
N ASN C 684 33.31 -37.49 18.43
CA ASN C 684 32.32 -36.47 18.76
C ASN C 684 30.91 -37.02 18.77
N THR C 685 30.72 -38.30 18.47
CA THR C 685 29.41 -38.92 18.46
C THR C 685 29.26 -40.06 19.46
N VAL C 686 30.30 -40.38 20.21
CA VAL C 686 30.22 -41.45 21.21
C VAL C 686 30.53 -40.89 22.59
N THR C 714 35.41 -50.33 19.08
CA THR C 714 35.77 -49.82 17.77
C THR C 714 37.19 -49.27 17.77
N THR C 715 37.53 -48.60 18.87
CA THR C 715 38.85 -47.99 19.07
C THR C 715 39.20 -47.02 17.95
N ASP C 716 40.48 -46.74 17.79
CA ASP C 716 40.97 -45.86 16.73
C ASP C 716 41.72 -46.58 15.64
N ALA C 717 42.21 -47.79 15.89
CA ALA C 717 42.89 -48.54 14.85
C ALA C 717 41.94 -48.96 13.75
N ASP C 718 40.70 -49.33 14.12
CA ASP C 718 39.72 -49.70 13.10
C ASP C 718 39.24 -48.51 12.30
N LEU C 719 39.13 -47.34 12.94
CA LEU C 719 38.73 -46.14 12.21
C LEU C 719 39.75 -45.76 11.15
N GLU C 720 41.03 -45.96 11.45
CA GLU C 720 42.07 -45.73 10.45
C GLU C 720 41.94 -46.68 9.27
N LYS C 721 41.63 -47.95 9.52
CA LYS C 721 41.46 -48.90 8.44
C LYS C 721 40.25 -48.56 7.58
N VAL C 722 39.16 -48.14 8.21
CA VAL C 722 37.94 -47.78 7.47
C VAL C 722 38.19 -46.55 6.60
N ALA C 723 38.84 -45.53 7.16
CA ALA C 723 39.04 -44.28 6.43
C ALA C 723 40.07 -44.43 5.31
N LEU C 724 41.05 -45.30 5.49
CA LEU C 724 42.09 -45.49 4.48
C LEU C 724 41.70 -46.51 3.42
N ASP C 725 40.52 -47.10 3.54
CA ASP C 725 40.09 -48.10 2.56
C ASP C 725 39.92 -47.45 1.18
N LEU C 726 40.30 -48.20 0.15
CA LEU C 726 40.19 -47.71 -1.23
C LEU C 726 38.75 -47.50 -1.64
N ARG C 727 37.79 -48.12 -0.95
CA ARG C 727 36.38 -47.88 -1.21
C ARG C 727 35.94 -46.48 -0.82
N CYS C 728 36.71 -45.80 0.03
CA CYS C 728 36.41 -44.44 0.43
C CYS C 728 37.06 -43.40 -0.47
N THR C 729 37.40 -43.79 -1.70
CA THR C 729 38.03 -42.87 -2.63
C THR C 729 36.99 -41.86 -3.10
N GLY C 730 37.32 -40.58 -3.04
CA GLY C 730 36.38 -39.56 -3.42
C GLY C 730 35.36 -39.19 -2.36
N PHE C 731 35.44 -39.78 -1.17
CA PHE C 731 34.51 -39.41 -0.11
C PHE C 731 34.79 -38.00 0.35
N SER C 732 33.73 -37.23 0.57
CA SER C 732 33.89 -35.89 1.10
C SER C 732 33.69 -35.92 2.62
N GLY C 733 33.69 -34.74 3.23
CA GLY C 733 33.42 -34.66 4.64
C GLY C 733 32.01 -35.08 5.00
N ALA C 734 31.05 -34.81 4.12
CA ALA C 734 29.67 -35.23 4.36
C ALA C 734 29.46 -36.72 4.16
N ASP C 735 30.27 -37.35 3.31
CA ASP C 735 30.15 -38.79 3.10
C ASP C 735 30.70 -39.57 4.29
N LEU C 736 31.78 -39.07 4.89
CA LEU C 736 32.31 -39.72 6.09
C LEU C 736 31.31 -39.66 7.24
N GLY C 737 30.60 -38.55 7.37
CA GLY C 737 29.53 -38.50 8.36
C GLY C 737 28.38 -39.43 8.02
N ASN C 738 28.09 -39.60 6.73
CA ASN C 738 27.10 -40.59 6.31
C ASN C 738 27.60 -42.01 6.50
N LEU C 739 28.90 -42.22 6.30
CA LEU C 739 29.48 -43.54 6.53
C LEU C 739 29.32 -43.95 7.98
N MET C 740 29.52 -43.03 8.92
CA MET C 740 29.32 -43.39 10.31
C MET C 740 27.86 -43.68 10.60
N GLN C 741 26.95 -42.93 9.97
CA GLN C 741 25.53 -43.22 10.17
C GLN C 741 25.15 -44.57 9.59
N ALA C 742 25.68 -44.91 8.41
CA ALA C 742 25.38 -46.23 7.84
C ALA C 742 26.02 -47.34 8.66
N ALA C 743 27.10 -47.05 9.38
CA ALA C 743 27.67 -48.05 10.26
C ALA C 743 26.79 -48.22 11.49
N ALA C 744 26.21 -47.12 11.98
CA ALA C 744 25.33 -47.21 13.13
C ALA C 744 24.03 -47.93 12.77
N GLN C 745 23.53 -47.72 11.55
CA GLN C 745 22.34 -48.43 11.12
C GLN C 745 22.61 -49.92 10.97
N ALA C 746 23.80 -50.27 10.49
CA ALA C 746 24.19 -51.68 10.45
C ALA C 746 24.30 -52.26 11.85
N CYS C 747 24.71 -51.45 12.83
CA CYS C 747 24.74 -51.91 14.21
C CYS C 747 23.33 -52.21 14.72
N LEU C 748 22.36 -51.36 14.39
CA LEU C 748 21.00 -51.59 14.88
C LEU C 748 20.36 -52.81 14.25
N GLU C 749 20.65 -53.08 12.97
CA GLU C 749 20.17 -54.31 12.37
C GLU C 749 20.77 -55.52 13.08
N ARG C 750 22.07 -55.45 13.39
CA ARG C 750 22.69 -56.54 14.14
C ARG C 750 22.07 -56.65 15.52
N VAL C 751 21.79 -55.52 16.17
CA VAL C 751 21.12 -55.55 17.48
C VAL C 751 19.72 -56.11 17.35
N TYR C 752 18.98 -55.68 16.32
CA TYR C 752 17.60 -56.12 16.15
C TYR C 752 17.52 -57.64 15.99
N THR C 753 18.32 -58.20 15.08
CA THR C 753 18.24 -59.64 14.84
C THR C 753 18.66 -60.43 16.07
N GLN C 754 19.74 -60.01 16.74
CA GLN C 754 20.21 -60.78 17.89
C GLN C 754 19.28 -60.61 19.08
N ARG C 755 18.64 -59.44 19.22
CA ARG C 755 17.73 -59.23 20.34
C ARG C 755 16.52 -60.16 20.24
N GLN C 756 15.96 -60.31 19.04
CA GLN C 756 14.80 -61.19 18.85
C GLN C 756 15.17 -62.64 19.12
N GLN C 757 16.36 -63.07 18.67
CA GLN C 757 16.75 -64.46 18.86
C GLN C 757 16.90 -64.79 20.34
N LYS C 758 17.47 -63.88 21.13
CA LYS C 758 17.55 -64.12 22.57
C LYS C 758 16.20 -63.94 23.25
N ARG C 759 15.43 -62.94 22.81
CA ARG C 759 14.14 -62.67 23.45
C ARG C 759 13.17 -63.82 23.24
N LYS C 760 13.06 -64.31 21.99
CA LYS C 760 12.12 -65.38 21.71
C LYS C 760 12.56 -66.69 22.37
N GLU C 761 13.86 -66.95 22.41
CA GLU C 761 14.38 -68.15 23.04
C GLU C 761 14.60 -67.98 24.54
N GLY C 762 14.36 -66.79 25.08
CA GLY C 762 14.53 -66.55 26.50
C GLY C 762 15.94 -66.13 26.88
N GLU C 768 13.61 -57.82 29.25
CA GLU C 768 14.36 -59.02 29.56
C GLU C 768 15.36 -59.36 28.46
N GLU C 769 15.47 -58.44 27.48
CA GLU C 769 16.38 -58.65 26.35
C GLU C 769 16.79 -57.27 25.84
N GLU C 770 18.03 -56.88 26.14
CA GLU C 770 18.56 -55.59 25.69
C GLU C 770 20.07 -55.69 25.67
N ILE C 771 20.66 -55.66 24.47
CA ILE C 771 22.10 -55.75 24.31
C ILE C 771 22.63 -54.36 23.98
N GLU C 772 23.94 -54.18 24.19
CA GLU C 772 24.55 -52.87 24.06
C GLU C 772 24.73 -52.53 22.59
N PRO C 773 24.15 -51.43 22.10
CA PRO C 773 24.36 -51.00 20.71
C PRO C 773 25.70 -50.32 20.56
N VAL C 774 26.65 -51.00 19.92
CA VAL C 774 27.98 -50.46 19.68
C VAL C 774 28.39 -50.79 18.26
N ILE C 775 28.96 -49.80 17.57
CA ILE C 775 29.36 -49.98 16.17
C ILE C 775 30.62 -50.83 16.17
N THR C 776 30.50 -52.05 15.66
CA THR C 776 31.63 -52.95 15.57
C THR C 776 32.29 -52.84 14.21
N MET C 777 33.46 -53.47 14.08
CA MET C 777 34.19 -53.43 12.82
C MET C 777 33.42 -54.14 11.72
N GLU C 778 32.60 -55.13 12.07
CA GLU C 778 31.79 -55.79 11.06
C GLU C 778 30.72 -54.85 10.52
N ASP C 779 30.24 -53.92 11.35
CA ASP C 779 29.27 -52.93 10.87
C ASP C 779 29.90 -51.94 9.91
N TRP C 780 31.18 -51.58 10.12
CA TRP C 780 31.84 -50.69 9.17
C TRP C 780 31.98 -51.33 7.80
N GLU C 781 32.09 -52.66 7.74
CA GLU C 781 32.19 -53.31 6.45
C GLU C 781 30.91 -53.15 5.64
N LYS C 782 29.75 -53.22 6.31
CA LYS C 782 28.48 -53.05 5.61
C LYS C 782 28.33 -51.64 5.09
N ALA C 783 28.74 -50.64 5.88
CA ALA C 783 28.64 -49.25 5.45
C ALA C 783 29.53 -48.97 4.25
N LEU C 784 30.73 -49.56 4.22
CA LEU C 784 31.65 -49.30 3.12
C LEU C 784 31.10 -49.82 1.80
N ASN C 785 30.33 -50.89 1.85
CA ASN C 785 29.71 -51.44 0.65
C ASN C 785 28.37 -50.79 0.34
N GLU C 786 27.92 -49.86 1.17
CA GLU C 786 26.62 -49.22 1.01
C GLU C 786 26.72 -47.75 0.63
N VAL C 787 27.62 -47.00 1.24
CA VAL C 787 27.71 -45.56 1.01
C VAL C 787 28.60 -45.29 -0.19
N LYS C 788 28.11 -44.46 -1.10
CA LYS C 788 28.86 -44.04 -2.27
C LYS C 788 29.11 -42.55 -2.20
N PRO C 789 30.18 -42.06 -2.83
CA PRO C 789 30.46 -40.62 -2.79
C PRO C 789 29.37 -39.85 -3.50
N SER C 790 29.16 -38.60 -3.06
CA SER C 790 28.10 -37.77 -3.59
C SER C 790 28.58 -36.77 -4.63
N VAL C 791 29.73 -36.15 -4.42
CA VAL C 791 30.30 -35.23 -5.40
C VAL C 791 30.88 -36.08 -6.53
N LYS C 792 30.13 -36.20 -7.63
CA LYS C 792 30.56 -37.07 -8.72
C LYS C 792 31.71 -36.48 -9.50
N ASP C 793 31.68 -35.17 -9.75
CA ASP C 793 32.71 -34.49 -10.53
C ASP C 793 33.27 -33.33 -9.73
N PRO C 794 34.29 -33.59 -8.91
CA PRO C 794 34.88 -32.50 -8.12
C PRO C 794 35.48 -31.39 -8.97
N GLU C 795 36.04 -31.72 -10.14
CA GLU C 795 36.65 -30.70 -10.99
C GLU C 795 35.64 -29.65 -11.43
N LYS C 796 34.37 -30.05 -11.54
CA LYS C 796 33.32 -29.07 -11.83
C LYS C 796 33.24 -28.02 -10.73
N TYR C 797 33.60 -28.37 -9.51
CA TYR C 797 33.67 -27.43 -8.40
C TYR C 797 35.10 -27.08 -8.00
N MET C 798 36.09 -27.86 -8.45
CA MET C 798 37.48 -27.60 -8.05
C MET C 798 38.05 -26.38 -8.77
N HIS C 799 37.62 -26.13 -10.00
CA HIS C 799 38.10 -24.98 -10.74
C HIS C 799 37.16 -23.79 -10.56
N SER C 800 37.61 -22.63 -11.02
CA SER C 800 36.86 -21.38 -10.94
C SER C 800 36.49 -21.03 -9.51
N ARG D 193 -6.42 -4.47 42.99
CA ARG D 193 -4.99 -4.26 43.14
C ARG D 193 -4.36 -5.30 44.05
N THR D 194 -4.91 -6.51 44.02
CA THR D 194 -4.43 -7.63 44.80
C THR D 194 -4.21 -8.83 43.90
N PRO D 195 -3.19 -9.64 44.18
CA PRO D 195 -2.90 -10.78 43.31
C PRO D 195 -4.02 -11.81 43.36
N PRO D 196 -4.34 -12.43 42.23
CA PRO D 196 -5.41 -13.44 42.20
C PRO D 196 -4.90 -14.78 42.73
N THR D 197 -5.33 -15.12 43.94
CA THR D 197 -4.92 -16.39 44.54
C THR D 197 -5.83 -17.52 44.09
N LYS D 198 -6.00 -17.65 42.77
CA LYS D 198 -6.81 -18.71 42.19
C LYS D 198 -5.99 -19.77 41.47
N VAL D 199 -4.82 -19.41 40.95
CA VAL D 199 -3.89 -20.36 40.36
C VAL D 199 -2.66 -20.41 41.25
N SER D 200 -1.86 -21.47 41.07
CA SER D 200 -0.66 -21.65 41.87
C SER D 200 0.45 -22.22 40.99
N ILE D 201 1.62 -22.42 41.60
CA ILE D 201 2.78 -22.94 40.90
C ILE D 201 2.52 -24.33 40.35
N LEU D 202 1.72 -25.13 41.05
CA LEU D 202 1.42 -26.45 40.52
C LEU D 202 0.65 -26.35 39.22
N ASP D 203 -0.13 -25.29 39.04
CA ASP D 203 -0.92 -25.13 37.84
C ASP D 203 -0.06 -24.80 36.63
N ILE D 204 1.21 -24.47 36.83
CA ILE D 204 2.16 -24.23 35.75
C ILE D 204 3.26 -25.28 35.83
N ALA D 205 3.48 -26.00 34.75
CA ALA D 205 4.42 -27.09 34.73
C ALA D 205 5.09 -27.16 33.36
N GLY D 206 6.21 -27.88 33.31
CA GLY D 206 6.97 -28.01 32.09
C GLY D 206 7.97 -26.92 31.81
N VAL D 207 8.05 -25.90 32.67
CA VAL D 207 9.01 -24.82 32.51
C VAL D 207 9.80 -24.76 33.83
N ASP D 208 10.92 -25.47 33.89
CA ASP D 208 11.78 -25.48 35.06
C ASP D 208 12.94 -24.50 34.97
N ASP D 209 13.50 -24.30 33.78
CA ASP D 209 14.53 -23.27 33.62
C ASP D 209 13.96 -21.88 33.86
N THR D 210 12.76 -21.61 33.34
CA THR D 210 12.15 -20.30 33.52
C THR D 210 11.85 -20.03 34.98
N LEU D 211 11.29 -21.00 35.69
CA LEU D 211 11.01 -20.82 37.12
C LEU D 211 12.28 -20.72 37.94
N GLN D 212 13.38 -21.30 37.45
CA GLN D 212 14.65 -21.17 38.17
C GLN D 212 15.22 -19.76 38.03
N ARG D 213 15.19 -19.21 36.81
CA ARG D 213 15.68 -17.85 36.59
C ARG D 213 14.83 -16.84 37.35
N LEU D 214 13.51 -16.97 37.28
CA LEU D 214 12.63 -15.98 37.89
C LEU D 214 12.69 -16.01 39.41
N LEU D 215 13.31 -17.02 40.00
CA LEU D 215 13.42 -17.05 41.45
C LEU D 215 14.40 -16.00 41.95
N LYS D 216 15.40 -15.64 41.15
CA LYS D 216 16.38 -14.64 41.53
C LYS D 216 16.20 -13.31 40.80
N GLU D 217 15.26 -13.23 39.86
CA GLU D 217 15.03 -12.01 39.12
C GLU D 217 13.67 -11.38 39.37
N VAL D 218 12.72 -12.13 39.93
CA VAL D 218 11.42 -11.60 40.32
C VAL D 218 11.17 -11.80 41.82
N TRP D 219 11.42 -13.01 42.31
CA TRP D 219 11.16 -13.28 43.73
C TRP D 219 12.16 -12.53 44.60
N PHE D 220 13.43 -12.61 44.28
CA PHE D 220 14.44 -11.96 45.12
C PHE D 220 14.28 -10.45 45.14
N PRO D 221 14.07 -9.75 44.02
CA PRO D 221 13.83 -8.30 44.11
C PRO D 221 12.63 -7.92 44.93
N LEU D 222 11.59 -8.75 44.97
CA LEU D 222 10.38 -8.38 45.68
C LEU D 222 10.38 -8.85 47.13
N ARG D 223 10.74 -10.11 47.37
CA ARG D 223 10.73 -10.64 48.72
C ARG D 223 12.09 -10.52 49.43
N GLY D 224 13.09 -9.96 48.75
CA GLY D 224 14.38 -9.74 49.36
C GLY D 224 14.74 -8.28 49.42
N GLY D 225 13.76 -7.44 49.76
CA GLY D 225 14.00 -6.01 49.80
C GLY D 225 15.02 -5.60 50.84
N GLU D 226 15.05 -6.30 51.96
CA GLU D 226 16.02 -5.98 53.01
C GLU D 226 17.45 -6.21 52.54
N ALA D 227 17.68 -7.30 51.81
CA ALA D 227 19.04 -7.59 51.35
C ALA D 227 19.55 -6.50 50.40
N CYS D 228 18.69 -6.04 49.49
CA CYS D 228 19.10 -4.99 48.56
C CYS D 228 19.39 -3.69 49.29
N GLU D 229 18.58 -3.36 50.30
CA GLU D 229 18.75 -2.11 51.04
C GLU D 229 20.03 -2.13 51.87
N LYS D 230 20.42 -3.30 52.37
CA LYS D 230 21.64 -3.39 53.17
C LYS D 230 22.87 -3.00 52.36
N MET D 231 22.94 -3.45 51.11
CA MET D 231 24.05 -3.10 50.23
C MET D 231 23.82 -1.77 49.50
N GLY D 232 22.66 -1.14 49.70
CA GLY D 232 22.38 0.12 49.06
C GLY D 232 22.29 0.09 47.54
N TYR D 233 21.63 -0.92 47.00
CA TYR D 233 21.49 -1.10 45.56
C TYR D 233 20.01 -1.12 45.21
N ARG D 234 19.62 -0.36 44.20
CA ARG D 234 18.23 -0.34 43.74
C ARG D 234 18.06 -1.48 42.75
N TYR D 235 17.50 -2.59 43.21
CA TYR D 235 17.31 -3.75 42.37
C TYR D 235 15.87 -3.77 41.85
N ASP D 236 15.60 -2.82 40.95
CA ASP D 236 14.34 -2.77 40.24
C ASP D 236 14.54 -3.42 38.88
N ASN D 237 13.76 -4.46 38.61
CA ASN D 237 13.98 -5.30 37.44
C ASN D 237 12.78 -5.21 36.51
N GLY D 238 13.04 -5.51 35.24
CA GLY D 238 12.00 -5.59 34.23
C GLY D 238 12.16 -6.85 33.42
N VAL D 239 11.15 -7.72 33.44
CA VAL D 239 11.22 -9.04 32.82
C VAL D 239 10.21 -9.11 31.70
N LEU D 240 10.66 -9.56 30.54
CA LEU D 240 9.83 -9.69 29.35
C LEU D 240 9.75 -11.17 28.97
N LEU D 241 8.57 -11.75 29.13
CA LEU D 241 8.33 -13.12 28.68
C LEU D 241 7.86 -13.07 27.24
N HIS D 242 8.41 -13.93 26.41
CA HIS D 242 7.95 -14.00 25.04
C HIS D 242 8.11 -15.42 24.54
N GLY D 243 7.38 -15.74 23.48
CA GLY D 243 7.40 -17.07 22.91
C GLY D 243 6.17 -17.28 22.07
N PRO D 244 5.98 -18.49 21.56
CA PRO D 244 4.77 -18.79 20.80
C PRO D 244 3.53 -18.62 21.68
N SER D 245 2.43 -18.26 21.04
CA SER D 245 1.18 -18.07 21.76
C SER D 245 0.71 -19.38 22.37
N GLY D 246 0.17 -19.30 23.58
CA GLY D 246 -0.29 -20.49 24.27
C GLY D 246 0.76 -21.23 25.06
N CYS D 247 1.97 -20.68 25.20
CA CYS D 247 3.04 -21.34 25.91
C CYS D 247 3.01 -21.03 27.41
N GLY D 248 1.85 -20.67 27.94
CA GLY D 248 1.68 -20.41 29.35
C GLY D 248 2.40 -19.17 29.83
N LYS D 249 2.41 -18.12 29.01
CA LYS D 249 2.98 -16.85 29.43
C LYS D 249 2.07 -16.10 30.38
N THR D 250 0.76 -16.09 30.11
CA THR D 250 -0.16 -15.35 30.98
C THR D 250 -0.39 -16.08 32.29
N THR D 251 -0.48 -17.40 32.25
CA THR D 251 -0.67 -18.17 33.48
C THR D 251 0.59 -18.13 34.34
N LEU D 252 1.77 -18.08 33.72
CA LEU D 252 2.99 -17.98 34.50
C LEU D 252 3.01 -16.69 35.29
N ALA D 253 2.61 -15.58 34.67
CA ALA D 253 2.62 -14.31 35.37
C ALA D 253 1.64 -14.34 36.54
N HIS D 254 0.45 -14.90 36.34
CA HIS D 254 -0.53 -14.95 37.40
C HIS D 254 -0.17 -16.00 38.44
N ALA D 255 0.50 -17.07 38.02
CA ALA D 255 1.00 -18.04 38.99
C ALA D 255 2.04 -17.40 39.90
N ILE D 256 2.96 -16.63 39.32
CA ILE D 256 3.95 -15.93 40.12
C ILE D 256 3.30 -14.86 40.97
N ALA D 257 2.30 -14.16 40.41
CA ALA D 257 1.66 -13.09 41.16
C ALA D 257 1.00 -13.60 42.42
N GLY D 258 0.29 -14.73 42.33
CA GLY D 258 -0.34 -15.29 43.51
C GLY D 258 0.64 -15.99 44.43
N SER D 259 1.77 -16.46 43.90
CA SER D 259 2.75 -17.13 44.74
C SER D 259 3.51 -16.15 45.61
N ILE D 260 3.93 -15.02 45.04
CA ILE D 260 4.76 -14.08 45.79
C ILE D 260 3.95 -13.39 46.89
N GLY D 261 2.70 -13.04 46.60
CA GLY D 261 1.87 -12.42 47.61
C GLY D 261 2.13 -10.95 47.85
N VAL D 262 2.63 -10.24 46.85
CA VAL D 262 2.80 -8.79 46.94
C VAL D 262 1.71 -8.12 46.11
N ALA D 263 1.64 -6.80 46.22
CA ALA D 263 0.66 -6.05 45.44
C ALA D 263 0.86 -6.30 43.96
N PHE D 264 -0.22 -6.62 43.27
CA PHE D 264 -0.19 -7.01 41.87
C PHE D 264 -1.11 -6.09 41.08
N ILE D 265 -0.59 -5.54 39.99
CA ILE D 265 -1.35 -4.64 39.14
C ILE D 265 -1.39 -5.27 37.75
N PRO D 266 -2.35 -6.15 37.48
CA PRO D 266 -2.46 -6.75 36.14
C PRO D 266 -3.08 -5.76 35.18
N VAL D 267 -2.35 -5.44 34.12
CA VAL D 267 -2.78 -4.45 33.15
C VAL D 267 -2.83 -5.12 31.78
N SER D 268 -3.97 -5.01 31.13
CA SER D 268 -4.14 -5.42 29.75
C SER D 268 -3.95 -4.20 28.87
N ALA D 269 -3.19 -4.35 27.80
CA ALA D 269 -2.79 -3.19 27.00
C ALA D 269 -3.98 -2.43 26.45
N PRO D 270 -4.99 -3.06 25.84
CA PRO D 270 -6.12 -2.27 25.35
C PRO D 270 -6.89 -1.54 26.44
N SER D 271 -6.87 -2.02 27.69
CA SER D 271 -7.60 -1.34 28.74
C SER D 271 -7.08 0.06 29.03
N VAL D 272 -5.82 0.34 28.67
CA VAL D 272 -5.24 1.65 28.94
C VAL D 272 -5.86 2.71 28.04
N ILE D 273 -6.10 2.36 26.77
CA ILE D 273 -6.46 3.35 25.77
C ILE D 273 -7.77 4.02 26.13
N GLY D 274 -7.79 5.35 26.04
CA GLY D 274 -8.97 6.13 26.31
C GLY D 274 -9.44 6.87 25.07
N GLY D 275 -10.41 7.76 25.22
CA GLY D 275 -10.98 8.45 24.08
C GLY D 275 -10.34 9.80 23.79
N THR D 276 -10.21 10.65 24.80
CA THR D 276 -9.66 11.97 24.59
C THR D 276 -8.15 11.90 24.40
N SER D 277 -7.51 13.06 24.29
CA SER D 277 -6.10 13.11 23.93
C SER D 277 -5.23 12.62 25.09
N GLY D 278 -5.32 13.29 26.24
CA GLY D 278 -4.47 12.91 27.35
C GLY D 278 -4.98 11.78 28.19
N GLU D 279 -6.16 11.24 27.89
CA GLU D 279 -6.71 10.18 28.72
C GLU D 279 -5.86 8.91 28.60
N SER D 280 -5.44 8.57 27.38
CA SER D 280 -4.70 7.33 27.16
C SER D 280 -3.35 7.36 27.86
N GLU D 281 -2.64 8.48 27.78
CA GLU D 281 -1.33 8.57 28.39
C GLU D 281 -1.41 8.70 29.91
N LYS D 282 -2.48 9.29 30.43
CA LYS D 282 -2.61 9.45 31.87
C LYS D 282 -2.91 8.12 32.56
N ASN D 283 -3.55 7.19 31.85
CA ASN D 283 -3.77 5.87 32.41
C ASN D 283 -2.46 5.13 32.64
N ILE D 284 -1.52 5.23 31.70
CA ILE D 284 -0.20 4.64 31.92
C ILE D 284 0.51 5.31 33.09
N ARG D 285 0.46 6.64 33.16
CA ARG D 285 1.13 7.32 34.26
C ARG D 285 0.52 6.94 35.60
N ASP D 286 -0.78 6.68 35.64
CA ASP D 286 -1.41 6.24 36.88
C ASP D 286 -0.97 4.84 37.28
N VAL D 287 -0.69 3.97 36.29
CA VAL D 287 -0.29 2.61 36.61
C VAL D 287 1.07 2.58 37.29
N PHE D 288 2.04 3.29 36.73
CA PHE D 288 3.38 3.26 37.31
C PHE D 288 3.44 4.04 38.61
N ASP D 289 2.69 5.13 38.72
CA ASP D 289 2.65 5.86 39.98
C ASP D 289 1.98 5.03 41.08
N GLU D 290 0.96 4.26 40.73
CA GLU D 290 0.34 3.38 41.72
C GLU D 290 1.30 2.32 42.18
N ALA D 291 2.10 1.76 41.26
CA ALA D 291 3.06 0.74 41.66
C ALA D 291 4.12 1.30 42.58
N ILE D 292 4.58 2.53 42.30
CA ILE D 292 5.55 3.18 43.17
C ILE D 292 4.94 3.41 44.54
N ARG D 293 3.66 3.81 44.58
CA ARG D 293 2.99 4.02 45.86
C ARG D 293 2.75 2.70 46.58
N LEU D 294 2.69 1.59 45.85
CA LEU D 294 2.42 0.27 46.42
C LEU D 294 3.66 -0.60 46.48
N ALA D 295 4.85 -0.01 46.40
CA ALA D 295 6.07 -0.80 46.37
C ALA D 295 6.22 -1.56 47.69
N PRO D 296 6.66 -2.83 47.65
CA PRO D 296 7.04 -3.55 46.44
C PRO D 296 5.83 -4.00 45.64
N CYS D 297 5.92 -3.95 44.32
CA CYS D 297 4.77 -4.22 43.48
C CYS D 297 5.24 -4.92 42.21
N LEU D 298 4.31 -5.58 41.54
CA LEU D 298 4.59 -6.30 40.31
C LEU D 298 3.59 -5.88 39.25
N ILE D 299 4.05 -5.18 38.24
CA ILE D 299 3.21 -4.75 37.13
C ILE D 299 3.27 -5.84 36.07
N PHE D 300 2.11 -6.26 35.59
CA PHE D 300 2.02 -7.21 34.48
C PHE D 300 1.37 -6.49 33.30
N LEU D 301 2.16 -6.20 32.28
CA LEU D 301 1.67 -5.58 31.05
C LEU D 301 1.42 -6.71 30.07
N ASP D 302 0.17 -7.14 29.99
CA ASP D 302 -0.19 -8.27 29.14
C ASP D 302 -0.38 -7.78 27.70
N GLN D 303 0.21 -8.52 26.76
CA GLN D 303 0.17 -8.15 25.35
C GLN D 303 0.70 -6.74 25.14
N ILE D 304 1.93 -6.50 25.61
CA ILE D 304 2.50 -5.17 25.55
C ILE D 304 2.72 -4.71 24.12
N ASP D 305 2.83 -5.65 23.17
CA ASP D 305 3.03 -5.28 21.78
C ASP D 305 1.84 -4.53 21.21
N ALA D 306 0.68 -4.60 21.85
CA ALA D 306 -0.48 -3.85 21.37
C ALA D 306 -0.29 -2.34 21.52
N ILE D 307 0.35 -1.91 22.60
CA ILE D 307 0.52 -0.48 22.86
C ILE D 307 1.96 0.00 22.71
N ALA D 308 2.93 -0.89 22.69
CA ALA D 308 4.34 -0.52 22.59
C ALA D 308 4.89 -0.85 21.20
N GLY D 309 4.06 -0.71 20.18
CA GLY D 309 4.50 -0.95 18.83
C GLY D 309 5.47 0.10 18.33
N ARG D 310 6.21 -0.28 17.28
CA ARG D 310 7.28 0.57 16.76
C ARG D 310 6.69 1.86 16.22
N ARG D 311 6.88 2.96 16.96
CA ARG D 311 6.42 4.26 16.50
C ARG D 311 7.13 4.71 15.23
N GLU D 312 8.27 4.09 14.91
CA GLU D 312 8.98 4.41 13.67
C GLU D 312 8.11 4.09 12.46
N SER D 313 7.79 2.81 12.27
CA SER D 313 6.93 2.42 11.15
C SER D 313 5.48 2.82 11.40
N ALA D 314 5.00 2.63 12.63
CA ALA D 314 3.63 3.01 12.99
C ALA D 314 3.64 4.48 13.37
N ASN D 315 3.42 5.34 12.38
CA ASN D 315 3.51 6.77 12.55
C ASN D 315 2.14 7.34 12.90
N LYS D 316 2.01 7.88 14.10
CA LYS D 316 0.76 8.47 14.56
C LYS D 316 1.09 9.42 15.70
N GLY D 317 0.04 10.05 16.25
CA GLY D 317 0.21 11.00 17.33
C GLY D 317 -0.04 10.41 18.71
N MET D 318 -1.09 9.61 18.84
CA MET D 318 -1.37 8.95 20.11
C MET D 318 -0.41 7.80 20.35
N GLU D 319 -0.08 7.05 19.30
CA GLU D 319 0.76 5.86 19.45
C GLU D 319 2.15 6.23 19.96
N SER D 320 2.70 7.32 19.45
CA SER D 320 4.01 7.79 19.93
C SER D 320 3.94 8.27 21.37
N ARG D 321 2.84 8.90 21.78
CA ARG D 321 2.76 9.38 23.15
C ARG D 321 2.53 8.25 24.14
N ILE D 322 1.89 7.16 23.70
CA ILE D 322 1.78 5.99 24.57
C ILE D 322 3.15 5.38 24.82
N VAL D 323 3.96 5.24 23.77
CA VAL D 323 5.29 4.67 23.91
C VAL D 323 6.16 5.54 24.81
N ALA D 324 6.12 6.86 24.58
CA ALA D 324 6.93 7.77 25.38
C ALA D 324 6.47 7.83 26.84
N GLU D 325 5.21 7.49 27.12
CA GLU D 325 4.76 7.48 28.51
C GLU D 325 5.25 6.25 29.25
N ILE D 326 5.33 5.10 28.56
CA ILE D 326 5.86 3.90 29.21
C ILE D 326 7.35 4.03 29.47
N MET D 327 8.09 4.63 28.53
CA MET D 327 9.51 4.86 28.75
C MET D 327 9.72 5.79 29.95
N ASN D 328 8.93 6.85 30.04
CA ASN D 328 9.00 7.71 31.22
C ASN D 328 8.55 6.96 32.46
N GLY D 329 7.51 6.14 32.33
CA GLY D 329 7.02 5.40 33.49
C GLY D 329 8.00 4.38 33.99
N MET D 330 8.63 3.62 33.09
CA MET D 330 9.57 2.59 33.51
C MET D 330 10.87 3.16 34.07
N ASP D 331 11.11 4.45 33.91
CA ASP D 331 12.27 5.07 34.53
C ASP D 331 11.97 5.62 35.92
N ARG D 332 10.72 6.02 36.18
CA ARG D 332 10.38 6.55 37.49
C ARG D 332 10.42 5.45 38.54
N ILE D 333 10.04 4.22 38.18
CA ILE D 333 9.97 3.16 39.17
C ILE D 333 11.35 2.83 39.72
N ARG D 334 12.38 2.90 38.88
CA ARG D 334 13.73 2.57 39.31
C ARG D 334 14.49 3.78 39.85
N GLN D 335 13.80 4.91 40.01
CA GLN D 335 14.41 6.11 40.56
C GLN D 335 13.60 6.76 41.66
N ASN D 336 12.30 6.49 41.77
CA ASN D 336 11.47 7.06 42.81
C ASN D 336 11.24 6.10 43.98
N THR D 337 11.53 4.82 43.82
CA THR D 337 11.38 3.89 44.93
C THR D 337 12.41 4.17 46.00
N PRO D 338 12.07 4.00 47.28
CA PRO D 338 12.96 4.45 48.35
C PRO D 338 14.03 3.42 48.72
N LEU D 339 14.64 2.79 47.73
CA LEU D 339 15.78 1.89 47.93
C LEU D 339 15.45 0.72 48.84
N GLY D 340 14.22 0.64 49.33
CA GLY D 340 13.84 -0.39 50.27
C GLY D 340 12.86 -1.39 49.68
N LYS D 341 12.07 -0.94 48.72
CA LYS D 341 11.11 -1.80 48.04
C LYS D 341 11.26 -1.61 46.54
N ASN D 342 11.29 -2.71 45.80
CA ASN D 342 11.51 -2.67 44.37
C ASN D 342 10.22 -2.95 43.62
N VAL D 343 10.15 -2.46 42.39
CA VAL D 343 9.01 -2.67 41.50
C VAL D 343 9.52 -3.43 40.29
N VAL D 344 8.90 -4.57 40.00
CA VAL D 344 9.25 -5.40 38.86
C VAL D 344 8.13 -5.33 37.85
N VAL D 345 8.48 -5.05 36.59
CA VAL D 345 7.51 -4.96 35.50
C VAL D 345 7.64 -6.24 34.69
N LEU D 346 6.54 -6.97 34.59
CA LEU D 346 6.46 -8.18 33.78
C LEU D 346 5.62 -7.90 32.54
N ALA D 347 6.10 -8.31 31.38
CA ALA D 347 5.37 -8.12 30.14
C ALA D 347 5.43 -9.40 29.33
N ALA D 348 4.36 -9.71 28.63
CA ALA D 348 4.28 -10.89 27.79
C ALA D 348 3.81 -10.49 26.41
N THR D 349 4.39 -11.13 25.39
CA THR D 349 4.02 -10.81 24.01
C THR D 349 4.41 -11.97 23.10
N ASN D 350 3.57 -12.22 22.10
CA ASN D 350 3.89 -13.19 21.08
C ASN D 350 4.82 -12.61 20.02
N ARG D 351 4.92 -11.29 19.96
CA ARG D 351 5.68 -10.60 18.92
C ARG D 351 6.63 -9.62 19.60
N PRO D 352 7.73 -10.13 20.16
CA PRO D 352 8.72 -9.22 20.76
C PRO D 352 9.35 -8.28 19.75
N GLU D 353 9.36 -8.64 18.46
CA GLU D 353 9.93 -7.78 17.44
C GLU D 353 9.06 -6.58 17.13
N PHE D 354 7.77 -6.62 17.48
CA PHE D 354 6.91 -5.47 17.28
C PHE D 354 7.07 -4.40 18.35
N LEU D 355 7.73 -4.72 19.47
CA LEU D 355 7.97 -3.71 20.49
C LEU D 355 8.95 -2.67 19.99
N ASP D 356 8.75 -1.44 20.45
CA ASP D 356 9.70 -0.37 20.14
C ASP D 356 11.03 -0.65 20.81
N PRO D 357 12.14 -0.47 20.10
CA PRO D 357 13.45 -0.76 20.71
C PRO D 357 13.73 0.06 21.96
N ALA D 358 13.14 1.26 22.08
CA ALA D 358 13.33 2.02 23.31
C ALA D 358 12.64 1.35 24.48
N ILE D 359 11.58 0.61 24.23
CA ILE D 359 10.87 -0.11 25.28
C ILE D 359 11.41 -1.51 25.47
N ARG D 360 11.79 -2.19 24.38
CA ARG D 360 12.32 -3.53 24.50
C ARG D 360 13.64 -3.53 25.25
N ARG D 361 14.47 -2.50 25.04
CA ARG D 361 15.74 -2.42 25.74
C ARG D 361 15.56 -2.14 27.22
N ARG D 362 14.36 -1.70 27.62
CA ARG D 362 14.10 -1.39 29.02
C ARG D 362 13.80 -2.61 29.85
N PHE D 363 13.65 -3.78 29.23
CA PHE D 363 13.50 -5.05 29.93
C PHE D 363 14.86 -5.73 30.06
N SER D 364 15.36 -5.80 31.29
CA SER D 364 16.69 -6.39 31.49
C SER D 364 16.71 -7.88 31.17
N VAL D 365 15.59 -8.57 31.33
CA VAL D 365 15.54 -10.01 31.12
C VAL D 365 14.50 -10.30 30.06
N GLU D 366 14.90 -11.06 29.04
CA GLU D 366 13.97 -11.63 28.07
C GLU D 366 14.01 -13.14 28.25
N ILE D 367 12.86 -13.73 28.47
CA ILE D 367 12.74 -15.17 28.69
C ILE D 367 11.92 -15.75 27.55
N ASP D 368 12.50 -16.69 26.83
CA ASP D 368 11.83 -17.34 25.72
C ASP D 368 11.25 -18.65 26.20
N MET D 369 9.94 -18.80 26.09
CA MET D 369 9.22 -19.99 26.52
C MET D 369 8.75 -20.68 25.24
N GLY D 370 9.62 -21.52 24.68
CA GLY D 370 9.33 -22.19 23.44
C GLY D 370 8.37 -23.35 23.64
N MET D 371 8.19 -24.11 22.57
CA MET D 371 7.30 -25.26 22.64
C MET D 371 7.90 -26.30 23.59
N PRO D 372 7.07 -26.93 24.42
CA PRO D 372 7.61 -27.91 25.37
C PRO D 372 8.17 -29.12 24.68
N SER D 373 9.18 -29.73 25.31
CA SER D 373 9.77 -30.96 24.84
C SER D 373 9.00 -32.17 25.38
N GLU D 374 9.53 -33.37 25.10
CA GLU D 374 8.89 -34.59 25.56
C GLU D 374 8.85 -34.64 27.09
N ARG D 375 9.95 -34.25 27.73
CA ARG D 375 10.00 -34.25 29.19
C ARG D 375 9.04 -33.22 29.76
N ALA D 376 8.90 -32.08 29.10
CA ALA D 376 8.01 -31.03 29.60
C ALA D 376 6.55 -31.40 29.36
N ARG D 377 6.24 -32.01 28.22
CA ARG D 377 4.85 -32.37 27.93
C ARG D 377 4.30 -33.37 28.94
N GLU D 378 5.13 -34.28 29.43
CA GLU D 378 4.67 -35.22 30.46
C GLU D 378 4.31 -34.47 31.73
N GLN D 379 5.13 -33.49 32.12
CA GLN D 379 4.83 -32.72 33.33
C GLN D 379 3.59 -31.85 33.16
N ILE D 380 3.41 -31.29 31.96
CA ILE D 380 2.22 -30.46 31.71
C ILE D 380 0.95 -31.28 31.84
N LEU D 381 0.94 -32.48 31.28
CA LEU D 381 -0.26 -33.32 31.35
C LEU D 381 -0.60 -33.67 32.80
N ARG D 382 0.41 -33.95 33.62
CA ARG D 382 0.13 -34.26 35.01
C ARG D 382 -0.48 -33.09 35.74
N SER D 383 0.01 -31.88 35.48
CA SER D 383 -0.57 -30.70 36.12
C SER D 383 -1.99 -30.45 35.62
N LEU D 384 -2.22 -30.62 34.32
CA LEU D 384 -3.57 -30.47 33.78
C LEU D 384 -4.48 -31.56 34.32
N THR D 385 -3.98 -32.78 34.40
CA THR D 385 -4.73 -33.93 34.92
C THR D 385 -4.39 -34.15 36.39
N ARG D 386 -4.76 -33.18 37.20
CA ARG D 386 -4.48 -33.12 38.62
C ARG D 386 -5.73 -33.10 39.49
N ASP D 387 -6.76 -32.35 39.08
CA ASP D 387 -8.04 -32.36 39.77
C ASP D 387 -9.03 -33.35 39.16
N LEU D 388 -8.61 -34.13 38.17
CA LEU D 388 -9.47 -35.13 37.56
C LEU D 388 -9.23 -36.50 38.17
N SER D 389 -10.12 -37.43 37.81
CA SER D 389 -10.03 -38.82 38.25
C SER D 389 -9.56 -39.63 37.04
N LEU D 390 -8.46 -40.35 37.19
CA LEU D 390 -7.87 -41.07 36.08
C LEU D 390 -7.70 -42.55 36.42
N ALA D 391 -7.65 -43.36 35.36
CA ALA D 391 -7.36 -44.77 35.48
C ALA D 391 -5.85 -45.00 35.56
N ASP D 392 -5.47 -46.05 36.28
CA ASP D 392 -4.06 -46.37 36.45
C ASP D 392 -3.40 -46.84 35.17
N ASP D 393 -4.19 -47.15 34.14
CA ASP D 393 -3.68 -47.57 32.83
C ASP D 393 -3.03 -46.43 32.05
N ILE D 394 -3.24 -45.18 32.46
CA ILE D 394 -2.76 -44.06 31.68
C ILE D 394 -1.24 -43.97 31.76
N ASN D 395 -0.59 -43.93 30.61
CA ASN D 395 0.86 -43.81 30.51
C ASN D 395 1.15 -42.46 29.85
N PHE D 396 1.64 -41.51 30.64
CA PHE D 396 1.89 -40.18 30.12
C PHE D 396 3.04 -40.15 29.12
N LYS D 397 3.94 -41.12 29.18
CA LYS D 397 4.99 -41.20 28.17
C LYS D 397 4.39 -41.42 26.79
N GLU D 398 3.38 -42.28 26.70
CA GLU D 398 2.72 -42.48 25.41
C GLU D 398 2.03 -41.20 24.96
N LEU D 399 1.37 -40.51 25.88
CA LEU D 399 0.70 -39.26 25.52
C LEU D 399 1.71 -38.20 25.11
N ALA D 400 2.85 -38.13 25.81
CA ALA D 400 3.87 -37.15 25.45
C ALA D 400 4.46 -37.42 24.07
N LYS D 401 4.67 -38.69 23.73
CA LYS D 401 5.30 -39.02 22.47
C LYS D 401 4.35 -38.91 21.28
N MET D 402 3.04 -38.86 21.52
CA MET D 402 2.09 -38.75 20.43
C MET D 402 1.59 -37.33 20.20
N THR D 403 2.22 -36.34 20.83
CA THR D 403 1.84 -34.93 20.66
C THR D 403 3.09 -34.14 20.29
N PRO D 404 3.55 -34.27 19.05
CA PRO D 404 4.84 -33.67 18.66
C PRO D 404 4.86 -32.15 18.74
N GLY D 405 3.92 -31.49 18.05
CA GLY D 405 3.94 -30.05 17.96
C GLY D 405 2.89 -29.34 18.79
N TYR D 406 2.67 -29.83 20.00
CA TYR D 406 1.64 -29.32 20.89
C TYR D 406 2.26 -28.33 21.87
N VAL D 407 1.54 -27.26 22.15
CA VAL D 407 1.97 -26.29 23.15
C VAL D 407 1.12 -26.49 24.39
N GLY D 408 1.48 -25.78 25.46
CA GLY D 408 0.76 -25.94 26.71
C GLY D 408 -0.72 -25.70 26.60
N SER D 409 -1.13 -24.82 25.69
CA SER D 409 -2.56 -24.59 25.48
C SER D 409 -3.21 -25.73 24.71
N ASP D 410 -2.50 -26.30 23.74
CA ASP D 410 -3.04 -27.43 22.99
C ASP D 410 -3.26 -28.64 23.89
N LEU D 411 -2.30 -28.91 24.77
CA LEU D 411 -2.45 -30.03 25.70
C LEU D 411 -3.64 -29.83 26.63
N GLN D 412 -4.03 -28.58 26.90
CA GLN D 412 -5.26 -28.40 27.69
C GLN D 412 -6.47 -28.87 26.92
N TYR D 413 -6.51 -28.63 25.61
CA TYR D 413 -7.63 -29.10 24.79
C TYR D 413 -7.66 -30.61 24.71
N VAL D 414 -6.48 -31.26 24.68
CA VAL D 414 -6.46 -32.72 24.69
C VAL D 414 -7.09 -33.24 25.97
N VAL D 415 -6.72 -32.66 27.11
CA VAL D 415 -7.35 -33.03 28.36
C VAL D 415 -8.83 -32.64 28.33
N LYS D 416 -9.13 -31.49 27.73
CA LYS D 416 -10.52 -31.06 27.61
C LYS D 416 -11.29 -32.02 26.70
N ALA D 417 -10.68 -32.46 25.60
CA ALA D 417 -11.35 -33.40 24.71
C ALA D 417 -11.47 -34.77 25.35
N ALA D 418 -10.47 -35.18 26.14
CA ALA D 418 -10.56 -36.46 26.81
C ALA D 418 -11.66 -36.46 27.85
N VAL D 419 -11.87 -35.31 28.51
CA VAL D 419 -12.93 -35.21 29.50
C VAL D 419 -14.28 -35.38 28.82
N SER D 420 -14.47 -34.71 27.68
CA SER D 420 -15.72 -34.87 26.96
C SER D 420 -15.88 -36.29 26.41
N GLU D 421 -14.77 -36.95 26.10
CA GLU D 421 -14.86 -38.34 25.67
C GLU D 421 -15.42 -39.22 26.78
N SER D 422 -14.97 -38.99 28.02
CA SER D 422 -15.44 -39.76 29.16
C SER D 422 -16.89 -39.44 29.52
N PHE D 423 -17.39 -38.28 29.12
CA PHE D 423 -18.76 -37.92 29.42
C PHE D 423 -19.72 -38.31 28.31
N GLN D 424 -19.24 -38.94 27.24
CA GLN D 424 -20.16 -39.38 26.18
C GLN D 424 -21.06 -40.49 26.68
N ALA D 425 -20.53 -41.37 27.52
CA ALA D 425 -21.33 -42.48 28.05
C ALA D 425 -22.49 -41.98 28.90
N ASN D 426 -22.33 -40.84 29.55
CA ASN D 426 -23.39 -40.25 30.37
C ASN D 426 -24.36 -39.40 29.55
N ILE D 427 -24.12 -39.21 28.27
CA ILE D 427 -25.04 -38.50 27.39
C ILE D 427 -25.89 -39.47 26.58
N ASP D 428 -25.28 -40.52 26.04
CA ASP D 428 -26.03 -41.54 25.33
C ASP D 428 -27.01 -42.24 26.27
N SER D 429 -26.60 -42.52 27.50
CA SER D 429 -27.54 -43.07 28.48
C SER D 429 -28.64 -42.08 28.80
N LEU D 430 -28.33 -40.77 28.76
CA LEU D 430 -29.37 -39.78 28.97
C LEU D 430 -30.29 -39.66 27.76
N LEU D 431 -29.74 -39.85 26.56
CA LEU D 431 -30.58 -39.86 25.36
C LEU D 431 -31.47 -41.09 25.32
N ALA D 432 -31.01 -42.23 25.83
CA ALA D 432 -31.87 -43.41 25.88
C ALA D 432 -33.05 -43.17 26.81
N GLN D 433 -32.82 -42.46 27.92
CA GLN D 433 -33.92 -42.09 28.80
C GLN D 433 -34.92 -41.18 28.09
N ALA D 434 -34.40 -40.25 27.29
CA ALA D 434 -35.27 -39.34 26.55
C ALA D 434 -36.08 -40.06 25.49
N ARG D 435 -35.50 -41.08 24.84
CA ARG D 435 -36.21 -41.82 23.81
C ARG D 435 -37.32 -42.69 24.36
N ALA D 436 -37.42 -42.85 25.69
CA ALA D 436 -38.46 -43.66 26.29
C ALA D 436 -39.80 -42.94 26.40
N LYS D 437 -39.88 -41.67 26.01
CA LYS D 437 -41.12 -40.91 26.11
C LYS D 437 -41.71 -40.50 24.77
N HIS D 438 -40.97 -40.65 23.68
CA HIS D 438 -41.41 -40.21 22.36
C HIS D 438 -41.29 -41.37 21.38
N PRO D 439 -42.37 -42.13 21.16
CA PRO D 439 -42.40 -43.26 20.22
C PRO D 439 -42.06 -42.84 18.79
N VAL D 446 -35.64 -35.42 9.67
CA VAL D 446 -35.25 -35.79 11.02
C VAL D 446 -34.23 -36.92 10.99
N SER D 447 -33.04 -36.67 11.52
CA SER D 447 -31.99 -37.67 11.59
C SER D 447 -31.66 -37.98 13.04
N GLN D 448 -30.67 -38.84 13.24
CA GLN D 448 -30.25 -39.19 14.60
C GLN D 448 -29.73 -38.00 15.39
N PRO D 449 -28.81 -37.18 14.88
CA PRO D 449 -28.37 -36.01 15.66
C PRO D 449 -29.47 -35.02 15.97
N GLN D 450 -30.41 -34.85 15.04
CA GLN D 450 -31.49 -33.90 15.26
C GLN D 450 -32.44 -34.37 16.36
N ARG D 451 -32.63 -35.69 16.47
CA ARG D 451 -33.45 -36.22 17.55
C ARG D 451 -32.85 -35.92 18.92
N ASP D 452 -31.53 -36.01 19.02
CA ASP D 452 -30.85 -35.78 20.29
C ASP D 452 -31.06 -34.35 20.77
N TRP D 453 -30.93 -33.38 19.88
CA TRP D 453 -31.12 -31.99 20.30
C TRP D 453 -32.55 -31.74 20.75
N LEU D 454 -33.53 -32.26 20.02
CA LEU D 454 -34.93 -32.03 20.36
C LEU D 454 -35.32 -32.75 21.65
N LEU D 455 -34.82 -33.96 21.84
CA LEU D 455 -35.11 -34.72 23.05
C LEU D 455 -34.57 -34.04 24.30
N LEU D 456 -33.36 -33.52 24.23
CA LEU D 456 -32.79 -32.80 25.37
C LEU D 456 -33.52 -31.49 25.63
N GLU D 457 -33.98 -30.81 24.58
CA GLU D 457 -34.78 -29.60 24.78
C GLU D 457 -36.09 -29.92 25.48
N ALA D 458 -36.73 -31.03 25.11
CA ALA D 458 -38.01 -31.38 25.72
C ALA D 458 -37.88 -31.65 27.21
N HIS D 459 -36.69 -32.05 27.66
CA HIS D 459 -36.44 -32.25 29.08
C HIS D 459 -35.86 -30.99 29.72
N ARG D 460 -34.68 -30.57 29.24
CA ARG D 460 -34.04 -29.33 29.67
C ARG D 460 -34.03 -29.16 31.18
N ASP D 461 -35.15 -28.71 31.75
CA ASP D 461 -35.22 -28.49 33.19
C ASP D 461 -35.24 -29.78 33.99
N GLU D 462 -35.38 -30.93 33.33
CA GLU D 462 -35.37 -32.22 34.02
C GLU D 462 -33.92 -32.59 34.32
N GLU D 463 -33.45 -32.19 35.50
CA GLU D 463 -32.06 -32.44 35.88
C GLU D 463 -31.87 -33.91 36.20
N VAL D 464 -30.92 -34.55 35.52
CA VAL D 464 -30.54 -35.93 35.77
C VAL D 464 -29.06 -35.96 36.08
N SER D 465 -28.69 -36.57 37.20
CA SER D 465 -27.32 -36.54 37.67
C SER D 465 -26.45 -37.44 36.80
N TRP D 466 -25.38 -36.87 36.25
CA TRP D 466 -24.41 -37.65 35.50
C TRP D 466 -23.52 -38.43 36.46
N PRO D 467 -23.52 -39.76 36.42
CA PRO D 467 -22.60 -40.52 37.27
C PRO D 467 -21.15 -40.21 36.95
N SER D 468 -20.33 -40.18 38.00
CA SER D 468 -18.91 -39.90 37.86
C SER D 468 -18.21 -41.05 37.14
N THR D 469 -17.28 -40.70 36.25
CA THR D 469 -16.53 -41.68 35.49
C THR D 469 -15.04 -41.41 35.64
N LYS D 470 -14.24 -42.34 35.14
CA LYS D 470 -12.79 -42.22 35.11
C LYS D 470 -12.34 -42.20 33.66
N ILE D 471 -11.49 -41.22 33.32
CA ILE D 471 -10.99 -41.12 31.97
C ILE D 471 -10.04 -42.26 31.69
N THR D 472 -10.28 -42.98 30.59
CA THR D 472 -9.49 -44.13 30.22
C THR D 472 -8.38 -43.72 29.24
N MET D 473 -7.30 -44.50 29.24
CA MET D 473 -6.19 -44.24 28.33
C MET D 473 -6.63 -44.36 26.87
N GLU D 474 -7.61 -45.23 26.60
CA GLU D 474 -8.15 -45.31 25.25
C GLU D 474 -8.83 -44.00 24.83
N GLN D 475 -9.54 -43.37 25.77
CA GLN D 475 -10.18 -42.10 25.48
C GLN D 475 -9.17 -40.99 25.22
N PHE D 476 -8.02 -41.02 25.90
CA PHE D 476 -6.99 -40.03 25.65
C PHE D 476 -6.47 -40.13 24.23
N ARG D 477 -6.22 -41.35 23.75
CA ARG D 477 -5.74 -41.50 22.38
C ARG D 477 -6.77 -41.01 21.37
N LYS D 478 -8.06 -41.19 21.67
CA LYS D 478 -9.10 -40.64 20.82
C LYS D 478 -9.11 -39.12 20.88
N ALA D 479 -8.83 -38.55 22.05
CA ALA D 479 -8.86 -37.10 22.19
C ALA D 479 -7.73 -36.44 21.40
N VAL D 480 -6.56 -37.08 21.36
CA VAL D 480 -5.43 -36.50 20.64
C VAL D 480 -5.73 -36.36 19.15
N SER D 481 -6.35 -37.38 18.56
CA SER D 481 -6.68 -37.30 17.15
C SER D 481 -7.70 -36.19 16.88
N LEU D 482 -8.68 -36.04 17.78
CA LEU D 482 -9.68 -34.99 17.58
C LEU D 482 -9.07 -33.61 17.66
N VAL D 483 -8.15 -33.39 18.59
CA VAL D 483 -7.58 -32.07 18.84
C VAL D 483 -6.53 -31.76 17.79
N GLN D 484 -6.73 -30.66 17.06
CA GLN D 484 -5.75 -30.16 16.12
C GLN D 484 -4.92 -29.11 16.84
N PRO D 485 -3.61 -29.30 16.98
CA PRO D 485 -2.81 -28.32 17.70
C PRO D 485 -2.79 -26.97 16.99
N ALA D 486 -2.57 -25.91 17.78
CA ALA D 486 -2.55 -24.57 17.23
C ALA D 486 -1.43 -24.38 16.22
N SER D 487 -0.37 -25.18 16.30
CA SER D 487 0.71 -25.07 15.34
C SER D 487 0.36 -25.71 14.00
N LYS D 488 -0.61 -26.62 13.98
CA LYS D 488 -1.02 -27.30 12.77
C LYS D 488 -2.29 -26.72 12.15
N ARG D 489 -2.77 -25.60 12.68
CA ARG D 489 -4.01 -25.01 12.14
C ARG D 489 -3.83 -24.55 10.71
N GLU D 490 -2.61 -24.29 10.27
CA GLU D 490 -2.35 -23.80 8.94
C GLU D 490 -1.09 -24.45 8.37
N GLY D 491 -1.17 -24.87 7.10
CA GLY D 491 -0.01 -25.32 6.36
C GLY D 491 0.31 -26.80 6.49
N PHE D 492 -0.37 -27.53 7.36
CA PHE D 492 -0.11 -28.94 7.56
C PHE D 492 -1.10 -29.79 6.78
N SER D 493 -0.57 -30.74 6.01
CA SER D 493 -1.40 -31.63 5.22
C SER D 493 -2.04 -32.69 6.11
N THR D 494 -3.03 -33.38 5.55
CA THR D 494 -3.70 -34.47 6.25
C THR D 494 -2.92 -35.77 6.11
N ILE D 495 -2.94 -36.57 7.17
CA ILE D 495 -2.24 -37.85 7.18
C ILE D 495 -2.88 -38.78 6.14
N PRO D 496 -2.10 -39.35 5.23
CA PRO D 496 -2.69 -40.20 4.20
C PRO D 496 -3.30 -41.46 4.81
N ASP D 497 -4.33 -41.98 4.15
CA ASP D 497 -4.95 -43.23 4.59
C ASP D 497 -4.17 -44.46 4.17
N THR D 498 -3.13 -44.30 3.36
CA THR D 498 -2.32 -45.43 2.92
C THR D 498 -1.56 -46.03 4.10
N THR D 499 -1.56 -47.36 4.19
CA THR D 499 -0.83 -48.10 5.20
C THR D 499 0.08 -49.09 4.51
N TRP D 500 0.90 -49.80 5.29
CA TRP D 500 1.76 -50.80 4.68
C TRP D 500 0.96 -51.97 4.11
N SER D 501 -0.27 -52.15 4.55
CA SER D 501 -1.12 -53.16 3.92
C SER D 501 -1.56 -52.75 2.53
N HIS D 502 -1.48 -51.45 2.21
CA HIS D 502 -1.77 -50.99 0.86
C HIS D 502 -0.59 -51.12 -0.08
N VAL D 503 0.60 -51.36 0.44
CA VAL D 503 1.82 -51.43 -0.36
C VAL D 503 2.21 -52.89 -0.50
N GLY D 504 2.33 -53.34 -1.73
CA GLY D 504 2.73 -54.71 -2.02
C GLY D 504 4.21 -54.77 -2.38
N ALA D 505 4.88 -55.75 -1.79
CA ALA D 505 6.32 -55.96 -2.00
C ALA D 505 7.06 -54.71 -1.52
N LEU D 506 8.09 -54.26 -2.24
CA LEU D 506 8.94 -53.15 -1.84
C LEU D 506 9.54 -53.38 -0.45
N GLU D 507 9.95 -54.62 -0.19
CA GLU D 507 10.56 -54.91 1.11
C GLU D 507 11.90 -54.22 1.26
N ASP D 508 12.70 -54.19 0.18
CA ASP D 508 13.98 -53.50 0.23
C ASP D 508 13.79 -52.02 0.47
N VAL D 509 12.80 -51.41 -0.19
CA VAL D 509 12.52 -50.01 0.02
C VAL D 509 11.95 -49.80 1.41
N ARG D 510 11.12 -50.74 1.87
CA ARG D 510 10.52 -50.62 3.19
C ARG D 510 11.58 -50.68 4.26
N LYS D 511 12.60 -51.54 4.09
CA LYS D 511 13.65 -51.63 5.09
C LYS D 511 14.42 -50.32 5.21
N LYS D 512 14.75 -49.70 4.07
CA LYS D 512 15.48 -48.44 4.14
C LYS D 512 14.65 -47.36 4.82
N LEU D 513 13.36 -47.28 4.48
CA LEU D 513 12.50 -46.28 5.10
C LEU D 513 12.25 -46.59 6.57
N GLU D 514 12.15 -47.87 6.91
CA GLU D 514 11.99 -48.24 8.31
C GLU D 514 13.21 -47.87 9.14
N MET D 515 14.41 -48.09 8.59
CA MET D 515 15.62 -47.78 9.35
C MET D 515 15.91 -46.29 9.38
N SER D 516 15.62 -45.58 8.29
CA SER D 516 16.00 -44.17 8.18
C SER D 516 14.97 -43.22 8.77
N ILE D 517 13.69 -43.57 8.71
CA ILE D 517 12.63 -42.65 9.12
C ILE D 517 11.76 -43.25 10.21
N ILE D 518 11.18 -44.43 9.93
CA ILE D 518 10.22 -44.99 10.87
C ILE D 518 10.91 -45.37 12.17
N GLY D 519 12.14 -45.87 12.09
CA GLY D 519 12.89 -46.22 13.26
C GLY D 519 13.11 -45.06 14.20
N PRO D 520 13.88 -44.06 13.76
CA PRO D 520 14.20 -42.93 14.65
C PRO D 520 12.99 -42.15 15.13
N ILE D 521 11.89 -42.15 14.39
CA ILE D 521 10.72 -41.43 14.87
C ILE D 521 10.12 -42.12 16.09
N LYS D 522 10.04 -43.45 16.05
CA LYS D 522 9.42 -44.19 17.15
C LYS D 522 10.41 -44.49 18.28
N ASN D 523 11.69 -44.64 17.96
CA ASN D 523 12.73 -44.93 18.97
C ASN D 523 13.87 -43.94 18.81
N PRO D 524 13.65 -42.67 19.14
CA PRO D 524 14.74 -41.69 19.01
C PRO D 524 15.90 -41.99 19.93
N GLU D 525 15.64 -42.57 21.10
CA GLU D 525 16.71 -42.87 22.06
C GLU D 525 17.60 -44.00 21.57
N LEU D 526 17.00 -45.02 20.95
CA LEU D 526 17.79 -46.15 20.45
C LEU D 526 18.76 -45.70 19.37
N PHE D 527 18.30 -44.82 18.46
CA PHE D 527 19.15 -44.34 17.39
C PHE D 527 20.13 -43.27 17.84
N THR D 528 19.88 -42.64 18.99
CA THR D 528 20.82 -41.65 19.49
C THR D 528 22.04 -42.31 20.13
N ARG D 529 21.86 -43.48 20.76
CA ARG D 529 22.97 -44.17 21.39
C ARG D 529 24.03 -44.58 20.38
N VAL D 530 23.61 -45.07 19.21
CA VAL D 530 24.56 -45.42 18.17
C VAL D 530 25.09 -44.20 17.42
N GLY D 531 24.55 -43.02 17.69
CA GLY D 531 25.06 -41.82 17.07
C GLY D 531 24.49 -41.55 15.70
N ILE D 532 23.16 -41.50 15.62
CA ILE D 532 22.45 -41.18 14.39
C ILE D 532 21.70 -39.88 14.64
N LYS D 533 21.96 -38.89 13.81
CA LYS D 533 21.32 -37.59 13.99
C LYS D 533 19.81 -37.73 13.78
N PRO D 534 19.00 -37.09 14.61
CA PRO D 534 17.54 -37.20 14.44
C PRO D 534 17.06 -36.37 13.26
N ALA D 535 17.58 -36.68 12.08
CA ALA D 535 17.22 -36.02 10.84
C ALA D 535 17.67 -36.89 9.69
N ALA D 536 16.78 -37.17 8.75
CA ALA D 536 17.10 -38.03 7.62
C ALA D 536 16.68 -37.35 6.33
N GLY D 537 17.42 -37.65 5.27
CA GLY D 537 17.07 -37.16 3.95
C GLY D 537 17.05 -38.27 2.92
N ILE D 538 15.89 -38.50 2.30
CA ILE D 538 15.70 -39.63 1.42
C ILE D 538 15.21 -39.11 0.07
N LEU D 539 15.81 -39.60 -0.99
CA LEU D 539 15.42 -39.25 -2.36
C LEU D 539 14.89 -40.52 -3.01
N LEU D 540 13.60 -40.51 -3.35
CA LEU D 540 13.00 -41.62 -4.05
C LEU D 540 12.98 -41.30 -5.54
N TRP D 541 13.47 -42.22 -6.35
CA TRP D 541 13.55 -42.00 -7.79
C TRP D 541 13.29 -43.32 -8.50
N GLY D 542 12.88 -43.21 -9.75
CA GLY D 542 12.57 -44.38 -10.54
C GLY D 542 11.55 -44.09 -11.62
N PRO D 543 11.22 -45.10 -12.42
CA PRO D 543 10.24 -44.90 -13.48
C PRO D 543 8.87 -44.60 -12.91
N PRO D 544 8.04 -43.85 -13.62
CA PRO D 544 6.73 -43.46 -13.09
C PRO D 544 5.82 -44.66 -12.89
N GLY D 545 4.95 -44.56 -11.89
CA GLY D 545 3.98 -45.60 -11.62
C GLY D 545 4.47 -46.75 -10.79
N CYS D 546 5.67 -46.68 -10.21
CA CYS D 546 6.21 -47.79 -9.46
C CYS D 546 5.97 -47.70 -7.96
N GLY D 547 5.32 -46.64 -7.49
CA GLY D 547 4.92 -46.60 -6.09
C GLY D 547 5.78 -45.71 -5.21
N LYS D 548 6.25 -44.60 -5.76
CA LYS D 548 7.05 -43.66 -4.98
C LYS D 548 6.18 -42.83 -4.06
N THR D 549 5.13 -42.20 -4.60
CA THR D 549 4.22 -41.45 -3.76
C THR D 549 3.48 -42.35 -2.78
N LEU D 550 3.15 -43.56 -3.23
CA LEU D 550 2.44 -44.51 -2.36
C LEU D 550 3.29 -44.89 -1.15
N VAL D 551 4.55 -45.24 -1.36
CA VAL D 551 5.40 -45.66 -0.26
C VAL D 551 5.79 -44.49 0.63
N ALA D 552 5.66 -43.26 0.15
CA ALA D 552 5.93 -42.09 0.96
C ALA D 552 4.71 -41.65 1.73
N LYS D 553 3.52 -41.96 1.22
CA LYS D 553 2.30 -41.69 1.95
C LYS D 553 2.03 -42.77 2.99
N ALA D 554 2.71 -43.91 2.89
CA ALA D 554 2.59 -44.96 3.90
C ALA D 554 3.52 -44.69 5.08
N VAL D 555 4.69 -44.13 4.82
CA VAL D 555 5.60 -43.73 5.89
C VAL D 555 4.98 -42.63 6.72
N ALA D 556 4.34 -41.67 6.08
CA ALA D 556 3.71 -40.58 6.82
C ALA D 556 2.58 -41.09 7.72
N ASN D 557 1.92 -42.18 7.32
CA ASN D 557 0.82 -42.71 8.12
C ASN D 557 1.28 -43.68 9.19
N GLU D 558 2.32 -44.48 8.93
CA GLU D 558 2.76 -45.50 9.85
C GLU D 558 3.82 -45.02 10.83
N SER D 559 4.20 -43.74 10.79
CA SER D 559 5.17 -43.19 11.72
C SER D 559 4.51 -42.35 12.80
N LYS D 560 3.23 -42.04 12.64
CA LYS D 560 2.43 -41.28 13.62
C LYS D 560 3.01 -39.90 13.88
N ALA D 561 3.82 -39.38 12.95
CA ALA D 561 4.36 -38.04 13.06
C ALA D 561 3.53 -37.07 12.24
N ASN D 562 3.90 -35.79 12.32
CA ASN D 562 3.25 -34.79 11.48
C ASN D 562 3.72 -34.93 10.05
N PHE D 563 2.88 -34.47 9.13
CA PHE D 563 3.13 -34.64 7.71
C PHE D 563 2.87 -33.34 6.99
N ILE D 564 3.82 -32.90 6.18
CA ILE D 564 3.61 -31.79 5.26
C ILE D 564 4.04 -32.26 3.88
N SER D 565 3.14 -32.12 2.91
CA SER D 565 3.41 -32.54 1.55
C SER D 565 3.47 -31.32 0.63
N ILE D 566 4.53 -31.23 -0.15
CA ILE D 566 4.71 -30.16 -1.12
C ILE D 566 4.56 -30.76 -2.50
N LYS D 567 3.70 -30.17 -3.31
CA LYS D 567 3.38 -30.68 -4.64
C LYS D 567 4.21 -29.91 -5.65
N GLY D 568 5.44 -30.37 -5.86
CA GLY D 568 6.31 -29.76 -6.83
C GLY D 568 6.57 -28.30 -6.52
N PRO D 569 6.44 -27.46 -7.52
CA PRO D 569 6.62 -26.00 -7.36
C PRO D 569 5.42 -25.30 -6.73
N GLU D 570 4.92 -25.85 -5.63
CA GLU D 570 3.75 -25.28 -4.99
C GLU D 570 4.10 -24.00 -4.24
N LEU D 571 5.33 -23.88 -3.76
CA LEU D 571 5.76 -22.75 -2.96
C LEU D 571 6.20 -21.54 -3.77
N LEU D 572 6.35 -21.69 -5.09
CA LEU D 572 6.84 -20.60 -5.91
C LEU D 572 5.84 -19.46 -6.02
N ASN D 573 6.36 -18.24 -6.02
CA ASN D 573 5.57 -17.02 -6.12
C ASN D 573 6.27 -16.08 -7.10
N LYS D 574 5.48 -15.18 -7.68
CA LYS D 574 6.01 -14.24 -8.68
C LYS D 574 6.72 -13.05 -8.07
N TYR D 575 6.55 -12.80 -6.78
CA TYR D 575 7.21 -11.65 -6.16
C TYR D 575 8.61 -12.01 -5.70
N VAL D 576 9.48 -11.01 -5.68
CA VAL D 576 10.86 -11.22 -5.28
C VAL D 576 10.91 -11.52 -3.78
N GLY D 577 11.54 -12.63 -3.42
CA GLY D 577 11.72 -12.98 -2.03
C GLY D 577 10.55 -13.69 -1.40
N GLU D 578 9.38 -13.71 -2.05
CA GLU D 578 8.24 -14.43 -1.49
C GLU D 578 8.36 -15.93 -1.71
N SER D 579 8.96 -16.34 -2.81
CA SER D 579 9.20 -17.77 -3.03
C SER D 579 10.15 -18.32 -1.98
N GLU D 580 11.20 -17.56 -1.64
CA GLU D 580 12.12 -18.04 -0.61
C GLU D 580 11.51 -17.93 0.78
N ARG D 581 10.67 -16.92 1.02
CA ARG D 581 10.06 -16.79 2.34
C ARG D 581 9.12 -17.95 2.62
N ALA D 582 8.42 -18.45 1.60
CA ALA D 582 7.57 -19.61 1.80
C ALA D 582 8.37 -20.84 2.18
N VAL D 583 9.53 -21.05 1.55
CA VAL D 583 10.38 -22.18 1.90
C VAL D 583 10.90 -22.04 3.32
N ARG D 584 11.34 -20.84 3.70
CA ARG D 584 11.82 -20.63 5.06
C ARG D 584 10.69 -20.78 6.06
N GLN D 585 9.50 -20.29 5.71
CA GLN D 585 8.35 -20.47 6.59
C GLN D 585 7.94 -21.94 6.67
N LEU D 586 8.18 -22.71 5.61
CA LEU D 586 7.84 -24.12 5.62
C LEU D 586 8.63 -24.87 6.68
N PHE D 587 9.91 -24.57 6.80
CA PHE D 587 10.77 -25.24 7.78
C PHE D 587 10.60 -24.67 9.18
N SER D 588 9.99 -23.49 9.32
CA SER D 588 9.68 -22.98 10.64
C SER D 588 8.54 -23.76 11.28
N ARG D 589 7.55 -24.16 10.48
CA ARG D 589 6.49 -25.02 11.00
C ARG D 589 6.98 -26.45 11.21
N ALA D 590 7.74 -26.97 10.25
CA ALA D 590 8.22 -28.34 10.34
C ALA D 590 9.18 -28.56 11.50
N LYS D 591 9.78 -27.49 12.02
CA LYS D 591 10.71 -27.60 13.14
C LYS D 591 10.00 -27.52 14.47
N SER D 592 8.99 -26.66 14.59
CA SER D 592 8.21 -26.55 15.82
C SER D 592 7.33 -27.77 16.05
N SER D 593 6.99 -28.52 15.01
CA SER D 593 6.18 -29.73 15.15
C SER D 593 7.00 -31.00 14.98
N ALA D 594 8.28 -30.96 15.33
CA ALA D 594 9.12 -32.13 15.19
C ALA D 594 8.66 -33.23 16.14
N PRO D 595 8.71 -34.50 15.74
CA PRO D 595 9.20 -34.93 14.42
C PRO D 595 8.19 -34.68 13.32
N CYS D 596 8.67 -34.27 12.15
CA CYS D 596 7.81 -33.96 11.03
C CYS D 596 8.44 -34.52 9.76
N ILE D 597 7.60 -34.90 8.82
CA ILE D 597 8.02 -35.46 7.56
C ILE D 597 7.63 -34.48 6.46
N LEU D 598 8.62 -34.02 5.72
CA LEU D 598 8.40 -33.15 4.58
C LEU D 598 8.50 -34.00 3.33
N PHE D 599 7.43 -34.05 2.56
CA PHE D 599 7.37 -34.81 1.33
C PHE D 599 7.36 -33.85 0.17
N PHE D 600 8.41 -33.91 -0.66
CA PHE D 600 8.52 -33.09 -1.86
C PHE D 600 8.14 -33.98 -3.03
N ASP D 601 6.89 -33.89 -3.47
CA ASP D 601 6.47 -34.68 -4.61
C ASP D 601 6.87 -33.98 -5.89
N GLN D 602 7.43 -34.73 -6.83
CA GLN D 602 7.97 -34.19 -8.07
C GLN D 602 8.96 -33.08 -7.79
N MET D 603 9.96 -33.38 -6.96
CA MET D 603 10.85 -32.36 -6.44
C MET D 603 11.76 -31.77 -7.51
N ASP D 604 11.92 -32.43 -8.65
CA ASP D 604 12.84 -31.93 -9.67
C ASP D 604 12.44 -30.55 -10.16
N ALA D 605 11.18 -30.15 -9.99
CA ALA D 605 10.73 -28.83 -10.38
C ALA D 605 11.01 -27.77 -9.33
N LEU D 606 11.42 -28.17 -8.13
CA LEU D 606 11.70 -27.23 -7.05
C LEU D 606 13.18 -26.97 -6.85
N VAL D 607 14.04 -27.94 -7.16
CA VAL D 607 15.48 -27.77 -6.98
C VAL D 607 16.20 -28.18 -8.26
N PRO D 608 16.06 -27.41 -9.34
CA PRO D 608 16.84 -27.70 -10.56
C PRO D 608 18.32 -27.40 -10.35
N ARG D 609 19.15 -28.09 -11.12
CA ARG D 609 20.59 -27.92 -10.97
C ARG D 609 20.99 -26.50 -11.36
N ARG D 610 21.83 -25.90 -10.54
CA ARG D 610 22.26 -24.51 -10.72
C ARG D 610 23.32 -24.44 -11.82
N ASP D 611 22.84 -24.37 -13.05
CA ASP D 611 23.72 -24.15 -14.19
C ASP D 611 24.01 -22.65 -14.32
N ASP D 612 24.60 -22.28 -15.46
CA ASP D 612 24.86 -20.88 -15.78
C ASP D 612 23.65 -20.20 -16.42
N SER D 613 22.56 -20.93 -16.62
CA SER D 613 21.34 -20.42 -17.24
C SER D 613 20.10 -20.86 -16.47
N LEU D 614 20.15 -20.77 -15.15
CA LEU D 614 19.01 -21.12 -14.31
C LEU D 614 18.26 -19.89 -13.80
N SER D 615 18.52 -18.71 -14.38
CA SER D 615 17.95 -17.46 -13.90
C SER D 615 18.31 -17.23 -12.44
N ASP D 616 17.50 -16.45 -11.73
CA ASP D 616 17.75 -16.18 -10.33
C ASP D 616 16.52 -16.33 -9.45
N ALA D 617 15.31 -16.29 -10.00
CA ALA D 617 14.14 -16.56 -9.18
C ALA D 617 14.12 -18.00 -8.71
N SER D 618 14.51 -18.93 -9.58
CA SER D 618 14.56 -20.34 -9.21
C SER D 618 15.90 -20.77 -8.62
N ALA D 619 16.97 -20.01 -8.87
CA ALA D 619 18.24 -20.34 -8.24
C ALA D 619 18.25 -19.95 -6.77
N ARG D 620 17.47 -18.93 -6.40
CA ARG D 620 17.40 -18.54 -5.00
C ARG D 620 16.57 -19.53 -4.19
N VAL D 621 15.63 -20.23 -4.81
CA VAL D 621 14.87 -21.24 -4.08
C VAL D 621 15.77 -22.42 -3.73
N VAL D 622 16.68 -22.79 -4.62
CA VAL D 622 17.60 -23.87 -4.30
C VAL D 622 18.51 -23.49 -3.15
N ASN D 623 19.08 -22.28 -3.21
CA ASN D 623 19.98 -21.84 -2.16
C ASN D 623 19.25 -21.65 -0.84
N THR D 624 17.96 -21.31 -0.88
CA THR D 624 17.19 -21.26 0.35
C THR D 624 17.05 -22.65 0.97
N LEU D 625 16.79 -23.67 0.14
CA LEU D 625 16.66 -25.01 0.68
C LEU D 625 18.00 -25.57 1.13
N LEU D 626 19.10 -25.12 0.52
CA LEU D 626 20.42 -25.55 0.96
C LEU D 626 20.70 -25.12 2.39
N THR D 627 20.34 -23.87 2.74
CA THR D 627 20.59 -23.41 4.10
C THR D 627 19.58 -23.98 5.09
N GLU D 628 18.33 -24.20 4.66
CA GLU D 628 17.34 -24.77 5.57
C GLU D 628 17.62 -26.24 5.88
N LEU D 629 18.05 -27.01 4.89
CA LEU D 629 18.33 -28.41 5.15
C LEU D 629 19.60 -28.59 5.97
N ASP D 630 20.68 -27.89 5.61
CA ASP D 630 21.93 -28.02 6.36
C ASP D 630 22.64 -26.68 6.30
N GLY D 631 22.43 -25.88 7.34
CA GLY D 631 23.06 -24.58 7.46
C GLY D 631 23.51 -24.32 8.87
N VAL D 632 23.56 -23.04 9.26
CA VAL D 632 23.79 -22.72 10.66
C VAL D 632 22.59 -23.12 11.50
N GLY D 633 21.38 -22.84 11.02
CA GLY D 633 20.17 -23.17 11.76
C GLY D 633 19.99 -24.67 11.85
N ASP D 634 19.85 -25.19 13.06
CA ASP D 634 19.64 -26.61 13.25
C ASP D 634 18.22 -26.99 12.85
N ARG D 635 18.07 -28.18 12.27
CA ARG D 635 16.78 -28.68 11.83
C ARG D 635 16.53 -30.09 12.33
N SER D 636 17.12 -30.45 13.47
CA SER D 636 16.92 -31.80 14.01
C SER D 636 15.45 -32.06 14.27
N GLY D 637 14.99 -33.23 13.88
CA GLY D 637 13.59 -33.60 13.99
C GLY D 637 12.78 -33.47 12.74
N ILE D 638 13.38 -32.98 11.65
CA ILE D 638 12.71 -32.82 10.37
C ILE D 638 13.27 -33.89 9.45
N TYR D 639 12.39 -34.73 8.92
CA TYR D 639 12.77 -35.80 8.02
C TYR D 639 12.20 -35.48 6.65
N VAL D 640 13.07 -35.47 5.64
CA VAL D 640 12.71 -35.01 4.31
C VAL D 640 12.69 -36.19 3.37
N ILE D 641 11.61 -36.30 2.61
CA ILE D 641 11.46 -37.32 1.58
C ILE D 641 11.25 -36.59 0.27
N GLY D 642 12.01 -36.96 -0.73
CA GLY D 642 11.86 -36.41 -2.07
C GLY D 642 11.52 -37.52 -3.05
N ALA D 643 10.56 -37.24 -3.92
CA ALA D 643 10.14 -38.18 -4.94
C ALA D 643 10.24 -37.47 -6.28
N THR D 644 10.90 -38.11 -7.24
CA THR D 644 11.09 -37.49 -8.54
C THR D 644 11.30 -38.59 -9.56
N ASN D 645 11.05 -38.24 -10.81
CA ASN D 645 11.34 -39.13 -11.92
C ASN D 645 12.68 -38.83 -12.60
N ARG D 646 13.26 -37.65 -12.32
CA ARG D 646 14.49 -37.20 -12.97
C ARG D 646 15.49 -36.78 -11.90
N PRO D 647 16.10 -37.73 -11.20
CA PRO D 647 17.10 -37.35 -10.18
C PRO D 647 18.33 -36.68 -10.74
N ASP D 648 18.64 -36.84 -12.03
CA ASP D 648 19.79 -36.15 -12.59
C ASP D 648 19.54 -34.67 -12.76
N MET D 649 18.29 -34.24 -12.70
CA MET D 649 17.94 -32.83 -12.82
C MET D 649 17.92 -32.10 -11.48
N ILE D 650 18.27 -32.78 -10.39
CA ILE D 650 18.30 -32.17 -9.06
C ILE D 650 19.73 -31.72 -8.78
N ASP D 651 19.86 -30.57 -8.11
CA ASP D 651 21.18 -30.02 -7.84
C ASP D 651 22.01 -30.94 -6.97
N GLU D 652 23.30 -31.01 -7.27
CA GLU D 652 24.19 -31.92 -6.55
C GLU D 652 24.37 -31.53 -5.09
N ALA D 653 24.23 -30.25 -4.76
CA ALA D 653 24.35 -29.86 -3.36
C ALA D 653 23.19 -30.37 -2.51
N ILE D 654 22.02 -30.56 -3.12
CA ILE D 654 20.91 -31.16 -2.39
C ILE D 654 21.18 -32.64 -2.14
N ARG D 655 21.63 -33.37 -3.17
CA ARG D 655 21.81 -34.80 -3.07
C ARG D 655 23.13 -35.16 -2.41
N ARG D 656 23.37 -34.63 -1.22
CA ARG D 656 24.53 -34.97 -0.42
C ARG D 656 24.07 -35.32 0.98
N PRO D 657 24.84 -36.11 1.72
CA PRO D 657 24.42 -36.52 3.06
C PRO D 657 24.18 -35.31 3.96
N GLY D 658 23.14 -35.42 4.78
CA GLY D 658 22.68 -34.33 5.59
C GLY D 658 21.50 -33.58 5.00
N ARG D 659 21.30 -33.66 3.70
CA ARG D 659 20.10 -33.09 3.06
C ARG D 659 19.24 -34.18 2.44
N LEU D 660 19.76 -34.92 1.47
CA LEU D 660 19.03 -36.03 0.85
C LEU D 660 20.01 -37.15 0.56
N GLY D 661 20.85 -37.46 1.56
CA GLY D 661 21.99 -38.32 1.34
C GLY D 661 21.63 -39.72 0.91
N THR D 662 20.45 -40.19 1.26
CA THR D 662 20.04 -41.55 0.96
C THR D 662 19.14 -41.51 -0.27
N SER D 663 19.51 -42.28 -1.28
CA SER D 663 18.74 -42.41 -2.50
C SER D 663 18.22 -43.83 -2.58
N ILE D 664 16.92 -43.97 -2.76
CA ILE D 664 16.28 -45.27 -2.86
C ILE D 664 15.69 -45.38 -4.25
N TYR D 665 15.97 -46.49 -4.92
CA TYR D 665 15.51 -46.70 -6.29
C TYR D 665 14.27 -47.56 -6.26
N VAL D 666 13.21 -47.06 -6.85
CA VAL D 666 11.93 -47.76 -6.94
C VAL D 666 11.69 -48.02 -8.41
N GLY D 667 12.00 -49.23 -8.86
CA GLY D 667 11.93 -49.58 -10.26
C GLY D 667 10.76 -50.48 -10.58
N LEU D 668 10.80 -51.04 -11.79
CA LEU D 668 9.71 -51.91 -12.21
C LEU D 668 9.72 -53.19 -11.39
N PRO D 669 8.56 -53.65 -10.94
CA PRO D 669 8.50 -54.88 -10.14
C PRO D 669 8.88 -56.10 -10.97
N SER D 670 9.43 -57.11 -10.30
CA SER D 670 9.77 -58.36 -10.94
C SER D 670 8.54 -59.26 -11.08
N ALA D 671 8.76 -60.46 -11.61
CA ALA D 671 7.67 -61.42 -11.79
C ALA D 671 7.06 -61.82 -10.45
N GLU D 672 7.91 -62.12 -9.47
CA GLU D 672 7.43 -62.46 -8.13
C GLU D 672 6.94 -61.23 -7.39
N ASP D 673 7.38 -60.04 -7.81
CA ASP D 673 6.93 -58.80 -7.19
C ASP D 673 5.51 -58.46 -7.62
N ARG D 674 5.17 -58.76 -8.88
CA ARG D 674 3.81 -58.50 -9.35
C ARG D 674 2.78 -59.34 -8.62
N VAL D 675 3.18 -60.52 -8.13
CA VAL D 675 2.25 -61.35 -7.36
C VAL D 675 1.84 -60.65 -6.08
N LYS D 676 2.80 -60.06 -5.36
CA LYS D 676 2.48 -59.37 -4.12
C LYS D 676 1.63 -58.14 -4.38
N ILE D 677 1.92 -57.41 -5.46
CA ILE D 677 1.19 -56.18 -5.73
C ILE D 677 -0.25 -56.47 -6.11
N LEU D 678 -0.46 -57.46 -6.98
CA LEU D 678 -1.81 -57.77 -7.45
C LEU D 678 -2.69 -58.25 -6.30
N LYS D 679 -2.14 -59.08 -5.42
CA LYS D 679 -2.89 -59.50 -4.23
C LYS D 679 -3.19 -58.32 -3.33
N THR D 680 -2.23 -57.40 -3.18
CA THR D 680 -2.43 -56.22 -2.34
C THR D 680 -3.54 -55.33 -2.89
N LEU D 681 -3.57 -55.13 -4.20
CA LEU D 681 -4.61 -54.30 -4.79
C LEU D 681 -6.00 -54.93 -4.64
N TYR D 682 -6.10 -56.24 -4.80
CA TYR D 682 -7.40 -56.89 -4.76
C TYR D 682 -8.00 -56.91 -3.35
N ARG D 683 -7.20 -57.18 -2.33
CA ARG D 683 -7.77 -57.26 -0.99
C ARG D 683 -8.22 -55.92 -0.45
N ASN D 684 -7.77 -54.81 -1.02
CA ASN D 684 -8.18 -53.49 -0.58
C ASN D 684 -9.44 -52.98 -1.26
N THR D 685 -10.00 -53.73 -2.21
CA THR D 685 -11.22 -53.33 -2.89
C THR D 685 -12.34 -54.35 -2.76
N VAL D 686 -12.16 -55.39 -1.96
CA VAL D 686 -13.20 -56.40 -1.77
C VAL D 686 -13.55 -56.52 -0.29
N THR D 714 -12.50 -65.31 -8.25
CA THR D 714 -11.21 -64.63 -8.35
C THR D 714 -10.16 -65.35 -7.53
N THR D 715 -10.36 -65.37 -6.21
CA THR D 715 -9.46 -66.03 -5.26
C THR D 715 -8.03 -65.52 -5.37
N ASP D 716 -7.09 -66.24 -4.77
CA ASP D 716 -5.68 -65.89 -4.82
C ASP D 716 -4.87 -66.71 -5.80
N ALA D 717 -5.36 -67.89 -6.18
CA ALA D 717 -4.62 -68.72 -7.14
C ALA D 717 -4.67 -68.13 -8.54
N ASP D 718 -5.80 -67.52 -8.92
CA ASP D 718 -5.87 -66.93 -10.26
C ASP D 718 -5.07 -65.64 -10.35
N LEU D 719 -4.94 -64.92 -9.24
CA LEU D 719 -4.16 -63.69 -9.24
C LEU D 719 -2.69 -63.96 -9.54
N GLU D 720 -2.16 -65.07 -9.01
CA GLU D 720 -0.79 -65.47 -9.33
C GLU D 720 -0.63 -65.81 -10.81
N LYS D 721 -1.61 -66.49 -11.40
CA LYS D 721 -1.52 -66.83 -12.82
C LYS D 721 -1.50 -65.59 -13.70
N VAL D 722 -2.36 -64.61 -13.40
CA VAL D 722 -2.39 -63.38 -14.19
C VAL D 722 -1.10 -62.60 -14.03
N ALA D 723 -0.61 -62.47 -12.79
CA ALA D 723 0.59 -61.68 -12.56
C ALA D 723 1.82 -62.32 -13.18
N LEU D 724 1.90 -63.64 -13.16
CA LEU D 724 3.06 -64.33 -13.70
C LEU D 724 3.00 -64.51 -15.21
N ASP D 725 1.90 -64.10 -15.86
CA ASP D 725 1.80 -64.22 -17.30
C ASP D 725 2.87 -63.35 -17.98
N LEU D 726 3.45 -63.88 -19.07
CA LEU D 726 4.49 -63.16 -19.77
C LEU D 726 3.98 -61.92 -20.49
N ARG D 727 2.67 -61.79 -20.65
CA ARG D 727 2.10 -60.56 -21.20
C ARG D 727 2.14 -59.41 -20.20
N CYS D 728 2.49 -59.67 -18.94
CA CYS D 728 2.67 -58.62 -17.94
C CYS D 728 4.12 -58.20 -17.78
N THR D 729 5.01 -58.64 -18.67
CA THR D 729 6.40 -58.24 -18.58
C THR D 729 6.53 -56.74 -18.78
N GLY D 730 7.30 -56.10 -17.90
CA GLY D 730 7.46 -54.65 -17.95
C GLY D 730 6.35 -53.86 -17.30
N PHE D 731 5.39 -54.53 -16.67
CA PHE D 731 4.27 -53.82 -16.04
C PHE D 731 4.74 -53.15 -14.76
N SER D 732 4.41 -51.88 -14.60
CA SER D 732 4.71 -51.18 -13.37
C SER D 732 3.58 -51.39 -12.35
N GLY D 733 3.69 -50.71 -11.21
CA GLY D 733 2.65 -50.79 -10.22
C GLY D 733 1.38 -50.08 -10.65
N ALA D 734 1.50 -49.10 -11.53
CA ALA D 734 0.33 -48.42 -12.06
C ALA D 734 -0.38 -49.28 -13.10
N ASP D 735 0.37 -50.03 -13.90
CA ASP D 735 -0.24 -50.90 -14.89
C ASP D 735 -1.06 -52.01 -14.24
N LEU D 736 -0.57 -52.56 -13.14
CA LEU D 736 -1.33 -53.58 -12.42
C LEU D 736 -2.64 -53.01 -11.88
N GLY D 737 -2.63 -51.77 -11.41
CA GLY D 737 -3.88 -51.12 -11.05
C GLY D 737 -4.79 -50.90 -12.24
N ASN D 738 -4.20 -50.59 -13.40
CA ASN D 738 -4.97 -50.50 -14.64
C ASN D 738 -5.46 -51.86 -15.11
N LEU D 739 -4.66 -52.90 -14.90
CA LEU D 739 -5.11 -54.25 -15.26
C LEU D 739 -6.34 -54.67 -14.48
N MET D 740 -6.37 -54.39 -13.18
CA MET D 740 -7.55 -54.74 -12.41
C MET D 740 -8.76 -53.92 -12.85
N GLN D 741 -8.56 -52.64 -13.14
CA GLN D 741 -9.67 -51.84 -13.64
C GLN D 741 -10.17 -52.31 -14.99
N ALA D 742 -9.25 -52.63 -15.91
CA ALA D 742 -9.67 -53.12 -17.21
C ALA D 742 -10.35 -54.48 -17.11
N ALA D 743 -9.84 -55.36 -16.24
CA ALA D 743 -10.50 -56.64 -16.06
C ALA D 743 -11.87 -56.49 -15.42
N ALA D 744 -12.02 -55.53 -14.51
CA ALA D 744 -13.32 -55.29 -13.91
C ALA D 744 -14.30 -54.64 -14.89
N GLN D 745 -13.81 -53.78 -15.79
CA GLN D 745 -14.71 -53.22 -16.79
C GLN D 745 -15.20 -54.31 -17.75
N ALA D 746 -14.32 -55.25 -18.11
CA ALA D 746 -14.74 -56.36 -18.95
C ALA D 746 -15.77 -57.22 -18.24
N CYS D 747 -15.70 -57.30 -16.90
CA CYS D 747 -16.71 -58.03 -16.15
C CYS D 747 -18.09 -57.40 -16.32
N LEU D 748 -18.17 -56.07 -16.26
CA LEU D 748 -19.46 -55.42 -16.42
C LEU D 748 -20.04 -55.61 -17.81
N GLU D 749 -19.20 -55.55 -18.84
CA GLU D 749 -19.71 -55.86 -20.18
C GLU D 749 -20.21 -57.29 -20.27
N ARG D 750 -19.47 -58.24 -19.69
CA ARG D 750 -19.93 -59.62 -19.67
C ARG D 750 -21.20 -59.76 -18.84
N VAL D 751 -21.25 -59.08 -17.69
CA VAL D 751 -22.42 -59.16 -16.83
C VAL D 751 -23.65 -58.56 -17.50
N TYR D 752 -23.50 -57.40 -18.15
CA TYR D 752 -24.64 -56.75 -18.78
C TYR D 752 -25.20 -57.61 -19.91
N THR D 753 -24.34 -58.22 -20.71
CA THR D 753 -24.84 -59.13 -21.74
C THR D 753 -25.55 -60.31 -21.12
N GLN D 754 -25.01 -60.85 -20.01
CA GLN D 754 -25.65 -61.95 -19.31
C GLN D 754 -26.71 -61.49 -18.32
N ARG D 755 -27.17 -60.25 -18.42
CA ARG D 755 -28.23 -59.74 -17.57
C ARG D 755 -29.46 -59.30 -18.35
N GLN D 756 -29.26 -58.66 -19.50
CA GLN D 756 -30.35 -58.23 -20.36
C GLN D 756 -30.72 -59.27 -21.41
N GLN D 757 -30.45 -60.55 -21.12
CA GLN D 757 -30.73 -61.65 -22.02
C GLN D 757 -31.69 -62.66 -21.42
N LYS D 758 -31.53 -63.00 -20.15
CA LYS D 758 -32.49 -63.85 -19.46
C LYS D 758 -33.69 -63.07 -18.96
N ARG D 759 -33.65 -61.73 -19.03
CA ARG D 759 -34.76 -60.88 -18.63
C ARG D 759 -35.55 -60.36 -19.83
N LYS D 760 -34.86 -59.75 -20.80
CA LYS D 760 -35.54 -59.29 -22.00
C LYS D 760 -36.12 -60.44 -22.80
N GLU D 761 -35.34 -61.51 -22.97
CA GLU D 761 -35.75 -62.67 -23.74
C GLU D 761 -36.30 -63.79 -22.87
N GLY D 762 -36.40 -63.58 -21.56
CA GLY D 762 -36.91 -64.60 -20.67
C GLY D 762 -37.82 -64.06 -19.59
N GLU D 768 -37.27 -60.39 -13.82
CA GLU D 768 -36.76 -60.42 -12.45
C GLU D 768 -35.35 -60.99 -12.40
N GLU D 769 -34.47 -60.44 -13.23
CA GLU D 769 -33.08 -60.90 -13.32
C GLU D 769 -32.17 -59.88 -12.64
N GLU D 770 -31.31 -60.37 -11.75
CA GLU D 770 -30.37 -59.52 -11.03
C GLU D 770 -29.04 -60.29 -10.94
N ILE D 771 -28.15 -60.04 -11.91
CA ILE D 771 -26.87 -60.72 -11.94
C ILE D 771 -25.93 -60.07 -10.93
N GLU D 772 -25.24 -60.90 -10.16
CA GLU D 772 -24.25 -60.42 -9.20
C GLU D 772 -22.90 -60.38 -9.89
N PRO D 773 -22.32 -59.20 -10.13
CA PRO D 773 -21.10 -59.12 -10.95
C PRO D 773 -19.85 -59.42 -10.12
N VAL D 774 -19.10 -60.41 -10.56
CA VAL D 774 -17.86 -60.82 -9.90
C VAL D 774 -16.81 -61.06 -10.98
N ILE D 775 -15.58 -60.61 -10.71
CA ILE D 775 -14.51 -60.79 -11.68
C ILE D 775 -14.16 -62.26 -11.79
N THR D 776 -14.13 -62.78 -13.00
CA THR D 776 -13.78 -64.17 -13.25
C THR D 776 -12.46 -64.27 -14.00
N MET D 777 -11.94 -65.49 -14.09
CA MET D 777 -10.65 -65.71 -14.73
C MET D 777 -10.68 -65.35 -16.21
N GLU D 778 -11.81 -65.59 -16.88
CA GLU D 778 -11.95 -65.22 -18.27
C GLU D 778 -11.90 -63.70 -18.47
N ASP D 779 -12.37 -62.95 -17.48
CA ASP D 779 -12.28 -61.49 -17.58
C ASP D 779 -10.83 -61.02 -17.55
N TRP D 780 -9.99 -61.65 -16.73
CA TRP D 780 -8.59 -61.27 -16.66
C TRP D 780 -7.89 -61.44 -18.00
N GLU D 781 -8.15 -62.55 -18.69
CA GLU D 781 -7.50 -62.78 -19.97
C GLU D 781 -7.93 -61.74 -21.01
N LYS D 782 -9.13 -61.19 -20.86
CA LYS D 782 -9.56 -60.11 -21.74
C LYS D 782 -8.71 -58.86 -21.54
N ALA D 783 -8.37 -58.54 -20.30
CA ALA D 783 -7.57 -57.36 -20.00
C ALA D 783 -6.09 -57.57 -20.22
N LEU D 784 -5.62 -58.81 -20.34
CA LEU D 784 -4.21 -59.06 -20.59
C LEU D 784 -3.79 -58.74 -22.01
N ASN D 785 -4.73 -58.49 -22.91
CA ASN D 785 -4.42 -58.13 -24.28
C ASN D 785 -4.65 -56.67 -24.63
N GLU D 786 -5.61 -56.02 -23.97
CA GLU D 786 -5.93 -54.63 -24.27
C GLU D 786 -5.18 -53.64 -23.40
N VAL D 787 -4.30 -54.10 -22.52
CA VAL D 787 -3.54 -53.23 -21.63
C VAL D 787 -2.06 -53.37 -21.95
N LYS D 788 -1.41 -52.24 -22.21
CA LYS D 788 0.02 -52.18 -22.48
C LYS D 788 0.71 -51.37 -21.39
N PRO D 789 1.99 -51.64 -21.13
CA PRO D 789 2.69 -50.87 -20.10
C PRO D 789 2.78 -49.40 -20.45
N SER D 790 2.74 -48.55 -19.42
CA SER D 790 2.78 -47.11 -19.60
C SER D 790 4.20 -46.55 -19.66
N VAL D 791 5.22 -47.39 -19.50
CA VAL D 791 6.61 -46.97 -19.62
C VAL D 791 7.15 -47.52 -20.91
N LYS D 792 7.54 -46.63 -21.82
CA LYS D 792 8.06 -47.01 -23.13
C LYS D 792 9.57 -46.99 -23.20
N ASP D 793 10.25 -46.71 -22.09
CA ASP D 793 11.70 -46.60 -22.11
C ASP D 793 12.30 -46.90 -20.74
N PRO D 794 12.71 -48.14 -20.49
CA PRO D 794 13.37 -48.44 -19.21
C PRO D 794 14.86 -48.13 -19.24
N GLU D 795 15.23 -46.98 -19.80
CA GLU D 795 16.62 -46.57 -19.86
C GLU D 795 16.76 -45.15 -19.34
N LYS D 796 15.73 -44.33 -19.55
CA LYS D 796 15.74 -42.96 -19.04
C LYS D 796 15.76 -42.94 -17.52
N TYR D 797 14.98 -43.80 -16.89
CA TYR D 797 14.83 -43.79 -15.44
C TYR D 797 15.84 -44.71 -14.75
N MET D 798 16.07 -45.89 -15.32
CA MET D 798 17.03 -46.82 -14.71
C MET D 798 18.43 -46.24 -14.69
N HIS D 799 18.83 -45.57 -15.78
CA HIS D 799 20.13 -44.91 -15.85
C HIS D 799 19.97 -43.49 -15.30
N SER D 800 20.12 -43.36 -13.99
CA SER D 800 20.03 -42.06 -13.34
C SER D 800 20.72 -42.10 -11.97
N ARG E 193 -30.35 -9.97 25.38
CA ARG E 193 -29.44 -11.11 25.33
C ARG E 193 -30.14 -12.40 25.76
N THR E 194 -31.47 -12.42 25.65
CA THR E 194 -32.23 -13.63 25.92
C THR E 194 -32.22 -14.55 24.71
N PRO E 195 -32.28 -15.86 24.92
CA PRO E 195 -32.26 -16.79 23.79
C PRO E 195 -33.55 -16.72 23.00
N PRO E 196 -33.47 -16.58 21.68
CA PRO E 196 -34.69 -16.55 20.86
C PRO E 196 -35.15 -17.95 20.47
N THR E 197 -36.34 -18.34 20.94
CA THR E 197 -36.89 -19.65 20.60
C THR E 197 -37.69 -19.57 19.30
N LYS E 198 -36.96 -19.22 18.23
CA LYS E 198 -37.57 -18.98 16.93
C LYS E 198 -37.15 -20.02 15.89
N VAL E 199 -35.85 -20.18 15.67
CA VAL E 199 -35.36 -21.16 14.72
C VAL E 199 -35.07 -22.45 15.47
N SER E 200 -35.60 -23.56 14.97
CA SER E 200 -35.50 -24.84 15.65
C SER E 200 -34.47 -25.74 14.97
N ILE E 201 -34.21 -26.87 15.61
CA ILE E 201 -33.26 -27.84 15.09
C ILE E 201 -33.75 -28.43 13.78
N LEU E 202 -35.07 -28.59 13.64
CA LEU E 202 -35.63 -29.13 12.41
C LEU E 202 -35.34 -28.24 11.21
N ASP E 203 -35.16 -26.95 11.45
CA ASP E 203 -34.94 -26.00 10.37
C ASP E 203 -33.51 -25.99 9.85
N ILE E 204 -32.59 -26.72 10.49
CA ILE E 204 -31.21 -26.81 10.07
C ILE E 204 -30.88 -28.28 9.83
N ALA E 205 -30.50 -28.60 8.60
CA ALA E 205 -30.27 -29.98 8.18
C ALA E 205 -28.95 -30.08 7.41
N GLY E 206 -28.53 -31.32 7.20
CA GLY E 206 -27.28 -31.60 6.52
C GLY E 206 -26.05 -31.43 7.39
N VAL E 207 -26.23 -31.22 8.69
CA VAL E 207 -25.12 -30.96 9.60
C VAL E 207 -25.04 -32.09 10.62
N ASP E 208 -25.39 -33.31 10.20
CA ASP E 208 -25.45 -34.43 11.14
C ASP E 208 -24.11 -34.66 11.82
N ASP E 209 -23.02 -34.64 11.04
CA ASP E 209 -21.69 -34.75 11.64
C ASP E 209 -21.39 -33.55 12.52
N THR E 210 -21.78 -32.36 12.07
CA THR E 210 -21.55 -31.15 12.84
C THR E 210 -22.40 -31.09 14.10
N LEU E 211 -23.66 -31.50 14.02
CA LEU E 211 -24.52 -31.50 15.21
C LEU E 211 -24.10 -32.55 16.23
N GLN E 212 -23.35 -33.57 15.82
CA GLN E 212 -22.89 -34.58 16.76
C GLN E 212 -21.77 -34.02 17.64
N ARG E 213 -20.85 -33.25 17.06
CA ARG E 213 -19.77 -32.67 17.86
C ARG E 213 -20.28 -31.55 18.75
N LEU E 214 -21.20 -30.74 18.25
CA LEU E 214 -21.75 -29.63 19.02
C LEU E 214 -22.56 -30.09 20.22
N LEU E 215 -22.96 -31.36 20.25
CA LEU E 215 -23.71 -31.86 21.39
C LEU E 215 -22.83 -32.06 22.61
N LYS E 216 -21.61 -32.56 22.43
CA LYS E 216 -20.70 -32.83 23.52
C LYS E 216 -19.71 -31.70 23.76
N GLU E 217 -19.78 -30.63 22.97
CA GLU E 217 -18.87 -29.51 23.08
C GLU E 217 -19.56 -28.18 23.32
N VAL E 218 -20.85 -28.08 23.05
CA VAL E 218 -21.62 -26.87 23.32
C VAL E 218 -22.80 -27.15 24.24
N TRP E 219 -23.57 -28.19 23.94
CA TRP E 219 -24.74 -28.47 24.77
C TRP E 219 -24.33 -28.89 26.18
N PHE E 220 -23.34 -29.79 26.29
CA PHE E 220 -22.99 -30.29 27.61
C PHE E 220 -22.44 -29.22 28.52
N PRO E 221 -21.43 -28.41 28.14
CA PRO E 221 -20.99 -27.35 29.05
C PRO E 221 -21.83 -26.09 28.95
N LEU E 222 -23.15 -26.24 28.82
CA LEU E 222 -24.06 -25.12 28.99
C LEU E 222 -25.32 -25.48 29.75
N ARG E 223 -25.73 -26.75 29.77
CA ARG E 223 -26.91 -27.22 30.45
C ARG E 223 -26.60 -28.28 31.49
N GLY E 224 -25.57 -29.10 31.26
CA GLY E 224 -25.18 -30.13 32.21
C GLY E 224 -23.87 -29.79 32.89
N GLY E 225 -23.74 -28.53 33.29
CA GLY E 225 -22.54 -28.05 33.95
C GLY E 225 -22.35 -28.63 35.33
N GLU E 226 -23.40 -29.21 35.91
CA GLU E 226 -23.29 -29.82 37.23
C GLU E 226 -22.32 -30.99 37.24
N ALA E 227 -22.29 -31.79 36.17
CA ALA E 227 -21.34 -32.90 36.11
C ALA E 227 -19.91 -32.37 36.12
N CYS E 228 -19.64 -31.29 35.39
CA CYS E 228 -18.33 -30.65 35.46
C CYS E 228 -18.09 -30.08 36.85
N GLU E 229 -19.15 -29.55 37.47
CA GLU E 229 -19.06 -29.02 38.82
C GLU E 229 -18.68 -30.08 39.85
N LYS E 230 -19.26 -31.28 39.77
CA LYS E 230 -18.82 -32.33 40.69
C LYS E 230 -17.37 -32.72 40.46
N MET E 231 -16.95 -32.85 39.20
CA MET E 231 -15.54 -33.14 38.95
C MET E 231 -14.68 -31.93 39.29
N GLY E 232 -15.25 -30.73 39.13
CA GLY E 232 -14.63 -29.45 39.33
C GLY E 232 -13.62 -29.07 38.27
N TYR E 233 -14.12 -28.89 37.06
CA TYR E 233 -13.29 -28.58 35.88
C TYR E 233 -14.16 -27.72 34.98
N ARG E 234 -13.81 -26.45 34.79
CA ARG E 234 -14.59 -25.64 33.86
C ARG E 234 -14.35 -26.10 32.43
N TYR E 235 -15.40 -26.06 31.61
CA TYR E 235 -15.28 -26.47 30.22
C TYR E 235 -15.40 -25.21 29.36
N ASP E 236 -14.25 -24.65 28.97
CA ASP E 236 -14.21 -23.50 28.07
C ASP E 236 -13.86 -23.96 26.68
N ASN E 237 -14.81 -23.90 25.76
CA ASN E 237 -14.57 -24.39 24.41
C ASN E 237 -14.97 -23.30 23.44
N GLY E 238 -14.00 -22.78 22.69
CA GLY E 238 -14.38 -21.90 21.61
C GLY E 238 -14.57 -22.57 20.28
N VAL E 239 -15.84 -22.71 19.90
CA VAL E 239 -16.23 -23.41 18.69
C VAL E 239 -16.08 -22.48 17.50
N LEU E 240 -15.36 -22.91 16.46
CA LEU E 240 -15.20 -22.07 15.29
C LEU E 240 -15.82 -22.77 14.10
N LEU E 241 -16.73 -22.06 13.44
CA LEU E 241 -17.40 -22.50 12.22
C LEU E 241 -16.82 -21.78 11.02
N HIS E 242 -16.37 -22.53 10.03
CA HIS E 242 -15.86 -21.88 8.84
C HIS E 242 -16.22 -22.71 7.62
N GLY E 243 -16.27 -22.04 6.48
CA GLY E 243 -16.63 -22.66 5.23
C GLY E 243 -17.03 -21.61 4.21
N PRO E 244 -17.49 -22.05 3.03
CA PRO E 244 -17.96 -21.11 2.03
C PRO E 244 -19.14 -20.30 2.56
N SER E 245 -19.23 -19.05 2.11
CA SER E 245 -20.33 -18.18 2.52
C SER E 245 -21.66 -18.72 2.00
N GLY E 246 -22.64 -18.78 2.89
CA GLY E 246 -23.95 -19.31 2.55
C GLY E 246 -24.16 -20.77 2.87
N CYS E 247 -23.24 -21.39 3.60
CA CYS E 247 -23.36 -22.79 3.98
C CYS E 247 -24.22 -23.00 5.22
N GLY E 248 -24.71 -21.94 5.83
CA GLY E 248 -25.55 -22.04 7.01
C GLY E 248 -24.76 -22.00 8.30
N LYS E 249 -23.88 -21.01 8.40
CA LYS E 249 -23.10 -20.77 9.62
C LYS E 249 -23.90 -19.95 10.62
N THR E 250 -24.47 -18.83 10.17
CA THR E 250 -25.25 -17.97 11.05
C THR E 250 -26.50 -18.67 11.55
N THR E 251 -27.17 -19.42 10.68
CA THR E 251 -28.40 -20.11 11.05
C THR E 251 -28.14 -21.20 12.08
N LEU E 252 -27.05 -21.94 11.93
CA LEU E 252 -26.77 -23.00 12.90
C LEU E 252 -26.52 -22.44 14.28
N ALA E 253 -25.76 -21.35 14.38
CA ALA E 253 -25.49 -20.79 15.70
C ALA E 253 -26.73 -20.21 16.36
N HIS E 254 -27.77 -19.90 15.59
CA HIS E 254 -29.03 -19.44 16.15
C HIS E 254 -30.00 -20.57 16.44
N ALA E 255 -29.94 -21.67 15.69
CA ALA E 255 -30.76 -22.82 16.00
C ALA E 255 -30.27 -23.54 17.25
N ILE E 256 -28.95 -23.64 17.42
CA ILE E 256 -28.41 -24.22 18.64
C ILE E 256 -28.74 -23.35 19.84
N ALA E 257 -28.60 -22.03 19.68
CA ALA E 257 -28.88 -21.13 20.80
C ALA E 257 -30.31 -21.22 21.26
N GLY E 258 -31.26 -21.32 20.32
CA GLY E 258 -32.65 -21.44 20.70
C GLY E 258 -33.03 -22.77 21.30
N SER E 259 -32.25 -23.82 21.05
CA SER E 259 -32.59 -25.12 21.60
C SER E 259 -31.99 -25.35 22.98
N ILE E 260 -30.77 -24.84 23.21
CA ILE E 260 -30.12 -25.01 24.51
C ILE E 260 -30.90 -24.30 25.60
N GLY E 261 -31.36 -23.07 25.33
CA GLY E 261 -32.19 -22.33 26.25
C GLY E 261 -31.44 -21.37 27.16
N VAL E 262 -30.12 -21.50 27.25
CA VAL E 262 -29.33 -20.60 28.08
C VAL E 262 -29.27 -19.22 27.44
N ALA E 263 -28.79 -18.23 28.20
CA ALA E 263 -28.68 -16.87 27.68
C ALA E 263 -27.77 -16.83 26.47
N PHE E 264 -28.19 -16.07 25.45
CA PHE E 264 -27.47 -15.98 24.19
C PHE E 264 -27.17 -14.52 23.90
N ILE E 265 -25.93 -14.22 23.57
CA ILE E 265 -25.50 -12.86 23.27
C ILE E 265 -24.98 -12.79 21.84
N PRO E 266 -25.83 -12.44 20.87
CA PRO E 266 -25.32 -12.30 19.50
C PRO E 266 -24.40 -11.09 19.40
N VAL E 267 -23.25 -11.29 18.77
CA VAL E 267 -22.24 -10.26 18.57
C VAL E 267 -21.88 -10.23 17.10
N SER E 268 -21.97 -9.06 16.49
CA SER E 268 -21.52 -8.87 15.12
C SER E 268 -20.24 -8.06 15.17
N ALA E 269 -19.21 -8.57 14.49
CA ALA E 269 -17.89 -7.96 14.55
C ALA E 269 -17.85 -6.51 14.07
N PRO E 270 -18.45 -6.14 12.93
CA PRO E 270 -18.40 -4.71 12.57
C PRO E 270 -19.07 -3.79 13.58
N SER E 271 -20.13 -4.21 14.26
CA SER E 271 -20.76 -3.28 15.19
C SER E 271 -19.95 -3.06 16.46
N VAL E 272 -18.93 -3.88 16.72
CA VAL E 272 -18.07 -3.68 17.88
C VAL E 272 -17.30 -2.37 17.75
N ILE E 273 -16.78 -2.09 16.55
CA ILE E 273 -15.98 -0.90 16.30
C ILE E 273 -16.83 0.35 16.42
N GLY E 274 -16.34 1.32 17.19
CA GLY E 274 -17.05 2.56 17.45
C GLY E 274 -16.33 3.75 16.83
N GLY E 275 -16.91 4.92 17.05
CA GLY E 275 -16.33 6.13 16.48
C GLY E 275 -14.96 6.43 17.07
N THR E 276 -14.85 6.36 18.39
CA THR E 276 -13.57 6.58 19.07
C THR E 276 -12.73 5.30 19.06
N SER E 277 -11.41 5.49 19.04
CA SER E 277 -10.48 4.37 19.04
C SER E 277 -10.63 3.52 20.30
N GLY E 278 -10.78 4.17 21.45
CA GLY E 278 -10.96 3.45 22.71
C GLY E 278 -12.35 2.85 22.88
N GLU E 279 -13.34 3.33 22.14
CA GLU E 279 -14.69 2.80 22.29
C GLU E 279 -14.83 1.40 21.70
N SER E 280 -13.98 1.04 20.73
CA SER E 280 -14.06 -0.30 20.17
C SER E 280 -13.76 -1.36 21.21
N GLU E 281 -12.75 -1.13 22.05
CA GLU E 281 -12.46 -2.05 23.15
C GLU E 281 -13.54 -2.00 24.22
N LYS E 282 -14.19 -0.84 24.37
CA LYS E 282 -15.29 -0.70 25.32
C LYS E 282 -16.44 -1.65 24.98
N ASN E 283 -16.76 -1.77 23.70
CA ASN E 283 -17.83 -2.68 23.29
C ASN E 283 -17.46 -4.13 23.58
N ILE E 284 -16.21 -4.52 23.34
CA ILE E 284 -15.78 -5.89 23.61
C ILE E 284 -15.72 -6.14 25.11
N ARG E 285 -15.19 -5.18 25.88
CA ARG E 285 -15.11 -5.36 27.32
C ARG E 285 -16.48 -5.38 27.98
N ASP E 286 -17.52 -4.93 27.29
CA ASP E 286 -18.88 -5.00 27.79
C ASP E 286 -19.58 -6.28 27.39
N VAL E 287 -18.92 -7.15 26.64
CA VAL E 287 -19.49 -8.41 26.21
C VAL E 287 -18.95 -9.55 27.06
N PHE E 288 -17.63 -9.67 27.12
CA PHE E 288 -17.01 -10.73 27.90
C PHE E 288 -17.28 -10.54 29.39
N ASP E 289 -17.50 -9.31 29.84
CA ASP E 289 -17.89 -9.08 31.22
C ASP E 289 -19.35 -9.48 31.43
N GLU E 290 -20.21 -9.17 30.47
CA GLU E 290 -21.62 -9.51 30.59
C GLU E 290 -21.81 -11.02 30.63
N ALA E 291 -21.08 -11.75 29.78
CA ALA E 291 -21.19 -13.21 29.76
C ALA E 291 -20.75 -13.79 31.10
N ILE E 292 -19.67 -13.26 31.67
CA ILE E 292 -19.22 -13.71 32.98
C ILE E 292 -20.27 -13.36 34.03
N ARG E 293 -20.83 -12.16 33.95
CA ARG E 293 -21.84 -11.74 34.91
C ARG E 293 -23.13 -12.54 34.76
N LEU E 294 -23.41 -13.05 33.54
CA LEU E 294 -24.62 -13.80 33.28
C LEU E 294 -24.32 -15.26 32.92
N ALA E 295 -23.30 -15.83 33.55
CA ALA E 295 -22.96 -17.23 33.28
C ALA E 295 -24.05 -18.13 33.84
N PRO E 296 -24.35 -19.26 33.17
CA PRO E 296 -23.76 -19.72 31.92
C PRO E 296 -24.30 -18.93 30.74
N CYS E 297 -23.48 -18.76 29.70
CA CYS E 297 -23.89 -17.93 28.58
C CYS E 297 -23.21 -18.41 27.31
N LEU E 298 -23.81 -18.04 26.18
CA LEU E 298 -23.29 -18.39 24.87
C LEU E 298 -22.95 -17.11 24.13
N ILE E 299 -21.73 -17.01 23.64
CA ILE E 299 -21.27 -15.85 22.87
C ILE E 299 -21.11 -16.25 21.42
N PHE E 300 -21.76 -15.50 20.53
CA PHE E 300 -21.64 -15.72 19.10
C PHE E 300 -20.93 -14.51 18.48
N LEU E 301 -19.69 -14.71 18.07
CA LEU E 301 -18.89 -13.68 17.41
C LEU E 301 -19.04 -13.86 15.90
N ASP E 302 -20.17 -13.39 15.38
CA ASP E 302 -20.42 -13.51 13.95
C ASP E 302 -19.44 -12.65 13.16
N GLN E 303 -18.94 -13.22 12.06
CA GLN E 303 -17.97 -12.56 11.19
C GLN E 303 -16.73 -12.12 11.97
N ILE E 304 -16.25 -13.01 12.84
CA ILE E 304 -15.08 -12.72 13.69
C ILE E 304 -13.94 -12.14 12.86
N ASP E 305 -13.79 -12.58 11.61
CA ASP E 305 -12.70 -12.12 10.77
C ASP E 305 -12.79 -10.64 10.43
N ALA E 306 -13.93 -10.01 10.68
CA ALA E 306 -14.06 -8.58 10.45
C ALA E 306 -13.26 -7.76 11.45
N ILE E 307 -12.92 -8.33 12.60
CA ILE E 307 -12.12 -7.62 13.60
C ILE E 307 -10.93 -8.41 14.10
N ALA E 308 -10.95 -9.73 14.07
CA ALA E 308 -9.83 -10.52 14.57
C ALA E 308 -8.87 -10.89 13.43
N GLY E 309 -8.54 -9.92 12.60
CA GLY E 309 -7.63 -10.15 11.50
C GLY E 309 -6.19 -10.19 11.96
N ARG E 310 -5.30 -10.49 11.03
CA ARG E 310 -3.89 -10.59 11.35
C ARG E 310 -3.35 -9.22 11.73
N ARG E 311 -2.98 -9.07 13.02
CA ARG E 311 -2.43 -7.81 13.50
C ARG E 311 -1.06 -7.52 12.92
N GLU E 312 -0.42 -8.49 12.27
CA GLU E 312 0.85 -8.24 11.59
C GLU E 312 0.68 -7.19 10.49
N SER E 313 -0.14 -7.51 9.47
CA SER E 313 -0.40 -6.56 8.40
C SER E 313 -1.31 -5.42 8.84
N ALA E 314 -2.03 -5.60 9.95
CA ALA E 314 -2.90 -4.56 10.50
C ALA E 314 -2.05 -3.61 11.36
N ASN E 315 -1.19 -2.85 10.68
CA ASN E 315 -0.23 -1.99 11.36
C ASN E 315 -0.89 -0.87 12.13
N LYS E 316 -2.13 -0.51 11.80
CA LYS E 316 -2.79 0.57 12.51
C LYS E 316 -3.00 0.18 13.97
N GLY E 317 -2.90 1.18 14.84
CA GLY E 317 -2.96 0.90 16.27
C GLY E 317 -4.28 0.30 16.71
N MET E 318 -5.39 0.84 16.21
CA MET E 318 -6.69 0.30 16.60
C MET E 318 -6.87 -1.13 16.11
N GLU E 319 -6.42 -1.42 14.89
CA GLU E 319 -6.64 -2.76 14.35
C GLU E 319 -5.89 -3.80 15.18
N SER E 320 -4.66 -3.49 15.57
CA SER E 320 -3.83 -4.41 16.34
C SER E 320 -4.26 -4.49 17.79
N ARG E 321 -5.10 -3.57 18.25
CA ARG E 321 -5.55 -3.57 19.64
C ARG E 321 -6.87 -4.30 19.85
N ILE E 322 -7.70 -4.41 18.82
CA ILE E 322 -8.93 -5.18 18.97
C ILE E 322 -8.61 -6.64 19.22
N VAL E 323 -7.62 -7.17 18.50
CA VAL E 323 -7.22 -8.57 18.68
C VAL E 323 -6.71 -8.80 20.09
N ALA E 324 -5.90 -7.88 20.60
CA ALA E 324 -5.40 -8.01 21.96
C ALA E 324 -6.53 -7.97 22.97
N GLU E 325 -7.50 -7.09 22.77
CA GLU E 325 -8.65 -7.02 23.68
C GLU E 325 -9.48 -8.29 23.62
N ILE E 326 -9.65 -8.86 22.42
CA ILE E 326 -10.43 -10.08 22.29
C ILE E 326 -9.76 -11.22 23.04
N MET E 327 -8.44 -11.36 22.89
CA MET E 327 -7.76 -12.48 23.52
C MET E 327 -7.74 -12.35 25.04
N ASN E 328 -7.62 -11.13 25.54
CA ASN E 328 -7.67 -10.98 26.99
C ASN E 328 -9.07 -11.27 27.52
N GLY E 329 -10.11 -10.94 26.77
CA GLY E 329 -11.45 -11.18 27.27
C GLY E 329 -11.77 -12.66 27.37
N MET E 330 -11.10 -13.48 26.55
CA MET E 330 -11.31 -14.93 26.62
C MET E 330 -10.59 -15.54 27.81
N ASP E 331 -9.44 -15.00 28.17
CA ASP E 331 -8.74 -15.50 29.34
C ASP E 331 -9.51 -15.20 30.61
N ARG E 332 -10.13 -14.02 30.68
CA ARG E 332 -10.94 -13.71 31.86
C ARG E 332 -12.09 -14.68 32.01
N ILE E 333 -12.59 -15.21 30.89
CA ILE E 333 -13.62 -16.24 30.95
C ILE E 333 -13.08 -17.49 31.63
N ARG E 334 -11.88 -17.91 31.25
CA ARG E 334 -11.29 -19.09 31.86
C ARG E 334 -10.92 -18.87 33.32
N GLN E 335 -10.66 -17.62 33.71
CA GLN E 335 -10.24 -17.30 35.06
C GLN E 335 -11.41 -16.96 35.98
N ASN E 336 -12.18 -15.94 35.62
CA ASN E 336 -13.24 -15.41 36.48
C ASN E 336 -14.56 -16.16 36.42
N THR E 337 -14.72 -17.18 35.58
CA THR E 337 -16.00 -17.89 35.61
C THR E 337 -16.06 -18.84 36.81
N PRO E 338 -17.26 -19.08 37.34
CA PRO E 338 -17.39 -20.03 38.43
C PRO E 338 -17.18 -21.46 37.95
N LEU E 339 -16.86 -22.35 38.89
CA LEU E 339 -16.77 -23.76 38.54
C LEU E 339 -18.13 -24.32 38.12
N GLY E 340 -19.21 -23.74 38.62
CA GLY E 340 -20.53 -24.29 38.33
C GLY E 340 -20.95 -24.11 36.88
N LYS E 341 -20.64 -22.96 36.28
CA LYS E 341 -21.17 -22.60 34.98
C LYS E 341 -20.05 -22.27 34.00
N ASN E 342 -20.29 -22.57 32.74
CA ASN E 342 -19.33 -22.38 31.67
C ASN E 342 -19.84 -21.33 30.70
N VAL E 343 -18.90 -20.68 29.99
CA VAL E 343 -19.21 -19.75 28.93
C VAL E 343 -18.58 -20.22 27.63
N VAL E 344 -19.41 -20.43 26.61
CA VAL E 344 -18.96 -20.96 25.31
C VAL E 344 -18.97 -19.80 24.32
N VAL E 345 -17.86 -19.62 23.61
CA VAL E 345 -17.70 -18.61 22.58
C VAL E 345 -17.76 -19.25 21.20
N LEU E 346 -18.75 -18.84 20.40
CA LEU E 346 -18.95 -19.39 19.06
C LEU E 346 -18.55 -18.33 18.03
N ALA E 347 -17.66 -18.68 17.12
CA ALA E 347 -17.17 -17.77 16.10
C ALA E 347 -17.45 -18.31 14.70
N ALA E 348 -17.93 -17.44 13.83
CA ALA E 348 -18.22 -17.81 12.45
C ALA E 348 -17.44 -16.91 11.51
N THR E 349 -16.85 -17.50 10.48
CA THR E 349 -16.08 -16.75 9.50
C THR E 349 -15.91 -17.57 8.23
N ASN E 350 -15.98 -16.92 7.08
CA ASN E 350 -15.77 -17.64 5.83
C ASN E 350 -14.30 -17.68 5.43
N ARG E 351 -13.42 -16.98 6.13
CA ARG E 351 -11.98 -17.00 5.85
C ARG E 351 -11.22 -17.31 7.14
N PRO E 352 -11.18 -18.57 7.54
CA PRO E 352 -10.46 -18.92 8.77
C PRO E 352 -8.98 -18.61 8.70
N GLU E 353 -8.41 -18.52 7.50
CA GLU E 353 -6.99 -18.27 7.36
C GLU E 353 -6.62 -16.82 7.61
N PHE E 354 -7.59 -15.91 7.60
CA PHE E 354 -7.29 -14.51 7.87
C PHE E 354 -7.21 -14.21 9.35
N LEU E 355 -7.64 -15.15 10.20
CA LEU E 355 -7.64 -14.93 11.63
C LEU E 355 -6.21 -14.88 12.17
N ASP E 356 -6.02 -14.05 13.17
CA ASP E 356 -4.73 -13.98 13.84
C ASP E 356 -4.43 -15.32 14.48
N PRO E 357 -3.25 -15.92 14.23
CA PRO E 357 -2.94 -17.20 14.86
C PRO E 357 -2.99 -17.15 16.38
N ALA E 358 -2.84 -15.97 16.95
CA ALA E 358 -3.05 -15.79 18.39
C ALA E 358 -4.51 -15.96 18.76
N ILE E 359 -5.41 -15.82 17.80
CA ILE E 359 -6.85 -15.96 18.01
C ILE E 359 -7.36 -17.32 17.57
N ARG E 360 -6.92 -17.81 16.42
CA ARG E 360 -7.42 -19.10 15.94
C ARG E 360 -7.00 -20.21 16.89
N ARG E 361 -5.90 -20.02 17.62
CA ARG E 361 -5.51 -20.96 18.65
C ARG E 361 -6.51 -21.00 19.79
N ARG E 362 -7.21 -19.90 20.05
CA ARG E 362 -8.17 -19.88 21.16
C ARG E 362 -9.46 -20.60 20.81
N PHE E 363 -9.64 -20.98 19.55
CA PHE E 363 -10.81 -21.70 19.08
C PHE E 363 -10.35 -23.13 18.80
N SER E 364 -10.41 -23.98 19.83
CA SER E 364 -9.95 -25.35 19.69
C SER E 364 -10.80 -26.15 18.72
N VAL E 365 -12.12 -26.04 18.84
CA VAL E 365 -13.02 -26.80 17.99
C VAL E 365 -13.22 -26.03 16.68
N GLU E 366 -12.84 -26.64 15.57
CA GLU E 366 -13.04 -26.01 14.27
C GLU E 366 -13.83 -26.95 13.39
N ILE E 367 -14.97 -26.48 12.91
CA ILE E 367 -15.88 -27.24 12.08
C ILE E 367 -15.82 -26.62 10.69
N ASP E 368 -15.34 -27.37 9.70
CA ASP E 368 -15.29 -26.79 8.37
C ASP E 368 -16.53 -27.19 7.60
N MET E 369 -17.50 -26.27 7.55
CA MET E 369 -18.75 -26.52 6.83
C MET E 369 -18.47 -26.56 5.33
N GLY E 370 -18.07 -27.72 4.82
CA GLY E 370 -17.83 -27.87 3.41
C GLY E 370 -19.10 -27.71 2.59
N MET E 371 -19.01 -28.16 1.34
CA MET E 371 -20.30 -28.00 0.68
C MET E 371 -21.02 -29.33 0.72
N PRO E 372 -22.34 -29.32 0.84
CA PRO E 372 -23.06 -30.59 0.94
C PRO E 372 -22.97 -31.41 -0.33
N SER E 373 -23.04 -32.72 -0.15
CA SER E 373 -23.02 -33.69 -1.23
C SER E 373 -24.44 -33.96 -1.70
N GLU E 374 -24.56 -34.88 -2.65
CA GLU E 374 -25.89 -35.20 -3.18
C GLU E 374 -26.80 -35.72 -2.07
N ARG E 375 -26.26 -36.59 -1.21
CA ARG E 375 -27.03 -37.07 -0.08
C ARG E 375 -27.35 -35.95 0.90
N ALA E 376 -26.39 -35.05 1.12
CA ALA E 376 -26.62 -33.96 2.07
C ALA E 376 -27.58 -32.91 1.50
N ARG E 377 -27.47 -32.60 0.21
CA ARG E 377 -28.37 -31.61 -0.38
C ARG E 377 -29.80 -32.10 -0.41
N GLU E 378 -30.00 -33.42 -0.55
CA GLU E 378 -31.34 -33.97 -0.46
C GLU E 378 -31.93 -33.73 0.93
N GLN E 379 -31.12 -33.89 1.97
CA GLN E 379 -31.60 -33.64 3.32
C GLN E 379 -31.97 -32.17 3.50
N ILE E 380 -31.16 -31.26 2.95
CA ILE E 380 -31.46 -29.84 3.06
C ILE E 380 -32.75 -29.50 2.33
N LEU E 381 -32.91 -30.04 1.12
CA LEU E 381 -34.10 -29.74 0.33
C LEU E 381 -35.36 -30.26 1.02
N ARG E 382 -35.27 -31.45 1.61
CA ARG E 382 -36.40 -31.99 2.37
C ARG E 382 -36.70 -31.13 3.58
N SER E 383 -35.64 -30.64 4.25
CA SER E 383 -35.85 -29.81 5.42
C SER E 383 -36.54 -28.50 5.05
N LEU E 384 -36.12 -27.88 3.94
CA LEU E 384 -36.73 -26.62 3.53
C LEU E 384 -38.19 -26.83 3.16
N THR E 385 -38.47 -27.89 2.42
CA THR E 385 -39.83 -28.23 1.98
C THR E 385 -40.54 -29.14 2.98
N ARG E 386 -40.58 -28.72 4.24
CA ARG E 386 -41.19 -29.53 5.29
C ARG E 386 -42.56 -29.03 5.73
N ASP E 387 -42.79 -27.72 5.67
CA ASP E 387 -44.08 -27.12 5.99
C ASP E 387 -44.91 -26.82 4.75
N LEU E 388 -44.49 -27.29 3.58
CA LEU E 388 -45.20 -27.00 2.35
C LEU E 388 -45.99 -28.21 1.88
N SER E 389 -47.00 -27.93 1.06
CA SER E 389 -47.79 -28.98 0.42
C SER E 389 -47.12 -29.34 -0.90
N LEU E 390 -46.81 -30.62 -1.08
CA LEU E 390 -46.03 -31.07 -2.22
C LEU E 390 -46.79 -32.15 -2.96
N ALA E 391 -46.38 -32.37 -4.21
CA ALA E 391 -46.97 -33.41 -5.04
C ALA E 391 -46.22 -34.71 -4.79
N ASP E 392 -46.47 -35.71 -5.63
CA ASP E 392 -45.84 -37.01 -5.47
C ASP E 392 -44.70 -37.24 -6.45
N ASP E 393 -44.58 -36.42 -7.49
CA ASP E 393 -43.53 -36.59 -8.46
C ASP E 393 -42.21 -35.96 -8.03
N ILE E 394 -42.20 -35.27 -6.89
CA ILE E 394 -41.00 -34.55 -6.46
C ILE E 394 -39.95 -35.58 -6.07
N ASN E 395 -38.89 -35.69 -6.86
CA ASN E 395 -37.77 -36.56 -6.55
C ASN E 395 -36.65 -35.70 -5.98
N PHE E 396 -36.54 -35.68 -4.65
CA PHE E 396 -35.50 -34.88 -4.02
C PHE E 396 -34.12 -35.39 -4.36
N LYS E 397 -33.98 -36.68 -4.65
CA LYS E 397 -32.69 -37.20 -5.08
C LYS E 397 -32.32 -36.68 -6.47
N GLU E 398 -33.32 -36.54 -7.35
CA GLU E 398 -33.03 -35.97 -8.66
C GLU E 398 -32.70 -34.49 -8.54
N LEU E 399 -33.37 -33.78 -7.63
CA LEU E 399 -33.05 -32.37 -7.44
C LEU E 399 -31.63 -32.20 -6.93
N ALA E 400 -31.19 -33.09 -6.03
CA ALA E 400 -29.84 -32.99 -5.51
C ALA E 400 -28.79 -33.30 -6.57
N LYS E 401 -29.11 -34.18 -7.52
CA LYS E 401 -28.14 -34.52 -8.55
C LYS E 401 -27.86 -33.34 -9.45
N MET E 402 -28.90 -32.57 -9.81
CA MET E 402 -28.76 -31.50 -10.79
C MET E 402 -28.60 -30.13 -10.14
N THR E 403 -28.14 -30.07 -8.89
CA THR E 403 -27.82 -28.82 -8.21
C THR E 403 -26.43 -28.93 -7.59
N PRO E 404 -25.38 -29.05 -8.41
CA PRO E 404 -24.03 -29.12 -7.85
C PRO E 404 -23.43 -27.73 -7.62
N GLY E 405 -22.67 -27.62 -6.54
CA GLY E 405 -22.10 -26.35 -6.14
C GLY E 405 -23.04 -25.39 -5.45
N TYR E 406 -24.26 -25.82 -5.14
CA TYR E 406 -25.20 -24.98 -4.43
C TYR E 406 -24.95 -25.06 -2.93
N VAL E 407 -25.23 -23.96 -2.24
CA VAL E 407 -25.13 -23.94 -0.79
C VAL E 407 -26.52 -23.77 -0.20
N GLY E 408 -26.62 -23.76 1.13
CA GLY E 408 -27.92 -23.64 1.77
C GLY E 408 -28.66 -22.37 1.38
N SER E 409 -27.94 -21.26 1.26
CA SER E 409 -28.57 -20.01 0.85
C SER E 409 -29.08 -20.09 -0.58
N ASP E 410 -28.30 -20.69 -1.47
CA ASP E 410 -28.72 -20.82 -2.87
C ASP E 410 -29.94 -21.72 -3.00
N LEU E 411 -29.97 -22.81 -2.24
CA LEU E 411 -31.13 -23.70 -2.25
C LEU E 411 -32.37 -23.04 -1.66
N GLN E 412 -32.21 -22.05 -0.78
CA GLN E 412 -33.38 -21.33 -0.31
C GLN E 412 -33.99 -20.49 -1.42
N TYR E 413 -33.16 -19.91 -2.29
CA TYR E 413 -33.70 -19.17 -3.43
C TYR E 413 -34.40 -20.10 -4.40
N VAL E 414 -33.86 -21.32 -4.58
CA VAL E 414 -34.50 -22.27 -5.47
C VAL E 414 -35.89 -22.63 -4.96
N VAL E 415 -36.01 -22.87 -3.66
CA VAL E 415 -37.32 -23.09 -3.06
C VAL E 415 -38.19 -21.85 -3.20
N LYS E 416 -37.61 -20.67 -2.96
CA LYS E 416 -38.39 -19.45 -3.08
C LYS E 416 -38.84 -19.20 -4.51
N ALA E 417 -37.99 -19.51 -5.49
CA ALA E 417 -38.41 -19.34 -6.88
C ALA E 417 -39.52 -20.30 -7.26
N ALA E 418 -39.45 -21.55 -6.77
CA ALA E 418 -40.50 -22.52 -7.10
C ALA E 418 -41.81 -22.17 -6.43
N VAL E 419 -41.76 -21.57 -5.24
CA VAL E 419 -42.99 -21.17 -4.57
C VAL E 419 -43.71 -20.08 -5.35
N SER E 420 -42.96 -19.11 -5.88
CA SER E 420 -43.60 -18.05 -6.67
C SER E 420 -44.25 -18.63 -7.91
N GLU E 421 -43.59 -19.59 -8.57
CA GLU E 421 -44.19 -20.24 -9.73
C GLU E 421 -45.45 -20.99 -9.34
N SER E 422 -45.44 -21.58 -8.13
CA SER E 422 -46.62 -22.27 -7.62
C SER E 422 -47.79 -21.32 -7.39
N PHE E 423 -47.53 -20.03 -7.18
CA PHE E 423 -48.61 -19.07 -6.99
C PHE E 423 -49.01 -18.38 -8.27
N GLN E 424 -48.39 -18.70 -9.41
CA GLN E 424 -48.78 -18.07 -10.66
C GLN E 424 -50.21 -18.45 -11.01
N ALA E 425 -50.56 -19.72 -10.81
CA ALA E 425 -51.93 -20.18 -11.08
C ALA E 425 -52.91 -19.52 -10.11
N ASN E 426 -52.45 -19.19 -8.91
CA ASN E 426 -53.30 -18.55 -7.91
C ASN E 426 -53.45 -17.05 -8.14
N ILE E 427 -52.68 -16.47 -9.05
CA ILE E 427 -52.86 -15.06 -9.38
C ILE E 427 -53.81 -14.89 -10.57
N ASP E 428 -53.71 -15.77 -11.57
CA ASP E 428 -54.63 -15.69 -12.69
C ASP E 428 -56.06 -15.90 -12.23
N SER E 429 -56.27 -16.86 -11.31
CA SER E 429 -57.58 -17.06 -10.72
C SER E 429 -58.03 -15.85 -9.91
N LEU E 430 -57.10 -15.23 -9.18
CA LEU E 430 -57.41 -14.01 -8.43
C LEU E 430 -57.77 -12.86 -9.35
N LEU E 431 -57.07 -12.73 -10.48
CA LEU E 431 -57.42 -11.71 -11.45
C LEU E 431 -58.80 -11.93 -12.05
N ALA E 432 -59.12 -13.20 -12.36
CA ALA E 432 -60.42 -13.48 -12.99
C ALA E 432 -61.57 -13.13 -12.06
N GLN E 433 -61.39 -13.36 -10.75
CA GLN E 433 -62.42 -12.99 -9.79
C GLN E 433 -62.65 -11.48 -9.79
N ALA E 434 -61.56 -10.70 -9.84
CA ALA E 434 -61.70 -9.25 -9.89
C ALA E 434 -62.38 -8.79 -11.17
N ARG E 435 -62.03 -9.43 -12.29
CA ARG E 435 -62.65 -9.11 -13.57
C ARG E 435 -64.14 -9.41 -13.56
N ALA E 436 -64.53 -10.57 -12.99
CA ALA E 436 -65.94 -10.93 -12.93
C ALA E 436 -66.75 -10.01 -12.03
N LYS E 437 -66.11 -9.29 -11.10
CA LYS E 437 -66.84 -8.37 -10.25
C LYS E 437 -67.05 -7.01 -10.90
N HIS E 438 -66.15 -6.59 -11.77
CA HIS E 438 -66.27 -5.30 -12.45
C HIS E 438 -66.49 -5.51 -13.94
N PRO E 439 -67.68 -5.18 -14.47
CA PRO E 439 -67.97 -5.29 -15.91
C PRO E 439 -67.04 -4.43 -16.77
N VAL E 446 -56.59 3.09 -19.89
CA VAL E 446 -55.91 2.43 -18.78
C VAL E 446 -55.48 1.03 -19.22
N SER E 447 -54.18 0.75 -19.06
CA SER E 447 -53.66 -0.57 -19.41
C SER E 447 -54.13 -1.64 -18.44
N GLN E 448 -53.98 -2.89 -18.88
CA GLN E 448 -54.42 -4.03 -18.07
C GLN E 448 -53.72 -4.13 -16.72
N PRO E 449 -52.39 -4.01 -16.61
CA PRO E 449 -51.79 -4.05 -15.26
C PRO E 449 -52.28 -2.96 -14.34
N GLN E 450 -52.56 -1.76 -14.86
CA GLN E 450 -53.09 -0.71 -14.00
C GLN E 450 -54.47 -1.05 -13.49
N ARG E 451 -55.30 -1.67 -14.34
CA ARG E 451 -56.64 -2.07 -13.91
C ARG E 451 -56.57 -3.14 -12.83
N ASP E 452 -55.61 -4.05 -12.93
CA ASP E 452 -55.47 -5.12 -11.94
C ASP E 452 -55.21 -4.54 -10.56
N TRP E 453 -54.35 -3.53 -10.49
CA TRP E 453 -54.11 -2.84 -9.22
C TRP E 453 -55.38 -2.12 -8.75
N LEU E 454 -56.12 -1.52 -9.68
CA LEU E 454 -57.34 -0.82 -9.33
C LEU E 454 -58.42 -1.79 -8.88
N LEU E 455 -58.49 -2.96 -9.53
CA LEU E 455 -59.47 -3.97 -9.15
C LEU E 455 -59.22 -4.47 -7.74
N LEU E 456 -57.95 -4.75 -7.41
CA LEU E 456 -57.62 -5.24 -6.08
C LEU E 456 -57.71 -4.14 -5.02
N GLU E 457 -57.66 -2.87 -5.44
CA GLU E 457 -57.85 -1.78 -4.48
C GLU E 457 -59.31 -1.67 -4.08
N ALA E 458 -60.21 -2.09 -4.96
CA ALA E 458 -61.65 -1.96 -4.72
C ALA E 458 -62.07 -2.77 -3.50
N HIS E 459 -61.89 -4.09 -3.57
CA HIS E 459 -62.31 -5.03 -2.54
C HIS E 459 -61.58 -4.81 -1.21
N ARG E 460 -60.27 -5.06 -1.19
CA ARG E 460 -59.47 -4.91 0.03
C ARG E 460 -60.00 -5.79 1.15
N ASP E 461 -60.84 -5.22 2.01
CA ASP E 461 -61.37 -5.98 3.15
C ASP E 461 -62.17 -7.20 2.71
N GLU E 462 -62.76 -7.15 1.52
CA GLU E 462 -63.48 -8.30 0.98
C GLU E 462 -62.46 -9.32 0.49
N GLU E 463 -62.42 -10.47 1.15
CA GLU E 463 -61.43 -11.50 0.87
C GLU E 463 -62.11 -12.73 0.27
N VAL E 464 -61.52 -13.26 -0.80
CA VAL E 464 -62.02 -14.46 -1.46
C VAL E 464 -60.97 -15.56 -1.33
N SER E 465 -61.43 -16.80 -1.31
CA SER E 465 -60.54 -17.93 -1.01
C SER E 465 -59.59 -18.22 -2.16
N TRP E 466 -58.31 -18.37 -1.82
CA TRP E 466 -57.31 -18.88 -2.74
C TRP E 466 -57.27 -20.40 -2.63
N PRO E 467 -57.59 -21.15 -3.67
CA PRO E 467 -57.45 -22.60 -3.60
C PRO E 467 -56.02 -23.03 -3.31
N SER E 468 -55.91 -24.09 -2.51
CA SER E 468 -54.65 -24.62 -2.00
C SER E 468 -54.05 -25.58 -3.03
N THR E 469 -53.26 -25.07 -3.96
CA THR E 469 -52.60 -25.99 -4.88
C THR E 469 -51.22 -26.35 -4.35
N LYS E 470 -50.61 -27.35 -4.97
CA LYS E 470 -49.31 -27.85 -4.57
C LYS E 470 -48.27 -27.69 -5.67
N ILE E 471 -47.02 -27.66 -5.24
CA ILE E 471 -45.88 -27.45 -6.14
C ILE E 471 -45.59 -28.76 -6.85
N THR E 472 -45.40 -28.70 -8.17
CA THR E 472 -45.04 -29.91 -8.89
C THR E 472 -43.52 -30.03 -9.00
N MET E 473 -43.07 -31.10 -9.67
CA MET E 473 -41.64 -31.29 -9.91
C MET E 473 -41.15 -30.49 -11.11
N GLU E 474 -42.03 -30.28 -12.10
CA GLU E 474 -41.65 -29.49 -13.26
C GLU E 474 -41.35 -28.05 -12.88
N GLN E 475 -42.01 -27.52 -11.85
CA GLN E 475 -41.70 -26.16 -11.43
C GLN E 475 -40.36 -26.11 -10.73
N PHE E 476 -39.99 -27.19 -10.03
CA PHE E 476 -38.68 -27.23 -9.38
C PHE E 476 -37.56 -27.28 -10.42
N ARG E 477 -37.76 -28.04 -11.50
CA ARG E 477 -36.77 -28.06 -12.57
C ARG E 477 -36.68 -26.71 -13.25
N LYS E 478 -37.82 -26.04 -13.44
CA LYS E 478 -37.81 -24.69 -13.97
C LYS E 478 -37.13 -23.72 -13.01
N ALA E 479 -37.34 -23.89 -11.70
CA ALA E 479 -36.77 -22.98 -10.73
C ALA E 479 -35.25 -23.05 -10.71
N VAL E 480 -34.69 -24.26 -10.83
CA VAL E 480 -33.24 -24.41 -10.79
C VAL E 480 -32.59 -23.67 -11.95
N SER E 481 -33.19 -23.77 -13.14
CA SER E 481 -32.64 -23.09 -14.32
C SER E 481 -32.66 -21.58 -14.12
N LEU E 482 -33.73 -21.04 -13.56
CA LEU E 482 -33.85 -19.60 -13.39
C LEU E 482 -32.87 -19.06 -12.35
N VAL E 483 -32.39 -19.91 -11.44
CA VAL E 483 -31.51 -19.48 -10.35
C VAL E 483 -30.08 -19.74 -10.78
N GLN E 484 -29.27 -18.69 -10.86
CA GLN E 484 -27.85 -18.85 -11.14
C GLN E 484 -27.06 -18.89 -9.84
N PRO E 485 -26.35 -19.98 -9.54
CA PRO E 485 -25.59 -20.05 -8.28
C PRO E 485 -24.48 -19.01 -8.24
N ALA E 486 -24.09 -18.58 -7.04
CA ALA E 486 -23.06 -17.56 -6.91
C ALA E 486 -21.74 -18.01 -7.52
N SER E 487 -21.52 -19.32 -7.55
CA SER E 487 -20.30 -19.87 -8.13
C SER E 487 -20.29 -19.71 -9.64
N SER E 493 -18.64 -24.60 -13.07
CA SER E 493 -19.37 -23.47 -13.62
C SER E 493 -20.86 -23.80 -13.77
N THR E 494 -21.26 -24.12 -15.00
CA THR E 494 -22.64 -24.52 -15.29
C THR E 494 -22.61 -25.74 -16.19
N ILE E 495 -23.59 -26.61 -15.99
CA ILE E 495 -23.70 -27.86 -16.75
C ILE E 495 -23.96 -27.46 -18.20
N PRO E 496 -23.22 -28.01 -19.16
CA PRO E 496 -23.45 -27.63 -20.56
C PRO E 496 -24.83 -28.06 -21.03
N ASP E 497 -25.35 -27.33 -22.02
CA ASP E 497 -26.65 -27.65 -22.59
C ASP E 497 -26.57 -28.69 -23.70
N THR E 498 -25.39 -29.23 -23.97
CA THR E 498 -25.24 -30.21 -25.04
C THR E 498 -25.60 -31.60 -24.55
N THR E 499 -26.50 -32.27 -25.25
CA THR E 499 -26.87 -33.63 -24.93
C THR E 499 -26.30 -34.59 -25.98
N TRP E 500 -26.63 -35.87 -25.81
CA TRP E 500 -26.27 -36.85 -26.82
C TRP E 500 -27.12 -36.70 -28.07
N SER E 501 -28.23 -35.97 -27.99
CA SER E 501 -28.99 -35.66 -29.19
C SER E 501 -28.27 -34.65 -30.05
N HIS E 502 -27.39 -33.85 -29.46
CA HIS E 502 -26.55 -32.94 -30.22
C HIS E 502 -25.34 -33.64 -30.81
N VAL E 503 -25.03 -34.85 -30.34
CA VAL E 503 -23.88 -35.61 -30.81
C VAL E 503 -24.39 -36.64 -31.82
N GLY E 504 -23.94 -36.54 -33.06
CA GLY E 504 -24.33 -37.48 -34.09
C GLY E 504 -23.28 -38.56 -34.28
N ALA E 505 -23.75 -39.80 -34.37
CA ALA E 505 -22.91 -40.99 -34.56
C ALA E 505 -21.91 -41.07 -33.40
N LEU E 506 -20.65 -41.46 -33.68
CA LEU E 506 -19.63 -41.65 -32.66
C LEU E 506 -20.07 -42.64 -31.58
N GLU E 507 -20.74 -43.72 -32.01
CA GLU E 507 -21.23 -44.71 -31.06
C GLU E 507 -20.08 -45.42 -30.37
N ASP E 508 -19.01 -45.72 -31.11
CA ASP E 508 -17.85 -46.37 -30.52
C ASP E 508 -17.20 -45.51 -29.44
N VAL E 509 -17.07 -44.21 -29.72
CA VAL E 509 -16.52 -43.29 -28.74
C VAL E 509 -17.46 -43.13 -27.55
N ARG E 510 -18.77 -43.13 -27.81
CA ARG E 510 -19.73 -42.99 -26.73
C ARG E 510 -19.66 -44.17 -25.77
N LYS E 511 -19.50 -45.40 -26.28
CA LYS E 511 -19.45 -46.55 -25.40
C LYS E 511 -18.23 -46.49 -24.49
N LYS E 512 -17.08 -46.07 -25.02
CA LYS E 512 -15.89 -45.94 -24.18
C LYS E 512 -16.10 -44.86 -23.13
N LEU E 513 -16.76 -43.77 -23.50
CA LEU E 513 -17.01 -42.66 -22.59
C LEU E 513 -18.11 -42.99 -21.59
N GLU E 514 -19.09 -43.80 -21.98
CA GLU E 514 -20.17 -44.20 -21.09
C GLU E 514 -19.75 -45.30 -20.14
N MET E 515 -18.57 -45.88 -20.30
CA MET E 515 -18.09 -46.93 -19.41
C MET E 515 -16.96 -46.50 -18.49
N SER E 516 -16.30 -45.36 -18.74
CA SER E 516 -15.23 -44.92 -17.86
C SER E 516 -15.55 -43.67 -17.06
N ILE E 517 -16.48 -42.84 -17.52
CA ILE E 517 -16.83 -41.61 -16.84
C ILE E 517 -18.32 -41.53 -16.55
N ILE E 518 -19.13 -41.59 -17.60
CA ILE E 518 -20.57 -41.40 -17.43
C ILE E 518 -21.16 -42.49 -16.57
N GLY E 519 -20.70 -43.73 -16.73
CA GLY E 519 -21.25 -44.79 -15.91
C GLY E 519 -20.93 -44.53 -14.45
N PRO E 520 -19.64 -44.50 -14.09
CA PRO E 520 -19.29 -44.28 -12.66
C PRO E 520 -19.73 -42.94 -12.09
N ILE E 521 -20.89 -42.43 -12.48
CA ILE E 521 -21.43 -41.19 -11.95
C ILE E 521 -22.88 -41.43 -11.58
N LYS E 522 -23.59 -42.12 -12.47
CA LYS E 522 -25.02 -42.36 -12.28
C LYS E 522 -25.23 -43.42 -11.20
N ASN E 523 -24.41 -44.47 -11.22
CA ASN E 523 -24.52 -45.57 -10.27
C ASN E 523 -23.14 -45.72 -9.65
N PRO E 524 -22.80 -44.86 -8.69
CA PRO E 524 -21.50 -44.95 -8.02
C PRO E 524 -21.34 -46.21 -7.19
N GLU E 525 -22.44 -46.85 -6.80
CA GLU E 525 -22.39 -48.06 -6.00
C GLU E 525 -22.31 -49.31 -6.86
N LEU E 526 -22.98 -49.32 -8.01
CA LEU E 526 -22.91 -50.49 -8.88
C LEU E 526 -21.48 -50.71 -9.37
N PHE E 527 -20.78 -49.62 -9.72
CA PHE E 527 -19.42 -49.78 -10.22
C PHE E 527 -18.45 -50.06 -9.09
N THR E 528 -18.68 -49.45 -7.92
CA THR E 528 -17.80 -49.64 -6.78
C THR E 528 -17.94 -51.02 -6.17
N ARG E 529 -19.02 -51.74 -6.51
CA ARG E 529 -19.18 -53.10 -6.02
C ARG E 529 -18.17 -54.04 -6.65
N VAL E 530 -17.77 -53.79 -7.89
CA VAL E 530 -16.80 -54.64 -8.56
C VAL E 530 -15.41 -54.03 -8.56
N GLY E 531 -15.11 -53.12 -7.64
CA GLY E 531 -13.75 -52.60 -7.63
C GLY E 531 -13.36 -51.77 -8.83
N ILE E 532 -14.21 -50.86 -9.28
CA ILE E 532 -13.83 -49.99 -10.40
C ILE E 532 -13.75 -48.55 -9.89
N LYS E 533 -12.51 -48.13 -9.65
CA LYS E 533 -12.23 -46.81 -9.13
C LYS E 533 -12.49 -45.79 -10.23
N PRO E 534 -12.97 -44.60 -9.91
CA PRO E 534 -13.24 -43.65 -10.99
C PRO E 534 -11.93 -43.04 -11.47
N ALA E 535 -11.49 -43.51 -12.64
CA ALA E 535 -10.28 -42.99 -13.28
C ALA E 535 -10.28 -41.48 -13.32
N ALA E 536 -9.12 -40.89 -13.03
CA ALA E 536 -9.01 -39.45 -12.97
C ALA E 536 -9.36 -38.79 -14.30
N GLY E 537 -9.19 -39.50 -15.41
CA GLY E 537 -9.69 -38.93 -16.64
C GLY E 537 -9.30 -39.71 -17.89
N ILE E 538 -9.66 -39.08 -19.00
CA ILE E 538 -9.63 -39.58 -20.36
C ILE E 538 -8.77 -38.64 -21.20
N LEU E 539 -7.91 -39.19 -22.04
CA LEU E 539 -7.11 -38.34 -22.91
C LEU E 539 -7.62 -38.61 -24.32
N LEU E 540 -8.55 -37.74 -24.72
CA LEU E 540 -9.10 -37.70 -26.07
C LEU E 540 -8.08 -37.15 -27.05
N TRP E 541 -7.94 -37.82 -28.20
CA TRP E 541 -6.99 -37.32 -29.16
C TRP E 541 -7.50 -37.63 -30.56
N GLY E 542 -7.09 -36.79 -31.50
CA GLY E 542 -7.49 -36.89 -32.88
C GLY E 542 -7.25 -35.56 -33.56
N PRO E 543 -7.64 -35.45 -34.84
CA PRO E 543 -7.47 -34.17 -35.53
C PRO E 543 -8.40 -33.12 -34.94
N PRO E 544 -8.02 -31.84 -35.04
CA PRO E 544 -8.85 -30.77 -34.47
C PRO E 544 -10.18 -30.60 -35.21
N GLY E 545 -11.19 -30.16 -34.48
CA GLY E 545 -12.47 -29.92 -35.11
C GLY E 545 -13.38 -31.11 -35.26
N CYS E 546 -13.09 -32.22 -34.57
CA CYS E 546 -13.82 -33.47 -34.77
C CYS E 546 -14.81 -33.76 -33.65
N GLY E 547 -14.86 -32.95 -32.60
CA GLY E 547 -15.91 -33.07 -31.62
C GLY E 547 -15.40 -33.45 -30.25
N LYS E 548 -14.10 -33.20 -30.04
CA LYS E 548 -13.50 -33.46 -28.74
C LYS E 548 -14.09 -32.57 -27.67
N THR E 549 -14.27 -31.28 -27.95
CA THR E 549 -14.89 -30.40 -26.97
C THR E 549 -16.40 -30.65 -26.89
N LEU E 550 -17.02 -31.03 -28.00
CA LEU E 550 -18.46 -31.26 -28.00
C LEU E 550 -18.82 -32.45 -27.11
N VAL E 551 -18.09 -33.55 -27.24
CA VAL E 551 -18.39 -34.75 -26.47
C VAL E 551 -18.05 -34.55 -25.00
N ALA E 552 -17.03 -33.76 -24.71
CA ALA E 552 -16.72 -33.47 -23.31
C ALA E 552 -17.84 -32.65 -22.67
N LYS E 553 -18.50 -31.81 -23.47
CA LYS E 553 -19.67 -31.09 -22.97
C LYS E 553 -20.88 -32.02 -22.87
N ALA E 554 -20.96 -33.04 -23.73
CA ALA E 554 -22.05 -33.99 -23.62
C ALA E 554 -21.89 -34.88 -22.41
N VAL E 555 -20.64 -35.27 -22.11
CA VAL E 555 -20.38 -36.07 -20.92
C VAL E 555 -20.73 -35.27 -19.68
N ALA E 556 -20.35 -34.00 -19.66
CA ALA E 556 -20.62 -33.11 -18.54
C ALA E 556 -22.12 -32.92 -18.33
N ASN E 557 -22.92 -33.02 -19.38
CA ASN E 557 -24.35 -32.80 -19.28
C ASN E 557 -25.12 -34.07 -18.92
N GLU E 558 -24.64 -35.24 -19.32
CA GLU E 558 -25.39 -36.44 -18.97
C GLU E 558 -24.94 -36.98 -17.63
N SER E 559 -23.88 -36.37 -17.08
CA SER E 559 -23.31 -36.65 -15.78
C SER E 559 -23.84 -35.67 -14.75
N LYS E 560 -24.51 -34.62 -15.22
CA LYS E 560 -25.10 -33.56 -14.40
C LYS E 560 -24.06 -32.85 -13.55
N ALA E 561 -22.80 -32.83 -13.98
CA ALA E 561 -21.77 -32.16 -13.22
C ALA E 561 -21.32 -30.87 -13.91
N ASN E 562 -20.55 -30.09 -13.15
CA ASN E 562 -19.96 -28.83 -13.58
C ASN E 562 -18.86 -29.02 -14.61
N PHE E 563 -18.70 -28.04 -15.48
CA PHE E 563 -17.82 -28.13 -16.64
C PHE E 563 -16.94 -26.89 -16.70
N ILE E 564 -15.62 -27.10 -16.80
CA ILE E 564 -14.65 -26.03 -17.04
C ILE E 564 -13.82 -26.37 -18.25
N SER E 565 -13.74 -25.45 -19.21
CA SER E 565 -13.00 -25.65 -20.45
C SER E 565 -11.85 -24.67 -20.61
N ILE E 566 -10.69 -25.20 -21.00
CA ILE E 566 -9.46 -24.47 -21.27
C ILE E 566 -9.17 -24.65 -22.75
N LYS E 567 -9.06 -23.54 -23.48
CA LYS E 567 -8.90 -23.58 -24.94
C LYS E 567 -7.44 -23.60 -25.40
N GLY E 568 -6.54 -24.23 -24.65
CA GLY E 568 -5.16 -24.34 -25.05
C GLY E 568 -4.17 -23.76 -24.05
N PRO E 569 -3.17 -23.04 -24.55
CA PRO E 569 -2.15 -22.44 -23.67
C PRO E 569 -2.62 -21.16 -22.99
N GLU E 570 -3.79 -21.22 -22.35
CA GLU E 570 -4.30 -20.03 -21.69
C GLU E 570 -3.62 -19.81 -20.36
N LEU E 571 -3.01 -20.86 -19.81
CA LEU E 571 -2.41 -20.82 -18.49
C LEU E 571 -0.95 -20.37 -18.49
N LEU E 572 -0.30 -20.25 -19.64
CA LEU E 572 1.11 -19.90 -19.65
C LEU E 572 1.29 -18.44 -19.27
N ASN E 573 2.23 -18.19 -18.36
CA ASN E 573 2.54 -16.85 -17.90
C ASN E 573 4.04 -16.59 -17.91
N LYS E 574 4.38 -15.31 -18.05
CA LYS E 574 5.76 -14.89 -18.19
C LYS E 574 6.44 -14.87 -16.83
N TYR E 575 5.67 -15.03 -15.76
CA TYR E 575 6.15 -15.01 -14.39
C TYR E 575 6.48 -16.43 -13.92
N VAL E 576 7.28 -16.49 -12.85
CA VAL E 576 7.74 -17.75 -12.30
C VAL E 576 6.64 -18.52 -11.57
N GLY E 577 5.80 -17.82 -10.81
CA GLY E 577 4.67 -18.50 -10.16
C GLY E 577 3.23 -18.49 -10.64
N GLU E 578 2.79 -17.44 -11.31
CA GLU E 578 1.39 -17.36 -11.74
C GLU E 578 1.01 -18.38 -12.80
N SER E 579 1.95 -18.86 -13.61
CA SER E 579 1.59 -19.91 -14.56
C SER E 579 1.20 -21.21 -13.87
N GLU E 580 1.92 -21.59 -12.82
CA GLU E 580 1.56 -22.81 -12.09
C GLU E 580 0.36 -22.61 -11.18
N ARG E 581 0.18 -21.40 -10.66
CA ARG E 581 -0.98 -21.11 -9.81
C ARG E 581 -2.28 -21.18 -10.60
N ALA E 582 -2.26 -20.85 -11.89
CA ALA E 582 -3.48 -20.98 -12.69
C ALA E 582 -3.93 -22.43 -12.78
N VAL E 583 -2.99 -23.36 -12.92
CA VAL E 583 -3.36 -24.78 -12.96
C VAL E 583 -3.90 -25.22 -11.60
N ARG E 584 -3.26 -24.80 -10.52
CA ARG E 584 -3.71 -25.16 -9.19
C ARG E 584 -5.07 -24.53 -8.88
N GLN E 585 -5.28 -23.28 -9.31
CA GLN E 585 -6.59 -22.67 -9.11
C GLN E 585 -7.66 -23.37 -9.93
N LEU E 586 -7.28 -24.00 -11.04
CA LEU E 586 -8.24 -24.74 -11.85
C LEU E 586 -8.83 -25.90 -11.06
N PHE E 587 -7.97 -26.61 -10.33
CA PHE E 587 -8.39 -27.72 -9.49
C PHE E 587 -8.92 -27.25 -8.15
N SER E 588 -8.65 -26.00 -7.78
CA SER E 588 -9.17 -25.47 -6.53
C SER E 588 -10.68 -25.27 -6.61
N ARG E 589 -11.17 -24.76 -7.73
CA ARG E 589 -12.61 -24.64 -7.91
C ARG E 589 -13.25 -25.97 -8.27
N ALA E 590 -12.53 -26.84 -8.99
CA ALA E 590 -13.10 -28.12 -9.41
C ALA E 590 -13.46 -28.98 -8.21
N LYS E 591 -12.63 -28.94 -7.15
CA LYS E 591 -12.96 -29.70 -5.96
C LYS E 591 -14.14 -29.07 -5.24
N SER E 592 -14.19 -27.75 -5.15
CA SER E 592 -15.24 -27.06 -4.43
C SER E 592 -16.60 -27.25 -5.09
N SER E 593 -16.62 -27.57 -6.39
CA SER E 593 -17.85 -27.76 -7.15
C SER E 593 -18.01 -29.21 -7.61
N ALA E 594 -17.45 -30.14 -6.85
CA ALA E 594 -17.54 -31.54 -7.22
C ALA E 594 -18.98 -32.02 -7.19
N PRO E 595 -19.40 -32.87 -8.14
CA PRO E 595 -18.54 -33.35 -9.23
C PRO E 595 -18.32 -32.30 -10.31
N CYS E 596 -17.09 -32.22 -10.82
CA CYS E 596 -16.76 -31.26 -11.86
C CYS E 596 -15.89 -31.93 -12.91
N ILE E 597 -16.06 -31.52 -14.16
CA ILE E 597 -15.28 -32.04 -15.28
C ILE E 597 -14.36 -30.93 -15.77
N LEU E 598 -13.06 -31.17 -15.68
CA LEU E 598 -12.04 -30.26 -16.21
C LEU E 598 -11.62 -30.71 -17.60
N PHE E 599 -11.79 -29.85 -18.59
CA PHE E 599 -11.43 -30.14 -19.97
C PHE E 599 -10.25 -29.26 -20.41
N PHE E 600 -9.09 -29.88 -20.58
CA PHE E 600 -7.89 -29.23 -21.11
C PHE E 600 -7.80 -29.46 -22.61
N ASP E 601 -8.20 -28.46 -23.40
CA ASP E 601 -8.16 -28.57 -24.85
C ASP E 601 -6.78 -28.15 -25.36
N GLN E 602 -6.26 -28.92 -26.31
CA GLN E 602 -4.90 -28.76 -26.83
C GLN E 602 -3.88 -28.81 -25.71
N MET E 603 -3.91 -29.91 -24.95
CA MET E 603 -3.11 -30.04 -23.75
C MET E 603 -1.64 -30.21 -24.06
N ASP E 604 -1.27 -30.49 -25.31
CA ASP E 604 0.12 -30.67 -25.68
C ASP E 604 0.94 -29.39 -25.52
N ALA E 605 0.30 -28.23 -25.42
CA ALA E 605 1.06 -27.01 -25.18
C ALA E 605 1.26 -26.74 -23.70
N LEU E 606 0.50 -27.41 -22.84
CA LEU E 606 0.61 -27.22 -21.40
C LEU E 606 1.46 -28.27 -20.71
N VAL E 607 1.53 -29.49 -21.25
CA VAL E 607 2.37 -30.53 -20.66
C VAL E 607 3.27 -31.21 -21.70
N PRO E 608 4.31 -30.56 -22.20
CA PRO E 608 5.18 -31.21 -23.17
C PRO E 608 6.07 -32.24 -22.50
N ARG E 609 6.64 -33.13 -23.32
CA ARG E 609 7.53 -34.17 -22.82
C ARG E 609 8.75 -33.56 -22.14
N ARG E 610 9.10 -34.09 -20.97
CA ARG E 610 10.19 -33.55 -20.17
C ARG E 610 11.52 -34.13 -20.68
N ASP E 611 11.91 -33.68 -21.87
CA ASP E 611 13.17 -34.13 -22.43
C ASP E 611 14.30 -33.26 -21.86
N ASP E 612 15.52 -33.46 -22.37
CA ASP E 612 16.63 -32.64 -21.91
C ASP E 612 16.50 -31.21 -22.43
N SER E 613 15.88 -31.02 -23.59
CA SER E 613 15.68 -29.69 -24.16
C SER E 613 14.27 -29.23 -23.81
N LEU E 614 14.10 -28.81 -22.56
CA LEU E 614 12.83 -28.35 -22.03
C LEU E 614 12.94 -27.05 -21.25
N SER E 615 14.13 -26.73 -20.74
CA SER E 615 14.40 -25.53 -19.94
C SER E 615 13.68 -25.64 -18.60
N ASP E 616 13.37 -24.50 -17.99
CA ASP E 616 12.71 -24.48 -16.69
C ASP E 616 11.44 -23.65 -16.74
N ALA E 617 10.60 -23.93 -17.70
CA ALA E 617 9.30 -23.27 -17.68
C ALA E 617 8.15 -24.23 -17.93
N SER E 618 8.30 -25.17 -18.86
CA SER E 618 7.28 -26.18 -19.07
C SER E 618 7.44 -27.38 -18.14
N ALA E 619 8.66 -27.65 -17.67
CA ALA E 619 8.84 -28.69 -16.66
C ALA E 619 8.14 -28.32 -15.35
N ARG E 620 8.21 -27.03 -14.98
CA ARG E 620 7.52 -26.56 -13.79
C ARG E 620 6.01 -26.65 -13.89
N VAL E 621 5.46 -26.71 -15.10
CA VAL E 621 4.02 -26.87 -15.28
C VAL E 621 3.61 -28.33 -15.31
N VAL E 622 4.44 -29.20 -15.91
CA VAL E 622 4.14 -30.63 -15.93
C VAL E 622 4.12 -31.19 -14.52
N ASN E 623 5.10 -30.80 -13.69
CA ASN E 623 5.13 -31.29 -12.31
C ASN E 623 3.92 -30.82 -11.52
N THR E 624 3.50 -29.57 -11.69
CA THR E 624 2.31 -29.11 -10.98
C THR E 624 1.08 -29.90 -11.40
N LEU E 625 0.95 -30.14 -12.71
CA LEU E 625 -0.20 -30.90 -13.21
C LEU E 625 -0.17 -32.36 -12.76
N LEU E 626 1.02 -32.96 -12.66
CA LEU E 626 1.11 -34.33 -12.19
C LEU E 626 0.66 -34.48 -10.74
N THR E 627 1.06 -33.56 -9.87
CA THR E 627 0.66 -33.68 -8.47
C THR E 627 -0.83 -33.45 -8.29
N GLU E 628 -1.40 -32.48 -9.01
CA GLU E 628 -2.83 -32.20 -8.90
C GLU E 628 -3.69 -33.35 -9.40
N LEU E 629 -3.27 -34.02 -10.47
CA LEU E 629 -4.01 -35.19 -10.92
C LEU E 629 -3.96 -36.32 -9.90
N ASP E 630 -2.89 -36.40 -9.12
CA ASP E 630 -2.85 -37.38 -8.05
C ASP E 630 -3.80 -37.01 -6.91
N GLY E 631 -3.95 -35.72 -6.64
CA GLY E 631 -4.83 -35.26 -5.58
C GLY E 631 -6.30 -35.38 -5.92
N GLY E 637 -13.74 -36.74 -7.01
CA GLY E 637 -14.92 -36.46 -7.81
C GLY E 637 -14.62 -35.56 -9.00
N ILE E 638 -13.35 -35.29 -9.22
CA ILE E 638 -12.90 -34.44 -10.33
C ILE E 638 -12.52 -35.35 -11.49
N TYR E 639 -13.10 -35.08 -12.65
CA TYR E 639 -12.87 -35.84 -13.87
C TYR E 639 -12.18 -34.94 -14.89
N VAL E 640 -10.89 -35.14 -15.06
CA VAL E 640 -10.05 -34.33 -15.94
C VAL E 640 -10.02 -34.94 -17.33
N ILE E 641 -10.33 -34.14 -18.34
CA ILE E 641 -10.30 -34.56 -19.73
C ILE E 641 -9.26 -33.73 -20.45
N GLY E 642 -8.39 -34.41 -21.18
CA GLY E 642 -7.36 -33.77 -21.99
C GLY E 642 -7.52 -34.09 -23.46
N ALA E 643 -7.21 -33.11 -24.30
CA ALA E 643 -7.29 -33.25 -25.76
C ALA E 643 -5.99 -32.75 -26.37
N THR E 644 -5.47 -33.52 -27.33
CA THR E 644 -4.26 -33.17 -28.06
C THR E 644 -4.22 -33.92 -29.38
N ASN E 645 -3.71 -33.26 -30.40
CA ASN E 645 -3.58 -33.84 -31.73
C ASN E 645 -2.16 -34.34 -32.04
N ARG E 646 -1.24 -34.19 -31.09
CA ARG E 646 0.13 -34.71 -31.23
C ARG E 646 0.47 -35.51 -29.98
N PRO E 647 0.01 -36.77 -29.88
CA PRO E 647 0.29 -37.55 -28.68
C PRO E 647 1.76 -37.90 -28.51
N ASP E 648 2.61 -37.66 -29.51
CA ASP E 648 4.02 -37.93 -29.38
C ASP E 648 4.77 -36.81 -28.66
N MET E 649 4.09 -35.68 -28.39
CA MET E 649 4.68 -34.56 -27.67
C MET E 649 4.20 -34.39 -26.24
N ILE E 650 3.32 -35.26 -25.75
CA ILE E 650 2.82 -35.14 -24.39
C ILE E 650 3.64 -36.04 -23.48
N ASP E 651 3.82 -35.60 -22.24
CA ASP E 651 4.66 -36.34 -21.29
C ASP E 651 4.09 -37.71 -21.02
N GLU E 652 4.99 -38.71 -20.94
CA GLU E 652 4.55 -40.05 -20.62
C GLU E 652 4.16 -40.23 -19.17
N ALA E 653 4.51 -39.30 -18.28
CA ALA E 653 4.08 -39.46 -16.91
C ALA E 653 2.61 -39.11 -16.75
N ILE E 654 2.03 -38.41 -17.71
CA ILE E 654 0.62 -38.04 -17.65
C ILE E 654 -0.25 -39.22 -18.06
N ARG E 655 0.16 -39.92 -19.13
CA ARG E 655 -0.62 -41.01 -19.69
C ARG E 655 -0.48 -42.31 -18.91
N ARG E 656 0.11 -42.28 -17.72
CA ARG E 656 0.14 -43.46 -16.89
C ARG E 656 -1.22 -43.71 -16.26
N PRO E 657 -1.49 -44.95 -15.87
CA PRO E 657 -2.73 -45.24 -15.14
C PRO E 657 -2.84 -44.47 -13.84
N GLY E 658 -4.06 -44.09 -13.49
CA GLY E 658 -4.38 -43.20 -12.39
C GLY E 658 -4.39 -41.74 -12.79
N ARG E 659 -3.48 -41.36 -13.67
CA ARG E 659 -3.52 -40.07 -14.35
C ARG E 659 -4.29 -40.29 -15.66
N LEU E 660 -4.18 -39.37 -16.61
CA LEU E 660 -4.99 -39.54 -17.82
C LEU E 660 -4.45 -40.71 -18.64
N GLY E 661 -4.58 -41.92 -18.10
CA GLY E 661 -4.11 -43.15 -18.72
C GLY E 661 -5.03 -43.78 -19.72
N THR E 662 -6.26 -43.28 -19.86
CA THR E 662 -7.20 -43.79 -20.83
C THR E 662 -7.24 -42.86 -22.04
N SER E 663 -6.97 -43.41 -23.22
CA SER E 663 -6.95 -42.63 -24.44
C SER E 663 -8.08 -43.10 -25.33
N ILE E 664 -8.93 -42.16 -25.73
CA ILE E 664 -10.04 -42.39 -26.65
C ILE E 664 -9.79 -41.56 -27.90
N TYR E 665 -9.75 -42.21 -29.06
CA TYR E 665 -9.48 -41.52 -30.30
C TYR E 665 -10.78 -41.08 -30.95
N VAL E 666 -10.94 -39.78 -31.11
CA VAL E 666 -12.06 -39.16 -31.80
C VAL E 666 -11.54 -38.65 -33.14
N GLY E 667 -11.97 -39.25 -34.24
CA GLY E 667 -11.37 -38.83 -35.49
C GLY E 667 -12.33 -38.29 -36.52
N LEU E 668 -11.82 -38.12 -37.74
CA LEU E 668 -12.64 -37.57 -38.81
C LEU E 668 -13.75 -38.55 -39.21
N PRO E 669 -14.93 -38.06 -39.54
CA PRO E 669 -15.99 -38.95 -40.04
C PRO E 669 -15.63 -39.41 -41.43
N SER E 670 -16.14 -40.58 -41.83
CA SER E 670 -15.95 -40.92 -43.24
C SER E 670 -16.98 -40.28 -44.16
N ALA E 671 -18.18 -40.88 -44.24
CA ALA E 671 -19.21 -40.34 -45.12
C ALA E 671 -20.60 -40.45 -44.52
N GLU E 672 -20.88 -41.62 -43.92
CA GLU E 672 -22.14 -41.85 -43.23
C GLU E 672 -22.23 -41.05 -41.94
N ASP E 673 -21.10 -40.80 -41.29
CA ASP E 673 -21.14 -40.05 -40.05
C ASP E 673 -21.51 -38.60 -40.30
N ARG E 674 -21.01 -38.01 -41.41
CA ARG E 674 -21.35 -36.61 -41.68
C ARG E 674 -22.84 -36.44 -41.95
N VAL E 675 -23.51 -37.49 -42.45
CA VAL E 675 -24.94 -37.40 -42.67
C VAL E 675 -25.68 -37.26 -41.36
N LYS E 676 -25.27 -38.05 -40.36
CA LYS E 676 -25.88 -37.94 -39.03
C LYS E 676 -25.60 -36.59 -38.40
N ILE E 677 -24.39 -36.07 -38.58
CA ILE E 677 -24.04 -34.80 -37.97
C ILE E 677 -24.79 -33.65 -38.65
N LEU E 678 -24.85 -33.68 -39.98
CA LEU E 678 -25.55 -32.60 -40.68
C LEU E 678 -27.05 -32.64 -40.36
N LYS E 679 -27.62 -33.84 -40.28
CA LYS E 679 -29.02 -33.95 -39.87
C LYS E 679 -29.19 -33.47 -38.44
N THR E 680 -28.23 -33.81 -37.57
CA THR E 680 -28.28 -33.38 -36.18
C THR E 680 -28.22 -31.86 -36.08
N LEU E 681 -27.33 -31.23 -36.84
CA LEU E 681 -27.17 -29.78 -36.76
C LEU E 681 -28.41 -29.08 -37.26
N TYR E 682 -28.94 -29.52 -38.40
CA TYR E 682 -30.11 -28.86 -38.98
C TYR E 682 -31.34 -29.04 -38.09
N ARG E 683 -31.46 -30.21 -37.45
CA ARG E 683 -32.62 -30.48 -36.60
C ARG E 683 -32.65 -29.55 -35.39
N ASN E 684 -31.49 -29.28 -34.79
CA ASN E 684 -31.45 -28.49 -33.57
C ASN E 684 -31.60 -26.99 -33.79
N THR E 685 -31.59 -26.52 -35.04
CA THR E 685 -31.74 -25.09 -35.31
C THR E 685 -33.14 -24.71 -35.77
N VAL E 686 -33.89 -25.63 -36.35
CA VAL E 686 -35.24 -25.32 -36.82
C VAL E 686 -36.23 -25.36 -35.66
N THR E 714 -36.08 -27.44 -46.30
CA THR E 714 -34.90 -28.22 -46.65
C THR E 714 -35.20 -29.72 -46.59
N THR E 715 -36.09 -30.09 -45.67
CA THR E 715 -36.47 -31.49 -45.46
C THR E 715 -35.24 -32.33 -45.16
N ASP E 716 -35.33 -33.64 -45.40
CA ASP E 716 -34.22 -34.55 -45.13
C ASP E 716 -33.59 -35.12 -46.38
N ALA E 717 -34.27 -35.05 -47.53
CA ALA E 717 -33.67 -35.53 -48.77
C ALA E 717 -32.57 -34.59 -49.25
N ASP E 718 -32.70 -33.29 -49.00
CA ASP E 718 -31.66 -32.36 -49.41
C ASP E 718 -30.43 -32.46 -48.52
N LEU E 719 -30.62 -32.82 -47.25
CA LEU E 719 -29.49 -32.96 -46.33
C LEU E 719 -28.58 -34.09 -46.76
N GLU E 720 -29.15 -35.17 -47.33
CA GLU E 720 -28.34 -36.27 -47.85
C GLU E 720 -27.48 -35.81 -49.01
N LYS E 721 -28.04 -34.98 -49.90
CA LYS E 721 -27.27 -34.49 -51.05
C LYS E 721 -26.11 -33.61 -50.59
N VAL E 722 -26.36 -32.76 -49.59
CA VAL E 722 -25.30 -31.85 -49.11
C VAL E 722 -24.18 -32.65 -48.46
N ALA E 723 -24.53 -33.62 -47.61
CA ALA E 723 -23.50 -34.36 -46.89
C ALA E 723 -22.77 -35.35 -47.79
N LEU E 724 -23.44 -35.89 -48.81
CA LEU E 724 -22.77 -36.80 -49.74
C LEU E 724 -22.01 -36.08 -50.84
N ASP E 725 -22.08 -34.75 -50.91
CA ASP E 725 -21.35 -34.02 -51.93
C ASP E 725 -19.86 -34.22 -51.77
N LEU E 726 -19.16 -34.33 -52.91
CA LEU E 726 -17.72 -34.57 -52.88
C LEU E 726 -16.95 -33.38 -52.33
N ARG E 727 -17.57 -32.21 -52.25
CA ARG E 727 -16.93 -31.03 -51.68
C ARG E 727 -16.77 -31.11 -50.17
N CYS E 728 -17.42 -32.06 -49.50
CA CYS E 728 -17.28 -32.22 -48.06
C CYS E 728 -16.36 -33.38 -47.70
N THR E 729 -15.36 -33.65 -48.54
CA THR E 729 -14.57 -34.86 -48.38
C THR E 729 -13.81 -34.84 -47.05
N GLY E 730 -13.21 -33.70 -46.72
CA GLY E 730 -12.44 -33.53 -45.51
C GLY E 730 -13.15 -32.78 -44.40
N PHE E 731 -14.46 -32.58 -44.49
CA PHE E 731 -15.16 -31.80 -43.50
C PHE E 731 -15.13 -32.51 -42.16
N SER E 732 -14.82 -31.76 -41.10
CA SER E 732 -14.92 -32.27 -39.74
C SER E 732 -16.28 -31.91 -39.17
N GLY E 733 -16.46 -32.11 -37.86
CA GLY E 733 -17.69 -31.69 -37.22
C GLY E 733 -17.86 -30.19 -37.22
N ALA E 734 -16.77 -29.46 -36.98
CA ALA E 734 -16.84 -28.00 -37.00
C ALA E 734 -17.12 -27.47 -38.40
N ASP E 735 -16.55 -28.11 -39.42
CA ASP E 735 -16.79 -27.66 -40.80
C ASP E 735 -18.25 -27.83 -41.18
N LEU E 736 -18.89 -28.91 -40.75
CA LEU E 736 -20.32 -29.07 -40.99
C LEU E 736 -21.12 -28.01 -40.24
N GLY E 737 -20.69 -27.66 -39.02
CA GLY E 737 -21.33 -26.56 -38.33
C GLY E 737 -21.10 -25.22 -39.02
N ASN E 738 -19.89 -25.02 -39.56
CA ASN E 738 -19.62 -23.83 -40.36
C ASN E 738 -20.45 -23.84 -41.64
N LEU E 739 -20.64 -25.02 -42.22
CA LEU E 739 -21.46 -25.15 -43.43
C LEU E 739 -22.91 -24.74 -43.16
N MET E 740 -23.45 -25.13 -42.02
CA MET E 740 -24.83 -24.75 -41.70
C MET E 740 -24.96 -23.24 -41.49
N GLN E 741 -23.97 -22.62 -40.85
CA GLN E 741 -24.02 -21.17 -40.67
C GLN E 741 -23.94 -20.44 -42.01
N ALA E 742 -23.12 -20.95 -42.93
CA ALA E 742 -23.02 -20.34 -44.26
C ALA E 742 -24.34 -20.44 -45.00
N ALA E 743 -25.02 -21.59 -44.89
CA ALA E 743 -26.33 -21.75 -45.52
C ALA E 743 -27.35 -20.81 -44.88
N ALA E 744 -27.26 -20.63 -43.56
CA ALA E 744 -28.15 -19.72 -42.86
C ALA E 744 -27.94 -18.28 -43.33
N GLN E 745 -26.67 -17.89 -43.53
CA GLN E 745 -26.37 -16.55 -44.05
C GLN E 745 -26.91 -16.39 -45.46
N ALA E 746 -26.81 -17.44 -46.28
CA ALA E 746 -27.36 -17.40 -47.63
C ALA E 746 -28.86 -17.19 -47.62
N CYS E 747 -29.55 -17.66 -46.57
CA CYS E 747 -30.97 -17.41 -46.42
C CYS E 747 -31.25 -15.93 -46.24
N LEU E 748 -30.41 -15.26 -45.43
CA LEU E 748 -30.62 -13.84 -45.15
C LEU E 748 -30.43 -13.00 -46.41
N GLU E 749 -29.48 -13.40 -47.25
CA GLU E 749 -29.30 -12.73 -48.53
C GLU E 749 -30.55 -12.85 -49.41
N ARG E 750 -31.16 -14.04 -49.42
CA ARG E 750 -32.42 -14.23 -50.15
C ARG E 750 -33.57 -13.39 -49.59
N VAL E 751 -33.69 -13.30 -48.26
CA VAL E 751 -34.76 -12.47 -47.70
C VAL E 751 -34.55 -11.00 -48.05
N TYR E 752 -33.30 -10.53 -47.97
CA TYR E 752 -32.99 -9.13 -48.26
C TYR E 752 -33.35 -8.75 -49.69
N THR E 753 -33.04 -9.60 -50.67
CA THR E 753 -33.44 -9.31 -52.04
C THR E 753 -34.93 -9.48 -52.24
N GLN E 754 -35.58 -10.36 -51.48
CA GLN E 754 -37.02 -10.53 -51.63
C GLN E 754 -37.75 -9.24 -51.23
N ARG E 755 -37.29 -8.57 -50.18
CA ARG E 755 -37.93 -7.36 -49.69
C ARG E 755 -37.48 -6.11 -50.45
N GLN E 756 -36.53 -6.25 -51.38
CA GLN E 756 -36.12 -5.13 -52.22
C GLN E 756 -36.86 -5.08 -53.54
N GLN E 757 -37.34 -6.22 -54.03
CA GLN E 757 -38.13 -6.27 -55.25
C GLN E 757 -39.62 -6.07 -54.96
N PRO E 773 -39.30 -17.22 -44.97
CA PRO E 773 -37.95 -17.75 -45.17
C PRO E 773 -37.82 -19.22 -44.80
N VAL E 774 -37.35 -20.01 -45.76
CA VAL E 774 -37.12 -21.43 -45.62
C VAL E 774 -35.74 -21.73 -46.19
N ILE E 775 -34.97 -22.53 -45.46
CA ILE E 775 -33.62 -22.83 -45.94
C ILE E 775 -33.76 -23.78 -47.12
N THR E 776 -33.36 -23.31 -48.30
CA THR E 776 -33.47 -24.08 -49.52
C THR E 776 -32.15 -24.71 -49.93
N MET E 777 -32.24 -25.59 -50.94
CA MET E 777 -31.07 -26.29 -51.44
C MET E 777 -30.07 -25.35 -52.10
N GLU E 778 -30.56 -24.28 -52.73
CA GLU E 778 -29.66 -23.31 -53.34
C GLU E 778 -28.83 -22.55 -52.32
N ASP E 779 -29.34 -22.42 -51.09
CA ASP E 779 -28.52 -21.80 -50.05
C ASP E 779 -27.34 -22.70 -49.69
N TRP E 780 -27.58 -24.02 -49.68
CA TRP E 780 -26.50 -24.97 -49.46
C TRP E 780 -25.51 -24.98 -50.60
N GLU E 781 -25.96 -24.66 -51.81
CA GLU E 781 -25.09 -24.69 -52.98
C GLU E 781 -23.96 -23.67 -52.88
N LYS E 782 -24.28 -22.45 -52.41
CA LYS E 782 -23.26 -21.43 -52.24
C LYS E 782 -22.55 -21.55 -50.90
N ALA E 783 -23.10 -22.32 -49.96
CA ALA E 783 -22.42 -22.59 -48.71
C ALA E 783 -21.30 -23.60 -48.89
N LEU E 784 -21.45 -24.54 -49.81
CA LEU E 784 -20.39 -25.52 -50.06
C LEU E 784 -19.15 -24.86 -50.64
N ASN E 785 -19.34 -23.78 -51.41
CA ASN E 785 -18.22 -23.11 -52.06
C ASN E 785 -17.40 -22.29 -51.08
N GLU E 786 -18.05 -21.69 -50.08
CA GLU E 786 -17.41 -20.72 -49.19
C GLU E 786 -17.01 -21.30 -47.85
N VAL E 787 -17.02 -22.63 -47.72
CA VAL E 787 -16.61 -23.30 -46.49
C VAL E 787 -15.47 -24.25 -46.85
N LYS E 788 -14.34 -24.10 -46.16
CA LYS E 788 -13.19 -24.97 -46.42
C LYS E 788 -12.86 -25.81 -45.20
N PRO E 789 -12.27 -26.99 -45.39
CA PRO E 789 -11.95 -27.85 -44.24
C PRO E 789 -10.95 -27.24 -43.27
N SER E 790 -10.03 -26.41 -43.77
CA SER E 790 -9.03 -25.75 -42.93
C SER E 790 -8.19 -26.75 -42.16
N ARG F 193 -49.19 7.50 13.02
CA ARG F 193 -49.25 6.04 12.96
C ARG F 193 -50.43 5.58 12.09
N THR F 194 -50.62 6.26 10.96
CA THR F 194 -51.69 5.96 10.04
C THR F 194 -51.16 5.83 8.62
N PRO F 195 -51.80 5.03 7.78
CA PRO F 195 -51.38 4.93 6.38
C PRO F 195 -51.79 6.17 5.60
N PRO F 196 -50.86 6.81 4.91
CA PRO F 196 -51.18 7.98 4.09
C PRO F 196 -51.71 7.56 2.72
N THR F 197 -52.99 7.79 2.49
CA THR F 197 -53.65 7.44 1.24
C THR F 197 -53.99 8.76 0.53
N LYS F 198 -53.04 9.28 -0.24
CA LYS F 198 -53.22 10.52 -0.98
C LYS F 198 -52.79 10.44 -2.43
N VAL F 199 -52.03 9.42 -2.81
CA VAL F 199 -51.58 9.23 -4.19
C VAL F 199 -52.12 7.89 -4.67
N SER F 200 -52.73 7.88 -5.86
CA SER F 200 -53.42 6.70 -6.34
C SER F 200 -52.66 6.04 -7.50
N ILE F 201 -53.17 4.87 -7.89
CA ILE F 201 -52.60 4.11 -9.00
C ILE F 201 -52.74 4.85 -10.31
N LEU F 202 -53.83 5.59 -10.48
CA LEU F 202 -54.06 6.34 -11.72
C LEU F 202 -52.99 7.39 -11.97
N ASP F 203 -52.36 7.92 -10.92
CA ASP F 203 -51.39 8.98 -11.14
C ASP F 203 -50.03 8.46 -11.60
N ILE F 204 -49.82 7.15 -11.61
CA ILE F 204 -48.57 6.56 -12.07
C ILE F 204 -48.89 5.60 -13.20
N ALA F 205 -48.34 5.89 -14.38
CA ALA F 205 -48.64 5.15 -15.59
C ALA F 205 -47.33 4.82 -16.32
N GLY F 206 -47.43 3.96 -17.33
CA GLY F 206 -46.25 3.53 -18.06
C GLY F 206 -45.39 2.51 -17.37
N VAL F 207 -45.87 1.94 -16.27
CA VAL F 207 -45.10 0.98 -15.47
C VAL F 207 -45.82 -0.36 -15.53
N ASP F 208 -46.46 -0.64 -16.67
CA ASP F 208 -47.28 -1.83 -16.79
C ASP F 208 -46.46 -3.09 -16.56
N ASP F 209 -45.26 -3.16 -17.13
CA ASP F 209 -44.38 -4.28 -16.85
C ASP F 209 -43.98 -4.29 -15.39
N THR F 210 -43.68 -3.12 -14.84
CA THR F 210 -43.31 -3.01 -13.44
C THR F 210 -44.49 -3.32 -12.52
N LEU F 211 -45.68 -2.84 -12.86
CA LEU F 211 -46.85 -3.13 -12.04
C LEU F 211 -47.27 -4.58 -12.13
N GLN F 212 -46.87 -5.30 -13.18
CA GLN F 212 -47.20 -6.72 -13.24
C GLN F 212 -46.35 -7.53 -12.28
N ARG F 213 -45.06 -7.19 -12.17
CA ARG F 213 -44.19 -7.88 -11.24
C ARG F 213 -44.50 -7.49 -9.80
N LEU F 214 -44.80 -6.21 -9.57
CA LEU F 214 -45.10 -5.73 -8.23
C LEU F 214 -46.41 -6.30 -7.69
N LEU F 215 -47.27 -6.84 -8.54
CA LEU F 215 -48.52 -7.43 -8.07
C LEU F 215 -48.29 -8.78 -7.39
N LYS F 216 -47.41 -9.61 -7.96
CA LYS F 216 -47.15 -10.95 -7.44
C LYS F 216 -45.94 -11.00 -6.52
N GLU F 217 -45.27 -9.88 -6.29
CA GLU F 217 -44.09 -9.84 -5.46
C GLU F 217 -44.20 -8.88 -4.29
N VAL F 218 -45.14 -7.92 -4.32
CA VAL F 218 -45.38 -7.01 -3.21
C VAL F 218 -46.83 -7.08 -2.74
N TRP F 219 -47.78 -7.03 -3.69
CA TRP F 219 -49.19 -7.04 -3.30
C TRP F 219 -49.60 -8.37 -2.68
N PHE F 220 -49.19 -9.48 -3.27
CA PHE F 220 -49.65 -10.78 -2.76
C PHE F 220 -49.17 -11.06 -1.35
N PRO F 221 -47.87 -10.95 -1.00
CA PRO F 221 -47.50 -11.16 0.40
C PRO F 221 -47.67 -9.92 1.26
N LEU F 222 -48.76 -9.19 1.04
CA LEU F 222 -49.22 -8.13 1.95
C LEU F 222 -50.72 -8.11 2.15
N ARG F 223 -51.51 -8.63 1.22
CA ARG F 223 -52.95 -8.66 1.29
C ARG F 223 -53.52 -10.06 1.22
N GLY F 224 -52.88 -10.98 0.49
CA GLY F 224 -53.35 -12.34 0.42
C GLY F 224 -52.46 -13.30 1.18
N GLY F 225 -52.00 -12.87 2.36
CA GLY F 225 -51.14 -13.70 3.17
C GLY F 225 -51.81 -14.95 3.71
N GLU F 226 -53.15 -14.96 3.71
CA GLU F 226 -53.88 -16.14 4.18
C GLU F 226 -53.60 -17.35 3.32
N ALA F 227 -53.48 -17.15 2.00
CA ALA F 227 -53.16 -18.26 1.12
C ALA F 227 -51.79 -18.85 1.45
N CYS F 228 -50.81 -17.99 1.75
CA CYS F 228 -49.53 -18.49 2.21
C CYS F 228 -49.66 -19.18 3.56
N GLU F 229 -50.53 -18.65 4.43
CA GLU F 229 -50.78 -19.30 5.71
C GLU F 229 -51.39 -20.69 5.54
N LYS F 230 -52.35 -20.82 4.63
CA LYS F 230 -52.89 -22.14 4.34
C LYS F 230 -51.83 -23.04 3.72
N MET F 231 -51.02 -22.48 2.80
CA MET F 231 -49.94 -23.24 2.20
C MET F 231 -48.84 -23.51 3.22
N GLY F 232 -48.69 -22.60 4.19
CA GLY F 232 -47.67 -22.64 5.22
C GLY F 232 -46.27 -22.35 4.73
N TYR F 233 -46.06 -21.11 4.29
CA TYR F 233 -44.78 -20.69 3.73
C TYR F 233 -44.58 -19.22 4.09
N ARG F 234 -43.59 -18.93 4.92
CA ARG F 234 -43.28 -17.54 5.23
C ARG F 234 -42.67 -16.85 4.01
N TYR F 235 -43.01 -15.58 3.85
CA TYR F 235 -42.51 -14.78 2.73
C TYR F 235 -41.50 -13.78 3.28
N ASP F 236 -40.22 -14.14 3.14
CA ASP F 236 -39.08 -13.32 3.53
C ASP F 236 -38.49 -12.58 2.34
N ASN F 237 -39.23 -12.50 1.23
CA ASN F 237 -38.73 -11.90 0.01
C ASN F 237 -38.58 -10.40 0.20
N GLY F 238 -37.34 -9.92 0.09
CA GLY F 238 -37.06 -8.50 0.06
C GLY F 238 -37.01 -7.89 -1.33
N VAL F 239 -38.05 -7.12 -1.63
CA VAL F 239 -38.26 -6.52 -2.94
C VAL F 239 -37.41 -5.27 -3.05
N LEU F 240 -36.61 -5.17 -4.11
CA LEU F 240 -35.74 -4.03 -4.34
C LEU F 240 -36.13 -3.32 -5.63
N LEU F 241 -36.34 -2.02 -5.51
CA LEU F 241 -36.66 -1.12 -6.62
C LEU F 241 -35.42 -0.34 -7.02
N HIS F 242 -35.07 -0.40 -8.31
CA HIS F 242 -33.91 0.35 -8.80
C HIS F 242 -34.19 0.85 -10.21
N GLY F 243 -33.45 1.90 -10.57
CA GLY F 243 -33.60 2.55 -11.86
C GLY F 243 -32.97 3.92 -11.87
N PRO F 244 -33.11 4.65 -12.97
CA PRO F 244 -32.59 6.01 -13.04
C PRO F 244 -33.22 6.92 -11.99
N SER F 245 -32.43 7.87 -11.49
CA SER F 245 -32.93 8.82 -10.51
C SER F 245 -34.00 9.72 -11.12
N GLY F 246 -35.11 9.87 -10.41
CA GLY F 246 -36.20 10.68 -10.91
C GLY F 246 -37.27 9.92 -11.65
N CYS F 247 -37.24 8.60 -11.63
CA CYS F 247 -38.22 7.78 -12.32
C CYS F 247 -39.50 7.59 -11.52
N GLY F 248 -39.59 8.12 -10.31
CA GLY F 248 -40.80 7.98 -9.54
C GLY F 248 -40.76 6.75 -8.66
N LYS F 249 -39.67 6.60 -7.92
CA LYS F 249 -39.55 5.50 -6.97
C LYS F 249 -40.24 5.85 -5.66
N THR F 250 -39.91 7.03 -5.10
CA THR F 250 -40.52 7.44 -3.85
C THR F 250 -42.02 7.65 -4.01
N THR F 251 -42.42 8.27 -5.13
CA THR F 251 -43.84 8.53 -5.37
C THR F 251 -44.61 7.24 -5.57
N LEU F 252 -44.04 6.27 -6.30
CA LEU F 252 -44.73 5.01 -6.52
C LEU F 252 -44.91 4.24 -5.22
N ALA F 253 -43.88 4.22 -4.38
CA ALA F 253 -43.98 3.48 -3.11
C ALA F 253 -44.98 4.11 -2.16
N HIS F 254 -45.31 5.39 -2.35
CA HIS F 254 -46.34 6.02 -1.55
C HIS F 254 -47.73 5.88 -2.17
N ALA F 255 -47.80 5.79 -3.50
CA ALA F 255 -49.09 5.53 -4.13
C ALA F 255 -49.52 4.08 -3.90
N ILE F 256 -48.56 3.15 -3.96
CA ILE F 256 -48.87 1.75 -3.65
C ILE F 256 -49.27 1.61 -2.18
N ALA F 257 -48.55 2.31 -1.30
CA ALA F 257 -48.84 2.22 0.14
C ALA F 257 -50.25 2.71 0.43
N GLY F 258 -50.68 3.78 -0.23
CA GLY F 258 -52.03 4.29 -0.04
C GLY F 258 -53.09 3.40 -0.65
N SER F 259 -52.70 2.55 -1.60
CA SER F 259 -53.64 1.65 -2.25
C SER F 259 -53.78 0.32 -1.51
N ILE F 260 -52.70 -0.18 -0.90
CA ILE F 260 -52.78 -1.44 -0.16
C ILE F 260 -53.71 -1.28 1.03
N GLY F 261 -53.60 -0.17 1.76
CA GLY F 261 -54.48 0.16 2.85
C GLY F 261 -54.00 -0.25 4.23
N VAL F 262 -52.99 -1.11 4.34
CA VAL F 262 -52.47 -1.50 5.64
C VAL F 262 -51.72 -0.30 6.22
N ALA F 263 -51.39 -0.36 7.51
CA ALA F 263 -50.63 0.72 8.14
C ALA F 263 -49.31 0.90 7.42
N PHE F 264 -48.93 2.16 7.18
CA PHE F 264 -47.72 2.48 6.44
C PHE F 264 -46.83 3.39 7.25
N ILE F 265 -45.56 3.04 7.34
CA ILE F 265 -44.56 3.80 8.09
C ILE F 265 -43.53 4.25 7.06
N PRO F 266 -43.67 5.44 6.50
CA PRO F 266 -42.66 5.95 5.55
C PRO F 266 -41.34 6.26 6.22
N VAL F 267 -40.27 5.80 5.60
CA VAL F 267 -38.90 6.02 6.05
C VAL F 267 -38.14 6.57 4.86
N SER F 268 -37.50 7.73 5.02
CA SER F 268 -36.65 8.26 3.96
C SER F 268 -35.16 8.19 4.31
N ALA F 269 -34.73 8.89 5.36
CA ALA F 269 -33.31 8.99 5.71
C ALA F 269 -33.03 9.98 6.85
N PRO F 270 -33.58 11.21 6.83
CA PRO F 270 -33.31 12.11 7.95
C PRO F 270 -33.79 11.61 9.31
N SER F 271 -34.90 10.88 9.38
CA SER F 271 -35.33 10.47 10.71
C SER F 271 -34.47 9.35 11.29
N VAL F 272 -33.62 8.71 10.48
CA VAL F 272 -32.72 7.69 11.01
C VAL F 272 -31.72 8.29 11.99
N ILE F 273 -31.16 9.46 11.64
CA ILE F 273 -30.17 10.12 12.49
C ILE F 273 -30.82 10.62 13.76
N GLY F 274 -30.22 10.28 14.90
CA GLY F 274 -30.71 10.64 16.21
C GLY F 274 -29.78 11.61 16.89
N GLY F 275 -30.16 11.98 18.11
CA GLY F 275 -29.32 12.91 18.85
C GLY F 275 -28.19 12.23 19.58
N THR F 276 -28.10 10.92 19.41
CA THR F 276 -27.05 10.09 19.98
C THR F 276 -26.66 9.04 18.94
N SER F 277 -25.39 8.62 18.97
CA SER F 277 -24.92 7.60 18.03
C SER F 277 -25.68 6.30 18.21
N GLY F 278 -25.91 5.89 19.46
CA GLY F 278 -26.68 4.68 19.72
C GLY F 278 -28.17 4.85 19.51
N GLU F 279 -28.66 6.09 19.54
CA GLU F 279 -30.08 6.37 19.37
C GLU F 279 -30.52 6.16 17.92
N SER F 280 -29.60 6.28 16.96
CA SER F 280 -29.96 6.05 15.57
C SER F 280 -30.41 4.61 15.35
N GLU F 281 -29.73 3.65 15.97
CA GLU F 281 -30.18 2.27 15.88
C GLU F 281 -31.47 2.06 16.66
N LYS F 282 -31.68 2.86 17.70
CA LYS F 282 -32.94 2.79 18.46
C LYS F 282 -34.12 3.15 17.57
N ASN F 283 -33.95 4.17 16.73
CA ASN F 283 -35.00 4.55 15.79
C ASN F 283 -35.25 3.44 14.77
N ILE F 284 -34.18 2.81 14.29
CA ILE F 284 -34.34 1.72 13.34
C ILE F 284 -34.95 0.51 14.04
N ARG F 285 -34.48 0.21 15.25
CA ARG F 285 -35.02 -0.92 16.01
C ARG F 285 -36.47 -0.68 16.42
N ASP F 286 -36.94 0.56 16.33
CA ASP F 286 -38.33 0.90 16.59
C ASP F 286 -39.17 0.83 15.31
N VAL F 287 -38.55 0.48 14.19
CA VAL F 287 -39.24 0.36 12.91
C VAL F 287 -39.47 -1.11 12.62
N PHE F 288 -38.40 -1.90 12.62
CA PHE F 288 -38.56 -3.33 12.35
C PHE F 288 -39.37 -4.02 13.43
N ASP F 289 -39.36 -3.48 14.66
CA ASP F 289 -40.21 -4.02 15.71
C ASP F 289 -41.67 -3.62 15.50
N GLU F 290 -41.91 -2.37 15.11
CA GLU F 290 -43.30 -1.92 14.91
C GLU F 290 -43.97 -2.66 13.78
N ALA F 291 -43.26 -2.87 12.67
CA ALA F 291 -43.86 -3.61 11.55
C ALA F 291 -44.18 -5.04 11.96
N ILE F 292 -43.26 -5.68 12.70
CA ILE F 292 -43.50 -7.02 13.19
C ILE F 292 -44.64 -7.03 14.20
N ARG F 293 -44.68 -6.06 15.10
CA ARG F 293 -45.76 -5.99 16.08
C ARG F 293 -47.10 -5.71 15.42
N LEU F 294 -47.09 -5.02 14.29
CA LEU F 294 -48.30 -4.65 13.55
C LEU F 294 -48.32 -5.35 12.20
N ALA F 295 -47.81 -6.58 12.17
CA ALA F 295 -47.78 -7.35 10.93
C ALA F 295 -49.20 -7.75 10.53
N PRO F 296 -49.51 -7.78 9.21
CA PRO F 296 -48.58 -7.45 8.11
C PRO F 296 -48.36 -5.95 7.97
N CYS F 297 -47.17 -5.56 7.51
CA CYS F 297 -46.81 -4.15 7.40
C CYS F 297 -45.81 -3.99 6.27
N LEU F 298 -45.68 -2.77 5.77
CA LEU F 298 -44.77 -2.44 4.69
C LEU F 298 -43.73 -1.42 5.15
N ILE F 299 -42.47 -1.76 4.95
CA ILE F 299 -41.34 -0.88 5.29
C ILE F 299 -40.73 -0.41 3.99
N PHE F 300 -40.62 0.91 3.82
CA PHE F 300 -40.00 1.50 2.64
C PHE F 300 -38.69 2.18 3.04
N LEU F 301 -37.57 1.58 2.62
CA LEU F 301 -36.24 2.14 2.86
C LEU F 301 -35.83 2.92 1.62
N ASP F 302 -36.36 4.13 1.51
CA ASP F 302 -36.05 4.98 0.36
C ASP F 302 -34.58 5.40 0.41
N GLN F 303 -33.86 5.12 -0.67
CA GLN F 303 -32.43 5.38 -0.77
C GLN F 303 -31.69 4.83 0.45
N ILE F 304 -31.79 3.50 0.61
CA ILE F 304 -31.12 2.84 1.73
C ILE F 304 -29.63 3.01 1.63
N ASP F 305 -29.09 3.02 0.41
CA ASP F 305 -27.65 3.12 0.20
C ASP F 305 -27.07 4.46 0.64
N ALA F 306 -27.92 5.46 0.90
CA ALA F 306 -27.41 6.73 1.39
C ALA F 306 -26.89 6.62 2.82
N ILE F 307 -27.32 5.60 3.56
CA ILE F 307 -26.84 5.39 4.93
C ILE F 307 -26.43 3.92 5.06
N ALA F 308 -26.34 3.23 3.93
CA ALA F 308 -25.96 1.82 3.90
C ALA F 308 -24.96 1.56 2.79
N GLY F 309 -23.97 2.44 2.65
CA GLY F 309 -22.95 2.28 1.64
C GLY F 309 -21.94 1.23 2.03
N ARG F 310 -20.98 1.02 1.13
CA ARG F 310 -19.86 0.12 1.44
C ARG F 310 -19.02 0.73 2.56
N ARG F 311 -18.73 -0.09 3.58
CA ARG F 311 -18.01 0.37 4.76
C ARG F 311 -16.56 -0.07 4.75
N GLU F 312 -15.99 -0.34 3.58
CA GLU F 312 -14.57 -0.64 3.50
C GLU F 312 -13.74 0.56 3.95
N SER F 313 -14.00 1.72 3.38
CA SER F 313 -13.33 2.96 3.77
C SER F 313 -14.16 3.79 4.73
N ALA F 314 -15.36 3.34 5.09
CA ALA F 314 -16.23 4.05 6.03
C ALA F 314 -15.95 3.50 7.42
N ASN F 315 -14.97 4.10 8.10
CA ASN F 315 -14.62 3.71 9.46
C ASN F 315 -15.52 4.35 10.50
N LYS F 316 -16.45 5.22 10.08
CA LYS F 316 -17.36 5.84 11.02
C LYS F 316 -18.21 4.77 11.71
N GLY F 317 -18.36 4.92 13.03
CA GLY F 317 -19.05 3.91 13.81
C GLY F 317 -20.51 3.77 13.43
N MET F 318 -21.17 4.90 13.16
CA MET F 318 -22.58 4.84 12.79
C MET F 318 -22.78 4.12 11.46
N GLU F 319 -21.89 4.35 10.50
CA GLU F 319 -22.06 3.75 9.18
C GLU F 319 -21.98 2.23 9.24
N SER F 320 -21.05 1.69 10.03
CA SER F 320 -20.86 0.25 10.11
C SER F 320 -21.96 -0.46 10.89
N ARG F 321 -22.78 0.27 11.64
CA ARG F 321 -23.83 -0.37 12.43
C ARG F 321 -25.17 -0.41 11.72
N ILE F 322 -25.42 0.49 10.76
CA ILE F 322 -26.67 0.44 10.01
C ILE F 322 -26.76 -0.82 9.17
N VAL F 323 -25.66 -1.21 8.52
CA VAL F 323 -25.69 -2.44 7.71
C VAL F 323 -25.97 -3.65 8.58
N ALA F 324 -25.33 -3.72 9.74
CA ALA F 324 -25.58 -4.83 10.67
C ALA F 324 -27.01 -4.81 11.17
N GLU F 325 -27.52 -3.62 11.48
CA GLU F 325 -28.89 -3.50 11.95
C GLU F 325 -29.89 -3.85 10.86
N ILE F 326 -29.61 -3.47 9.61
CA ILE F 326 -30.52 -3.79 8.52
C ILE F 326 -30.61 -5.30 8.31
N MET F 327 -29.45 -5.97 8.30
CA MET F 327 -29.47 -7.41 8.03
C MET F 327 -30.08 -8.20 9.18
N ASN F 328 -29.87 -7.76 10.42
CA ASN F 328 -30.49 -8.44 11.55
C ASN F 328 -31.99 -8.23 11.57
N GLY F 329 -32.46 -7.06 11.13
CA GLY F 329 -33.88 -6.78 11.15
C GLY F 329 -34.68 -7.65 10.19
N MET F 330 -34.04 -8.14 9.13
CA MET F 330 -34.72 -9.02 8.19
C MET F 330 -34.91 -10.42 8.74
N ASP F 331 -33.96 -10.90 9.55
CA ASP F 331 -34.11 -12.21 10.17
C ASP F 331 -35.23 -12.22 11.20
N ARG F 332 -35.38 -11.14 11.98
CA ARG F 332 -36.47 -11.09 12.95
C ARG F 332 -37.84 -11.12 12.26
N ILE F 333 -37.92 -10.61 11.03
CA ILE F 333 -39.15 -10.69 10.25
C ILE F 333 -39.50 -12.14 9.96
N ARG F 334 -38.50 -12.95 9.56
CA ARG F 334 -38.75 -14.35 9.27
C ARG F 334 -39.11 -15.14 10.51
N GLN F 335 -38.67 -14.69 11.68
CA GLN F 335 -38.91 -15.44 12.91
C GLN F 335 -40.20 -15.02 13.62
N ASN F 336 -40.30 -13.74 13.97
CA ASN F 336 -41.40 -13.23 14.77
C ASN F 336 -42.66 -12.90 13.97
N THR F 337 -43.17 -13.83 13.17
CA THR F 337 -44.41 -13.53 12.45
C THR F 337 -45.31 -14.76 12.47
N PRO F 338 -46.64 -14.55 12.46
CA PRO F 338 -47.58 -15.68 12.41
C PRO F 338 -47.63 -16.39 11.06
N LEU F 339 -46.48 -16.74 10.48
CA LEU F 339 -46.43 -17.48 9.23
C LEU F 339 -47.09 -16.71 8.08
N GLY F 340 -48.41 -16.50 8.16
CA GLY F 340 -49.15 -15.85 7.11
C GLY F 340 -49.34 -14.36 7.30
N LYS F 341 -48.53 -13.77 8.18
CA LYS F 341 -48.59 -12.33 8.42
C LYS F 341 -47.23 -11.70 8.07
N ASN F 342 -46.70 -12.06 6.91
CA ASN F 342 -45.37 -11.64 6.50
C ASN F 342 -45.24 -10.12 6.48
N VAL F 343 -44.01 -9.66 6.63
CA VAL F 343 -43.66 -8.25 6.49
C VAL F 343 -42.62 -8.14 5.38
N VAL F 344 -42.95 -7.36 4.36
CA VAL F 344 -42.10 -7.19 3.19
C VAL F 344 -41.45 -5.82 3.28
N VAL F 345 -40.14 -5.79 3.12
CA VAL F 345 -39.38 -4.54 3.11
C VAL F 345 -38.99 -4.22 1.67
N LEU F 346 -39.47 -3.08 1.19
CA LEU F 346 -39.25 -2.63 -0.17
C LEU F 346 -38.28 -1.46 -0.12
N ALA F 347 -37.20 -1.56 -0.89
CA ALA F 347 -36.17 -0.55 -0.93
C ALA F 347 -36.03 -0.03 -2.35
N ALA F 348 -35.93 1.29 -2.46
CA ALA F 348 -35.78 1.98 -3.73
C ALA F 348 -34.52 2.81 -3.68
N THR F 349 -33.75 2.79 -4.77
CA THR F 349 -32.52 3.55 -4.82
C THR F 349 -32.08 3.73 -6.25
N ASN F 350 -31.56 4.93 -6.53
CA ASN F 350 -31.02 5.31 -7.82
C ASN F 350 -29.55 4.95 -7.98
N ARG F 351 -28.92 4.45 -6.92
CA ARG F 351 -27.52 4.04 -6.95
C ARG F 351 -27.43 2.61 -6.43
N PRO F 352 -27.76 1.63 -7.28
CA PRO F 352 -27.70 0.23 -6.85
C PRO F 352 -26.29 -0.20 -6.51
N GLU F 353 -25.29 0.52 -7.01
CA GLU F 353 -23.89 0.15 -6.78
C GLU F 353 -23.40 0.47 -5.39
N PHE F 354 -24.11 1.31 -4.63
CA PHE F 354 -23.67 1.61 -3.28
C PHE F 354 -24.12 0.57 -2.25
N LEU F 355 -25.00 -0.36 -2.64
CA LEU F 355 -25.49 -1.34 -1.68
C LEU F 355 -24.40 -2.32 -1.30
N ASP F 356 -24.41 -2.74 -0.04
CA ASP F 356 -23.48 -3.76 0.43
C ASP F 356 -23.76 -5.08 -0.28
N PRO F 357 -22.75 -5.73 -0.87
CA PRO F 357 -23.02 -7.03 -1.51
C PRO F 357 -23.58 -8.06 -0.55
N ALA F 358 -23.34 -7.88 0.75
CA ALA F 358 -23.95 -8.71 1.79
C ALA F 358 -25.45 -8.48 1.88
N ILE F 359 -25.93 -7.34 1.38
CA ILE F 359 -27.35 -6.99 1.43
C ILE F 359 -28.02 -7.26 0.09
N ARG F 360 -27.37 -6.87 -1.02
CA ARG F 360 -27.99 -7.09 -2.33
C ARG F 360 -28.17 -8.56 -2.64
N ARG F 361 -27.34 -9.44 -2.05
CA ARG F 361 -27.57 -10.87 -2.20
C ARG F 361 -28.86 -11.30 -1.50
N ARG F 362 -29.25 -10.61 -0.42
CA ARG F 362 -30.46 -10.94 0.30
C ARG F 362 -31.72 -10.41 -0.37
N PHE F 363 -31.57 -9.60 -1.41
CA PHE F 363 -32.71 -9.07 -2.16
C PHE F 363 -32.74 -9.79 -3.51
N SER F 364 -33.43 -10.94 -3.54
CA SER F 364 -33.50 -11.73 -4.76
C SER F 364 -34.30 -11.01 -5.84
N VAL F 365 -35.43 -10.44 -5.47
CA VAL F 365 -36.31 -9.75 -6.42
C VAL F 365 -35.84 -8.32 -6.59
N GLU F 366 -35.47 -7.97 -7.82
CA GLU F 366 -35.03 -6.63 -8.17
C GLU F 366 -35.91 -6.14 -9.31
N ILE F 367 -36.55 -4.99 -9.12
CA ILE F 367 -37.47 -4.42 -10.09
C ILE F 367 -36.80 -3.19 -10.69
N ASP F 368 -36.53 -3.27 -11.99
CA ASP F 368 -35.89 -2.21 -12.76
C ASP F 368 -36.97 -1.37 -13.43
N MET F 369 -37.22 -0.19 -12.84
CA MET F 369 -38.24 0.72 -13.36
C MET F 369 -37.87 1.25 -14.74
N GLY F 370 -36.60 1.57 -14.97
CA GLY F 370 -36.18 2.03 -16.27
C GLY F 370 -36.71 3.41 -16.61
N MET F 371 -36.60 3.75 -17.92
CA MET F 371 -37.10 5.04 -18.35
C MET F 371 -38.48 4.95 -18.98
N PRO F 372 -39.29 5.99 -18.75
CA PRO F 372 -40.65 6.02 -19.29
C PRO F 372 -40.67 6.10 -20.80
N SER F 373 -41.73 5.55 -21.40
CA SER F 373 -41.91 5.59 -22.84
C SER F 373 -42.65 6.86 -23.25
N GLU F 374 -42.92 6.98 -24.56
CA GLU F 374 -43.60 8.15 -25.09
C GLU F 374 -44.99 8.34 -24.49
N ARG F 375 -45.73 7.25 -24.36
CA ARG F 375 -47.06 7.31 -23.74
C ARG F 375 -46.96 7.72 -22.27
N ALA F 376 -45.95 7.21 -21.57
CA ALA F 376 -45.80 7.51 -20.15
C ALA F 376 -45.36 8.95 -19.90
N ARG F 377 -44.49 9.48 -20.76
CA ARG F 377 -44.01 10.85 -20.59
C ARG F 377 -45.11 11.87 -20.79
N GLU F 378 -46.11 11.59 -21.64
CA GLU F 378 -47.23 12.51 -21.76
C GLU F 378 -48.02 12.63 -20.46
N GLN F 379 -48.21 11.53 -19.75
CA GLN F 379 -48.92 11.58 -18.47
C GLN F 379 -48.12 12.39 -17.45
N ILE F 380 -46.80 12.23 -17.44
CA ILE F 380 -45.96 12.96 -16.50
C ILE F 380 -46.04 14.46 -16.77
N LEU F 381 -45.97 14.84 -18.04
CA LEU F 381 -46.00 16.27 -18.37
C LEU F 381 -47.33 16.90 -17.97
N ARG F 382 -48.43 16.18 -18.20
CA ARG F 382 -49.74 16.68 -17.77
C ARG F 382 -49.82 16.76 -16.25
N SER F 383 -49.27 15.76 -15.56
CA SER F 383 -49.29 15.76 -14.10
C SER F 383 -48.49 16.92 -13.53
N LEU F 384 -47.31 17.18 -14.12
CA LEU F 384 -46.46 18.26 -13.61
C LEU F 384 -47.14 19.62 -13.80
N THR F 385 -47.74 19.84 -14.95
CA THR F 385 -48.43 21.10 -15.27
C THR F 385 -49.89 21.04 -14.86
N ARG F 386 -50.15 20.69 -13.60
CA ARG F 386 -51.49 20.54 -13.07
C ARG F 386 -51.92 21.69 -12.18
N ASP F 387 -50.99 22.30 -11.45
CA ASP F 387 -51.26 23.45 -10.61
C ASP F 387 -50.89 24.77 -11.27
N LEU F 388 -50.56 24.76 -12.56
CA LEU F 388 -50.16 25.96 -13.25
C LEU F 388 -51.29 26.48 -14.14
N SER F 389 -51.22 27.77 -14.47
CA SER F 389 -52.16 28.38 -15.40
C SER F 389 -51.59 28.23 -16.80
N LEU F 390 -52.38 27.62 -17.69
CA LEU F 390 -51.88 27.28 -19.01
C LEU F 390 -52.78 27.88 -20.08
N ALA F 391 -52.24 27.97 -21.30
CA ALA F 391 -52.99 28.47 -22.43
C ALA F 391 -53.76 27.32 -23.07
N ASP F 392 -54.31 27.56 -24.26
CA ASP F 392 -55.09 26.54 -24.96
C ASP F 392 -54.32 25.88 -26.09
N ASP F 393 -53.20 26.46 -26.51
CA ASP F 393 -52.44 25.88 -27.61
C ASP F 393 -51.52 24.77 -27.14
N ILE F 394 -51.42 24.53 -25.84
CA ILE F 394 -50.47 23.55 -25.33
C ILE F 394 -50.96 22.17 -25.74
N ASN F 395 -50.25 21.52 -26.66
CA ASN F 395 -50.56 20.16 -27.07
C ASN F 395 -49.59 19.22 -26.38
N PHE F 396 -50.01 18.60 -25.28
CA PHE F 396 -49.13 17.68 -24.58
C PHE F 396 -48.85 16.44 -25.41
N LYS F 397 -48.44 16.62 -26.65
CA LYS F 397 -48.04 15.55 -27.55
C LYS F 397 -46.73 15.85 -28.24
N GLU F 398 -46.49 17.11 -28.61
CA GLU F 398 -45.21 17.48 -29.21
C GLU F 398 -44.09 17.40 -28.19
N LEU F 399 -44.37 17.76 -26.94
CA LEU F 399 -43.36 17.66 -25.89
C LEU F 399 -42.93 16.22 -25.68
N ALA F 400 -43.88 15.28 -25.73
CA ALA F 400 -43.52 13.88 -25.54
C ALA F 400 -42.70 13.37 -26.71
N LYS F 401 -42.93 13.90 -27.91
CA LYS F 401 -42.19 13.43 -29.07
C LYS F 401 -40.72 13.81 -28.97
N MET F 402 -40.42 15.03 -28.51
CA MET F 402 -39.05 15.54 -28.51
C MET F 402 -38.35 15.36 -27.17
N THR F 403 -38.81 14.43 -26.34
CA THR F 403 -38.15 14.07 -25.08
C THR F 403 -38.01 12.56 -25.01
N PRO F 404 -37.21 11.95 -25.89
CA PRO F 404 -37.03 10.49 -25.83
C PRO F 404 -35.98 10.02 -24.86
N GLY F 405 -35.36 10.92 -24.10
CA GLY F 405 -34.28 10.54 -23.20
C GLY F 405 -34.42 11.24 -21.87
N TYR F 406 -35.54 11.95 -21.71
CA TYR F 406 -35.84 12.64 -20.47
C TYR F 406 -36.47 11.70 -19.45
N VAL F 407 -36.23 11.97 -18.17
CA VAL F 407 -36.84 11.21 -17.08
C VAL F 407 -37.78 12.13 -16.33
N GLY F 408 -38.46 11.60 -15.30
CA GLY F 408 -39.40 12.40 -14.55
C GLY F 408 -38.77 13.62 -13.92
N SER F 409 -37.54 13.48 -13.41
CA SER F 409 -36.84 14.62 -12.84
C SER F 409 -36.51 15.65 -13.93
N ASP F 410 -36.08 15.17 -15.10
CA ASP F 410 -35.75 16.07 -16.21
C ASP F 410 -36.97 16.81 -16.70
N LEU F 411 -38.12 16.12 -16.79
CA LEU F 411 -39.33 16.81 -17.19
C LEU F 411 -39.76 17.83 -16.15
N GLN F 412 -39.40 17.62 -14.88
CA GLN F 412 -39.67 18.64 -13.88
C GLN F 412 -38.82 19.88 -14.11
N TYR F 413 -37.57 19.68 -14.56
CA TYR F 413 -36.73 20.82 -14.89
C TYR F 413 -37.26 21.56 -16.10
N VAL F 414 -37.82 20.81 -17.07
CA VAL F 414 -38.38 21.44 -18.25
C VAL F 414 -39.55 22.32 -17.87
N VAL F 415 -40.41 21.85 -16.97
CA VAL F 415 -41.48 22.70 -16.47
C VAL F 415 -40.89 23.88 -15.72
N LYS F 416 -39.86 23.64 -14.90
CA LYS F 416 -39.26 24.76 -14.18
C LYS F 416 -38.60 25.72 -15.15
N ALA F 417 -37.96 25.19 -16.19
CA ALA F 417 -37.34 26.06 -17.19
C ALA F 417 -38.40 26.82 -17.98
N ALA F 418 -39.52 26.16 -18.30
CA ALA F 418 -40.57 26.83 -19.05
C ALA F 418 -41.25 27.90 -18.22
N VAL F 419 -41.35 27.69 -16.91
CA VAL F 419 -41.96 28.71 -16.06
C VAL F 419 -41.11 29.97 -16.05
N SER F 420 -39.78 29.82 -15.96
CA SER F 420 -38.93 31.00 -15.98
C SER F 420 -39.04 31.72 -17.33
N GLU F 421 -39.08 30.96 -18.42
CA GLU F 421 -39.26 31.58 -19.73
C GLU F 421 -40.61 32.25 -19.83
N SER F 422 -41.63 31.66 -19.20
CA SER F 422 -42.96 32.26 -19.19
C SER F 422 -42.97 33.57 -18.41
N PHE F 423 -42.05 33.75 -17.48
CA PHE F 423 -42.01 35.02 -16.76
C PHE F 423 -41.02 35.99 -17.37
N GLN F 424 -40.36 35.61 -18.46
CA GLN F 424 -39.43 36.51 -19.13
C GLN F 424 -40.15 37.71 -19.71
N ALA F 425 -41.33 37.47 -20.29
CA ALA F 425 -42.13 38.57 -20.84
C ALA F 425 -42.62 39.50 -19.75
N ASN F 426 -42.80 39.02 -18.53
CA ASN F 426 -43.25 39.89 -17.46
C ASN F 426 -42.12 40.72 -16.87
N ILE F 427 -40.87 40.41 -17.21
CA ILE F 427 -39.77 41.23 -16.75
C ILE F 427 -39.41 42.30 -17.78
N ASP F 428 -39.45 41.93 -19.07
CA ASP F 428 -39.18 42.90 -20.12
C ASP F 428 -40.21 44.02 -20.11
N SER F 429 -41.48 43.68 -19.89
CA SER F 429 -42.50 44.72 -19.75
C SER F 429 -42.23 45.58 -18.52
N LEU F 430 -41.80 44.96 -17.43
CA LEU F 430 -41.44 45.73 -16.24
C LEU F 430 -40.23 46.62 -16.51
N LEU F 431 -39.25 46.10 -17.26
CA LEU F 431 -38.10 46.91 -17.63
C LEU F 431 -38.50 48.06 -18.54
N ALA F 432 -39.40 47.81 -19.49
CA ALA F 432 -39.78 48.86 -20.44
C ALA F 432 -40.46 50.02 -19.71
N GLN F 433 -41.26 49.72 -18.69
CA GLN F 433 -41.89 50.79 -17.92
C GLN F 433 -40.85 51.64 -17.22
N ALA F 434 -39.81 51.01 -16.66
CA ALA F 434 -38.75 51.76 -16.01
C ALA F 434 -37.98 52.61 -17.00
N ARG F 435 -37.74 52.08 -18.20
CA ARG F 435 -37.04 52.85 -19.23
C ARG F 435 -37.86 54.07 -19.63
N ALA F 436 -39.18 53.90 -19.80
CA ALA F 436 -40.03 55.01 -20.17
C ALA F 436 -40.12 56.07 -19.07
N LYS F 437 -39.81 55.70 -17.83
CA LYS F 437 -39.83 56.68 -16.74
C LYS F 437 -38.53 57.47 -16.64
N HIS F 438 -37.41 56.86 -17.04
CA HIS F 438 -36.10 57.51 -16.99
C HIS F 438 -35.58 57.75 -18.40
N PRO F 439 -35.58 58.99 -18.90
CA PRO F 439 -35.03 59.32 -20.22
C PRO F 439 -33.54 58.99 -20.34
N VAL F 446 -21.92 51.68 -17.93
CA VAL F 446 -22.74 50.72 -17.20
C VAL F 446 -23.30 49.70 -18.17
N SER F 447 -23.08 48.41 -17.90
CA SER F 447 -23.59 47.36 -18.75
C SER F 447 -25.10 47.22 -18.63
N GLN F 448 -25.68 46.53 -19.62
CA GLN F 448 -27.13 46.35 -19.66
C GLN F 448 -27.68 45.61 -18.45
N PRO F 449 -27.11 44.48 -18.00
CA PRO F 449 -27.64 43.84 -16.79
C PRO F 449 -27.58 44.73 -15.55
N GLN F 450 -26.56 45.56 -15.43
CA GLN F 450 -26.48 46.46 -14.29
C GLN F 450 -27.60 47.48 -14.31
N ARG F 451 -27.94 47.98 -15.50
CA ARG F 451 -29.04 48.95 -15.60
C ARG F 451 -30.35 48.31 -15.19
N ASP F 452 -30.55 47.04 -15.55
CA ASP F 452 -31.79 46.35 -15.21
C ASP F 452 -31.98 46.28 -13.71
N TRP F 453 -30.92 45.98 -12.95
CA TRP F 453 -31.01 46.02 -11.51
C TRP F 453 -31.28 47.42 -10.99
N LEU F 454 -30.64 48.43 -11.61
CA LEU F 454 -30.87 49.79 -11.16
C LEU F 454 -32.27 50.26 -11.49
N LEU F 455 -32.78 49.87 -12.66
CA LEU F 455 -34.14 50.26 -13.04
C LEU F 455 -35.16 49.65 -12.09
N LEU F 456 -35.00 48.35 -11.79
CA LEU F 456 -35.94 47.69 -10.89
C LEU F 456 -35.73 48.11 -9.44
N GLU F 457 -34.55 48.64 -9.12
CA GLU F 457 -34.33 49.16 -7.78
C GLU F 457 -35.05 50.49 -7.59
N ALA F 458 -35.26 51.21 -8.69
CA ALA F 458 -35.90 52.52 -8.62
C ALA F 458 -37.31 52.40 -8.05
N HIS F 459 -38.20 51.71 -8.76
CA HIS F 459 -39.58 51.61 -8.32
C HIS F 459 -39.66 50.86 -7.01
N ARG F 460 -39.36 49.56 -7.02
CA ARG F 460 -39.40 48.73 -5.82
C ARG F 460 -40.78 48.75 -5.19
N ASP F 461 -40.96 49.64 -4.21
CA ASP F 461 -42.26 49.81 -3.56
C ASP F 461 -43.35 50.23 -4.53
N GLU F 462 -42.97 50.86 -5.65
CA GLU F 462 -43.93 51.21 -6.70
C GLU F 462 -44.29 49.95 -7.48
N GLU F 463 -45.07 49.09 -6.83
CA GLU F 463 -45.40 47.80 -7.41
C GLU F 463 -46.33 47.96 -8.61
N VAL F 464 -45.97 47.31 -9.71
CA VAL F 464 -46.78 47.27 -10.92
C VAL F 464 -47.24 45.84 -11.12
N SER F 465 -48.53 45.65 -11.35
CA SER F 465 -49.11 44.32 -11.44
C SER F 465 -48.56 43.59 -12.66
N TRP F 466 -47.68 42.62 -12.42
CA TRP F 466 -47.24 41.69 -13.45
C TRP F 466 -48.47 41.04 -14.09
N PRO F 467 -48.71 41.26 -15.39
CA PRO F 467 -49.82 40.55 -16.05
C PRO F 467 -49.66 39.05 -15.99
N SER F 468 -50.80 38.38 -15.82
CA SER F 468 -50.88 36.93 -15.64
C SER F 468 -50.89 36.29 -17.03
N THR F 469 -49.70 36.01 -17.56
CA THR F 469 -49.66 35.32 -18.84
C THR F 469 -49.54 33.82 -18.64
N LYS F 470 -49.73 33.09 -19.73
CA LYS F 470 -49.71 31.64 -19.75
C LYS F 470 -48.58 31.15 -20.65
N ILE F 471 -48.14 29.92 -20.42
CA ILE F 471 -47.02 29.38 -21.17
C ILE F 471 -47.51 28.94 -22.53
N THR F 472 -46.79 29.32 -23.58
CA THR F 472 -47.12 28.89 -24.93
C THR F 472 -46.35 27.62 -25.26
N MET F 473 -46.56 27.12 -26.48
CA MET F 473 -45.81 25.96 -26.92
C MET F 473 -44.42 26.34 -27.42
N GLU F 474 -44.28 27.55 -27.97
CA GLU F 474 -42.97 28.00 -28.42
C GLU F 474 -42.02 28.15 -27.25
N GLN F 475 -42.53 28.52 -26.06
CA GLN F 475 -41.65 28.63 -24.91
C GLN F 475 -41.24 27.26 -24.41
N PHE F 476 -42.11 26.26 -24.57
CA PHE F 476 -41.77 24.90 -24.19
C PHE F 476 -40.68 24.32 -25.07
N ARG F 477 -40.74 24.61 -26.38
CA ARG F 477 -39.70 24.16 -27.29
C ARG F 477 -38.36 24.80 -26.97
N LYS F 478 -38.36 26.08 -26.60
CA LYS F 478 -37.12 26.70 -26.17
C LYS F 478 -36.61 26.06 -24.88
N ALA F 479 -37.53 25.70 -23.99
CA ALA F 479 -37.15 25.11 -22.71
C ALA F 479 -36.47 23.76 -22.91
N VAL F 480 -36.96 22.96 -23.86
CA VAL F 480 -36.40 21.64 -24.09
C VAL F 480 -34.94 21.74 -24.52
N SER F 481 -34.63 22.71 -25.38
CA SER F 481 -33.25 22.86 -25.81
C SER F 481 -32.34 23.23 -24.64
N LEU F 482 -32.81 24.11 -23.76
CA LEU F 482 -31.99 24.55 -22.64
C LEU F 482 -31.78 23.45 -21.61
N VAL F 483 -32.65 22.45 -21.57
CA VAL F 483 -32.60 21.39 -20.57
C VAL F 483 -31.87 20.19 -21.15
N GLN F 484 -30.77 19.80 -20.52
CA GLN F 484 -30.05 18.59 -20.89
C GLN F 484 -30.52 17.45 -19.99
N PRO F 485 -31.11 16.38 -20.55
CA PRO F 485 -31.59 15.29 -19.70
C PRO F 485 -30.47 14.59 -18.94
N ALA F 486 -30.85 14.05 -17.78
CA ALA F 486 -29.89 13.37 -16.92
C ALA F 486 -29.25 12.17 -17.60
N SER F 487 -29.95 11.55 -18.55
CA SER F 487 -29.38 10.42 -19.26
C SER F 487 -28.23 10.82 -20.18
N LYS F 488 -28.22 12.05 -20.69
CA LYS F 488 -27.13 12.53 -21.52
C LYS F 488 -25.92 12.93 -20.68
N ARG F 489 -26.05 12.93 -19.36
CA ARG F 489 -24.90 13.21 -18.50
C ARG F 489 -23.86 12.10 -18.61
N GLU F 490 -24.30 10.84 -18.72
CA GLU F 490 -23.39 9.70 -18.70
C GLU F 490 -23.55 8.88 -19.97
N GLY F 491 -23.71 9.56 -21.11
CA GLY F 491 -23.56 8.94 -22.40
C GLY F 491 -24.80 8.40 -23.06
N PHE F 492 -25.92 8.28 -22.34
CA PHE F 492 -27.16 7.81 -22.95
C PHE F 492 -27.72 8.91 -23.84
N SER F 493 -28.01 8.55 -25.09
CA SER F 493 -28.51 9.52 -26.05
C SER F 493 -29.67 8.92 -26.83
N THR F 494 -30.53 9.80 -27.32
CA THR F 494 -31.66 9.41 -28.15
C THR F 494 -31.14 8.92 -29.50
N ILE F 495 -32.05 8.62 -30.42
CA ILE F 495 -31.59 8.12 -31.73
C ILE F 495 -30.82 9.22 -32.42
N PRO F 496 -29.62 8.95 -32.94
CA PRO F 496 -28.84 10.00 -33.60
C PRO F 496 -29.51 10.50 -34.88
N ASP F 497 -29.20 11.75 -35.23
CA ASP F 497 -29.71 12.36 -36.44
C ASP F 497 -28.87 12.02 -37.67
N THR F 498 -27.85 11.18 -37.50
CA THR F 498 -26.94 10.84 -38.59
C THR F 498 -27.54 9.71 -39.42
N THR F 499 -27.61 9.92 -40.73
CA THR F 499 -28.08 8.90 -41.65
C THR F 499 -26.91 8.36 -42.46
N TRP F 500 -27.22 7.45 -43.39
CA TRP F 500 -26.21 6.95 -44.31
C TRP F 500 -25.79 7.99 -45.34
N SER F 501 -26.56 9.07 -45.49
CA SER F 501 -26.12 10.16 -46.36
C SER F 501 -24.96 10.94 -45.75
N HIS F 502 -24.78 10.89 -44.43
CA HIS F 502 -23.61 11.50 -43.81
C HIS F 502 -22.39 10.59 -43.91
N VAL F 503 -22.59 9.33 -44.24
CA VAL F 503 -21.53 8.33 -44.38
C VAL F 503 -21.23 8.19 -45.87
N GLY F 504 -20.02 8.53 -46.27
CA GLY F 504 -19.61 8.41 -47.66
C GLY F 504 -18.87 7.11 -47.93
N ALA F 505 -19.25 6.46 -49.03
CA ALA F 505 -18.69 5.17 -49.48
C ALA F 505 -18.92 4.15 -48.36
N LEU F 506 -17.95 3.28 -48.07
CA LEU F 506 -18.07 2.21 -47.09
C LEU F 506 -19.28 1.32 -47.36
N GLU F 507 -19.51 1.01 -48.63
CA GLU F 507 -20.64 0.17 -49.02
C GLU F 507 -20.47 -1.24 -48.46
N ASP F 508 -19.24 -1.74 -48.46
CA ASP F 508 -18.93 -3.06 -47.91
C ASP F 508 -19.26 -3.12 -46.43
N VAL F 509 -18.93 -2.05 -45.69
CA VAL F 509 -19.24 -2.00 -44.27
C VAL F 509 -20.75 -1.94 -44.04
N ARG F 510 -21.48 -1.23 -44.91
CA ARG F 510 -22.92 -1.16 -44.73
C ARG F 510 -23.57 -2.53 -44.90
N LYS F 511 -23.12 -3.31 -45.89
CA LYS F 511 -23.69 -4.63 -46.11
C LYS F 511 -23.43 -5.56 -44.93
N LYS F 512 -22.22 -5.51 -44.37
CA LYS F 512 -21.90 -6.31 -43.19
C LYS F 512 -22.73 -5.90 -41.99
N LEU F 513 -22.94 -4.59 -41.83
CA LEU F 513 -23.72 -4.08 -40.71
C LEU F 513 -25.21 -4.33 -40.89
N GLU F 514 -25.69 -4.33 -42.13
CA GLU F 514 -27.12 -4.59 -42.33
C GLU F 514 -27.47 -6.06 -42.27
N MET F 515 -26.49 -6.96 -42.20
CA MET F 515 -26.80 -8.38 -42.08
C MET F 515 -26.46 -8.97 -40.72
N SER F 516 -25.64 -8.28 -39.91
CA SER F 516 -25.28 -8.77 -38.60
C SER F 516 -25.82 -7.94 -37.44
N ILE F 517 -26.14 -6.68 -37.68
CA ILE F 517 -26.61 -5.76 -36.63
C ILE F 517 -27.96 -5.15 -36.99
N ILE F 518 -28.00 -4.43 -38.11
CA ILE F 518 -29.21 -3.70 -38.48
C ILE F 518 -30.36 -4.66 -38.72
N GLY F 519 -30.08 -5.80 -39.34
CA GLY F 519 -31.10 -6.78 -39.61
C GLY F 519 -31.71 -7.33 -38.33
N PRO F 520 -30.89 -7.96 -37.47
CA PRO F 520 -31.43 -8.57 -36.25
C PRO F 520 -32.14 -7.59 -35.33
N ILE F 521 -31.81 -6.30 -35.39
CA ILE F 521 -32.52 -5.32 -34.56
C ILE F 521 -33.94 -5.15 -35.07
N LYS F 522 -34.12 -5.08 -36.39
CA LYS F 522 -35.44 -4.85 -36.95
C LYS F 522 -36.32 -6.09 -36.86
N ASN F 523 -35.75 -7.25 -37.16
CA ASN F 523 -36.50 -8.52 -37.16
C ASN F 523 -35.81 -9.56 -36.28
N PRO F 524 -35.99 -9.47 -34.96
CA PRO F 524 -35.38 -10.47 -34.07
C PRO F 524 -35.93 -11.87 -34.26
N GLU F 525 -37.12 -12.01 -34.83
CA GLU F 525 -37.79 -13.28 -35.07
C GLU F 525 -37.42 -13.87 -36.41
N LEU F 526 -37.23 -13.02 -37.42
CA LEU F 526 -36.85 -13.47 -38.75
C LEU F 526 -35.50 -14.17 -38.75
N PHE F 527 -34.55 -13.65 -37.98
CA PHE F 527 -33.21 -14.24 -37.94
C PHE F 527 -33.17 -15.53 -37.15
N THR F 528 -33.96 -15.62 -36.08
CA THR F 528 -33.97 -16.81 -35.23
C THR F 528 -34.63 -18.01 -35.89
N ARG F 529 -35.39 -17.82 -36.97
CA ARG F 529 -35.99 -18.96 -37.67
C ARG F 529 -34.97 -19.82 -38.39
N VAL F 530 -33.87 -19.26 -38.89
CA VAL F 530 -32.88 -20.06 -39.60
C VAL F 530 -31.67 -20.39 -38.72
N GLY F 531 -31.84 -20.36 -37.40
CA GLY F 531 -30.75 -20.70 -36.51
C GLY F 531 -29.57 -19.75 -36.54
N ILE F 532 -29.83 -18.45 -36.56
CA ILE F 532 -28.78 -17.44 -36.50
C ILE F 532 -28.97 -16.67 -35.20
N LYS F 533 -28.18 -16.99 -34.19
CA LYS F 533 -28.37 -16.35 -32.91
C LYS F 533 -27.92 -14.88 -33.02
N PRO F 534 -28.59 -13.98 -32.31
CA PRO F 534 -28.23 -12.57 -32.40
C PRO F 534 -27.00 -12.25 -31.58
N ALA F 535 -26.68 -10.96 -31.45
CA ALA F 535 -25.55 -10.51 -30.63
C ALA F 535 -24.24 -11.08 -31.13
N ALA F 536 -24.07 -11.08 -32.45
CA ALA F 536 -22.87 -11.67 -33.04
C ALA F 536 -21.63 -10.92 -32.59
N GLY F 537 -21.72 -9.60 -32.49
CA GLY F 537 -20.64 -8.83 -31.90
C GLY F 537 -19.66 -8.28 -32.90
N ILE F 538 -19.57 -6.96 -33.00
CA ILE F 538 -18.79 -6.29 -34.03
C ILE F 538 -17.76 -5.41 -33.35
N LEU F 539 -16.54 -5.48 -33.82
CA LEU F 539 -15.43 -4.68 -33.32
C LEU F 539 -15.00 -3.76 -34.45
N LEU F 540 -15.50 -2.53 -34.45
CA LEU F 540 -15.05 -1.55 -35.42
C LEU F 540 -13.63 -1.12 -35.06
N TRP F 541 -12.76 -1.09 -36.07
CA TRP F 541 -11.38 -0.70 -35.82
C TRP F 541 -10.80 -0.01 -37.03
N GLY F 542 -9.81 0.85 -36.78
CA GLY F 542 -9.15 1.60 -37.82
C GLY F 542 -8.41 2.79 -37.24
N PRO F 543 -7.79 3.60 -38.11
CA PRO F 543 -7.10 4.79 -37.63
C PRO F 543 -8.08 5.81 -37.08
N PRO F 544 -7.64 6.65 -36.14
CA PRO F 544 -8.53 7.64 -35.55
C PRO F 544 -8.96 8.70 -36.54
N GLY F 545 -10.18 9.22 -36.35
CA GLY F 545 -10.68 10.28 -37.20
C GLY F 545 -11.29 9.83 -38.51
N CYS F 546 -11.57 8.54 -38.67
CA CYS F 546 -12.02 8.00 -39.94
C CYS F 546 -13.50 7.67 -39.97
N GLY F 547 -14.21 7.78 -38.84
CA GLY F 547 -15.64 7.67 -38.88
C GLY F 547 -16.17 6.46 -38.13
N LYS F 548 -15.37 5.96 -37.19
CA LYS F 548 -15.83 4.83 -36.37
C LYS F 548 -17.01 5.24 -35.52
N THR F 549 -16.95 6.41 -34.89
CA THR F 549 -18.10 6.87 -34.13
C THR F 549 -19.20 7.34 -35.07
N LEU F 550 -18.82 7.86 -36.24
CA LEU F 550 -19.79 8.34 -37.22
C LEU F 550 -20.65 7.19 -37.73
N VAL F 551 -20.02 6.08 -38.10
CA VAL F 551 -20.76 4.95 -38.62
C VAL F 551 -21.57 4.28 -37.52
N ALA F 552 -21.05 4.30 -36.29
CA ALA F 552 -21.80 3.77 -35.16
C ALA F 552 -23.04 4.60 -34.88
N LYS F 553 -22.96 5.91 -35.14
CA LYS F 553 -24.14 6.76 -35.02
C LYS F 553 -25.11 6.54 -36.17
N ALA F 554 -24.61 6.15 -37.35
CA ALA F 554 -25.50 5.83 -38.46
C ALA F 554 -26.22 4.52 -38.21
N VAL F 555 -25.52 3.54 -37.62
CA VAL F 555 -26.15 2.27 -37.30
C VAL F 555 -27.24 2.48 -36.27
N ALA F 556 -26.96 3.30 -35.25
CA ALA F 556 -27.93 3.58 -34.21
C ALA F 556 -29.17 4.27 -34.76
N ASN F 557 -29.02 5.03 -35.84
CA ASN F 557 -30.14 5.76 -36.43
C ASN F 557 -30.90 4.95 -37.47
N GLU F 558 -30.24 4.04 -38.17
CA GLU F 558 -30.96 3.28 -39.18
C GLU F 558 -31.55 2.02 -38.58
N SER F 559 -31.22 1.73 -37.33
CA SER F 559 -31.73 0.62 -36.55
C SER F 559 -32.89 1.06 -35.68
N LYS F 560 -33.09 2.38 -35.56
CA LYS F 560 -34.15 2.99 -34.77
C LYS F 560 -34.06 2.59 -33.29
N ALA F 561 -32.86 2.23 -32.84
CA ALA F 561 -32.66 1.85 -31.46
C ALA F 561 -31.91 2.92 -30.68
N ASN F 562 -31.88 2.74 -29.36
CA ASN F 562 -31.20 3.63 -28.44
C ASN F 562 -29.68 3.54 -28.60
N PHE F 563 -29.00 4.64 -28.33
CA PHE F 563 -27.57 4.77 -28.63
C PHE F 563 -26.91 5.33 -27.37
N ILE F 564 -25.86 4.64 -26.91
CA ILE F 564 -25.01 5.13 -25.82
C ILE F 564 -23.56 5.14 -26.27
N SER F 565 -22.89 6.28 -26.12
CA SER F 565 -21.49 6.46 -26.51
C SER F 565 -20.72 6.77 -25.22
N ILE F 566 -20.22 5.72 -24.59
CA ILE F 566 -19.43 5.81 -23.36
C ILE F 566 -18.03 5.31 -23.67
N LYS F 567 -17.02 6.15 -23.42
CA LYS F 567 -15.65 5.81 -23.74
C LYS F 567 -14.96 5.16 -22.54
N GLY F 568 -14.17 4.13 -22.83
CA GLY F 568 -13.41 3.38 -21.85
C GLY F 568 -12.77 4.18 -20.73
N PRO F 569 -12.08 5.28 -21.05
CA PRO F 569 -11.45 6.06 -19.99
C PRO F 569 -12.41 6.94 -19.23
N GLU F 570 -13.59 7.25 -19.77
CA GLU F 570 -14.51 8.12 -19.06
C GLU F 570 -15.26 7.40 -17.95
N LEU F 571 -15.32 6.07 -17.99
CA LEU F 571 -16.09 5.33 -17.00
C LEU F 571 -15.28 4.97 -15.78
N LEU F 572 -13.96 5.20 -15.83
CA LEU F 572 -13.07 4.83 -14.73
C LEU F 572 -13.26 5.76 -13.54
N ASN F 573 -13.33 5.17 -12.35
CA ASN F 573 -13.49 5.93 -11.12
C ASN F 573 -12.44 5.47 -10.11
N LYS F 574 -12.07 6.41 -9.23
CA LYS F 574 -10.96 6.22 -8.29
C LYS F 574 -11.35 5.39 -7.06
N TYR F 575 -11.87 4.19 -7.29
CA TYR F 575 -12.26 3.35 -6.16
C TYR F 575 -12.24 1.89 -6.56
N VAL F 576 -12.17 1.03 -5.55
CA VAL F 576 -12.11 -0.41 -5.76
C VAL F 576 -13.48 -0.93 -6.18
N GLY F 577 -13.53 -1.65 -7.30
CA GLY F 577 -14.78 -2.30 -7.66
C GLY F 577 -15.78 -1.44 -8.40
N GLU F 578 -15.74 -0.13 -8.14
CA GLU F 578 -16.71 0.76 -8.77
C GLU F 578 -16.50 0.88 -10.27
N SER F 579 -15.29 0.66 -10.77
CA SER F 579 -15.13 0.67 -12.23
C SER F 579 -15.82 -0.51 -12.88
N GLU F 580 -15.72 -1.70 -12.29
CA GLU F 580 -16.41 -2.86 -12.87
C GLU F 580 -17.90 -2.84 -12.56
N ARG F 581 -18.27 -2.31 -11.38
CA ARG F 581 -19.66 -2.20 -10.97
C ARG F 581 -20.39 -1.19 -11.84
N ALA F 582 -19.66 -0.17 -12.34
CA ALA F 582 -20.23 0.81 -13.25
C ALA F 582 -20.68 0.17 -14.55
N VAL F 583 -19.93 -0.82 -15.03
CA VAL F 583 -20.29 -1.53 -16.25
C VAL F 583 -21.59 -2.31 -16.07
N ARG F 584 -21.78 -2.96 -14.92
CA ARG F 584 -23.03 -3.69 -14.72
C ARG F 584 -24.24 -2.75 -14.66
N GLN F 585 -24.10 -1.60 -14.02
CA GLN F 585 -25.20 -0.65 -14.04
C GLN F 585 -25.41 -0.09 -15.44
N LEU F 586 -24.36 -0.09 -16.25
CA LEU F 586 -24.46 0.39 -17.63
C LEU F 586 -25.40 -0.48 -18.44
N PHE F 587 -25.31 -1.80 -18.27
CA PHE F 587 -26.19 -2.72 -18.99
C PHE F 587 -27.55 -2.86 -18.33
N SER F 588 -27.69 -2.43 -17.06
CA SER F 588 -28.99 -2.50 -16.41
C SER F 588 -29.95 -1.48 -17.01
N ARG F 589 -29.50 -0.24 -17.19
CA ARG F 589 -30.33 0.77 -17.84
C ARG F 589 -30.38 0.57 -19.36
N ALA F 590 -29.27 0.12 -19.95
CA ALA F 590 -29.27 -0.26 -21.36
C ALA F 590 -30.34 -1.30 -21.64
N LYS F 591 -30.56 -2.21 -20.70
CA LYS F 591 -31.60 -3.22 -20.86
C LYS F 591 -32.98 -2.59 -20.77
N SER F 592 -33.17 -1.63 -19.85
CA SER F 592 -34.50 -1.04 -19.67
C SER F 592 -34.94 -0.26 -20.89
N SER F 593 -34.00 0.16 -21.74
CA SER F 593 -34.29 0.92 -22.94
C SER F 593 -33.84 0.01 -24.09
N ALA F 594 -34.71 -0.91 -24.48
CA ALA F 594 -34.39 -1.83 -25.54
C ALA F 594 -35.26 -1.57 -26.76
N PRO F 595 -34.72 -1.68 -27.98
CA PRO F 595 -33.35 -2.03 -28.35
C PRO F 595 -32.36 -0.87 -28.13
N CYS F 596 -31.14 -1.20 -27.68
CA CYS F 596 -30.13 -0.18 -27.43
C CYS F 596 -28.79 -0.64 -27.96
N ILE F 597 -28.01 0.31 -28.46
CA ILE F 597 -26.67 0.07 -28.99
C ILE F 597 -25.66 0.68 -28.04
N LEU F 598 -24.79 -0.15 -27.50
CA LEU F 598 -23.68 0.28 -26.65
C LEU F 598 -22.42 0.40 -27.51
N PHE F 599 -21.84 1.60 -27.54
CA PHE F 599 -20.64 1.90 -28.31
C PHE F 599 -19.52 2.19 -27.32
N PHE F 600 -18.55 1.28 -27.24
CA PHE F 600 -17.35 1.44 -26.42
C PHE F 600 -16.24 2.01 -27.29
N ASP F 601 -16.01 3.31 -27.17
CA ASP F 601 -14.97 3.98 -27.95
C ASP F 601 -13.62 3.88 -27.26
N GLN F 602 -12.60 3.59 -28.04
CA GLN F 602 -11.24 3.33 -27.56
C GLN F 602 -11.25 2.24 -26.50
N MET F 603 -11.79 1.08 -26.89
CA MET F 603 -12.02 -0.02 -25.96
C MET F 603 -10.72 -0.68 -25.52
N ASP F 604 -9.61 -0.40 -26.21
CA ASP F 604 -8.32 -0.98 -25.86
C ASP F 604 -7.81 -0.53 -24.50
N ALA F 605 -8.35 0.53 -23.91
CA ALA F 605 -7.89 0.90 -22.58
C ALA F 605 -8.67 0.21 -21.47
N LEU F 606 -9.83 -0.38 -21.76
CA LEU F 606 -10.61 -1.06 -20.74
C LEU F 606 -10.41 -2.56 -20.73
N VAL F 607 -10.10 -3.15 -21.89
CA VAL F 607 -9.81 -4.57 -22.06
C VAL F 607 -8.52 -4.77 -22.83
N PRO F 608 -7.34 -4.52 -22.25
CA PRO F 608 -6.12 -4.74 -23.04
C PRO F 608 -5.80 -6.20 -23.28
N ARG F 609 -5.66 -7.02 -22.24
CA ARG F 609 -5.41 -8.46 -22.38
C ARG F 609 -5.59 -9.16 -21.04
N ARG F 610 -6.31 -10.28 -21.01
CA ARG F 610 -6.58 -10.97 -19.75
C ARG F 610 -5.40 -11.89 -19.43
N ASP F 611 -4.26 -11.28 -19.11
CA ASP F 611 -3.15 -12.14 -18.74
C ASP F 611 -3.18 -12.48 -17.25
N ASP F 612 -2.15 -13.19 -16.81
CA ASP F 612 -1.98 -13.53 -15.40
C ASP F 612 -1.57 -12.31 -14.57
N SER F 613 -0.89 -11.36 -15.21
CA SER F 613 -0.40 -10.13 -14.58
C SER F 613 -1.40 -9.02 -14.87
N LEU F 614 -2.50 -9.05 -14.12
CA LEU F 614 -3.58 -8.10 -14.25
C LEU F 614 -4.06 -7.51 -12.93
N SER F 615 -3.79 -8.16 -11.79
CA SER F 615 -4.23 -7.68 -10.48
C SER F 615 -5.74 -7.76 -10.39
N ASP F 616 -6.27 -7.92 -9.19
CA ASP F 616 -7.71 -8.05 -9.03
C ASP F 616 -8.40 -6.70 -8.94
N ALA F 617 -8.09 -5.85 -9.91
CA ALA F 617 -8.79 -4.58 -10.11
C ALA F 617 -9.12 -4.37 -11.58
N SER F 618 -8.19 -4.69 -12.48
CA SER F 618 -8.50 -4.65 -13.91
C SER F 618 -9.11 -5.96 -14.37
N ALA F 619 -8.78 -7.05 -13.68
CA ALA F 619 -9.41 -8.35 -13.90
C ALA F 619 -10.90 -8.30 -13.58
N ARG F 620 -11.27 -7.59 -12.52
CA ARG F 620 -12.69 -7.46 -12.18
C ARG F 620 -13.47 -6.71 -13.23
N VAL F 621 -12.83 -5.90 -14.07
CA VAL F 621 -13.56 -5.24 -15.13
C VAL F 621 -13.62 -6.11 -16.39
N VAL F 622 -12.52 -6.80 -16.71
CA VAL F 622 -12.54 -7.71 -17.85
C VAL F 622 -13.54 -8.85 -17.63
N ASN F 623 -13.54 -9.44 -16.44
CA ASN F 623 -14.46 -10.53 -16.16
C ASN F 623 -15.91 -10.05 -16.18
N THR F 624 -16.19 -8.88 -15.60
CA THR F 624 -17.54 -8.35 -15.61
C THR F 624 -18.00 -8.04 -17.03
N LEU F 625 -17.12 -7.44 -17.84
CA LEU F 625 -17.49 -7.12 -19.21
C LEU F 625 -17.70 -8.39 -20.04
N LEU F 626 -16.92 -9.44 -19.78
CA LEU F 626 -17.12 -10.70 -20.50
C LEU F 626 -18.47 -11.32 -20.18
N THR F 627 -18.88 -11.30 -18.91
CA THR F 627 -20.16 -11.89 -18.57
C THR F 627 -21.32 -11.09 -19.17
N GLU F 628 -21.21 -9.77 -19.15
CA GLU F 628 -22.26 -8.93 -19.72
C GLU F 628 -22.41 -9.13 -21.22
N LEU F 629 -21.27 -9.29 -21.92
CA LEU F 629 -21.33 -9.59 -23.35
C LEU F 629 -21.97 -10.95 -23.64
N ASP F 630 -21.85 -11.91 -22.72
CA ASP F 630 -22.54 -13.18 -22.92
C ASP F 630 -24.05 -13.00 -22.75
N GLY F 631 -24.45 -12.15 -21.82
CA GLY F 631 -25.86 -11.88 -21.55
C GLY F 631 -26.57 -11.03 -22.58
N VAL F 632 -25.87 -10.59 -23.61
CA VAL F 632 -26.34 -9.50 -24.45
C VAL F 632 -27.06 -10.04 -25.68
N GLY F 633 -27.96 -9.22 -26.23
CA GLY F 633 -28.56 -9.47 -27.52
C GLY F 633 -29.81 -10.32 -27.54
N ASP F 634 -29.65 -11.63 -27.31
CA ASP F 634 -30.76 -12.56 -27.49
C ASP F 634 -31.90 -12.26 -26.54
N ARG F 635 -31.59 -12.05 -25.26
CA ARG F 635 -32.62 -11.79 -24.27
C ARG F 635 -33.17 -10.38 -24.35
N SER F 636 -32.34 -9.41 -24.75
CA SER F 636 -32.69 -8.01 -24.56
C SER F 636 -32.62 -7.14 -25.80
N GLY F 637 -32.01 -7.59 -26.90
CA GLY F 637 -31.96 -6.66 -28.02
C GLY F 637 -30.80 -5.70 -28.01
N ILE F 638 -29.84 -5.87 -27.10
CA ILE F 638 -28.68 -4.98 -27.00
C ILE F 638 -27.51 -5.52 -27.81
N TYR F 639 -26.99 -4.67 -28.68
CA TYR F 639 -25.87 -4.92 -29.58
C TYR F 639 -24.72 -3.99 -29.20
N VAL F 640 -23.70 -4.56 -28.58
CA VAL F 640 -22.56 -3.83 -28.06
C VAL F 640 -21.50 -3.73 -29.15
N ILE F 641 -21.03 -2.51 -29.39
CA ILE F 641 -20.01 -2.18 -30.36
C ILE F 641 -18.80 -1.61 -29.65
N GLY F 642 -17.63 -2.15 -29.99
CA GLY F 642 -16.36 -1.69 -29.45
C GLY F 642 -15.49 -1.16 -30.57
N ALA F 643 -14.71 -0.13 -30.23
CA ALA F 643 -13.80 0.53 -31.16
C ALA F 643 -12.42 0.66 -30.55
N THR F 644 -11.41 0.36 -31.36
CA THR F 644 -9.99 0.42 -31.01
C THR F 644 -9.20 0.55 -32.29
N ASN F 645 -8.10 1.31 -32.22
CA ASN F 645 -7.21 1.56 -33.34
C ASN F 645 -5.96 0.69 -33.34
N ARG F 646 -5.80 -0.21 -32.37
CA ARG F 646 -4.68 -1.14 -32.33
C ARG F 646 -5.21 -2.55 -32.15
N PRO F 647 -5.70 -3.19 -33.22
CA PRO F 647 -6.25 -4.55 -33.06
C PRO F 647 -5.21 -5.60 -32.72
N ASP F 648 -4.30 -5.23 -31.81
CA ASP F 648 -3.24 -6.06 -31.28
C ASP F 648 -3.05 -5.81 -29.80
N MET F 649 -3.71 -4.79 -29.26
CA MET F 649 -3.70 -4.41 -27.86
C MET F 649 -5.01 -4.77 -27.15
N ILE F 650 -5.94 -5.40 -27.86
CA ILE F 650 -7.23 -5.79 -27.34
C ILE F 650 -7.19 -7.22 -26.86
N ASP F 651 -7.96 -7.49 -25.81
CA ASP F 651 -7.99 -8.79 -25.16
C ASP F 651 -8.46 -9.89 -26.11
N GLU F 652 -7.81 -11.05 -26.03
CA GLU F 652 -8.22 -12.17 -26.85
C GLU F 652 -9.52 -12.80 -26.37
N ALA F 653 -9.95 -12.50 -25.15
CA ALA F 653 -11.21 -13.04 -24.68
C ALA F 653 -12.38 -12.31 -25.32
N ILE F 654 -12.11 -11.14 -25.88
CA ILE F 654 -13.12 -10.33 -26.54
C ILE F 654 -13.41 -10.87 -27.93
N ARG F 655 -12.35 -11.15 -28.69
CA ARG F 655 -12.47 -11.50 -30.10
C ARG F 655 -12.60 -13.02 -30.27
N ARG F 656 -13.57 -13.58 -29.56
CA ARG F 656 -13.96 -14.96 -29.79
C ARG F 656 -15.33 -14.99 -30.46
N PRO F 657 -15.65 -16.06 -31.17
CA PRO F 657 -17.00 -16.21 -31.72
C PRO F 657 -18.05 -16.22 -30.62
N GLY F 658 -19.21 -15.63 -30.93
CA GLY F 658 -20.27 -15.40 -29.97
C GLY F 658 -20.37 -14.15 -29.11
N ARG F 659 -19.25 -13.61 -28.63
CA ARG F 659 -19.30 -12.29 -27.99
C ARG F 659 -19.04 -11.16 -28.98
N LEU F 660 -17.79 -11.04 -29.45
CA LEU F 660 -17.32 -9.97 -30.34
C LEU F 660 -16.47 -10.61 -31.43
N GLY F 661 -17.13 -11.35 -32.32
CA GLY F 661 -16.46 -12.06 -33.39
C GLY F 661 -16.17 -11.18 -34.58
N THR F 662 -17.06 -11.21 -35.58
CA THR F 662 -16.97 -10.38 -36.78
C THR F 662 -16.33 -9.02 -36.54
N SER F 663 -15.27 -8.72 -37.28
CA SER F 663 -14.52 -7.48 -37.17
C SER F 663 -14.71 -6.72 -38.48
N ILE F 664 -15.14 -5.46 -38.35
CA ILE F 664 -15.34 -4.55 -39.47
C ILE F 664 -14.40 -3.37 -39.35
N TYR F 665 -13.60 -3.14 -40.39
CA TYR F 665 -12.61 -2.06 -40.40
C TYR F 665 -13.25 -0.82 -41.02
N VAL F 666 -13.32 0.25 -40.23
CA VAL F 666 -13.80 1.55 -40.68
C VAL F 666 -12.62 2.50 -40.80
N GLY F 667 -12.32 2.91 -42.03
CA GLY F 667 -11.14 3.72 -42.27
C GLY F 667 -11.05 4.04 -43.74
N LEU F 668 -9.90 4.59 -44.14
CA LEU F 668 -9.64 4.97 -45.52
C LEU F 668 -10.83 5.70 -46.13
N PRO F 669 -11.06 6.98 -45.82
CA PRO F 669 -12.16 7.70 -46.46
C PRO F 669 -11.82 7.94 -47.92
N SER F 670 -12.86 8.10 -48.74
CA SER F 670 -12.62 8.49 -50.11
C SER F 670 -12.46 10.00 -50.25
N ALA F 671 -12.15 10.39 -51.49
CA ALA F 671 -11.92 11.79 -51.85
C ALA F 671 -13.16 12.65 -51.63
N GLU F 672 -14.33 12.14 -52.02
CA GLU F 672 -15.58 12.88 -51.81
C GLU F 672 -15.98 12.99 -50.34
N ASP F 673 -15.64 12.01 -49.51
CA ASP F 673 -16.04 12.16 -48.10
C ASP F 673 -15.23 13.27 -47.45
N ARG F 674 -13.95 13.34 -47.80
CA ARG F 674 -13.05 14.36 -47.25
C ARG F 674 -13.45 15.77 -47.68
N VAL F 675 -14.13 15.89 -48.82
CA VAL F 675 -14.59 17.21 -49.28
C VAL F 675 -15.63 17.78 -48.34
N LYS F 676 -16.57 16.96 -47.88
CA LYS F 676 -17.56 17.45 -46.92
C LYS F 676 -16.92 17.86 -45.61
N ILE F 677 -15.92 17.11 -45.15
CA ILE F 677 -15.27 17.43 -43.89
C ILE F 677 -14.43 18.70 -44.02
N LEU F 678 -13.69 18.82 -45.12
CA LEU F 678 -12.86 20.01 -45.31
C LEU F 678 -13.72 21.27 -45.49
N LYS F 679 -14.83 21.16 -46.21
CA LYS F 679 -15.75 22.28 -46.33
C LYS F 679 -16.34 22.66 -44.98
N THR F 680 -16.68 21.66 -44.16
CA THR F 680 -17.24 21.95 -42.85
C THR F 680 -16.25 22.70 -41.97
N LEU F 681 -14.99 22.27 -41.97
CA LEU F 681 -14.00 22.92 -41.11
C LEU F 681 -13.73 24.34 -41.58
N TYR F 682 -13.53 24.52 -42.89
CA TYR F 682 -13.23 25.84 -43.42
C TYR F 682 -14.39 26.81 -43.26
N ARG F 683 -15.62 26.32 -43.40
CA ARG F 683 -16.78 27.20 -43.28
C ARG F 683 -16.91 27.77 -41.87
N ASN F 684 -16.63 26.96 -40.85
CA ASN F 684 -16.83 27.43 -39.49
C ASN F 684 -15.71 28.34 -39.01
N THR F 685 -14.63 28.48 -39.79
CA THR F 685 -13.51 29.34 -39.43
C THR F 685 -13.60 30.65 -40.20
N VAL F 686 -14.60 31.45 -39.85
CA VAL F 686 -14.81 32.73 -40.50
C VAL F 686 -13.87 33.79 -39.92
N THR F 714 -10.49 28.72 -50.59
CA THR F 714 -11.09 29.99 -50.98
C THR F 714 -12.25 29.77 -51.94
N THR F 715 -13.40 30.37 -51.62
CA THR F 715 -14.64 30.27 -52.38
C THR F 715 -15.12 28.83 -52.56
N ASP F 716 -14.54 27.89 -51.83
CA ASP F 716 -14.85 26.46 -51.89
C ASP F 716 -14.36 25.80 -53.17
N ALA F 717 -14.03 26.59 -54.19
CA ALA F 717 -13.49 25.98 -55.41
C ALA F 717 -12.08 25.48 -55.20
N ASP F 718 -11.29 26.17 -54.37
CA ASP F 718 -9.94 25.73 -54.08
C ASP F 718 -9.94 24.51 -53.16
N LEU F 719 -10.95 24.41 -52.30
CA LEU F 719 -11.05 23.27 -51.39
C LEU F 719 -11.23 21.96 -52.14
N GLU F 720 -11.95 21.98 -53.26
CA GLU F 720 -12.08 20.77 -54.06
C GLU F 720 -10.75 20.31 -54.64
N LYS F 721 -9.92 21.25 -55.13
CA LYS F 721 -8.62 20.87 -55.68
C LYS F 721 -7.68 20.29 -54.63
N VAL F 722 -7.65 20.88 -53.43
CA VAL F 722 -6.76 20.38 -52.38
C VAL F 722 -7.21 19.00 -51.93
N ALA F 723 -8.52 18.81 -51.72
CA ALA F 723 -9.01 17.54 -51.20
C ALA F 723 -8.96 16.44 -52.24
N LEU F 724 -9.09 16.77 -53.52
CA LEU F 724 -9.00 15.74 -54.54
C LEU F 724 -7.56 15.43 -54.92
N ASP F 725 -6.59 16.16 -54.36
CA ASP F 725 -5.18 15.89 -54.65
C ASP F 725 -4.79 14.50 -54.17
N LEU F 726 -3.93 13.83 -54.94
CA LEU F 726 -3.52 12.47 -54.62
C LEU F 726 -2.67 12.38 -53.36
N ARG F 727 -2.12 13.49 -52.88
CA ARG F 727 -1.33 13.49 -51.65
C ARG F 727 -2.15 13.33 -50.38
N CYS F 728 -3.48 13.41 -50.45
CA CYS F 728 -4.33 13.22 -49.28
C CYS F 728 -5.00 11.85 -49.26
N THR F 729 -4.32 10.83 -49.79
CA THR F 729 -4.95 9.53 -50.00
C THR F 729 -5.38 8.89 -48.68
N GLY F 730 -4.53 8.96 -47.66
CA GLY F 730 -4.80 8.38 -46.36
C GLY F 730 -5.23 9.35 -45.28
N PHE F 731 -5.59 10.58 -45.63
CA PHE F 731 -5.93 11.58 -44.63
C PHE F 731 -7.19 11.19 -43.89
N SER F 732 -7.17 11.30 -42.56
CA SER F 732 -8.39 11.13 -41.79
C SER F 732 -9.03 12.49 -41.58
N GLY F 733 -10.05 12.56 -40.72
CA GLY F 733 -10.63 13.86 -40.42
C GLY F 733 -9.67 14.77 -39.68
N ALA F 734 -8.93 14.21 -38.73
CA ALA F 734 -7.95 15.01 -38.00
C ALA F 734 -6.80 15.45 -38.89
N ASP F 735 -6.36 14.57 -39.80
CA ASP F 735 -5.27 14.93 -40.70
C ASP F 735 -5.68 16.07 -41.64
N LEU F 736 -6.92 16.04 -42.11
CA LEU F 736 -7.42 17.13 -42.93
C LEU F 736 -7.50 18.42 -42.12
N GLY F 737 -7.90 18.31 -40.85
CA GLY F 737 -7.86 19.48 -39.97
C GLY F 737 -6.44 19.96 -39.72
N ASN F 738 -5.50 19.03 -39.56
CA ASN F 738 -4.10 19.40 -39.43
C ASN F 738 -3.59 20.04 -40.72
N LEU F 739 -4.05 19.55 -41.87
CA LEU F 739 -3.67 20.15 -43.14
C LEU F 739 -4.14 21.59 -43.24
N MET F 740 -5.37 21.86 -42.80
CA MET F 740 -5.88 23.22 -42.84
C MET F 740 -5.11 24.13 -41.89
N GLN F 741 -4.76 23.62 -40.71
CA GLN F 741 -3.98 24.44 -39.78
C GLN F 741 -2.59 24.72 -40.33
N ALA F 742 -1.98 23.74 -41.00
CA ALA F 742 -0.68 23.97 -41.61
C ALA F 742 -0.77 25.03 -42.70
N ALA F 743 -1.84 24.97 -43.50
CA ALA F 743 -2.04 25.99 -44.52
C ALA F 743 -2.29 27.35 -43.88
N ALA F 744 -3.03 27.36 -42.77
CA ALA F 744 -3.28 28.60 -42.06
C ALA F 744 -1.99 29.17 -41.50
N GLN F 745 -1.13 28.31 -40.95
CA GLN F 745 0.15 28.79 -40.45
C GLN F 745 1.02 29.30 -41.59
N ALA F 746 1.01 28.61 -42.74
CA ALA F 746 1.77 29.09 -43.89
C ALA F 746 1.24 30.43 -44.39
N CYS F 747 -0.07 30.66 -44.25
CA CYS F 747 -0.63 31.96 -44.61
C CYS F 747 -0.11 33.07 -43.71
N LEU F 748 -0.04 32.80 -42.40
CA LEU F 748 0.38 33.82 -41.44
C LEU F 748 1.85 34.17 -41.62
N GLU F 749 2.69 33.18 -41.96
CA GLU F 749 4.08 33.46 -42.23
C GLU F 749 4.21 34.38 -43.43
N ARG F 750 3.40 34.14 -44.47
CA ARG F 750 3.36 35.06 -45.61
C ARG F 750 2.84 36.42 -45.19
N VAL F 751 1.83 36.44 -44.31
CA VAL F 751 1.29 37.69 -43.80
C VAL F 751 2.33 38.44 -42.98
N TYR F 752 3.10 37.70 -42.16
CA TYR F 752 4.12 38.34 -41.33
C TYR F 752 5.15 39.08 -42.17
N THR F 753 5.59 38.48 -43.27
CA THR F 753 6.52 39.19 -44.15
C THR F 753 5.80 40.29 -44.92
N GLN F 754 4.51 40.12 -45.18
CA GLN F 754 3.76 41.16 -45.89
C GLN F 754 3.69 42.43 -45.05
N ARG F 755 3.51 42.27 -43.73
CA ARG F 755 3.38 43.40 -42.83
C ARG F 755 4.72 43.97 -42.40
N GLN F 756 5.83 43.36 -42.82
CA GLN F 756 7.15 43.89 -42.55
C GLN F 756 7.67 44.75 -43.68
N GLN F 757 7.20 44.53 -44.90
CA GLN F 757 7.60 45.36 -46.04
C GLN F 757 6.67 46.56 -46.20
N LYS F 758 5.37 46.38 -45.99
CA LYS F 758 4.44 47.50 -46.06
C LYS F 758 4.72 48.51 -44.94
N ARG F 759 5.00 48.02 -43.74
CA ARG F 759 5.33 48.91 -42.64
C ARG F 759 6.63 49.66 -42.90
N LYS F 760 7.62 48.98 -43.46
CA LYS F 760 8.91 49.60 -43.76
C LYS F 760 8.77 50.63 -44.87
N GLU F 769 -0.62 47.48 -40.40
CA GLU F 769 -1.01 47.15 -41.77
C GLU F 769 -2.47 46.70 -41.82
N GLU F 770 -3.02 46.67 -43.02
CA GLU F 770 -4.40 46.27 -43.26
C GLU F 770 -4.47 45.01 -44.13
N ILE F 771 -3.59 44.05 -43.88
CA ILE F 771 -3.54 42.81 -44.66
C ILE F 771 -4.38 41.79 -43.91
N GLU F 772 -5.64 41.68 -44.30
CA GLU F 772 -6.52 40.69 -43.70
C GLU F 772 -6.10 39.29 -44.14
N PRO F 773 -5.87 38.36 -43.20
CA PRO F 773 -5.37 37.05 -43.59
C PRO F 773 -6.45 36.20 -44.23
N VAL F 774 -6.18 35.73 -45.44
CA VAL F 774 -7.10 34.87 -46.18
C VAL F 774 -6.31 33.69 -46.74
N ILE F 775 -6.85 32.48 -46.59
CA ILE F 775 -6.17 31.30 -47.07
C ILE F 775 -6.25 31.25 -48.59
N THR F 776 -5.11 31.34 -49.25
CA THR F 776 -5.07 31.35 -50.71
C THR F 776 -4.68 29.97 -51.23
N MET F 777 -4.80 29.80 -52.55
CA MET F 777 -4.47 28.51 -53.15
C MET F 777 -3.00 28.18 -53.04
N GLU F 778 -2.13 29.21 -53.09
CA GLU F 778 -0.70 28.96 -52.95
C GLU F 778 -0.35 28.50 -51.55
N ASP F 779 -1.15 28.87 -50.55
CA ASP F 779 -0.91 28.37 -49.19
C ASP F 779 -1.21 26.88 -49.10
N TRP F 780 -2.23 26.41 -49.82
CA TRP F 780 -2.52 24.99 -49.84
C TRP F 780 -1.42 24.20 -50.55
N GLU F 781 -0.75 24.81 -51.52
CA GLU F 781 0.27 24.11 -52.29
C GLU F 781 1.44 23.68 -51.41
N LYS F 782 1.89 24.57 -50.52
CA LYS F 782 2.99 24.22 -49.63
C LYS F 782 2.52 23.48 -48.38
N ALA F 783 1.22 23.51 -48.08
CA ALA F 783 0.68 22.71 -46.99
C ALA F 783 0.57 21.25 -47.37
N LEU F 784 0.29 20.97 -48.65
CA LEU F 784 0.20 19.58 -49.12
C LEU F 784 1.54 18.87 -49.06
N ASN F 785 2.65 19.58 -49.24
CA ASN F 785 3.94 18.90 -49.27
C ASN F 785 4.38 18.46 -47.88
N GLU F 786 4.08 19.25 -46.85
CA GLU F 786 4.62 19.01 -45.53
C GLU F 786 3.62 18.37 -44.58
N VAL F 787 2.49 17.87 -45.10
CA VAL F 787 1.49 17.20 -44.27
C VAL F 787 1.30 15.81 -44.87
N LYS F 788 2.40 15.21 -45.35
CA LYS F 788 2.37 13.88 -45.95
C LYS F 788 1.58 12.89 -45.10
N PRO F 789 0.96 11.87 -45.71
CA PRO F 789 0.17 10.91 -44.93
C PRO F 789 1.03 10.16 -43.92
N SER F 790 0.47 9.93 -42.74
CA SER F 790 1.17 9.21 -41.69
C SER F 790 0.36 8.00 -41.21
N VAL G 1 -21.27 22.96 28.12
CA VAL G 1 -20.77 21.92 27.25
C VAL G 1 -19.37 22.27 26.75
N VAL G 2 -18.44 21.33 26.89
CA VAL G 2 -17.05 21.53 26.50
C VAL G 2 -16.70 20.47 25.46
N VAL G 3 -16.16 20.93 24.32
CA VAL G 3 -15.73 20.02 23.26
C VAL G 3 -14.33 19.53 23.60
N VAL G 4 -14.17 18.20 23.63
CA VAL G 4 -12.90 17.58 23.94
C VAL G 4 -12.23 17.13 22.65
N VAL G 5 -10.91 17.03 22.68
CA VAL G 5 -10.16 16.54 21.52
C VAL G 5 -10.21 15.03 21.51
N VAL G 6 -10.63 14.47 20.37
CA VAL G 6 -10.81 13.02 20.22
C VAL G 6 -9.97 12.55 19.05
N VAL G 7 -9.19 11.49 19.27
CA VAL G 7 -8.40 10.89 18.21
C VAL G 7 -9.28 10.00 17.35
N VAL G 8 -8.89 9.82 16.10
CA VAL G 8 -9.67 9.07 15.12
C VAL G 8 -8.76 8.11 14.37
N VAL G 9 -9.34 7.44 13.37
CA VAL G 9 -8.66 6.44 12.55
C VAL G 9 -7.69 7.13 11.58
N VAL G 10 -6.86 6.33 10.92
CA VAL G 10 -5.84 6.83 10.01
C VAL G 10 -6.20 6.45 8.58
N VAL G 11 -5.56 7.13 7.63
CA VAL G 11 -5.79 6.94 6.20
C VAL G 11 -5.06 5.69 5.73
N VAL G 12 -5.36 5.23 4.52
CA VAL G 12 -4.69 4.09 3.91
C VAL G 12 -3.72 4.61 2.86
N VAL G 13 -2.69 3.81 2.59
CA VAL G 13 -1.63 4.20 1.66
C VAL G 13 -1.48 3.16 0.56
N VAL G 14 -0.52 3.38 -0.34
CA VAL G 14 -0.22 2.47 -1.43
C VAL G 14 1.21 1.97 -1.27
N VAL G 15 1.46 0.76 -1.75
CA VAL G 15 2.76 0.12 -1.64
C VAL G 15 3.16 -0.43 -3.00
N VAL G 16 4.37 -0.13 -3.44
CA VAL G 16 4.88 -0.68 -4.70
C VAL G 16 5.40 -2.09 -4.44
N VAL G 17 5.43 -2.90 -5.49
CA VAL G 17 5.91 -4.27 -5.40
C VAL G 17 6.82 -4.55 -6.58
N VAL G 18 7.62 -5.61 -6.45
CA VAL G 18 8.52 -6.07 -7.50
C VAL G 18 8.12 -7.50 -7.86
N VAL G 19 8.05 -7.79 -9.16
CA VAL G 19 7.61 -9.08 -9.66
C VAL G 19 8.67 -9.64 -10.58
N VAL G 20 9.03 -10.92 -10.39
CA VAL G 20 10.04 -11.54 -11.23
C VAL G 20 9.42 -11.99 -12.54
N VAL G 21 10.28 -12.27 -13.52
CA VAL G 21 9.88 -12.74 -14.84
C VAL G 21 10.72 -13.96 -15.18
N VAL G 22 10.05 -15.07 -15.53
CA VAL G 22 10.79 -16.29 -15.86
C VAL G 22 11.52 -16.18 -17.19
N VAL G 23 11.07 -15.29 -18.08
CA VAL G 23 11.67 -15.15 -19.40
C VAL G 23 13.06 -14.53 -19.29
PG ATP H . 17.43 15.93 -22.45
O1G ATP H . 16.55 14.86 -23.04
O2G ATP H . 16.70 16.90 -21.57
O3G ATP H . 18.67 15.39 -21.80
PB ATP H . 17.58 18.23 -24.19
O1B ATP H . 16.22 18.47 -23.67
O2B ATP H . 17.87 18.46 -25.63
O3B ATP H . 17.98 16.75 -23.74
PA ATP H . 17.97 20.50 -22.64
O1A ATP H . 17.43 20.03 -21.33
O2A ATP H . 17.03 21.16 -23.57
O3A ATP H . 18.55 19.24 -23.40
O5' ATP H . 19.28 21.41 -22.48
C5' ATP H . 20.34 21.10 -23.38
C4' ATP H . 21.35 22.21 -23.39
O4' ATP H . 22.07 22.19 -24.64
C3' ATP H . 20.78 23.61 -23.29
O3' ATP H . 20.50 23.98 -21.96
C2' ATP H . 21.86 24.46 -23.96
O2' ATP H . 22.94 24.62 -23.05
C1' ATP H . 22.33 23.52 -25.07
N9 ATP H . 21.62 23.74 -26.34
C8 ATP H . 20.74 22.90 -26.98
N7 ATP H . 20.27 23.37 -28.11
C5 ATP H . 20.88 24.61 -28.23
C6 ATP H . 20.80 25.61 -29.21
N6 ATP H . 20.04 25.51 -30.29
N1 ATP H . 21.54 26.73 -29.03
C2 ATP H . 22.30 26.83 -27.93
N3 ATP H . 22.46 25.95 -26.94
C4 ATP H . 21.72 24.86 -27.15
PG ATP I . -14.51 34.17 -1.06
O1G ATP I . -13.39 33.15 -1.04
O2G ATP I . -14.39 35.20 0.03
O3G ATP I . -15.87 33.55 -1.08
PB ATP I . -15.35 36.07 -3.03
O1B ATP I . -16.67 35.89 -2.34
O2B ATP I . -15.39 36.06 -4.51
O3B ATP I . -14.35 34.95 -2.47
PA ATP I . -15.59 38.47 -1.62
O1A ATP I . -15.66 37.92 -0.24
O2A ATP I . -16.85 38.74 -2.34
O3A ATP I . -14.75 37.47 -2.53
O5' ATP I . -14.68 39.80 -1.65
C5' ATP I . -14.39 40.35 -2.94
C4' ATP I . -13.45 41.52 -2.80
O4' ATP I . -12.90 41.84 -4.10
C3' ATP I . -14.07 42.82 -2.33
O3' ATP I . -13.14 43.67 -1.69
C2' ATP I . -14.63 43.39 -3.63
O2' ATP I . -14.61 44.81 -3.57
C1' ATP I . -13.58 42.94 -4.64
N9 ATP I . -14.18 42.53 -5.93
C8 ATP I . -14.35 41.24 -6.39
N7 ATP I . -14.93 41.19 -7.57
C5 ATP I . -15.14 42.51 -7.90
C6 ATP I . -15.72 43.12 -9.03
N6 ATP I . -16.20 42.44 -10.07
N1 ATP I . -15.79 44.46 -9.05
C2 ATP I . -15.31 45.15 -8.00
N3 ATP I . -14.75 44.69 -6.88
C4 ATP I . -14.69 43.35 -6.89
MG MG J . 15.95 18.71 -21.64
MG MG K . -16.05 35.93 -0.59
PG ATP L . 34.74 -0.18 -6.46
O1G ATP L . 34.11 1.10 -6.93
O2G ATP L . 34.37 -0.45 -5.03
O3G ATP L . 34.48 -1.34 -7.39
PB ATP L . 37.14 1.33 -5.90
O1B ATP L . 36.16 2.40 -5.72
O2B ATP L . 38.38 1.60 -6.66
O3B ATP L . 36.34 0.06 -6.46
PA ATP L . 37.64 2.19 -3.34
O1A ATP L . 36.30 2.23 -2.73
O2A ATP L . 38.14 3.35 -4.11
O3A ATP L . 37.65 1.01 -4.40
O5' ATP L . 38.78 1.74 -2.28
C5' ATP L . 39.83 0.90 -2.73
C4' ATP L . 41.05 1.09 -1.87
O4' ATP L . 42.23 0.78 -2.64
C3' ATP L . 41.27 2.51 -1.38
O3' ATP L . 40.54 2.77 -0.20
C2' ATP L . 42.78 2.54 -1.16
O2' ATP L . 43.08 1.89 0.06
C1' ATP L . 43.28 1.66 -2.31
N9 ATP L . 43.65 2.42 -3.52
C8 ATP L . 43.07 2.32 -4.76
N7 ATP L . 43.62 3.12 -5.65
C5 ATP L . 44.62 3.77 -4.95
C6 ATP L . 45.56 4.75 -5.33
N6 ATP L . 45.64 5.24 -6.56
N1 ATP L . 46.41 5.19 -4.38
C2 ATP L . 46.32 4.69 -3.15
N3 ATP L . 45.48 3.78 -2.67
C4 ATP L . 44.65 3.35 -3.63
PG ATP M . 10.75 30.77 11.85
O1G ATP M . 11.02 29.28 11.78
O2G ATP M . 10.21 31.22 13.18
O3G ATP M . 9.94 31.27 10.71
PB ATP M . 12.40 33.05 11.81
O1B ATP M . 11.07 33.61 12.13
O2B ATP M . 13.14 33.59 10.65
O3B ATP M . 12.17 31.49 11.62
PA ATP M . 12.91 34.10 14.37
O1A ATP M . 11.89 33.37 15.17
O2A ATP M . 12.56 35.42 13.82
O3A ATP M . 13.32 33.22 13.10
O5' ATP M . 14.31 34.25 15.16
C5' ATP M . 15.26 35.08 14.49
C4' ATP M . 16.58 35.05 15.21
O4' ATP M . 17.65 35.11 14.25
C3' ATP M . 16.85 36.23 16.13
O3' ATP M . 17.79 35.91 17.14
C2' ATP M . 17.37 37.28 15.15
O2' ATP M . 18.25 38.15 15.82
C1' ATP M . 18.18 36.42 14.20
N9 ATP M . 18.09 36.89 12.80
C8 ATP M . 17.47 36.26 11.75
N7 ATP M . 17.56 36.93 10.62
C5 ATP M . 18.27 38.07 10.96
C6 ATP M . 18.70 39.18 10.20
N6 ATP M . 18.45 39.32 8.90
N1 ATP M . 19.38 40.15 10.85
C2 ATP M . 19.63 39.99 12.14
N3 ATP M . 19.29 39.00 12.97
C4 ATP M . 18.60 38.06 12.30
MG MG N . 34.85 1.42 -4.78
MG MG O . 10.40 33.03 13.83
PG ATP P . 27.66 -27.33 1.33
O1G ATP P . 28.29 -26.63 0.14
O2G ATP P . 27.16 -26.37 2.37
O3G ATP P . 26.66 -28.35 0.89
PB ATP P . 29.71 -27.91 3.30
O1B ATP P . 29.54 -26.47 3.58
O2B ATP P . 31.06 -28.49 3.25
O3B ATP P . 28.88 -28.19 1.96
PA ATP P . 28.81 -28.21 5.92
O1A ATP P . 27.54 -27.44 6.06
O2A ATP P . 30.09 -27.52 6.18
O3A ATP P . 28.94 -28.75 4.44
O5' ATP P . 28.73 -29.53 6.83
C5' ATP P . 29.01 -30.83 6.30
C4' ATP P . 29.09 -31.82 7.43
O4' ATP P . 30.06 -32.85 7.10
C3' ATP P . 29.57 -31.24 8.75
O3' ATP P . 28.51 -30.70 9.51
C2' ATP P . 30.24 -32.44 9.42
O2' ATP P . 29.22 -33.28 9.92
C1' ATP P . 30.88 -33.12 8.22
N9 ATP P . 32.24 -32.63 7.93
C8 ATP P . 32.71 -32.18 6.73
N7 ATP P . 33.97 -31.81 6.76
C5 ATP P . 34.34 -32.03 8.08
C6 ATP P . 35.56 -31.85 8.75
N6 ATP P . 36.66 -31.37 8.17
N1 ATP P . 35.61 -32.17 10.06
C2 ATP P . 34.50 -32.66 10.64
N3 ATP P . 33.30 -32.88 10.11
C4 ATP P . 33.29 -32.54 8.81
PG ATP Q . 16.47 7.04 26.35
O1G ATP Q . 16.01 6.14 25.25
O2G ATP Q . 15.62 7.02 27.59
O3G ATP Q . 16.73 8.45 25.89
PB ATP Q . 18.78 6.98 28.00
O1B ATP Q . 18.35 8.37 28.25
O2B ATP Q . 20.21 6.73 27.80
O3B ATP Q . 17.91 6.45 26.78
PA ATP Q . 18.15 6.67 30.74
O1A ATP Q . 16.73 7.02 31.00
O2A ATP Q . 19.19 7.72 30.87
O3A ATP Q . 18.31 6.10 29.26
O5' ATP Q . 18.62 5.44 31.65
C5' ATP Q . 20.02 5.27 31.78
C4' ATP Q . 20.33 4.08 32.64
O4' ATP Q . 21.61 3.52 32.25
C3' ATP Q . 20.50 4.37 34.13
O3' ATP Q . 20.25 3.23 34.93
C2' ATP Q . 21.95 4.86 34.19
O2' ATP Q . 22.51 4.53 35.45
C1' ATP Q . 22.61 3.97 33.15
N9 ATP Q . 23.63 4.70 32.36
C8 ATP Q . 23.58 5.03 31.03
N7 ATP Q . 24.64 5.68 30.62
C5 ATP Q . 25.44 5.76 31.75
C6 ATP Q . 26.70 6.34 31.96
N6 ATP Q . 27.42 6.95 31.02
N1 ATP Q . 27.22 6.26 33.20
C2 ATP Q . 26.51 5.64 34.15
N3 ATP Q . 25.31 5.07 34.08
C4 ATP Q . 24.82 5.16 32.83
MG MG R . 27.80 -27.02 4.11
MG MG S . 16.79 7.46 29.01
PG ATP T . 4.87 -41.23 -10.37
O1G ATP T . 6.29 -41.51 -9.97
O2G ATP T . 4.16 -40.28 -9.46
O3G ATP T . 4.72 -40.92 -11.82
PB ATP T . 4.31 -43.45 -8.75
O1B ATP T . 4.63 -42.40 -7.77
O2B ATP T . 5.16 -44.65 -8.84
O3B ATP T . 4.18 -42.68 -10.14
PA ATP T . 2.08 -43.44 -7.07
O1A ATP T . 1.85 -41.99 -7.18
O2A ATP T . 2.89 -43.96 -5.95
O3A ATP T . 2.81 -43.94 -8.40
O5' ATP T . 0.68 -44.23 -7.15
C5' ATP T . 0.48 -45.25 -8.13
C4' ATP T . -0.63 -46.16 -7.68
O4' ATP T . -0.45 -47.47 -8.27
C3' ATP T . -0.72 -46.41 -6.19
O3' ATP T . -1.49 -45.42 -5.52
C2' ATP T . -1.34 -47.80 -6.11
O2' ATP T . -2.72 -47.69 -6.38
C1' ATP T . -0.67 -48.47 -7.30
N9 ATP T . 0.63 -49.08 -6.97
C8 ATP T . 1.82 -48.90 -7.63
N7 ATP T . 2.82 -49.58 -7.12
C5 ATP T . 2.25 -50.27 -6.06
C6 ATP T . 2.78 -51.17 -5.13
N6 ATP T . 4.07 -51.53 -5.10
N1 ATP T . 1.95 -51.68 -4.20
C2 ATP T . 0.66 -51.31 -4.22
N3 ATP T . 0.04 -50.46 -5.05
C4 ATP T . 0.90 -49.98 -5.96
PG ATP U . -0.92 -15.81 24.75
O1G ATP U . -0.97 -15.86 23.25
O2G ATP U . -2.23 -15.48 25.39
O3G ATP U . 0.18 -14.95 25.29
PB ATP U . -0.38 -17.79 26.74
O1B ATP U . -0.16 -16.60 27.58
O2B ATP U . 0.58 -18.90 26.82
O3B ATP U . -0.58 -17.32 25.22
PA ATP U . -2.42 -18.31 28.60
O1A ATP U . -3.37 -17.18 28.65
O2A ATP U . -1.27 -18.32 29.52
O3A ATP U . -1.82 -18.41 27.13
O5' ATP U . -3.21 -19.70 28.76
C5' ATP U . -2.52 -20.93 28.54
C4' ATP U . -3.43 -22.08 28.87
O4' ATP U . -2.71 -23.32 28.67
C3' ATP U . -3.93 -22.15 30.30
O3' ATP U . -5.18 -22.80 30.42
C2' ATP U . -2.79 -22.88 31.00
O2' ATP U . -3.29 -23.64 32.09
C1' ATP U . -2.33 -23.86 29.92
N9 ATP U . -0.87 -24.04 29.93
C8 ATP U . 0.03 -23.64 28.97
N7 ATP U . 1.26 -23.95 29.25
C5 ATP U . 1.19 -24.59 30.48
C6 ATP U . 2.15 -25.16 31.32
N6 ATP U . 3.45 -25.17 31.04
N1 ATP U . 1.73 -25.72 32.47
C2 ATP U . 0.42 -25.71 32.75
N3 ATP U . -0.59 -25.21 32.04
C4 ATP U . -0.14 -24.65 30.91
MG MG V . 3.67 -40.74 -7.65
MG MG W . -2.00 -16.28 27.16
PB ADP X . -13.10 -27.85 -31.41
O1B ADP X . -12.16 -28.97 -31.08
O2B ADP X . -12.79 -26.54 -30.73
O3B ADP X . -13.43 -27.72 -32.88
PA ADP X . -15.24 -29.64 -31.25
O1A ADP X . -15.66 -30.41 -30.03
O2A ADP X . -14.36 -30.29 -32.28
O3A ADP X . -14.50 -28.31 -30.74
O5' ADP X . -16.59 -29.10 -31.96
C5' ADP X . -16.58 -28.05 -32.92
C4' ADP X . -17.95 -27.94 -33.57
O4' ADP X . -18.22 -29.11 -34.36
C3' ADP X . -19.06 -27.84 -32.53
O3' ADP X . -19.66 -26.54 -32.57
C2' ADP X . -20.09 -28.88 -32.92
O2' ADP X . -21.35 -28.26 -33.17
C1' ADP X . -19.58 -29.53 -34.21
N9 ADP X . -19.63 -31.00 -34.08
C8 ADP X . -18.58 -31.83 -33.99
N7 ADP X . -18.97 -33.12 -33.89
C5 ADP X . -20.31 -33.14 -33.91
C6 ADP X . -21.37 -34.17 -33.85
N6 ADP X . -21.06 -35.48 -33.73
N1 ADP X . -22.65 -33.76 -33.91
C2 ADP X . -22.96 -32.46 -34.03
N3 ADP X . -22.06 -31.46 -34.09
C4 ADP X . -20.74 -31.74 -34.04
PG ATP Y . -22.99 -15.98 5.29
O1G ATP Y . -22.79 -15.44 3.90
O2G ATP Y . -24.23 -15.46 5.99
O3G ATP Y . -21.76 -15.94 6.15
PB ATP Y . -24.01 -18.57 6.07
O1B ATP Y . -23.75 -18.11 7.47
O2B ATP Y . -23.59 -19.94 5.71
O3B ATP Y . -23.28 -17.55 5.07
PA ATP Y . -26.68 -18.02 6.90
O1A ATP Y . -26.62 -16.56 7.17
O2A ATP Y . -26.46 -18.94 8.04
O3A ATP Y . -25.58 -18.38 5.79
O5' ATP Y . -28.07 -18.37 6.19
C5' ATP Y . -28.19 -19.49 5.31
C4' ATP Y . -29.51 -19.47 4.59
O4' ATP Y . -29.68 -20.72 3.88
C3' ATP Y . -30.75 -19.37 5.47
O3' ATP Y . -31.84 -18.78 4.80
C2' ATP Y . -30.98 -20.82 5.87
O2' ATP Y . -32.37 -21.07 6.02
C1' ATP Y . -30.48 -21.59 4.64
N9 ATP Y . -29.66 -22.76 5.01
C8 ATP Y . -28.30 -22.90 4.90
N7 ATP Y . -27.86 -24.07 5.33
C5 ATP Y . -28.99 -24.73 5.75
C6 ATP Y . -29.19 -26.01 6.31
N6 ATP Y . -28.20 -26.88 6.54
N1 ATP Y . -30.46 -26.35 6.62
C2 ATP Y . -31.45 -25.48 6.39
N3 ATP Y . -31.39 -24.26 5.88
C4 ATP Y . -30.12 -23.94 5.57
MG MG Z . -24.67 -16.40 7.74
PB ADP AA . -36.67 9.37 -7.42
O1B ADP AA . -36.75 8.84 -6.01
O2B ADP AA . -35.29 9.25 -8.04
O3B ADP AA . -37.80 8.93 -8.32
PA ADP AA . -38.26 11.55 -6.64
O1A ADP AA . -39.10 10.39 -6.19
O2A ADP AA . -37.88 12.62 -5.65
O3A ADP AA . -36.89 10.95 -7.25
O5' ADP AA . -38.97 12.28 -7.89
C5' ADP AA . -39.28 11.60 -9.10
C4' ADP AA . -40.32 12.42 -9.86
O4' ADP AA . -40.60 11.87 -11.15
C3' ADP AA . -41.64 12.46 -9.10
O3' ADP AA . -41.90 13.78 -8.63
C2' ADP AA . -42.70 12.05 -10.10
O2' ADP AA . -43.74 13.03 -10.14
C1' ADP AA . -41.99 11.97 -11.44
N9 ADP AA . -42.44 10.78 -12.21
C8 ADP AA . -41.63 9.84 -12.73
N7 ADP AA . -42.34 8.89 -13.40
C5 ADP AA . -43.64 9.22 -13.30
C6 ADP AA . -44.93 8.65 -13.78
N6 ADP AA . -44.95 7.51 -14.49
N1 ADP AA . -46.06 9.31 -13.47
C2 ADP AA . -46.04 10.45 -12.75
N3 ADP AA . -44.92 11.03 -12.30
C4 ADP AA . -43.70 10.48 -12.52
#